data_6D7F
#
_entry.id   6D7F
#
_cell.length_a   252.177
_cell.length_b   252.177
_cell.length_c   107.289
_cell.angle_alpha   90.00
_cell.angle_beta   90.00
_cell.angle_gamma   120.00
#
_symmetry.space_group_name_H-M   'P 32 2 1'
#
loop_
_entity.id
_entity.type
_entity.pdbx_description
1 polymer Beta-galactosidase/beta-glucuronidase
2 non-polymer 'phenyl 1-thio-beta-D-glucopyranosiduronic acid'
3 non-polymer 'CHLORIDE ION'
4 non-polymer GLYCEROL
5 water water
#
_entity_poly.entity_id   1
_entity_poly.type   'polypeptide(L)'
_entity_poly.pdbx_seq_one_letter_code
;MKTLLKNSLTFLLMLMPVLAFAQQAPQIMNVSARQTTSLDGQWKTIVDPFENGYYDYRLKPYDGGYAQDKTYSDKTKLQE
YDFETDKLLFVPGDWNTQRPQLYYYEGTVWYRKHFEYSLQPGKRLFLNFGAVNYEAIVWLNGKRLGRHIGGFTPFNFEIT
NLLKEGTNSLVVKVDNKRLPEAVPTVNADWWNFGGITRPVTLIEMPATYIRDYYVQLAKDDKNMIEGWVQLEGSDKEQKI
TLDIPELKVKKEVTTDANGYASFLIKSKPILWTPENPKLYAVNLASETDKVSDEIGFRTIRTEGIKILLNDKEIFCRGIS
IHEETPYYSGRAYSKDHAHTLLSWAKELGCNFVRLAHYPHNEEMVREAERMGFLVWSEIPVYWTIHWENKDTYQNAEQQL
CDMIARDKNRCNIIIWSIANETPHSKTRLTFLSNLANKARSLDSVRLIGAAMEKEEVQPGVLTVNDPLGELLDIISFNEY
VGWYDGDSEKCDRVNWTFDTQKPVFISELGGGALYGHHGSPKERFTEEYQEDLYIRHVNMLKRIPGLAGTTPWILKDFRS
PRRHVPEIQDDFNRKGLVSDKGQKKKAFFVLQKWYKELTEAYK
;
_entity_poly.pdbx_strand_id   A,B,C,D,E,F
#
# COMPACT_ATOMS: atom_id res chain seq x y z
N ALA A 25 -15.33 5.90 28.72
CA ALA A 25 -15.15 4.93 27.64
C ALA A 25 -14.47 3.64 28.13
N PRO A 26 -13.66 3.69 29.19
CA PRO A 26 -13.26 2.46 29.88
C PRO A 26 -14.40 1.85 30.70
N GLN A 27 -14.28 0.56 30.95
CA GLN A 27 -15.26 -0.13 31.78
C GLN A 27 -15.26 0.40 33.21
N ILE A 28 -16.42 0.31 33.84
CA ILE A 28 -16.60 0.69 35.23
C ILE A 28 -17.15 -0.51 36.00
N MET A 29 -16.49 -0.86 37.09
CA MET A 29 -16.89 -1.97 37.95
C MET A 29 -18.12 -1.60 38.78
N ASN A 30 -19.05 -2.54 38.91
CA ASN A 30 -20.12 -2.45 39.88
C ASN A 30 -21.02 -1.24 39.63
N VAL A 31 -21.42 -1.07 38.35
CA VAL A 31 -22.21 0.10 37.95
C VAL A 31 -23.39 0.34 38.88
N SER A 32 -24.02 -0.73 39.36
CA SER A 32 -25.22 -0.58 40.18
C SER A 32 -24.95 0.06 41.53
N ALA A 33 -23.72 0.00 42.00
CA ALA A 33 -23.43 0.56 43.30
C ALA A 33 -23.11 2.06 43.25
N ARG A 34 -22.94 2.62 42.05
CA ARG A 34 -22.53 4.01 41.93
C ARG A 34 -23.77 4.90 42.03
N GLN A 35 -23.59 6.19 41.75
CA GLN A 35 -24.70 7.15 41.74
C GLN A 35 -25.31 7.14 40.35
N THR A 36 -26.47 6.51 40.23
CA THR A 36 -27.02 6.15 38.94
C THR A 36 -28.36 6.85 38.72
N THR A 37 -28.64 7.17 37.47
CA THR A 37 -29.94 7.68 37.07
C THR A 37 -30.40 6.90 35.84
N SER A 38 -31.53 6.21 35.95
CA SER A 38 -32.03 5.44 34.82
C SER A 38 -32.55 6.35 33.71
N LEU A 39 -32.24 6.00 32.46
CA LEU A 39 -32.85 6.62 31.28
C LEU A 39 -33.88 5.71 30.62
N ASP A 40 -34.28 4.64 31.31
CA ASP A 40 -35.19 3.67 30.72
C ASP A 40 -36.62 4.23 30.60
N GLY A 41 -37.45 3.49 29.88
CA GLY A 41 -38.86 3.79 29.70
C GLY A 41 -39.31 3.50 28.29
N GLN A 42 -39.71 4.55 27.57
CA GLN A 42 -40.11 4.46 26.18
C GLN A 42 -39.44 5.59 25.42
N TRP A 43 -38.82 5.26 24.30
CA TRP A 43 -38.11 6.23 23.50
C TRP A 43 -38.76 6.34 22.14
N LYS A 44 -38.62 7.53 21.54
CA LYS A 44 -38.94 7.69 20.15
C LYS A 44 -37.97 6.88 19.30
N THR A 45 -38.47 6.40 18.15
CA THR A 45 -37.75 5.46 17.31
C THR A 45 -38.11 5.72 15.86
N ILE A 46 -37.18 5.37 14.96
CA ILE A 46 -37.46 5.36 13.53
C ILE A 46 -36.92 4.06 12.97
N VAL A 47 -37.78 3.24 12.38
CA VAL A 47 -37.28 2.07 11.64
C VAL A 47 -36.79 2.56 10.27
N ASP A 48 -35.55 2.22 9.94
CA ASP A 48 -34.83 2.85 8.83
C ASP A 48 -34.04 1.79 8.07
N PRO A 49 -34.75 0.92 7.34
CA PRO A 49 -34.08 -0.27 6.75
C PRO A 49 -32.99 0.02 5.74
N PHE A 50 -33.08 1.11 4.98
CA PHE A 50 -32.06 1.43 3.98
C PHE A 50 -31.05 2.44 4.51
N GLU A 51 -31.07 2.69 5.82
CA GLU A 51 -30.18 3.65 6.48
C GLU A 51 -30.20 5.03 5.80
N ASN A 52 -31.40 5.44 5.35
CA ASN A 52 -31.60 6.79 4.87
C ASN A 52 -31.12 7.83 5.88
N GLY A 53 -31.27 7.55 7.17
CA GLY A 53 -30.83 8.48 8.20
C GLY A 53 -29.33 8.68 8.26
N TYR A 54 -28.58 7.85 7.57
CA TYR A 54 -27.13 7.86 7.70
C TYR A 54 -26.41 8.08 6.38
N TYR A 55 -26.92 7.54 5.27
CA TYR A 55 -26.36 7.76 3.95
C TYR A 55 -27.33 8.55 3.09
N ASP A 56 -26.77 9.33 2.18
CA ASP A 56 -27.53 9.94 1.09
C ASP A 56 -27.58 8.96 -0.07
N TYR A 57 -28.20 9.36 -1.17
CA TYR A 57 -28.34 8.50 -2.34
C TYR A 57 -27.01 8.22 -3.04
N ARG A 58 -25.93 8.88 -2.63
CA ARG A 58 -24.58 8.58 -3.09
C ARG A 58 -23.90 7.52 -2.24
N LEU A 59 -24.64 6.95 -1.27
CA LEU A 59 -24.08 6.10 -0.22
C LEU A 59 -22.92 6.77 0.49
N LYS A 60 -23.05 8.06 0.76
CA LYS A 60 -22.06 8.80 1.50
C LYS A 60 -22.66 9.40 2.77
N PRO A 61 -21.88 9.54 3.84
CA PRO A 61 -22.39 10.26 5.01
C PRO A 61 -22.82 11.66 4.64
N TYR A 62 -23.71 12.23 5.44
CA TYR A 62 -24.17 13.57 5.15
C TYR A 62 -24.64 14.25 6.43
N ASP A 63 -24.42 15.55 6.51
CA ASP A 63 -24.85 16.27 7.69
C ASP A 63 -26.36 16.45 7.67
N GLY A 64 -26.94 16.48 8.85
CA GLY A 64 -28.38 16.59 8.95
C GLY A 64 -29.12 15.28 8.85
N GLY A 65 -28.40 14.15 8.96
CA GLY A 65 -29.01 12.85 9.18
C GLY A 65 -29.76 12.83 10.50
N TYR A 66 -30.41 11.72 10.81
CA TYR A 66 -31.26 11.67 11.99
C TYR A 66 -30.48 11.85 13.29
N ALA A 67 -29.15 11.70 13.31
CA ALA A 67 -28.43 11.90 14.58
C ALA A 67 -28.63 13.31 15.14
N GLN A 68 -28.97 14.27 14.29
CA GLN A 68 -29.19 15.64 14.71
C GLN A 68 -30.50 15.85 15.45
N ASP A 69 -31.38 14.85 15.49
CA ASP A 69 -32.63 14.89 16.29
C ASP A 69 -33.34 16.22 16.16
N LYS A 70 -33.61 16.62 14.92
CA LYS A 70 -34.15 17.94 14.66
C LYS A 70 -35.66 17.85 14.53
N THR A 71 -36.38 18.37 15.52
CA THR A 71 -37.83 18.42 15.45
C THR A 71 -38.29 19.14 14.18
N TYR A 72 -39.32 18.59 13.52
CA TYR A 72 -39.81 19.10 12.24
C TYR A 72 -40.90 20.16 12.49
N SER A 73 -40.46 21.28 13.07
CA SER A 73 -41.40 22.31 13.49
C SER A 73 -41.60 23.42 12.44
N ASP A 74 -40.68 23.57 11.48
CA ASP A 74 -40.81 24.55 10.40
C ASP A 74 -41.06 23.83 9.08
N LYS A 75 -42.34 23.58 8.77
CA LYS A 75 -42.66 22.95 7.48
C LYS A 75 -42.38 23.89 6.27
N THR A 76 -41.71 25.04 6.37
CA THR A 76 -41.24 25.71 5.17
C THR A 76 -40.02 25.04 4.57
N LYS A 77 -39.27 24.27 5.37
CA LYS A 77 -38.09 23.54 4.91
C LYS A 77 -38.40 22.04 4.82
N LEU A 78 -37.51 21.31 4.17
CA LEU A 78 -37.71 19.90 3.84
C LEU A 78 -36.78 19.01 4.67
N GLN A 79 -37.35 18.10 5.44
CA GLN A 79 -36.62 16.99 6.01
C GLN A 79 -37.52 15.76 6.00
N GLU A 80 -36.90 14.58 6.00
CA GLU A 80 -37.60 13.32 5.74
C GLU A 80 -37.95 12.55 7.02
N TYR A 81 -38.01 13.22 8.16
CA TYR A 81 -38.13 12.50 9.42
C TYR A 81 -38.57 13.46 10.50
N ASP A 82 -39.02 12.90 11.62
CA ASP A 82 -39.32 13.69 12.80
C ASP A 82 -39.56 12.78 14.00
N PHE A 83 -38.53 12.63 14.83
CA PHE A 83 -38.66 11.80 16.03
C PHE A 83 -39.83 12.24 16.90
N GLU A 84 -40.16 13.52 16.88
CA GLU A 84 -41.13 14.05 17.84
C GLU A 84 -42.50 13.41 17.65
N THR A 85 -42.86 13.05 16.41
CA THR A 85 -44.17 12.49 16.12
C THR A 85 -44.11 11.02 15.73
N ASP A 86 -42.98 10.37 15.90
CA ASP A 86 -42.87 8.98 15.51
C ASP A 86 -43.30 8.07 16.67
N LYS A 87 -43.11 6.77 16.51
CA LYS A 87 -43.63 5.78 17.43
C LYS A 87 -42.61 5.45 18.54
N LEU A 88 -43.11 4.89 19.63
CA LEU A 88 -42.33 4.53 20.80
C LEU A 88 -41.86 3.08 20.71
N LEU A 89 -40.74 2.79 21.38
CA LEU A 89 -40.32 1.44 21.71
C LEU A 89 -39.93 1.40 23.18
N PHE A 90 -40.21 0.30 23.86
CA PHE A 90 -39.73 0.16 25.23
C PHE A 90 -38.21 -0.03 25.24
N VAL A 91 -37.57 0.63 26.21
CA VAL A 91 -36.16 0.45 26.51
C VAL A 91 -36.05 0.13 27.99
N PRO A 92 -35.34 -0.93 28.40
CA PRO A 92 -34.63 -1.88 27.52
C PRO A 92 -35.59 -2.91 26.94
N GLY A 93 -35.10 -3.69 25.99
CA GLY A 93 -35.90 -4.75 25.41
C GLY A 93 -35.53 -4.98 23.96
N ASP A 94 -35.72 -6.20 23.50
CA ASP A 94 -35.70 -6.47 22.06
C ASP A 94 -36.86 -5.73 21.40
N TRP A 95 -36.64 -5.29 20.16
CA TRP A 95 -37.75 -4.75 19.39
C TRP A 95 -38.65 -5.83 18.80
N ASN A 96 -38.12 -7.04 18.64
CA ASN A 96 -38.80 -8.04 17.82
C ASN A 96 -40.19 -8.37 18.36
N THR A 97 -40.32 -8.52 19.68
CA THR A 97 -41.61 -8.86 20.26
C THR A 97 -42.46 -7.64 20.60
N GLN A 98 -42.04 -6.45 20.19
CA GLN A 98 -42.83 -5.26 20.52
C GLN A 98 -43.80 -4.86 19.42
N ARG A 99 -43.55 -5.22 18.16
CA ARG A 99 -44.46 -5.02 17.03
C ARG A 99 -44.39 -6.25 16.13
N PRO A 100 -45.52 -6.69 15.58
CA PRO A 100 -45.46 -7.73 14.54
C PRO A 100 -44.47 -7.42 13.43
N GLN A 101 -44.47 -6.17 12.95
CA GLN A 101 -43.58 -5.78 11.85
C GLN A 101 -42.11 -5.92 12.20
N LEU A 102 -41.73 -5.97 13.47
CA LEU A 102 -40.33 -6.02 13.83
C LEU A 102 -39.85 -7.41 14.22
N TYR A 103 -40.74 -8.41 14.19
CA TYR A 103 -40.45 -9.78 14.62
C TYR A 103 -39.19 -10.34 13.96
N TYR A 104 -39.12 -10.28 12.63
CA TYR A 104 -37.98 -10.77 11.84
C TYR A 104 -36.97 -9.69 11.52
N TYR A 105 -37.15 -8.47 12.01
CA TYR A 105 -36.48 -7.34 11.41
C TYR A 105 -34.98 -7.33 11.70
N GLU A 106 -34.19 -7.12 10.64
CA GLU A 106 -32.73 -7.06 10.72
C GLU A 106 -32.30 -5.80 9.99
N GLY A 107 -31.65 -4.89 10.71
CA GLY A 107 -31.42 -3.60 10.09
C GLY A 107 -31.27 -2.54 11.17
N THR A 108 -31.62 -1.33 10.81
CA THR A 108 -31.38 -0.19 11.69
C THR A 108 -32.69 0.30 12.28
N VAL A 109 -32.65 0.62 13.57
CA VAL A 109 -33.69 1.37 14.24
C VAL A 109 -33.00 2.47 15.04
N TRP A 110 -33.41 3.72 14.81
CA TRP A 110 -32.92 4.86 15.55
C TRP A 110 -33.72 5.00 16.84
N TYR A 111 -33.01 5.12 17.96
CA TYR A 111 -33.61 5.45 19.25
C TYR A 111 -33.23 6.87 19.66
N ARG A 112 -34.18 7.61 20.20
CA ARG A 112 -33.96 8.99 20.59
C ARG A 112 -34.54 9.21 21.98
N LYS A 113 -33.76 9.85 22.85
CA LYS A 113 -34.20 10.15 24.20
C LYS A 113 -33.84 11.59 24.55
N HIS A 114 -34.78 12.30 25.17
CA HIS A 114 -34.54 13.63 25.73
C HIS A 114 -34.50 13.53 27.25
N PHE A 115 -33.57 14.26 27.86
CA PHE A 115 -33.41 14.22 29.31
C PHE A 115 -32.71 15.50 29.76
N GLU A 116 -32.89 15.80 31.05
CA GLU A 116 -32.16 16.86 31.72
C GLU A 116 -31.32 16.27 32.84
N TYR A 117 -30.19 16.91 33.12
CA TYR A 117 -29.33 16.45 34.21
C TYR A 117 -28.53 17.63 34.75
N SER A 118 -28.55 17.75 36.07
CA SER A 118 -27.86 18.83 36.79
C SER A 118 -26.56 18.27 37.32
N LEU A 119 -25.45 18.57 36.63
CA LEU A 119 -24.12 18.09 36.98
C LEU A 119 -23.31 19.22 37.62
N GLN A 120 -23.08 19.11 38.94
CA GLN A 120 -22.32 20.12 39.66
C GLN A 120 -20.91 20.25 39.07
N PRO A 121 -20.35 21.47 39.08
CA PRO A 121 -19.02 21.68 38.48
C PRO A 121 -17.98 20.75 39.09
N GLY A 122 -17.13 20.20 38.23
CA GLY A 122 -16.08 19.29 38.65
C GLY A 122 -16.45 17.82 38.62
N LYS A 123 -17.75 17.50 38.72
CA LYS A 123 -18.16 16.12 38.65
C LYS A 123 -18.15 15.64 37.19
N ARG A 124 -18.07 14.32 37.03
CA ARG A 124 -18.08 13.69 35.72
C ARG A 124 -19.35 12.87 35.54
N LEU A 125 -19.77 12.71 34.28
CA LEU A 125 -21.00 12.00 33.97
C LEU A 125 -20.78 11.04 32.81
N PHE A 126 -21.20 9.79 33.01
CA PHE A 126 -21.01 8.72 32.05
C PHE A 126 -22.35 8.17 31.59
N LEU A 127 -22.43 7.87 30.30
CA LEU A 127 -23.55 7.13 29.71
C LEU A 127 -23.15 5.65 29.60
N ASN A 128 -23.86 4.77 30.31
CA ASN A 128 -23.58 3.34 30.35
C ASN A 128 -24.71 2.54 29.72
N PHE A 129 -24.34 1.72 28.73
CA PHE A 129 -25.26 0.77 28.08
C PHE A 129 -24.96 -0.64 28.58
N GLY A 130 -25.95 -1.27 29.21
CA GLY A 130 -25.79 -2.66 29.61
C GLY A 130 -25.51 -3.58 28.43
N ALA A 131 -26.12 -3.28 27.27
CA ALA A 131 -25.84 -3.95 25.99
C ALA A 131 -26.76 -3.46 24.86
N VAL A 132 -26.23 -3.47 23.63
CA VAL A 132 -27.01 -3.17 22.43
C VAL A 132 -26.58 -4.13 21.34
N ASN A 133 -27.56 -4.74 20.67
CA ASN A 133 -27.28 -5.73 19.62
C ASN A 133 -27.69 -5.18 18.26
N TYR A 134 -26.76 -5.12 17.31
CA TYR A 134 -25.37 -5.62 17.40
C TYR A 134 -24.39 -4.44 17.42
N GLU A 135 -24.60 -3.52 16.49
CA GLU A 135 -23.77 -2.34 16.34
C GLU A 135 -24.54 -1.15 16.84
N ALA A 136 -23.93 -0.39 17.77
CA ALA A 136 -24.52 0.84 18.27
C ALA A 136 -23.62 2.00 17.88
N ILE A 137 -24.22 3.07 17.35
CA ILE A 137 -23.53 4.34 17.16
C ILE A 137 -24.32 5.39 17.91
N VAL A 138 -23.63 6.26 18.67
CA VAL A 138 -24.24 7.06 19.71
C VAL A 138 -23.86 8.52 19.54
N TRP A 139 -24.85 9.41 19.66
CA TRP A 139 -24.69 10.87 19.59
C TRP A 139 -25.34 11.52 20.81
N LEU A 140 -24.71 12.57 21.34
CA LEU A 140 -25.34 13.46 22.31
C LEU A 140 -25.36 14.87 21.75
N ASN A 141 -26.53 15.49 21.71
CA ASN A 141 -26.72 16.81 21.13
C ASN A 141 -25.95 16.96 19.82
N GLY A 142 -26.13 15.97 18.94
CA GLY A 142 -25.61 16.03 17.59
C GLY A 142 -24.15 15.67 17.40
N LYS A 143 -23.43 15.31 18.45
CA LYS A 143 -22.01 14.96 18.34
C LYS A 143 -21.83 13.46 18.59
N ARG A 144 -21.08 12.80 17.70
CA ARG A 144 -20.84 11.37 17.83
C ARG A 144 -19.99 11.08 19.07
N LEU A 145 -20.50 10.23 19.99
CA LEU A 145 -19.67 9.77 21.10
C LEU A 145 -18.85 8.54 20.74
N GLY A 146 -19.28 7.75 19.75
CA GLY A 146 -18.51 6.61 19.33
C GLY A 146 -19.40 5.44 18.97
N ARG A 147 -18.74 4.28 18.86
CA ARG A 147 -19.34 3.10 18.24
C ARG A 147 -19.06 1.88 19.11
N HIS A 148 -19.97 0.91 19.07
CA HIS A 148 -19.75 -0.38 19.72
C HIS A 148 -20.29 -1.53 18.88
N ILE A 149 -19.52 -2.63 18.82
CA ILE A 149 -19.97 -3.87 18.19
C ILE A 149 -19.87 -5.00 19.21
N GLY A 150 -20.80 -5.95 19.12
CA GLY A 150 -20.88 -6.98 20.12
C GLY A 150 -22.13 -6.75 20.95
N GLY A 151 -23.01 -7.74 21.00
CA GLY A 151 -24.35 -7.47 21.44
C GLY A 151 -24.65 -7.79 22.88
N PHE A 152 -23.66 -8.25 23.65
CA PHE A 152 -23.96 -8.77 24.98
C PHE A 152 -23.00 -8.25 26.04
N THR A 153 -22.22 -7.21 25.73
CA THR A 153 -21.23 -6.67 26.64
C THR A 153 -21.40 -5.16 26.76
N PRO A 154 -21.29 -4.63 27.97
CA PRO A 154 -21.55 -3.21 28.19
C PRO A 154 -20.44 -2.32 27.64
N PHE A 155 -20.78 -1.05 27.47
CA PHE A 155 -19.84 -0.05 26.99
C PHE A 155 -20.27 1.32 27.51
N ASN A 156 -19.30 2.24 27.60
CA ASN A 156 -19.50 3.53 28.26
C ASN A 156 -18.99 4.66 27.38
N PHE A 157 -19.62 5.84 27.55
CA PHE A 157 -19.09 7.10 27.04
C PHE A 157 -19.12 8.15 28.13
N GLU A 158 -18.14 9.04 28.13
CA GLU A 158 -18.12 10.17 29.03
C GLU A 158 -18.75 11.35 28.32
N ILE A 159 -19.76 11.96 28.94
CA ILE A 159 -20.45 13.10 28.37
C ILE A 159 -20.35 14.33 29.26
N THR A 160 -19.44 14.30 30.24
CA THR A 160 -19.14 15.42 31.13
C THR A 160 -19.11 16.76 30.40
N ASN A 161 -18.34 16.86 29.33
CA ASN A 161 -18.16 18.13 28.66
C ASN A 161 -19.15 18.34 27.53
N LEU A 162 -20.05 17.40 27.28
CA LEU A 162 -21.08 17.60 26.26
C LEU A 162 -22.44 17.92 26.85
N LEU A 163 -22.66 17.63 28.12
CA LEU A 163 -23.95 17.94 28.73
C LEU A 163 -24.24 19.43 28.59
N LYS A 164 -25.47 19.76 28.20
CA LYS A 164 -25.89 21.15 28.10
C LYS A 164 -27.01 21.42 29.10
N GLU A 165 -27.32 22.70 29.25
CA GLU A 165 -28.38 23.08 30.17
C GLU A 165 -29.73 22.79 29.54
N GLY A 166 -30.70 22.45 30.37
CA GLY A 166 -32.00 22.10 29.83
C GLY A 166 -32.01 20.79 29.08
N THR A 167 -32.46 20.81 27.82
CA THR A 167 -32.88 19.59 27.12
C THR A 167 -31.72 18.99 26.33
N ASN A 168 -31.35 17.76 26.67
CA ASN A 168 -30.30 17.04 25.97
C ASN A 168 -30.89 15.95 25.08
N SER A 169 -30.24 15.72 23.95
CA SER A 169 -30.70 14.78 22.92
C SER A 169 -29.73 13.61 22.84
N LEU A 170 -30.22 12.40 23.13
CA LEU A 170 -29.46 11.17 23.01
C LEU A 170 -30.05 10.32 21.88
N VAL A 171 -29.24 10.10 20.83
CA VAL A 171 -29.64 9.32 19.66
C VAL A 171 -28.72 8.11 19.52
N VAL A 172 -29.33 6.93 19.42
CA VAL A 172 -28.63 5.66 19.25
C VAL A 172 -29.08 5.03 17.93
N LYS A 173 -28.13 4.80 17.02
CA LYS A 173 -28.40 4.06 15.79
C LYS A 173 -28.05 2.59 16.04
N VAL A 174 -29.08 1.74 16.13
CA VAL A 174 -28.93 0.33 16.45
C VAL A 174 -29.16 -0.49 15.20
N ASP A 175 -28.21 -1.37 14.90
CA ASP A 175 -28.28 -2.26 13.74
C ASP A 175 -27.92 -3.68 14.15
N ASN A 176 -28.79 -4.65 13.82
CA ASN A 176 -28.52 -6.06 14.08
C ASN A 176 -28.37 -6.90 12.80
N LYS A 177 -28.06 -6.27 11.66
CA LYS A 177 -27.70 -7.03 10.46
C LYS A 177 -26.68 -8.11 10.80
N ARG A 178 -26.91 -9.32 10.28
CA ARG A 178 -25.96 -10.40 10.42
C ARG A 178 -24.78 -10.17 9.47
N LEU A 179 -23.57 -10.35 9.99
CA LEU A 179 -22.39 -10.07 9.21
C LEU A 179 -21.50 -11.30 9.18
N PRO A 180 -21.01 -11.71 8.00
CA PRO A 180 -20.10 -12.86 7.96
C PRO A 180 -18.97 -12.77 8.99
N GLU A 181 -18.31 -11.62 9.07
CA GLU A 181 -17.11 -11.44 9.89
C GLU A 181 -17.41 -11.17 11.37
N ALA A 182 -18.67 -11.10 11.76
CA ALA A 182 -19.03 -10.72 13.12
C ALA A 182 -18.89 -11.89 14.08
N VAL A 183 -19.08 -11.61 15.36
CA VAL A 183 -19.10 -12.61 16.42
C VAL A 183 -20.39 -12.42 17.22
N PRO A 184 -21.44 -13.27 17.06
CA PRO A 184 -21.59 -14.41 16.16
C PRO A 184 -21.70 -14.03 14.68
N THR A 185 -21.63 -15.03 13.79
CA THR A 185 -21.64 -14.86 12.35
C THR A 185 -23.05 -15.12 11.80
N VAL A 186 -23.17 -15.43 10.50
CA VAL A 186 -24.46 -15.30 9.84
C VAL A 186 -25.44 -16.41 10.20
N ASN A 187 -24.99 -17.41 10.97
CA ASN A 187 -25.79 -18.57 11.30
C ASN A 187 -25.64 -18.91 12.77
N ALA A 188 -26.77 -19.16 13.44
CA ALA A 188 -26.83 -19.52 14.85
C ALA A 188 -28.27 -19.92 15.15
N ASP A 189 -28.47 -20.64 16.24
CA ASP A 189 -29.77 -21.23 16.54
C ASP A 189 -30.54 -20.45 17.59
N TRP A 190 -30.52 -19.12 17.55
CA TRP A 190 -31.36 -18.31 18.43
C TRP A 190 -31.79 -17.06 17.70
N TRP A 191 -32.84 -16.42 18.21
CA TRP A 191 -33.45 -15.31 17.51
C TRP A 191 -32.52 -14.10 17.42
N ASN A 192 -32.55 -13.40 16.29
CA ASN A 192 -31.77 -12.18 16.12
C ASN A 192 -32.51 -11.01 16.79
N PHE A 193 -32.41 -10.99 18.13
CA PHE A 193 -33.03 -9.95 18.94
C PHE A 193 -32.26 -8.63 18.76
N GLY A 194 -32.89 -7.64 18.11
CA GLY A 194 -32.28 -6.33 17.95
C GLY A 194 -32.69 -5.38 19.06
N GLY A 195 -31.89 -4.33 19.28
CA GLY A 195 -32.33 -3.19 20.07
C GLY A 195 -31.41 -2.88 21.24
N ILE A 196 -31.90 -2.00 22.11
CA ILE A 196 -31.23 -1.65 23.37
C ILE A 196 -31.81 -2.62 24.40
N THR A 197 -31.17 -3.78 24.51
CA THR A 197 -31.72 -4.95 25.19
C THR A 197 -31.55 -4.91 26.70
N ARG A 198 -30.78 -3.97 27.23
CA ARG A 198 -30.49 -3.91 28.65
C ARG A 198 -30.47 -2.46 29.10
N PRO A 199 -30.63 -2.21 30.40
CA PRO A 199 -30.81 -0.83 30.90
C PRO A 199 -29.77 0.16 30.41
N VAL A 200 -30.20 1.41 30.29
CA VAL A 200 -29.33 2.55 29.97
C VAL A 200 -29.21 3.40 31.23
N THR A 201 -28.00 3.80 31.58
CA THR A 201 -27.80 4.42 32.88
C THR A 201 -26.83 5.58 32.84
N LEU A 202 -27.18 6.66 33.54
CA LEU A 202 -26.26 7.75 33.80
C LEU A 202 -25.53 7.46 35.11
N ILE A 203 -24.20 7.62 35.09
CA ILE A 203 -23.36 7.40 36.27
C ILE A 203 -22.57 8.68 36.52
N GLU A 204 -22.73 9.26 37.70
CA GLU A 204 -21.96 10.43 38.10
C GLU A 204 -20.78 9.96 38.95
N MET A 205 -19.59 10.48 38.66
CA MET A 205 -18.35 10.16 39.35
C MET A 205 -17.66 11.42 39.85
N PRO A 206 -16.91 11.30 40.95
CA PRO A 206 -15.94 12.36 41.28
C PRO A 206 -14.89 12.49 40.19
N ALA A 207 -14.20 13.64 40.20
CA ALA A 207 -13.16 13.92 39.21
C ALA A 207 -12.11 12.82 39.14
N THR A 208 -11.85 12.14 40.25
CA THR A 208 -11.01 10.96 40.28
C THR A 208 -11.78 9.92 41.08
N TYR A 209 -12.06 8.77 40.45
CA TYR A 209 -12.97 7.79 41.02
C TYR A 209 -12.33 6.40 40.98
N ILE A 210 -12.90 5.50 41.76
CA ILE A 210 -12.53 4.09 41.75
C ILE A 210 -13.20 3.44 40.54
N ARG A 211 -12.42 3.15 39.50
CA ARG A 211 -12.99 2.60 38.28
C ARG A 211 -13.16 1.09 38.37
N ASP A 212 -12.12 0.40 38.80
CA ASP A 212 -12.14 -1.04 38.78
C ASP A 212 -11.50 -1.56 40.05
N TYR A 213 -11.82 -2.79 40.42
CA TYR A 213 -11.16 -3.41 41.57
C TYR A 213 -11.40 -4.92 41.55
N TYR A 214 -10.49 -5.64 42.18
CA TYR A 214 -10.55 -7.09 42.28
C TYR A 214 -10.41 -7.49 43.74
N VAL A 215 -11.31 -8.36 44.22
CA VAL A 215 -11.25 -8.88 45.59
C VAL A 215 -11.74 -10.33 45.58
N GLN A 216 -10.82 -11.26 45.82
CA GLN A 216 -11.10 -12.69 45.77
C GLN A 216 -10.05 -13.41 46.60
N LEU A 217 -10.32 -14.68 46.90
CA LEU A 217 -9.26 -15.53 47.41
C LEU A 217 -8.08 -15.59 46.44
N ALA A 218 -6.89 -15.74 46.99
CA ALA A 218 -5.74 -16.15 46.18
C ALA A 218 -5.92 -17.61 45.76
N LYS A 219 -5.32 -17.96 44.62
CA LYS A 219 -5.47 -19.30 44.06
C LYS A 219 -5.17 -20.37 45.10
N ASP A 220 -6.18 -21.18 45.39
CA ASP A 220 -6.12 -22.41 46.18
C ASP A 220 -5.94 -22.17 47.69
N ASP A 221 -5.93 -20.91 48.14
CA ASP A 221 -5.62 -20.53 49.52
C ASP A 221 -6.89 -20.02 50.21
N LYS A 222 -7.48 -20.87 51.05
CA LYS A 222 -8.67 -20.55 51.83
C LYS A 222 -8.44 -19.44 52.84
N ASN A 223 -7.18 -19.08 53.11
CA ASN A 223 -6.82 -18.19 54.21
C ASN A 223 -6.23 -16.85 53.75
N MET A 224 -6.27 -16.55 52.46
CA MET A 224 -5.64 -15.34 51.95
C MET A 224 -6.57 -14.63 50.95
N ILE A 225 -6.93 -13.39 51.27
CA ILE A 225 -7.62 -12.54 50.32
C ILE A 225 -6.58 -11.75 49.56
N GLU A 226 -6.68 -11.75 48.23
CA GLU A 226 -5.82 -10.93 47.40
C GLU A 226 -6.70 -9.98 46.60
N GLY A 227 -6.09 -8.96 46.03
CA GLY A 227 -6.84 -8.07 45.16
C GLY A 227 -6.06 -6.84 44.80
N TRP A 228 -6.73 -5.99 44.02
CA TRP A 228 -6.18 -4.70 43.62
C TRP A 228 -7.31 -3.71 43.42
N VAL A 229 -6.93 -2.46 43.18
CA VAL A 229 -7.87 -1.39 42.91
C VAL A 229 -7.23 -0.43 41.92
N GLN A 230 -8.07 0.16 41.06
CA GLN A 230 -7.59 1.04 40.00
C GLN A 230 -8.38 2.35 40.01
N LEU A 231 -7.65 3.47 40.08
CA LEU A 231 -8.23 4.80 39.98
C LEU A 231 -8.18 5.30 38.54
N GLU A 232 -9.08 6.23 38.24
CA GLU A 232 -9.16 6.93 36.97
C GLU A 232 -9.29 8.42 37.26
N GLY A 233 -8.43 9.24 36.65
CA GLY A 233 -8.47 10.66 36.93
C GLY A 233 -7.07 11.19 37.19
N SER A 234 -7.01 12.46 37.58
CA SER A 234 -5.71 13.12 37.68
C SER A 234 -5.10 13.02 39.06
N ASP A 235 -5.91 12.94 40.12
CA ASP A 235 -5.44 12.71 41.48
C ASP A 235 -5.14 11.23 41.65
N LYS A 236 -4.01 10.80 41.11
CA LYS A 236 -3.76 9.37 40.94
C LYS A 236 -3.18 8.70 42.19
N GLU A 237 -2.55 9.46 43.07
CA GLU A 237 -1.92 8.90 44.26
C GLU A 237 -2.77 9.27 45.48
N GLN A 238 -3.52 8.28 45.98
CA GLN A 238 -4.45 8.49 47.07
C GLN A 238 -4.32 7.34 48.06
N LYS A 239 -4.89 7.53 49.24
CA LYS A 239 -4.98 6.47 50.23
C LYS A 239 -6.31 5.75 50.07
N ILE A 240 -6.23 4.43 49.94
CA ILE A 240 -7.40 3.58 49.75
C ILE A 240 -7.57 2.74 51.00
N THR A 241 -8.80 2.64 51.47
CA THR A 241 -9.15 1.67 52.50
C THR A 241 -10.08 0.63 51.92
N LEU A 242 -9.89 -0.61 52.34
CA LEU A 242 -10.80 -1.71 52.07
C LEU A 242 -11.26 -2.27 53.42
N ASP A 243 -12.56 -2.19 53.68
CA ASP A 243 -13.16 -2.72 54.89
C ASP A 243 -14.05 -3.89 54.56
N ILE A 244 -13.87 -4.99 55.30
CA ILE A 244 -14.88 -6.03 55.29
C ILE A 244 -15.33 -6.22 56.74
N PRO A 245 -16.34 -5.47 57.18
CA PRO A 245 -16.64 -5.40 58.61
C PRO A 245 -16.89 -6.74 59.27
N GLU A 246 -17.69 -7.61 58.67
CA GLU A 246 -17.98 -8.91 59.28
C GLU A 246 -16.73 -9.75 59.49
N LEU A 247 -15.67 -9.50 58.71
CA LEU A 247 -14.38 -10.16 58.91
C LEU A 247 -13.41 -9.31 59.73
N LYS A 248 -13.85 -8.13 60.18
CA LYS A 248 -12.97 -7.22 60.92
C LYS A 248 -11.71 -6.91 60.11
N VAL A 249 -11.87 -6.81 58.80
CA VAL A 249 -10.77 -6.46 57.92
C VAL A 249 -10.86 -4.97 57.62
N LYS A 250 -9.74 -4.28 57.80
CA LYS A 250 -9.58 -2.90 57.39
C LYS A 250 -8.16 -2.81 56.86
N LYS A 251 -8.03 -2.78 55.54
CA LYS A 251 -6.73 -2.65 54.89
C LYS A 251 -6.63 -1.27 54.29
N GLU A 252 -5.55 -0.57 54.59
CA GLU A 252 -5.27 0.68 53.95
C GLU A 252 -4.04 0.51 53.09
N VAL A 253 -4.04 1.15 51.93
CA VAL A 253 -2.88 1.18 51.06
C VAL A 253 -2.96 2.46 50.26
N THR A 254 -1.91 2.74 49.52
CA THR A 254 -1.81 3.95 48.72
C THR A 254 -1.47 3.56 47.30
N THR A 255 -2.07 4.26 46.36
CA THR A 255 -1.88 3.94 44.95
C THR A 255 -0.62 4.62 44.41
N ASP A 256 -0.12 4.07 43.29
CA ASP A 256 1.10 4.56 42.69
C ASP A 256 0.78 5.64 41.66
N ALA A 257 1.78 6.04 40.86
CA ALA A 257 1.61 7.07 39.85
C ALA A 257 0.70 6.65 38.70
N ASN A 258 0.25 5.39 38.66
CA ASN A 258 -0.73 4.94 37.68
C ASN A 258 -2.12 4.75 38.26
N GLY A 259 -2.33 5.13 39.52
CA GLY A 259 -3.60 4.93 40.17
C GLY A 259 -3.86 3.51 40.63
N TYR A 260 -2.84 2.67 40.65
CA TYR A 260 -2.97 1.26 40.96
C TYR A 260 -2.41 0.95 42.34
N ALA A 261 -3.06 0.02 43.04
CA ALA A 261 -2.50 -0.56 44.25
C ALA A 261 -3.05 -1.97 44.41
N SER A 262 -2.20 -2.87 44.89
CA SER A 262 -2.55 -4.26 45.16
C SER A 262 -2.43 -4.51 46.66
N PHE A 263 -3.02 -5.61 47.11
CA PHE A 263 -3.01 -5.90 48.52
C PHE A 263 -3.20 -7.39 48.75
N LEU A 264 -2.81 -7.83 49.94
CA LEU A 264 -2.97 -9.20 50.41
C LEU A 264 -3.46 -9.14 51.84
N ILE A 265 -4.32 -10.06 52.21
CA ILE A 265 -5.01 -10.00 53.48
C ILE A 265 -5.18 -11.40 54.01
N LYS A 266 -4.49 -11.72 55.12
CA LYS A 266 -4.75 -12.96 55.83
C LYS A 266 -6.13 -12.92 56.46
N SER A 267 -6.91 -13.98 56.23
CA SER A 267 -8.29 -13.97 56.67
C SER A 267 -8.82 -15.37 56.46
N LYS A 268 -9.80 -15.76 57.27
CA LYS A 268 -10.47 -17.04 57.16
C LYS A 268 -11.97 -16.81 56.93
N PRO A 269 -12.34 -16.29 55.76
CA PRO A 269 -13.77 -16.04 55.50
C PRO A 269 -14.54 -17.34 55.38
N ILE A 270 -15.79 -17.29 55.81
CA ILE A 270 -16.74 -18.37 55.54
C ILE A 270 -16.90 -18.52 54.04
N LEU A 271 -16.64 -19.72 53.52
CA LEU A 271 -16.51 -19.94 52.09
C LEU A 271 -17.87 -20.15 51.41
N TRP A 272 -18.05 -19.51 50.26
CA TRP A 272 -19.28 -19.63 49.48
C TRP A 272 -19.47 -21.02 48.87
N THR A 273 -20.68 -21.56 49.00
CA THR A 273 -21.09 -22.76 48.29
C THR A 273 -22.52 -22.60 47.77
N PRO A 274 -22.98 -23.50 46.89
CA PRO A 274 -24.40 -23.46 46.48
C PRO A 274 -25.37 -23.64 47.65
N GLU A 275 -25.02 -24.49 48.61
CA GLU A 275 -25.92 -24.73 49.73
C GLU A 275 -25.97 -23.54 50.68
N ASN A 276 -24.85 -22.82 50.82
CA ASN A 276 -24.73 -21.69 51.73
C ASN A 276 -24.03 -20.56 51.02
N PRO A 277 -24.74 -19.82 50.18
CA PRO A 277 -24.07 -18.83 49.33
C PRO A 277 -23.72 -17.56 50.11
N LYS A 278 -22.82 -17.73 51.08
CA LYS A 278 -22.42 -16.63 51.96
C LYS A 278 -21.82 -15.49 51.16
N LEU A 279 -22.27 -14.28 51.41
CA LEU A 279 -21.66 -13.09 50.81
C LEU A 279 -21.28 -12.10 51.89
N TYR A 280 -20.15 -11.42 51.69
CA TYR A 280 -19.65 -10.41 52.61
C TYR A 280 -19.88 -9.01 52.04
N ALA A 281 -20.35 -8.10 52.90
CA ALA A 281 -20.33 -6.68 52.56
C ALA A 281 -18.88 -6.22 52.50
N VAL A 282 -18.53 -5.53 51.43
CA VAL A 282 -17.16 -5.10 51.20
C VAL A 282 -17.22 -3.63 50.83
N ASN A 283 -16.43 -2.80 51.51
CA ASN A 283 -16.51 -1.36 51.32
C ASN A 283 -15.15 -0.80 50.94
N LEU A 284 -15.13 -0.03 49.85
CA LEU A 284 -13.92 0.59 49.35
C LEU A 284 -14.05 2.11 49.40
N ALA A 285 -13.02 2.78 49.90
CA ALA A 285 -13.01 4.24 49.93
C ALA A 285 -11.61 4.74 49.64
N SER A 286 -11.54 5.74 48.76
CA SER A 286 -10.34 6.50 48.48
C SER A 286 -10.48 7.89 49.09
N GLU A 287 -9.67 8.85 48.61
CA GLU A 287 -9.76 10.22 49.11
C GLU A 287 -10.97 10.94 48.53
N THR A 288 -11.44 10.55 47.34
CA THR A 288 -12.49 11.28 46.64
C THR A 288 -13.64 10.40 46.17
N ASP A 289 -13.69 9.14 46.58
CA ASP A 289 -14.73 8.24 46.08
C ASP A 289 -14.90 7.07 47.04
N LYS A 290 -16.03 6.38 46.90
CA LYS A 290 -16.33 5.18 47.68
C LYS A 290 -17.36 4.34 46.94
N VAL A 291 -17.27 3.01 47.11
CA VAL A 291 -18.22 2.07 46.51
C VAL A 291 -18.27 0.83 47.39
N SER A 292 -19.47 0.29 47.55
CA SER A 292 -19.66 -0.95 48.29
C SER A 292 -20.08 -2.06 47.33
N ASP A 293 -19.98 -3.30 47.80
CA ASP A 293 -20.14 -4.47 46.96
C ASP A 293 -20.46 -5.66 47.85
N GLU A 294 -20.88 -6.76 47.21
CA GLU A 294 -21.16 -8.02 47.90
C GLU A 294 -20.36 -9.11 47.19
N ILE A 295 -19.49 -9.78 47.93
CA ILE A 295 -18.47 -10.62 47.34
C ILE A 295 -18.32 -11.86 48.21
N GLY A 296 -18.38 -13.03 47.58
CA GLY A 296 -18.16 -14.27 48.27
C GLY A 296 -16.76 -14.80 47.98
N PHE A 297 -16.38 -15.82 48.74
CA PHE A 297 -15.03 -16.34 48.67
C PHE A 297 -15.08 -17.86 48.57
N ARG A 298 -14.32 -18.41 47.62
CA ARG A 298 -14.27 -19.85 47.43
C ARG A 298 -12.99 -20.21 46.71
N THR A 299 -12.51 -21.43 46.93
CA THR A 299 -11.46 -21.97 46.08
C THR A 299 -12.08 -22.94 45.11
N ILE A 300 -11.49 -23.04 43.92
CA ILE A 300 -11.96 -23.96 42.91
C ILE A 300 -10.75 -24.48 42.13
N ARG A 301 -10.68 -25.79 41.94
CA ARG A 301 -9.60 -26.37 41.16
C ARG A 301 -10.01 -27.76 40.70
N THR A 302 -9.27 -28.30 39.77
CA THR A 302 -9.43 -29.69 39.40
C THR A 302 -8.30 -30.50 40.00
N GLU A 303 -8.61 -31.77 40.28
CA GLU A 303 -7.66 -32.76 40.79
C GLU A 303 -8.02 -34.08 40.10
N GLY A 304 -7.25 -34.45 39.08
CA GLY A 304 -7.64 -35.63 38.32
C GLY A 304 -8.98 -35.39 37.64
N ILE A 305 -9.83 -36.42 37.65
CA ILE A 305 -11.17 -36.34 37.06
C ILE A 305 -12.15 -35.66 38.04
N LYS A 306 -11.61 -34.94 39.03
CA LYS A 306 -12.42 -34.37 40.10
C LYS A 306 -12.44 -32.86 40.02
N ILE A 307 -13.60 -32.28 40.27
CA ILE A 307 -13.79 -30.85 40.43
C ILE A 307 -13.91 -30.58 41.92
N LEU A 308 -13.08 -29.69 42.45
CA LEU A 308 -13.03 -29.45 43.89
C LEU A 308 -13.42 -28.00 44.15
N LEU A 309 -14.47 -27.82 44.93
CA LEU A 309 -14.93 -26.52 45.39
C LEU A 309 -14.61 -26.45 46.87
N ASN A 310 -13.84 -25.46 47.27
CA ASN A 310 -13.36 -25.37 48.65
C ASN A 310 -12.78 -26.72 49.09
N ASP A 311 -12.07 -27.39 48.19
CA ASP A 311 -11.42 -28.66 48.47
C ASP A 311 -12.40 -29.83 48.63
N LYS A 312 -13.66 -29.68 48.24
CA LYS A 312 -14.62 -30.76 48.34
C LYS A 312 -15.06 -31.19 46.94
N GLU A 313 -15.07 -32.51 46.72
CA GLU A 313 -15.51 -33.04 45.44
C GLU A 313 -16.98 -32.73 45.23
N ILE A 314 -17.28 -32.09 44.10
CA ILE A 314 -18.65 -31.72 43.76
C ILE A 314 -19.01 -32.29 42.39
N PHE A 315 -20.30 -32.54 42.20
CA PHE A 315 -20.87 -32.70 40.87
C PHE A 315 -21.60 -31.42 40.50
N CYS A 316 -21.44 -30.96 39.26
CA CYS A 316 -22.15 -29.76 38.76
C CYS A 316 -23.47 -30.21 38.17
N ARG A 317 -24.52 -30.19 38.99
CA ARG A 317 -25.86 -30.55 38.53
C ARG A 317 -26.43 -29.30 37.87
N GLY A 318 -26.30 -29.23 36.54
CA GLY A 318 -26.52 -28.00 35.81
C GLY A 318 -27.73 -28.04 34.89
N ILE A 319 -28.03 -26.85 34.37
CA ILE A 319 -28.99 -26.65 33.29
C ILE A 319 -28.50 -25.42 32.53
N SER A 320 -28.58 -25.49 31.20
CA SER A 320 -28.29 -24.35 30.33
C SER A 320 -29.52 -23.44 30.27
N ILE A 321 -29.25 -22.15 30.05
CA ILE A 321 -30.29 -21.12 30.02
C ILE A 321 -29.89 -20.05 29.01
N HIS A 322 -30.78 -19.74 28.08
CA HIS A 322 -30.64 -18.57 27.22
C HIS A 322 -31.16 -17.34 27.97
N GLU A 323 -30.71 -16.14 27.55
CA GLU A 323 -31.18 -14.91 28.20
C GLU A 323 -32.51 -14.48 27.57
N GLU A 324 -33.57 -15.23 27.91
CA GLU A 324 -34.91 -15.04 27.35
C GLU A 324 -35.97 -15.19 28.45
N THR A 325 -37.01 -14.35 28.39
CA THR A 325 -37.94 -14.28 29.51
C THR A 325 -38.94 -15.43 29.53
N PRO A 326 -39.38 -15.83 30.72
CA PRO A 326 -40.56 -16.68 30.83
C PRO A 326 -41.77 -16.03 30.17
N TYR A 327 -42.69 -16.88 29.69
CA TYR A 327 -44.02 -16.47 29.27
C TYR A 327 -44.06 -15.72 27.95
N TYR A 328 -43.32 -14.62 27.82
CA TYR A 328 -43.40 -13.83 26.60
C TYR A 328 -42.15 -13.89 25.73
N SER A 329 -41.04 -14.40 26.25
CA SER A 329 -39.89 -14.76 25.41
C SER A 329 -39.30 -13.55 24.68
N GLY A 330 -39.06 -12.47 25.43
CA GLY A 330 -38.19 -11.41 24.99
C GLY A 330 -36.81 -11.53 25.61
N ARG A 331 -35.97 -10.52 25.36
CA ARG A 331 -34.65 -10.51 25.99
C ARG A 331 -34.80 -10.23 27.48
N ALA A 332 -34.30 -11.13 28.32
CA ALA A 332 -34.32 -10.90 29.76
C ALA A 332 -33.29 -9.82 30.16
N TYR A 333 -33.55 -9.17 31.31
CA TYR A 333 -32.67 -8.12 31.78
C TYR A 333 -32.85 -7.83 33.27
N SER A 334 -33.98 -8.17 33.84
CA SER A 334 -34.27 -7.76 35.21
C SER A 334 -34.09 -8.89 36.20
N LYS A 335 -34.01 -8.49 37.47
CA LYS A 335 -33.99 -9.46 38.56
C LYS A 335 -35.24 -10.33 38.55
N ASP A 336 -36.41 -9.77 38.20
CA ASP A 336 -37.62 -10.60 38.11
C ASP A 336 -37.42 -11.77 37.14
N HIS A 337 -36.85 -11.49 35.96
CA HIS A 337 -36.60 -12.55 34.99
C HIS A 337 -35.66 -13.59 35.56
N ALA A 338 -34.49 -13.16 36.07
CA ALA A 338 -33.52 -14.10 36.61
C ALA A 338 -34.13 -14.93 37.71
N HIS A 339 -34.93 -14.31 38.59
CA HIS A 339 -35.44 -15.08 39.73
C HIS A 339 -36.36 -16.20 39.29
N THR A 340 -37.26 -15.91 38.33
CA THR A 340 -38.20 -16.93 37.85
C THR A 340 -37.45 -18.07 37.19
N LEU A 341 -36.58 -17.75 36.23
CA LEU A 341 -35.74 -18.77 35.61
C LEU A 341 -34.99 -19.59 36.65
N LEU A 342 -34.22 -18.91 37.52
CA LEU A 342 -33.42 -19.62 38.52
C LEU A 342 -34.29 -20.41 39.48
N SER A 343 -35.52 -19.94 39.73
CA SER A 343 -36.40 -20.70 40.61
C SER A 343 -36.76 -22.05 39.98
N TRP A 344 -36.90 -22.09 38.65
CA TRP A 344 -37.12 -23.36 37.98
C TRP A 344 -35.90 -24.26 38.12
N ALA A 345 -34.71 -23.70 37.98
CA ALA A 345 -33.50 -24.49 38.12
C ALA A 345 -33.39 -25.04 39.53
N LYS A 346 -33.82 -24.27 40.52
CA LYS A 346 -33.79 -24.75 41.90
C LYS A 346 -34.73 -25.93 42.07
N GLU A 347 -35.91 -25.87 41.48
CA GLU A 347 -36.84 -26.99 41.61
C GLU A 347 -36.29 -28.24 40.91
N LEU A 348 -35.58 -28.05 39.78
CA LEU A 348 -34.94 -29.16 39.09
C LEU A 348 -33.89 -29.86 39.95
N GLY A 349 -33.39 -29.22 40.99
CA GLY A 349 -32.32 -29.79 41.79
C GLY A 349 -30.93 -29.43 41.32
N CYS A 350 -30.77 -28.32 40.60
CA CYS A 350 -29.49 -27.86 40.09
C CYS A 350 -28.70 -27.14 41.17
N ASN A 351 -27.37 -27.24 41.07
CA ASN A 351 -26.48 -26.39 41.85
C ASN A 351 -25.62 -25.52 40.93
N PHE A 352 -25.98 -25.46 39.65
CA PHE A 352 -25.11 -24.96 38.60
C PHE A 352 -25.99 -24.55 37.42
N VAL A 353 -25.67 -23.42 36.79
CA VAL A 353 -26.34 -22.97 35.58
C VAL A 353 -25.28 -22.56 34.56
N ARG A 354 -25.47 -22.99 33.32
CA ARG A 354 -24.68 -22.52 32.20
C ARG A 354 -25.47 -21.44 31.49
N LEU A 355 -24.87 -20.23 31.40
CA LEU A 355 -25.50 -19.10 30.73
C LEU A 355 -25.00 -19.05 29.28
N ALA A 356 -25.87 -19.42 28.35
CA ALA A 356 -25.55 -19.50 26.93
C ALA A 356 -26.21 -18.34 26.17
N HIS A 357 -25.65 -17.96 25.01
CA HIS A 357 -24.39 -18.43 24.43
C HIS A 357 -23.43 -17.23 24.44
N TYR A 358 -23.64 -16.36 25.41
CA TYR A 358 -23.05 -15.03 25.45
C TYR A 358 -23.15 -14.55 26.89
N PRO A 359 -22.45 -13.49 27.26
CA PRO A 359 -22.63 -12.95 28.60
C PRO A 359 -24.06 -12.48 28.83
N HIS A 360 -24.67 -12.97 29.91
CA HIS A 360 -26.00 -12.49 30.30
C HIS A 360 -25.90 -11.15 31.03
N ASN A 361 -27.06 -10.54 31.24
CA ASN A 361 -27.12 -9.33 32.03
C ASN A 361 -26.59 -9.61 33.44
N GLU A 362 -26.06 -8.54 34.05
CA GLU A 362 -25.51 -8.65 35.40
C GLU A 362 -26.55 -9.07 36.44
N GLU A 363 -27.83 -8.77 36.24
CA GLU A 363 -28.85 -9.22 37.19
C GLU A 363 -28.89 -10.73 37.27
N MET A 364 -28.77 -11.40 36.12
CA MET A 364 -28.79 -12.86 36.09
C MET A 364 -27.67 -13.44 36.94
N VAL A 365 -26.47 -12.88 36.81
CA VAL A 365 -25.31 -13.42 37.51
C VAL A 365 -25.39 -13.15 39.00
N ARG A 366 -25.82 -11.94 39.39
CA ARG A 366 -25.96 -11.61 40.80
C ARG A 366 -27.02 -12.47 41.49
N GLU A 367 -28.10 -12.80 40.76
CA GLU A 367 -29.16 -13.59 41.38
C GLU A 367 -28.76 -15.06 41.49
N ALA A 368 -28.03 -15.59 40.50
CA ALA A 368 -27.42 -16.90 40.67
C ALA A 368 -26.45 -16.90 41.85
N GLU A 369 -25.63 -15.84 41.95
CA GLU A 369 -24.70 -15.70 43.06
C GLU A 369 -25.43 -15.73 44.39
N ARG A 370 -26.55 -14.99 44.49
CA ARG A 370 -27.22 -14.86 45.78
C ARG A 370 -28.01 -16.11 46.16
N MET A 371 -28.57 -16.81 45.18
CA MET A 371 -29.40 -17.97 45.46
C MET A 371 -28.60 -19.25 45.64
N GLY A 372 -27.41 -19.33 45.08
CA GLY A 372 -26.61 -20.52 45.25
C GLY A 372 -26.43 -21.36 44.00
N PHE A 373 -26.08 -20.72 42.88
CA PHE A 373 -25.84 -21.45 41.64
C PHE A 373 -24.43 -21.13 41.17
N LEU A 374 -23.61 -22.16 41.05
CA LEU A 374 -22.38 -22.06 40.27
C LEU A 374 -22.74 -21.73 38.83
N VAL A 375 -21.84 -21.02 38.16
CA VAL A 375 -22.16 -20.49 36.84
C VAL A 375 -21.06 -20.79 35.85
N TRP A 376 -21.48 -21.20 34.65
CA TRP A 376 -20.69 -21.26 33.44
C TRP A 376 -21.00 -20.02 32.58
N SER A 377 -19.98 -19.26 32.24
CA SER A 377 -20.14 -18.03 31.47
C SER A 377 -19.26 -18.11 30.22
N GLU A 378 -19.78 -17.68 29.07
CA GLU A 378 -19.12 -17.91 27.79
C GLU A 378 -19.44 -16.77 26.82
N ILE A 379 -18.74 -16.76 25.69
CA ILE A 379 -18.88 -15.75 24.66
C ILE A 379 -19.45 -16.38 23.40
N PRO A 380 -20.11 -15.60 22.49
CA PRO A 380 -20.75 -16.21 21.30
C PRO A 380 -19.79 -16.53 20.16
N VAL A 381 -18.67 -17.19 20.46
CA VAL A 381 -17.81 -17.74 19.42
C VAL A 381 -18.39 -19.11 19.05
N TYR A 382 -18.97 -19.22 17.83
CA TYR A 382 -20.05 -20.19 17.56
C TYR A 382 -20.15 -20.51 16.07
N TRP A 383 -20.02 -21.80 15.72
CA TRP A 383 -20.11 -22.34 14.34
C TRP A 383 -19.07 -21.65 13.46
N THR A 384 -19.45 -21.10 12.30
CA THR A 384 -18.48 -20.79 11.25
C THR A 384 -17.93 -19.37 11.37
N ILE A 385 -17.40 -19.02 12.54
CA ILE A 385 -16.62 -17.80 12.74
C ILE A 385 -15.51 -17.73 11.69
N HIS A 386 -15.15 -16.51 11.26
CA HIS A 386 -14.07 -16.33 10.28
C HIS A 386 -12.72 -16.33 10.99
N TRP A 387 -12.18 -17.53 11.21
CA TRP A 387 -10.94 -17.71 11.98
C TRP A 387 -9.75 -16.93 11.45
N GLU A 388 -9.72 -16.57 10.17
CA GLU A 388 -8.57 -15.92 9.57
C GLU A 388 -8.69 -14.40 9.54
N ASN A 389 -9.80 -13.83 9.98
CA ASN A 389 -10.01 -12.39 9.97
C ASN A 389 -9.51 -11.79 11.28
N LYS A 390 -8.50 -10.89 11.19
CA LYS A 390 -7.88 -10.33 12.39
C LYS A 390 -8.87 -9.45 13.16
N ASP A 391 -9.70 -8.71 12.44
CA ASP A 391 -10.76 -7.94 13.10
C ASP A 391 -11.76 -8.85 13.82
N THR A 392 -12.02 -10.04 13.29
CA THR A 392 -12.91 -10.96 13.99
C THR A 392 -12.28 -11.44 15.28
N TYR A 393 -10.98 -11.74 15.26
CA TYR A 393 -10.33 -12.17 16.49
C TYR A 393 -10.33 -11.04 17.52
N GLN A 394 -10.00 -9.82 17.10
CA GLN A 394 -10.01 -8.71 18.04
C GLN A 394 -11.37 -8.56 18.69
N ASN A 395 -12.44 -8.70 17.88
CA ASN A 395 -13.79 -8.64 18.39
C ASN A 395 -14.04 -9.72 19.43
N ALA A 396 -13.74 -10.97 19.09
CA ALA A 396 -13.93 -12.05 20.06
C ALA A 396 -13.10 -11.84 21.31
N GLU A 397 -11.87 -11.35 21.16
CA GLU A 397 -11.06 -11.20 22.36
C GLU A 397 -11.51 -10.01 23.21
N GLN A 398 -12.00 -8.94 22.59
CA GLN A 398 -12.63 -7.87 23.36
C GLN A 398 -13.83 -8.38 24.16
N GLN A 399 -14.67 -9.21 23.54
CA GLN A 399 -15.83 -9.74 24.26
C GLN A 399 -15.37 -10.57 25.44
N LEU A 400 -14.36 -11.41 25.24
CA LEU A 400 -13.76 -12.14 26.34
C LEU A 400 -13.31 -11.18 27.46
N CYS A 401 -12.56 -10.13 27.09
CA CYS A 401 -12.04 -9.23 28.13
C CYS A 401 -13.18 -8.54 28.88
N ASP A 402 -14.20 -8.07 28.17
CA ASP A 402 -15.31 -7.41 28.85
C ASP A 402 -16.05 -8.38 29.75
N MET A 403 -16.27 -9.62 29.28
CA MET A 403 -16.97 -10.59 30.11
C MET A 403 -16.23 -10.80 31.42
N ILE A 404 -14.92 -11.04 31.36
CA ILE A 404 -14.17 -11.34 32.58
C ILE A 404 -14.04 -10.10 33.47
N ALA A 405 -13.82 -8.93 32.89
CA ALA A 405 -13.61 -7.74 33.71
C ALA A 405 -14.84 -7.41 34.55
N ARG A 406 -16.05 -7.64 34.00
CA ARG A 406 -17.28 -7.29 34.70
C ARG A 406 -17.56 -8.20 35.89
N ASP A 407 -17.29 -9.49 35.75
CA ASP A 407 -17.75 -10.47 36.74
C ASP A 407 -16.60 -11.13 37.49
N LYS A 408 -15.41 -10.55 37.43
CA LYS A 408 -14.27 -11.18 38.08
C LYS A 408 -14.47 -11.33 39.58
N ASN A 409 -15.37 -10.57 40.18
CA ASN A 409 -15.59 -10.67 41.62
C ASN A 409 -16.73 -11.60 42.01
N ARG A 410 -17.38 -12.26 41.04
CA ARG A 410 -18.50 -13.15 41.28
C ARG A 410 -17.97 -14.55 41.55
N CYS A 411 -17.91 -14.93 42.83
CA CYS A 411 -17.29 -16.21 43.17
C CYS A 411 -18.03 -17.39 42.58
N ASN A 412 -19.31 -17.23 42.23
CA ASN A 412 -20.11 -18.37 41.76
C ASN A 412 -19.77 -18.79 40.32
N ILE A 413 -19.12 -17.92 39.54
CA ILE A 413 -18.61 -18.31 38.23
C ILE A 413 -17.35 -19.12 38.44
N ILE A 414 -17.36 -20.39 38.01
CA ILE A 414 -16.19 -21.24 38.11
C ILE A 414 -15.64 -21.66 36.76
N ILE A 415 -16.36 -21.44 35.67
CA ILE A 415 -15.93 -21.82 34.32
C ILE A 415 -16.19 -20.66 33.36
N TRP A 416 -15.15 -20.24 32.63
CA TRP A 416 -15.26 -19.44 31.43
C TRP A 416 -15.11 -20.36 30.22
N SER A 417 -15.95 -20.14 29.19
CA SER A 417 -15.83 -20.88 27.94
C SER A 417 -15.55 -19.94 26.78
N ILE A 418 -14.52 -20.25 26.00
CA ILE A 418 -14.12 -19.41 24.88
C ILE A 418 -14.69 -19.88 23.55
N ALA A 419 -15.47 -20.98 23.51
CA ALA A 419 -16.09 -21.32 22.23
C ALA A 419 -17.15 -22.43 22.37
N ASN A 420 -18.25 -22.29 21.62
CA ASN A 420 -19.24 -23.34 21.46
C ASN A 420 -18.82 -24.30 20.34
N GLU A 421 -19.77 -24.99 19.69
CA GLU A 421 -19.38 -25.97 18.67
C GLU A 421 -18.71 -25.26 17.50
N THR A 422 -17.61 -25.82 17.01
CA THR A 422 -16.86 -25.17 15.93
C THR A 422 -16.40 -26.20 14.91
N PRO A 423 -15.99 -25.76 13.72
CA PRO A 423 -15.42 -26.68 12.73
C PRO A 423 -13.98 -27.02 13.07
N HIS A 424 -13.47 -28.08 12.43
CA HIS A 424 -12.25 -28.75 12.93
C HIS A 424 -11.04 -28.39 12.07
N SER A 425 -10.64 -27.13 12.13
CA SER A 425 -9.60 -26.62 11.25
C SER A 425 -8.43 -26.07 12.05
N LYS A 426 -7.31 -25.90 11.34
CA LYS A 426 -6.09 -25.33 11.93
C LYS A 426 -6.31 -23.88 12.32
N THR A 427 -6.87 -23.08 11.43
CA THR A 427 -7.12 -21.68 11.78
C THR A 427 -8.04 -21.58 13.00
N ARG A 428 -9.03 -22.47 13.09
CA ARG A 428 -9.86 -22.50 14.30
C ARG A 428 -9.02 -22.80 15.52
N LEU A 429 -8.14 -23.80 15.41
CA LEU A 429 -7.28 -24.17 16.55
C LEU A 429 -6.44 -22.99 17.01
N THR A 430 -5.76 -22.32 16.08
CA THR A 430 -5.00 -21.12 16.42
C THR A 430 -5.85 -20.05 17.11
N PHE A 431 -6.98 -19.68 16.47
CA PHE A 431 -7.90 -18.67 17.00
C PHE A 431 -8.29 -18.97 18.44
N LEU A 432 -8.83 -20.18 18.69
CA LEU A 432 -9.31 -20.52 20.02
C LEU A 432 -8.16 -20.65 21.01
N SER A 433 -7.02 -21.20 20.57
CA SER A 433 -5.85 -21.28 21.44
C SER A 433 -5.45 -19.90 21.98
N ASN A 434 -5.43 -18.89 21.11
CA ASN A 434 -5.14 -17.54 21.59
C ASN A 434 -6.21 -17.07 22.57
N LEU A 435 -7.48 -17.37 22.29
CA LEU A 435 -8.52 -17.06 23.29
C LEU A 435 -8.22 -17.77 24.61
N ALA A 436 -7.95 -19.07 24.57
CA ALA A 436 -7.77 -19.80 25.81
C ALA A 436 -6.54 -19.31 26.56
N ASN A 437 -5.50 -18.84 25.86
CA ASN A 437 -4.33 -18.29 26.56
C ASN A 437 -4.63 -16.92 27.16
N LYS A 438 -5.41 -16.10 26.46
CA LYS A 438 -5.78 -14.81 27.03
C LYS A 438 -6.65 -14.99 28.26
N ALA A 439 -7.65 -15.86 28.19
CA ALA A 439 -8.49 -16.09 29.36
C ALA A 439 -7.61 -16.44 30.55
N ARG A 440 -6.63 -17.33 30.35
CA ARG A 440 -5.83 -17.78 31.49
C ARG A 440 -4.98 -16.64 32.05
N SER A 441 -4.43 -15.79 31.17
CA SER A 441 -3.67 -14.64 31.65
C SER A 441 -4.54 -13.61 32.37
N LEU A 442 -5.83 -13.56 32.08
CA LEU A 442 -6.75 -12.66 32.79
C LEU A 442 -7.19 -13.21 34.14
N ASP A 443 -7.27 -14.53 34.26
CA ASP A 443 -7.88 -15.16 35.43
C ASP A 443 -7.21 -16.52 35.61
N SER A 444 -6.36 -16.63 36.60
CA SER A 444 -5.63 -17.87 36.83
C SER A 444 -6.36 -18.80 37.78
N VAL A 445 -7.54 -18.41 38.26
CA VAL A 445 -8.26 -19.18 39.27
C VAL A 445 -9.35 -20.04 38.65
N ARG A 446 -10.19 -19.44 37.80
CA ARG A 446 -11.33 -20.16 37.26
C ARG A 446 -10.88 -21.16 36.19
N LEU A 447 -11.75 -22.14 35.94
CA LEU A 447 -11.52 -23.15 34.94
C LEU A 447 -11.85 -22.61 33.53
N ILE A 448 -11.13 -23.11 32.53
CA ILE A 448 -11.33 -22.70 31.13
C ILE A 448 -11.82 -23.90 30.33
N GLY A 449 -12.92 -23.70 29.60
CA GLY A 449 -13.51 -24.77 28.82
C GLY A 449 -13.84 -24.30 27.41
N ALA A 450 -14.25 -25.26 26.59
CA ALA A 450 -14.63 -25.04 25.20
C ALA A 450 -15.17 -26.34 24.63
N ALA A 451 -16.18 -26.24 23.76
CA ALA A 451 -16.80 -27.44 23.21
C ALA A 451 -15.83 -28.13 22.26
N MET A 452 -15.47 -29.37 22.56
CA MET A 452 -14.35 -30.03 21.89
C MET A 452 -14.83 -30.99 20.81
N GLU A 453 -14.00 -31.14 19.77
CA GLU A 453 -14.29 -32.11 18.72
C GLU A 453 -14.36 -33.51 19.30
N LYS A 454 -15.33 -34.28 18.82
CA LYS A 454 -15.51 -35.67 19.20
C LYS A 454 -15.02 -36.60 18.08
N GLU A 455 -14.97 -37.89 18.38
CA GLU A 455 -14.43 -38.87 17.45
C GLU A 455 -14.88 -40.26 17.88
N GLU A 456 -15.01 -41.16 16.91
CA GLU A 456 -15.39 -42.53 17.20
C GLU A 456 -14.15 -43.39 17.31
N VAL A 457 -13.83 -43.81 18.54
CA VAL A 457 -12.76 -44.77 18.79
C VAL A 457 -13.01 -46.04 17.97
N GLN A 458 -14.19 -46.61 18.14
CA GLN A 458 -14.64 -47.77 17.38
C GLN A 458 -16.13 -47.86 17.54
N PRO A 459 -16.79 -48.79 16.83
CA PRO A 459 -18.26 -48.80 16.84
C PRO A 459 -18.82 -48.83 18.26
N GLY A 460 -19.74 -47.90 18.51
CA GLY A 460 -20.34 -47.76 19.83
C GLY A 460 -19.46 -47.16 20.90
N VAL A 461 -18.30 -46.60 20.55
CA VAL A 461 -17.39 -46.02 21.54
C VAL A 461 -16.94 -44.65 21.03
N LEU A 462 -17.36 -43.60 21.72
CA LEU A 462 -16.97 -42.25 21.38
C LEU A 462 -15.90 -41.73 22.34
N THR A 463 -15.19 -40.70 21.90
CA THR A 463 -14.21 -40.03 22.75
C THR A 463 -14.07 -38.62 22.24
N VAL A 464 -13.19 -37.86 22.89
CA VAL A 464 -12.88 -36.50 22.49
C VAL A 464 -11.47 -36.49 21.91
N ASN A 465 -11.32 -35.91 20.72
CA ASN A 465 -10.00 -35.76 20.10
C ASN A 465 -9.86 -34.34 19.60
N ASP A 466 -9.20 -33.51 20.38
CA ASP A 466 -9.12 -32.08 20.08
C ASP A 466 -7.85 -31.55 20.74
N PRO A 467 -6.91 -31.06 19.94
CA PRO A 467 -5.65 -30.56 20.52
C PRO A 467 -5.85 -29.32 21.39
N LEU A 468 -6.94 -28.58 21.17
CA LEU A 468 -7.32 -27.49 22.07
C LEU A 468 -7.35 -27.95 23.53
N GLY A 469 -7.68 -29.21 23.78
CA GLY A 469 -7.82 -29.76 25.12
C GLY A 469 -6.60 -29.54 26.03
N GLU A 470 -5.41 -29.39 25.47
CA GLU A 470 -4.24 -29.09 26.30
C GLU A 470 -4.42 -27.79 27.08
N LEU A 471 -5.15 -26.83 26.52
CA LEU A 471 -5.32 -25.51 27.10
C LEU A 471 -6.59 -25.36 27.91
N LEU A 472 -7.31 -26.46 28.17
CA LEU A 472 -8.55 -26.43 28.92
C LEU A 472 -8.44 -27.31 30.16
N ASP A 473 -9.06 -26.86 31.25
CA ASP A 473 -9.00 -27.63 32.49
C ASP A 473 -9.95 -28.81 32.51
N ILE A 474 -11.03 -28.77 31.73
CA ILE A 474 -12.00 -29.85 31.69
C ILE A 474 -12.03 -30.44 30.28
N ILE A 475 -12.61 -31.64 30.17
CA ILE A 475 -12.97 -32.19 28.87
C ILE A 475 -14.46 -31.88 28.68
N SER A 476 -14.77 -30.80 27.97
CA SER A 476 -16.14 -30.35 27.78
C SER A 476 -16.54 -30.48 26.32
N PHE A 477 -17.77 -30.94 26.09
CA PHE A 477 -18.29 -31.11 24.73
C PHE A 477 -19.80 -31.23 24.79
N ASN A 478 -20.42 -31.14 23.61
CA ASN A 478 -21.86 -31.31 23.39
C ASN A 478 -22.11 -32.63 22.67
N GLU A 479 -23.22 -33.29 23.02
CA GLU A 479 -23.60 -34.48 22.27
C GLU A 479 -25.11 -34.68 22.38
N TYR A 480 -25.74 -35.02 21.26
CA TYR A 480 -27.18 -35.22 21.26
C TYR A 480 -27.54 -36.61 20.76
N VAL A 481 -26.89 -37.63 21.32
CA VAL A 481 -27.29 -39.01 21.08
C VAL A 481 -28.75 -39.16 21.44
N GLY A 482 -29.51 -39.82 20.58
CA GLY A 482 -30.90 -40.05 20.84
C GLY A 482 -31.84 -38.97 20.32
N TRP A 483 -31.32 -37.81 19.93
CA TRP A 483 -32.12 -36.81 19.24
C TRP A 483 -31.61 -36.54 17.83
N TYR A 484 -30.39 -36.02 17.67
CA TYR A 484 -29.81 -35.82 16.35
C TYR A 484 -29.05 -37.05 15.85
N ASP A 485 -28.53 -37.87 16.75
CA ASP A 485 -27.72 -39.05 16.44
C ASP A 485 -28.49 -40.25 16.97
N GLY A 486 -29.38 -40.80 16.15
CA GLY A 486 -30.21 -41.92 16.52
C GLY A 486 -31.48 -41.53 17.26
N ASP A 487 -32.30 -42.56 17.49
CA ASP A 487 -33.45 -42.55 18.39
C ASP A 487 -32.99 -42.61 19.83
N SER A 488 -33.96 -42.57 20.74
CA SER A 488 -33.63 -42.73 22.16
C SER A 488 -32.88 -44.03 22.45
N GLU A 489 -33.21 -45.12 21.75
CA GLU A 489 -32.55 -46.40 22.04
C GLU A 489 -31.04 -46.33 21.83
N LYS A 490 -30.56 -45.46 20.93
CA LYS A 490 -29.13 -45.43 20.68
C LYS A 490 -28.32 -44.98 21.88
N CYS A 491 -28.94 -44.26 22.85
CA CYS A 491 -28.22 -43.94 24.08
C CYS A 491 -27.72 -45.20 24.76
N ASP A 492 -28.51 -46.29 24.69
CA ASP A 492 -28.13 -47.59 25.21
C ASP A 492 -26.98 -48.21 24.44
N ARG A 493 -26.71 -47.75 23.22
CA ARG A 493 -25.75 -48.39 22.36
C ARG A 493 -24.45 -47.63 22.27
N VAL A 494 -24.25 -46.64 23.14
CA VAL A 494 -23.12 -45.73 23.02
C VAL A 494 -22.38 -45.64 24.35
N ASN A 495 -21.05 -45.72 24.29
CA ASN A 495 -20.21 -45.53 25.46
C ASN A 495 -19.07 -44.58 25.13
N TRP A 496 -18.41 -44.12 26.17
CA TRP A 496 -17.44 -43.05 26.08
C TRP A 496 -16.18 -43.46 26.82
N THR A 497 -15.03 -43.07 26.28
CA THR A 497 -13.76 -43.28 26.95
C THR A 497 -12.84 -42.12 26.61
N PHE A 498 -11.89 -41.83 27.48
CA PHE A 498 -11.03 -40.68 27.29
C PHE A 498 -9.59 -41.02 27.64
N ASP A 499 -8.65 -40.55 26.81
CA ASP A 499 -7.24 -40.79 27.04
C ASP A 499 -6.72 -40.00 28.24
N THR A 500 -7.37 -38.90 28.59
CA THR A 500 -6.84 -37.90 29.50
C THR A 500 -7.67 -37.86 30.78
N GLN A 501 -6.98 -37.75 31.91
CA GLN A 501 -7.63 -37.77 33.22
C GLN A 501 -7.93 -36.33 33.68
N LYS A 502 -8.90 -35.74 32.99
CA LYS A 502 -9.48 -34.46 33.37
C LYS A 502 -10.96 -34.66 33.59
N PRO A 503 -11.61 -33.81 34.39
CA PRO A 503 -13.05 -33.97 34.61
C PRO A 503 -13.81 -33.77 33.29
N VAL A 504 -14.81 -34.63 33.08
CA VAL A 504 -15.61 -34.64 31.85
C VAL A 504 -16.88 -33.83 32.08
N PHE A 505 -17.13 -32.84 31.23
CA PHE A 505 -18.27 -31.94 31.40
C PHE A 505 -19.05 -31.90 30.09
N ILE A 506 -20.28 -32.39 30.12
CA ILE A 506 -21.14 -32.35 28.94
C ILE A 506 -21.99 -31.09 29.02
N SER A 507 -21.72 -30.15 28.11
CA SER A 507 -22.33 -28.83 28.15
C SER A 507 -23.70 -28.76 27.46
N GLU A 508 -24.07 -29.76 26.66
CA GLU A 508 -25.38 -29.78 26.03
C GLU A 508 -25.80 -31.22 25.76
N LEU A 509 -27.11 -31.46 25.89
CA LEU A 509 -27.72 -32.74 25.55
C LEU A 509 -29.24 -32.57 25.67
N GLY A 510 -29.99 -33.47 25.04
CA GLY A 510 -31.44 -33.45 25.15
C GLY A 510 -32.12 -33.60 23.81
N GLY A 511 -33.39 -33.17 23.76
CA GLY A 511 -34.23 -33.24 22.58
C GLY A 511 -35.51 -32.46 22.82
N GLY A 512 -36.30 -32.33 21.77
CA GLY A 512 -37.45 -31.43 21.75
C GLY A 512 -38.77 -32.12 22.08
N ALA A 513 -39.66 -31.37 22.74
CA ALA A 513 -41.03 -31.79 22.98
C ALA A 513 -41.91 -30.58 23.21
N LEU A 514 -43.14 -30.65 22.73
CA LEU A 514 -44.13 -29.62 22.97
C LEU A 514 -44.96 -30.01 24.19
N TYR A 515 -45.02 -29.11 25.17
CA TYR A 515 -45.84 -29.38 26.35
C TYR A 515 -47.30 -29.59 25.96
N GLY A 516 -47.92 -30.62 26.53
CA GLY A 516 -49.32 -30.87 26.25
C GLY A 516 -49.55 -31.77 25.05
N HIS A 517 -48.48 -32.10 24.33
CA HIS A 517 -48.51 -32.94 23.14
C HIS A 517 -48.07 -34.34 23.55
N HIS A 518 -48.96 -35.31 23.42
CA HIS A 518 -48.85 -36.61 24.07
C HIS A 518 -49.00 -37.72 23.04
N GLY A 519 -48.32 -38.83 23.27
CA GLY A 519 -48.32 -39.89 22.29
C GLY A 519 -47.42 -41.04 22.69
N SER A 520 -47.12 -41.88 21.72
CA SER A 520 -46.24 -43.01 21.97
C SER A 520 -44.81 -42.50 22.27
N PRO A 521 -44.06 -43.21 23.10
CA PRO A 521 -42.67 -42.79 23.37
C PRO A 521 -41.80 -42.80 22.13
N LYS A 522 -42.28 -43.40 21.03
CA LYS A 522 -41.57 -43.45 19.77
C LYS A 522 -41.86 -42.27 18.85
N GLU A 523 -42.83 -41.42 19.17
CA GLU A 523 -43.19 -40.30 18.32
C GLU A 523 -42.42 -39.05 18.76
N ARG A 524 -41.55 -38.54 17.90
CA ARG A 524 -40.77 -37.36 18.22
C ARG A 524 -41.67 -36.14 18.46
N PHE A 525 -41.26 -35.32 19.43
CA PHE A 525 -41.88 -34.08 19.86
C PHE A 525 -43.02 -34.31 20.86
N THR A 526 -43.36 -35.55 21.17
CA THR A 526 -44.25 -35.76 22.30
C THR A 526 -43.46 -35.63 23.59
N GLU A 527 -44.18 -35.39 24.69
CA GLU A 527 -43.59 -35.41 26.02
C GLU A 527 -43.06 -36.80 26.36
N GLU A 528 -43.75 -37.84 25.88
CA GLU A 528 -43.33 -39.22 26.16
C GLU A 528 -41.98 -39.53 25.50
N TYR A 529 -41.76 -39.05 24.28
CA TYR A 529 -40.48 -39.33 23.65
C TYR A 529 -39.35 -38.67 24.43
N GLN A 530 -39.52 -37.38 24.76
CA GLN A 530 -38.48 -36.66 25.48
C GLN A 530 -38.20 -37.34 26.82
N GLU A 531 -39.25 -37.84 27.47
CA GLU A 531 -39.10 -38.55 28.75
C GLU A 531 -38.29 -39.82 28.57
N ASP A 532 -38.65 -40.63 27.58
CA ASP A 532 -37.89 -41.85 27.29
C ASP A 532 -36.45 -41.49 26.90
N LEU A 533 -36.28 -40.47 26.05
CA LEU A 533 -34.95 -39.98 25.71
C LEU A 533 -34.12 -39.70 26.96
N TYR A 534 -34.73 -39.11 27.98
CA TYR A 534 -33.95 -38.69 29.14
C TYR A 534 -33.64 -39.85 30.06
N ILE A 535 -34.51 -40.86 30.11
CA ILE A 535 -34.19 -42.03 30.92
C ILE A 535 -32.94 -42.72 30.37
N ARG A 536 -32.92 -42.99 29.07
CA ARG A 536 -31.79 -43.67 28.49
C ARG A 536 -30.57 -42.76 28.39
N HIS A 537 -30.77 -41.45 28.24
CA HIS A 537 -29.59 -40.60 28.20
C HIS A 537 -28.92 -40.51 29.56
N VAL A 538 -29.72 -40.39 30.64
CA VAL A 538 -29.16 -40.37 31.99
C VAL A 538 -28.40 -41.68 32.27
N ASN A 539 -28.94 -42.80 31.80
CA ASN A 539 -28.26 -44.09 31.99
C ASN A 539 -26.94 -44.13 31.23
N MET A 540 -26.90 -43.54 30.04
CA MET A 540 -25.63 -43.41 29.33
C MET A 540 -24.66 -42.55 30.13
N LEU A 541 -25.15 -41.41 30.64
CA LEU A 541 -24.31 -40.57 31.48
C LEU A 541 -23.78 -41.35 32.69
N LYS A 542 -24.58 -42.26 33.24
CA LYS A 542 -24.09 -43.00 34.40
C LYS A 542 -22.88 -43.84 34.07
N ARG A 543 -22.72 -44.24 32.81
CA ARG A 543 -21.62 -45.09 32.40
C ARG A 543 -20.36 -44.32 32.04
N ILE A 544 -20.36 -43.00 32.10
CA ILE A 544 -19.26 -42.21 31.58
C ILE A 544 -18.22 -42.07 32.71
N PRO A 545 -17.04 -42.67 32.57
CA PRO A 545 -15.99 -42.45 33.57
C PRO A 545 -15.57 -41.01 33.54
N GLY A 546 -15.38 -40.43 34.73
CA GLY A 546 -14.87 -39.08 34.84
C GLY A 546 -15.92 -37.99 34.76
N LEU A 547 -17.19 -38.34 34.61
CA LEU A 547 -18.24 -37.35 34.46
C LEU A 547 -18.33 -36.49 35.72
N ALA A 548 -18.08 -35.18 35.57
CA ALA A 548 -18.12 -34.27 36.70
C ALA A 548 -19.16 -33.16 36.54
N GLY A 549 -19.87 -33.11 35.41
CA GLY A 549 -20.90 -32.10 35.24
C GLY A 549 -21.71 -32.22 33.97
N THR A 550 -22.99 -31.84 34.08
CA THR A 550 -23.88 -31.79 32.92
C THR A 550 -24.75 -30.55 33.03
N THR A 551 -24.95 -29.87 31.91
CA THR A 551 -25.90 -28.75 31.80
C THR A 551 -26.80 -28.98 30.58
N PRO A 552 -27.79 -29.86 30.70
CA PRO A 552 -28.61 -30.21 29.55
C PRO A 552 -29.17 -29.01 28.82
N TRP A 553 -29.46 -29.20 27.54
CA TRP A 553 -30.06 -28.20 26.68
C TRP A 553 -31.54 -28.57 26.57
N ILE A 554 -32.41 -27.80 27.21
CA ILE A 554 -32.14 -26.52 27.84
C ILE A 554 -33.24 -26.35 28.89
N LEU A 555 -33.14 -25.30 29.72
CA LEU A 555 -34.14 -25.04 30.75
C LEU A 555 -35.52 -24.75 30.13
N LYS A 556 -35.59 -23.76 29.25
CA LYS A 556 -36.83 -23.20 28.75
C LYS A 556 -36.81 -23.13 27.22
N ASP A 557 -37.91 -23.55 26.59
CA ASP A 557 -38.09 -23.34 25.15
C ASP A 557 -37.74 -21.89 24.82
N PHE A 558 -36.98 -21.69 23.76
CA PHE A 558 -36.55 -20.35 23.39
C PHE A 558 -36.76 -20.15 21.89
N ARG A 559 -36.87 -18.88 21.49
CA ARG A 559 -37.11 -18.55 20.09
C ARG A 559 -35.89 -18.87 19.24
N SER A 560 -36.13 -19.39 18.03
CA SER A 560 -35.09 -19.71 17.10
C SER A 560 -35.67 -19.67 15.71
N PRO A 561 -34.96 -19.08 14.74
CA PRO A 561 -35.45 -19.03 13.36
C PRO A 561 -35.12 -20.27 12.52
N ARG A 562 -34.60 -21.34 13.12
CA ARG A 562 -34.34 -22.60 12.41
C ARG A 562 -35.30 -23.73 12.83
N ARG A 563 -36.42 -23.39 13.47
CA ARG A 563 -37.35 -24.35 14.05
C ARG A 563 -38.72 -24.13 13.42
N HIS A 564 -39.05 -24.91 12.37
CA HIS A 564 -40.16 -24.58 11.49
C HIS A 564 -41.33 -25.54 11.49
N VAL A 565 -41.32 -26.60 12.29
CA VAL A 565 -42.48 -27.50 12.31
C VAL A 565 -43.69 -26.75 12.84
N PRO A 566 -44.76 -26.61 12.08
CA PRO A 566 -45.90 -25.81 12.53
C PRO A 566 -46.61 -26.50 13.68
N GLU A 567 -47.21 -25.69 14.55
CA GLU A 567 -47.93 -26.21 15.71
C GLU A 567 -47.04 -26.96 16.68
N ILE A 568 -45.81 -27.31 16.29
CA ILE A 568 -44.92 -28.04 17.18
C ILE A 568 -43.82 -27.11 17.67
N GLN A 569 -43.05 -26.57 16.73
CA GLN A 569 -42.00 -25.60 17.03
C GLN A 569 -42.48 -24.16 16.93
N ASP A 570 -43.08 -23.76 15.81
CA ASP A 570 -43.47 -22.36 15.53
C ASP A 570 -42.39 -21.36 15.98
N ASP A 571 -41.19 -21.51 15.42
CA ASP A 571 -40.06 -20.61 15.67
C ASP A 571 -39.55 -20.69 17.12
N PHE A 572 -39.76 -21.82 17.78
CA PHE A 572 -39.22 -22.09 19.10
C PHE A 572 -38.42 -23.38 19.04
N ASN A 573 -37.20 -23.34 19.57
CA ASN A 573 -36.51 -24.56 19.95
C ASN A 573 -37.23 -25.18 21.13
N ARG A 574 -37.69 -26.43 20.98
CA ARG A 574 -38.55 -27.08 21.98
C ARG A 574 -37.78 -28.01 22.91
N LYS A 575 -36.49 -27.81 23.07
CA LYS A 575 -35.68 -28.71 23.87
C LYS A 575 -35.67 -28.34 25.34
N GLY A 576 -36.49 -27.36 25.72
CA GLY A 576 -36.66 -27.06 27.12
C GLY A 576 -37.17 -28.25 27.90
N LEU A 577 -36.75 -28.33 29.17
CA LEU A 577 -37.46 -29.16 30.13
C LEU A 577 -38.70 -28.46 30.66
N VAL A 578 -38.75 -27.13 30.47
CA VAL A 578 -39.88 -26.30 30.82
C VAL A 578 -40.36 -25.66 29.53
N SER A 579 -41.67 -25.66 29.32
CA SER A 579 -42.21 -24.94 28.18
C SER A 579 -41.87 -23.46 28.31
N ASP A 580 -41.97 -22.75 27.19
CA ASP A 580 -41.85 -21.30 27.28
C ASP A 580 -42.94 -20.70 28.18
N LYS A 581 -43.96 -21.45 28.56
CA LYS A 581 -45.03 -20.95 29.43
C LYS A 581 -44.95 -21.52 30.86
N GLY A 582 -43.78 -21.89 31.33
CA GLY A 582 -43.61 -22.30 32.71
C GLY A 582 -44.07 -23.70 33.04
N GLN A 583 -44.45 -24.51 32.05
CA GLN A 583 -44.94 -25.85 32.33
C GLN A 583 -43.79 -26.86 32.29
N LYS A 584 -43.68 -27.65 33.36
CA LYS A 584 -42.69 -28.71 33.45
C LYS A 584 -43.12 -29.91 32.61
N LYS A 585 -42.33 -30.25 31.59
CA LYS A 585 -42.57 -31.45 30.80
C LYS A 585 -42.24 -32.70 31.62
N LYS A 586 -42.68 -33.86 31.14
CA LYS A 586 -42.39 -35.10 31.87
C LYS A 586 -40.90 -35.30 32.08
N ALA A 587 -40.07 -34.94 31.08
CA ALA A 587 -38.64 -35.20 31.17
C ALA A 587 -38.01 -34.41 32.31
N PHE A 588 -38.53 -33.23 32.61
CA PHE A 588 -38.04 -32.44 33.73
C PHE A 588 -37.85 -33.33 34.96
N PHE A 589 -38.83 -34.19 35.23
CA PHE A 589 -38.79 -34.96 36.46
C PHE A 589 -37.83 -36.13 36.38
N VAL A 590 -37.54 -36.61 35.18
CA VAL A 590 -36.46 -37.57 35.00
C VAL A 590 -35.13 -36.96 35.44
N LEU A 591 -34.80 -35.78 34.92
CA LEU A 591 -33.57 -35.11 35.34
C LEU A 591 -33.62 -34.77 36.82
N GLN A 592 -34.77 -34.30 37.31
CA GLN A 592 -34.89 -33.94 38.72
C GLN A 592 -34.54 -35.13 39.63
N LYS A 593 -35.05 -36.31 39.29
CA LYS A 593 -34.75 -37.50 40.08
C LYS A 593 -33.25 -37.78 40.12
N TRP A 594 -32.60 -37.75 38.96
CA TRP A 594 -31.17 -38.05 38.94
C TRP A 594 -30.38 -37.04 39.75
N TYR A 595 -30.75 -35.75 39.66
CA TYR A 595 -30.04 -34.73 40.44
C TYR A 595 -30.31 -34.91 41.92
N LYS A 596 -31.50 -35.43 42.27
CA LYS A 596 -31.77 -35.75 43.67
C LYS A 596 -30.83 -36.83 44.18
N GLU A 597 -30.58 -37.87 43.36
CA GLU A 597 -29.63 -38.92 43.70
C GLU A 597 -28.18 -38.43 43.65
N LEU A 598 -27.86 -37.53 42.71
CA LEU A 598 -26.50 -36.99 42.70
C LEU A 598 -26.23 -36.18 43.96
N THR A 599 -27.24 -35.46 44.44
CA THR A 599 -27.07 -34.67 45.65
C THR A 599 -26.71 -35.55 46.83
N GLU A 600 -27.46 -36.64 47.02
CA GLU A 600 -27.20 -37.51 48.17
C GLU A 600 -25.83 -38.16 48.06
N ALA A 601 -25.46 -38.60 46.85
CA ALA A 601 -24.19 -39.27 46.64
C ALA A 601 -23.01 -38.37 46.96
N TYR A 602 -23.08 -37.10 46.54
CA TYR A 602 -21.97 -36.18 46.73
C TYR A 602 -22.07 -35.42 48.04
N LYS A 603 -23.01 -35.80 48.92
CA LYS A 603 -23.34 -35.13 50.18
C LYS A 603 -22.10 -34.65 50.95
N ALA B 25 30.61 37.62 23.96
CA ALA B 25 31.24 38.75 23.31
C ALA B 25 32.20 38.36 22.18
N PRO B 26 33.19 37.51 22.48
CA PRO B 26 34.32 37.32 21.55
C PRO B 26 33.95 36.80 20.16
N GLN B 27 34.97 36.57 19.32
CA GLN B 27 34.81 36.33 17.88
C GLN B 27 34.97 34.84 17.57
N ILE B 28 33.86 34.17 17.30
CA ILE B 28 33.87 32.75 16.95
C ILE B 28 34.23 32.60 15.47
N MET B 29 35.35 31.94 15.18
CA MET B 29 35.75 31.76 13.80
C MET B 29 34.89 30.71 13.10
N ASN B 30 34.80 30.84 11.78
CA ASN B 30 34.26 29.81 10.89
C ASN B 30 32.95 29.24 11.40
N VAL B 31 31.93 30.12 11.46
CA VAL B 31 30.61 29.68 11.87
C VAL B 31 29.89 28.86 10.81
N SER B 32 30.46 28.76 9.60
CA SER B 32 29.91 27.90 8.56
C SER B 32 29.86 26.43 8.97
N ALA B 33 30.45 26.06 10.12
CA ALA B 33 30.58 24.67 10.51
C ALA B 33 30.09 24.41 11.95
N ARG B 34 29.33 25.32 12.52
CA ARG B 34 28.93 25.22 13.92
C ARG B 34 27.48 24.77 14.04
N GLN B 35 26.99 24.78 15.29
CA GLN B 35 25.65 24.34 15.61
C GLN B 35 24.63 25.36 15.12
N THR B 36 24.81 25.84 13.90
CA THR B 36 24.01 26.95 13.37
C THR B 36 22.53 26.60 13.38
N THR B 37 21.69 27.59 13.73
CA THR B 37 20.23 27.48 13.71
C THR B 37 19.69 28.84 13.26
N SER B 38 19.64 29.04 11.94
CA SER B 38 19.29 30.34 11.36
C SER B 38 18.01 30.87 11.98
N LEU B 39 17.96 32.20 12.17
CA LEU B 39 16.75 32.91 12.57
C LEU B 39 16.29 33.87 11.48
N ASP B 40 16.82 33.73 10.27
CA ASP B 40 16.43 34.58 9.16
C ASP B 40 14.93 34.48 8.89
N GLY B 41 14.48 35.26 7.92
CA GLY B 41 13.08 35.27 7.55
C GLY B 41 12.53 36.67 7.50
N GLN B 42 11.42 36.89 8.22
CA GLN B 42 10.73 38.17 8.31
C GLN B 42 10.37 38.44 9.76
N TRP B 43 10.70 39.64 10.24
CA TRP B 43 10.49 40.00 11.64
C TRP B 43 9.54 41.18 11.73
N LYS B 44 8.77 41.23 12.81
CA LYS B 44 8.04 42.45 13.10
C LYS B 44 9.04 43.61 13.26
N THR B 45 8.54 44.84 13.08
CA THR B 45 9.41 46.01 13.12
C THR B 45 8.57 47.23 13.40
N ILE B 46 9.18 48.21 14.07
CA ILE B 46 8.60 49.53 14.28
C ILE B 46 9.60 50.57 13.80
N VAL B 47 9.11 51.55 13.04
CA VAL B 47 9.92 52.66 12.56
C VAL B 47 9.76 53.81 13.55
N ASP B 48 10.87 54.37 14.01
CA ASP B 48 10.89 55.25 15.18
C ASP B 48 11.88 56.37 14.94
N PRO B 49 11.44 57.44 14.25
CA PRO B 49 12.39 58.52 13.94
C PRO B 49 12.81 59.32 15.16
N PHE B 50 11.90 59.63 16.07
CA PHE B 50 12.26 60.37 17.27
C PHE B 50 12.71 59.47 18.42
N GLU B 51 12.93 58.18 18.17
CA GLU B 51 13.37 57.25 19.20
C GLU B 51 12.41 57.23 20.40
N ASN B 52 11.10 57.30 20.12
CA ASN B 52 10.10 57.29 21.18
C ASN B 52 10.14 56.00 22.03
N GLY B 53 10.76 54.94 21.53
CA GLY B 53 10.85 53.69 22.27
C GLY B 53 12.16 53.50 22.99
N TYR B 54 12.80 54.61 23.37
CA TYR B 54 14.10 54.58 24.05
C TYR B 54 14.27 55.81 24.92
N TYR B 55 13.41 56.80 24.76
CA TYR B 55 13.45 58.04 25.52
C TYR B 55 12.03 58.51 25.78
N ASP B 56 11.86 59.38 26.76
CA ASP B 56 10.56 60.00 27.03
C ASP B 56 10.67 61.51 26.73
N TYR B 57 9.62 62.27 27.09
CA TYR B 57 9.66 63.67 26.67
C TYR B 57 10.70 64.50 27.40
N ARG B 58 11.52 63.91 28.27
CA ARG B 58 12.69 64.59 28.84
C ARG B 58 13.98 63.96 28.35
N LEU B 59 13.91 63.13 27.31
CA LEU B 59 15.07 62.47 26.73
C LEU B 59 15.81 61.63 27.75
N LYS B 60 15.05 60.90 28.57
CA LYS B 60 15.59 59.95 29.53
C LYS B 60 15.21 58.52 29.13
N PRO B 61 16.13 57.56 29.23
CA PRO B 61 15.73 56.16 29.08
C PRO B 61 14.66 55.82 30.11
N TYR B 62 13.77 54.88 29.75
CA TYR B 62 12.62 54.58 30.59
C TYR B 62 12.33 53.09 30.57
N ASP B 63 11.65 52.62 31.61
CA ASP B 63 11.14 51.26 31.67
C ASP B 63 9.76 51.24 31.04
N GLY B 64 9.52 50.24 30.20
CA GLY B 64 8.38 50.23 29.33
C GLY B 64 8.64 50.78 27.94
N GLY B 65 9.90 50.70 27.47
CA GLY B 65 10.22 51.01 26.09
C GLY B 65 10.02 49.81 25.20
N TYR B 66 10.17 50.04 23.90
CA TYR B 66 9.88 49.00 22.92
C TYR B 66 10.80 47.80 23.13
N ALA B 67 11.66 47.85 24.14
CA ALA B 67 12.48 46.70 24.46
C ALA B 67 11.70 45.62 25.18
N GLN B 68 10.66 46.00 25.93
CA GLN B 68 9.88 44.99 26.65
C GLN B 68 9.18 44.03 25.69
N ASP B 69 8.58 44.55 24.62
CA ASP B 69 7.88 43.73 23.63
C ASP B 69 6.52 43.32 24.17
N LYS B 70 5.87 44.20 24.90
CA LYS B 70 4.59 43.87 25.50
C LYS B 70 3.52 43.87 24.41
N THR B 71 3.18 42.68 23.90
CA THR B 71 2.02 42.50 23.04
C THR B 71 0.83 43.24 23.62
N TYR B 72 0.25 44.15 22.86
CA TYR B 72 -0.74 45.07 23.40
C TYR B 72 -2.11 44.39 23.43
N SER B 73 -2.36 43.66 24.52
CA SER B 73 -3.59 42.90 24.70
C SER B 73 -4.61 43.60 25.59
N ASP B 74 -4.19 43.97 26.79
CA ASP B 74 -5.10 44.56 27.77
C ASP B 74 -5.31 46.02 27.40
N LYS B 75 -6.37 46.29 26.64
CA LYS B 75 -6.71 47.64 26.18
C LYS B 75 -7.24 48.51 27.28
N THR B 76 -7.18 48.06 28.53
CA THR B 76 -7.50 48.93 29.67
C THR B 76 -6.28 49.71 30.12
N LYS B 77 -5.09 49.14 29.93
CA LYS B 77 -3.83 49.84 30.17
C LYS B 77 -3.40 50.58 28.91
N LEU B 78 -2.81 51.76 29.11
CA LEU B 78 -2.29 52.56 28.01
C LEU B 78 -0.93 52.02 27.56
N GLN B 79 -0.59 52.33 26.31
CA GLN B 79 0.61 51.83 25.64
C GLN B 79 0.61 52.41 24.25
N GLU B 80 1.78 52.65 23.66
CA GLU B 80 1.86 53.41 22.41
C GLU B 80 2.49 52.59 21.29
N TYR B 81 2.56 51.28 21.47
CA TYR B 81 3.10 50.41 20.44
C TYR B 81 2.45 49.05 20.56
N ASP B 82 2.83 48.15 19.65
CA ASP B 82 2.39 46.77 19.63
C ASP B 82 3.10 46.10 18.46
N PHE B 83 4.13 45.33 18.77
CA PHE B 83 4.85 44.61 17.73
C PHE B 83 3.99 43.58 17.01
N GLU B 84 2.83 43.22 17.55
CA GLU B 84 2.07 42.10 17.01
C GLU B 84 1.27 42.49 15.78
N THR B 85 0.64 43.67 15.81
CA THR B 85 -0.17 44.17 14.70
C THR B 85 0.60 45.17 13.83
N ASP B 86 1.91 45.00 13.68
CA ASP B 86 2.76 45.96 12.97
C ASP B 86 3.48 45.28 11.81
N LYS B 87 4.10 46.10 10.95
CA LYS B 87 4.60 45.66 9.66
C LYS B 87 5.79 44.72 9.82
N LEU B 88 6.15 44.06 8.72
CA LEU B 88 7.26 43.11 8.65
C LEU B 88 8.43 43.67 7.86
N LEU B 89 9.56 42.98 7.99
CA LEU B 89 10.75 43.31 7.24
C LEU B 89 11.57 42.04 7.06
N PHE B 90 12.21 41.88 5.90
CA PHE B 90 13.07 40.73 5.66
C PHE B 90 14.37 40.86 6.45
N VAL B 91 14.78 39.74 7.06
CA VAL B 91 16.11 39.61 7.68
C VAL B 91 16.80 38.40 7.07
N PRO B 92 18.01 38.53 6.54
CA PRO B 92 18.84 39.74 6.43
C PRO B 92 18.34 40.71 5.36
N GLY B 93 19.09 41.79 5.14
CA GLY B 93 18.75 42.75 4.11
C GLY B 93 18.57 44.17 4.59
N ASP B 94 19.04 45.10 3.77
CA ASP B 94 18.79 46.52 3.98
C ASP B 94 17.29 46.79 4.01
N TRP B 95 16.89 47.76 4.82
CA TRP B 95 15.49 48.18 4.82
C TRP B 95 15.16 49.16 3.70
N ASN B 96 16.17 49.73 3.02
CA ASN B 96 15.92 50.88 2.16
C ASN B 96 15.19 50.47 0.88
N THR B 97 15.52 49.30 0.31
CA THR B 97 14.88 48.79 -0.89
C THR B 97 13.65 47.93 -0.60
N GLN B 98 13.07 48.06 0.59
CA GLN B 98 11.96 47.20 1.02
C GLN B 98 10.64 47.93 1.19
N ARG B 99 10.67 49.24 1.37
CA ARG B 99 9.53 50.14 1.29
C ARG B 99 10.03 51.42 0.64
N PRO B 100 9.20 52.09 -0.15
CA PRO B 100 9.62 53.41 -0.62
C PRO B 100 9.88 54.38 0.52
N GLN B 101 9.16 54.26 1.63
CA GLN B 101 9.35 55.21 2.73
C GLN B 101 10.66 55.02 3.48
N LEU B 102 11.35 53.91 3.31
CA LEU B 102 12.64 53.70 3.96
C LEU B 102 13.80 53.88 2.99
N TYR B 103 13.52 54.41 1.80
CA TYR B 103 14.55 54.57 0.79
C TYR B 103 15.65 55.48 1.29
N TYR B 104 15.27 56.66 1.80
CA TYR B 104 16.19 57.65 2.34
C TYR B 104 16.37 57.55 3.86
N TYR B 105 15.71 56.60 4.51
CA TYR B 105 15.55 56.69 5.97
C TYR B 105 16.87 56.51 6.71
N GLU B 106 17.10 57.42 7.64
CA GLU B 106 18.23 57.37 8.54
C GLU B 106 17.67 57.50 9.94
N GLY B 107 18.02 56.56 10.81
CA GLY B 107 17.44 56.61 12.13
C GLY B 107 17.08 55.24 12.62
N THR B 108 16.15 55.20 13.57
CA THR B 108 15.87 54.00 14.36
C THR B 108 14.79 53.14 13.72
N VAL B 109 15.12 51.86 13.49
CA VAL B 109 14.15 50.83 13.16
C VAL B 109 14.28 49.71 14.19
N TRP B 110 13.21 49.47 14.94
CA TRP B 110 13.16 48.36 15.88
C TRP B 110 12.78 47.08 15.15
N TYR B 111 13.66 46.10 15.16
CA TYR B 111 13.29 44.75 14.77
C TYR B 111 12.78 43.97 15.98
N ARG B 112 12.23 42.79 15.73
CA ARG B 112 11.73 41.94 16.81
C ARG B 112 11.65 40.50 16.34
N LYS B 113 11.55 39.58 17.29
CA LYS B 113 11.61 38.17 16.93
C LYS B 113 11.23 37.28 18.12
N HIS B 114 10.22 36.46 17.94
CA HIS B 114 9.81 35.47 18.93
C HIS B 114 10.25 34.09 18.47
N PHE B 115 10.90 33.33 19.36
CA PHE B 115 11.31 31.98 19.01
C PHE B 115 11.31 31.10 20.26
N GLU B 116 11.56 29.81 20.03
CA GLU B 116 11.65 28.79 21.06
C GLU B 116 12.95 28.01 20.87
N TYR B 117 13.52 27.56 21.98
CA TYR B 117 14.76 26.80 21.90
C TYR B 117 14.88 25.84 23.08
N SER B 118 15.46 24.67 22.81
CA SER B 118 15.66 23.59 23.79
C SER B 118 17.17 23.35 23.93
N LEU B 119 17.80 24.11 24.81
CA LEU B 119 19.22 23.92 25.12
C LEU B 119 19.34 22.85 26.20
N GLN B 120 20.05 21.77 25.87
CA GLN B 120 19.99 20.94 27.07
C GLN B 120 21.14 21.26 28.00
N PRO B 121 20.85 21.33 29.31
CA PRO B 121 21.80 21.94 30.26
C PRO B 121 23.22 21.41 30.09
N GLY B 122 24.18 22.32 30.27
CA GLY B 122 25.57 22.03 30.01
C GLY B 122 26.05 22.47 28.65
N LYS B 123 25.15 22.92 27.77
CA LYS B 123 25.48 23.44 26.46
C LYS B 123 25.33 24.96 26.43
N ARG B 124 26.11 25.60 25.57
CA ARG B 124 26.13 27.06 25.47
C ARG B 124 25.47 27.56 24.19
N LEU B 125 24.71 28.64 24.32
CA LEU B 125 23.91 29.19 23.21
C LEU B 125 24.27 30.65 22.98
N PHE B 126 24.92 30.92 21.84
CA PHE B 126 25.35 32.25 21.44
C PHE B 126 24.32 32.89 20.49
N LEU B 127 24.66 34.09 20.00
CA LEU B 127 23.77 34.84 19.08
C LEU B 127 24.67 35.68 18.17
N ASN B 128 24.89 35.19 16.94
CA ASN B 128 25.84 35.80 16.00
C ASN B 128 25.10 36.65 14.96
N PHE B 129 25.42 37.95 14.94
CA PHE B 129 24.98 38.84 13.88
C PHE B 129 26.09 38.95 12.86
N GLY B 130 25.75 38.73 11.59
CA GLY B 130 26.74 38.92 10.54
C GLY B 130 27.14 40.38 10.36
N ALA B 131 26.22 41.30 10.68
CA ALA B 131 26.43 42.74 10.53
C ALA B 131 25.14 43.50 10.80
N VAL B 132 25.25 44.71 11.34
CA VAL B 132 24.11 45.59 11.62
C VAL B 132 24.58 47.03 11.55
N ASN B 133 23.85 47.87 10.83
CA ASN B 133 24.29 49.22 10.49
C ASN B 133 23.29 50.22 11.07
N TYR B 134 23.74 51.07 11.99
CA TYR B 134 25.14 51.19 12.41
C TYR B 134 25.32 50.87 13.89
N GLU B 135 24.48 51.44 14.76
CA GLU B 135 24.47 51.09 16.18
C GLU B 135 23.38 50.04 16.40
N ALA B 136 23.80 48.81 16.72
CA ALA B 136 22.88 47.74 17.11
C ALA B 136 22.81 47.67 18.62
N ILE B 137 21.59 47.58 19.15
CA ILE B 137 21.35 47.42 20.59
C ILE B 137 20.37 46.26 20.77
N VAL B 138 20.87 45.13 21.27
CA VAL B 138 20.08 43.91 21.40
C VAL B 138 19.46 43.82 22.80
N TRP B 139 18.44 42.97 22.95
CA TRP B 139 17.78 42.72 24.23
C TRP B 139 17.40 41.25 24.32
N LEU B 140 16.63 40.91 25.37
CA LEU B 140 16.10 39.57 25.57
C LEU B 140 15.06 39.57 26.69
N ASN B 141 13.80 39.37 26.34
CA ASN B 141 12.72 39.32 27.31
C ASN B 141 12.68 40.55 28.19
N GLY B 142 13.32 41.63 27.75
CA GLY B 142 13.39 42.86 28.48
C GLY B 142 14.70 43.12 29.19
N LYS B 143 15.83 42.66 28.64
CA LYS B 143 17.12 42.86 29.28
C LYS B 143 18.18 43.15 28.23
N ARG B 144 18.85 44.29 28.34
CA ARG B 144 19.92 44.62 27.40
C ARG B 144 20.98 43.53 27.42
N LEU B 145 21.55 43.23 26.26
CA LEU B 145 22.61 42.26 26.14
C LEU B 145 23.93 42.86 25.67
N GLY B 146 23.94 44.12 25.29
CA GLY B 146 25.13 44.73 24.74
C GLY B 146 24.77 45.75 23.68
N ARG B 147 25.79 46.14 22.91
CA ARG B 147 25.69 47.26 21.97
C ARG B 147 26.82 47.17 20.98
N HIS B 148 26.53 47.44 19.70
CA HIS B 148 27.53 47.35 18.64
C HIS B 148 27.44 48.52 17.69
N ILE B 149 28.61 49.01 17.27
CA ILE B 149 28.74 50.10 16.33
C ILE B 149 29.74 49.67 15.27
N GLY B 150 29.52 50.10 14.04
CA GLY B 150 30.25 49.54 12.91
C GLY B 150 29.35 48.54 12.21
N GLY B 151 28.95 48.85 10.98
CA GLY B 151 27.90 48.10 10.36
C GLY B 151 28.40 47.04 9.39
N PHE B 152 29.69 46.70 9.46
CA PHE B 152 30.22 45.73 8.51
C PHE B 152 31.05 44.65 9.18
N THR B 153 30.92 44.46 10.49
CA THR B 153 31.71 43.48 11.23
C THR B 153 30.81 42.62 12.12
N PRO B 154 31.07 41.31 12.16
CA PRO B 154 30.23 40.41 12.95
C PRO B 154 30.49 40.55 14.44
N PHE B 155 29.44 40.33 15.23
CA PHE B 155 29.56 40.42 16.67
C PHE B 155 28.62 39.41 17.33
N ASN B 156 29.06 38.87 18.48
CA ASN B 156 28.41 37.73 19.12
C ASN B 156 27.91 38.07 20.51
N PHE B 157 27.02 37.23 21.01
CA PHE B 157 26.53 37.26 22.39
C PHE B 157 26.46 35.83 22.93
N GLU B 158 26.14 35.72 24.22
CA GLU B 158 25.80 34.44 24.82
C GLU B 158 24.59 34.66 25.71
N ILE B 159 23.49 33.95 25.41
CA ILE B 159 22.24 34.12 26.13
C ILE B 159 21.94 32.88 26.95
N THR B 160 22.98 32.12 27.31
CA THR B 160 22.79 30.81 27.91
C THR B 160 21.86 30.85 29.10
N ASN B 161 21.93 31.89 29.93
CA ASN B 161 21.13 31.94 31.15
C ASN B 161 19.96 32.90 31.05
N LEU B 162 19.50 33.19 29.83
CA LEU B 162 18.39 34.10 29.62
C LEU B 162 17.20 33.45 28.91
N LEU B 163 17.41 32.35 28.17
CA LEU B 163 16.37 31.61 27.47
C LEU B 163 15.22 31.17 28.37
N LYS B 164 14.08 31.86 28.30
CA LYS B 164 12.87 31.31 28.87
C LYS B 164 12.54 29.98 28.20
N GLU B 165 11.76 29.14 28.88
CA GLU B 165 11.27 27.90 28.28
C GLU B 165 9.94 28.22 27.63
N GLY B 166 9.92 28.21 26.30
CA GLY B 166 8.77 28.66 25.55
C GLY B 166 9.16 29.73 24.54
N THR B 167 8.35 30.79 24.48
CA THR B 167 8.58 31.87 23.53
C THR B 167 9.60 32.86 24.10
N ASN B 168 10.61 33.19 23.28
CA ASN B 168 11.71 34.09 23.65
C ASN B 168 11.58 35.41 22.88
N SER B 169 11.33 36.50 23.61
CA SER B 169 11.15 37.84 23.04
C SER B 169 12.50 38.50 22.79
N LEU B 170 13.06 38.29 21.59
CA LEU B 170 14.28 38.97 21.15
C LEU B 170 13.93 40.31 20.48
N VAL B 171 14.77 41.32 20.74
CA VAL B 171 14.54 42.67 20.23
C VAL B 171 15.86 43.30 19.80
N VAL B 172 15.77 44.22 18.85
CA VAL B 172 16.94 44.90 18.34
C VAL B 172 16.57 46.33 17.98
N LYS B 173 17.27 47.30 18.55
CA LYS B 173 17.13 48.70 18.16
C LYS B 173 18.26 48.98 17.19
N VAL B 174 17.93 49.05 15.91
CA VAL B 174 18.91 49.40 14.90
C VAL B 174 18.83 50.89 14.64
N ASP B 175 19.95 51.47 14.23
CA ASP B 175 20.01 52.89 13.95
C ASP B 175 21.15 53.14 12.99
N ASN B 176 20.93 54.03 12.02
CA ASN B 176 21.91 54.31 10.99
C ASN B 176 22.11 55.80 10.76
N LYS B 177 21.69 56.64 11.72
CA LYS B 177 22.03 58.05 11.62
C LYS B 177 23.50 58.22 11.31
N ARG B 178 23.83 59.25 10.56
CA ARG B 178 25.21 59.54 10.24
C ARG B 178 25.83 60.32 11.39
N LEU B 179 27.07 59.96 11.74
CA LEU B 179 27.73 60.60 12.88
C LEU B 179 29.05 61.21 12.45
N PRO B 180 29.31 62.46 12.78
CA PRO B 180 30.65 63.01 12.53
C PRO B 180 31.74 62.11 13.12
N GLU B 181 31.60 61.69 14.37
CA GLU B 181 32.59 60.81 14.96
C GLU B 181 32.65 59.47 14.24
N ALA B 182 31.54 59.00 13.66
CA ALA B 182 31.40 57.62 13.26
C ALA B 182 32.49 57.22 12.25
N VAL B 183 32.56 55.92 11.99
CA VAL B 183 33.56 55.33 11.11
C VAL B 183 32.84 54.41 10.14
N PRO B 184 32.35 54.87 8.98
CA PRO B 184 32.54 56.12 8.23
C PRO B 184 31.78 57.33 8.80
N THR B 185 32.13 58.52 8.31
CA THR B 185 31.64 59.76 8.86
C THR B 185 30.45 60.26 8.01
N VAL B 186 30.05 61.53 8.19
CA VAL B 186 28.77 62.00 7.70
C VAL B 186 28.69 62.09 6.17
N ASN B 187 29.79 61.83 5.48
CA ASN B 187 29.83 61.97 4.03
C ASN B 187 30.58 60.79 3.43
N ALA B 188 30.04 60.24 2.34
CA ALA B 188 30.58 59.07 1.67
C ALA B 188 29.83 58.89 0.36
N ASP B 189 30.45 58.24 -0.61
CA ASP B 189 29.81 58.08 -1.92
C ASP B 189 29.09 56.75 -2.07
N TRP B 190 28.29 56.32 -1.09
CA TRP B 190 27.49 55.11 -1.27
C TRP B 190 26.30 55.19 -0.33
N TRP B 191 25.25 54.43 -0.68
CA TRP B 191 23.97 54.52 0.03
C TRP B 191 24.07 54.11 1.50
N ASN B 192 23.36 54.83 2.36
CA ASN B 192 23.29 54.51 3.79
C ASN B 192 22.22 53.44 4.03
N PHE B 193 22.54 52.23 3.58
CA PHE B 193 21.76 51.03 3.85
C PHE B 193 21.72 50.72 5.32
N GLY B 194 20.62 51.02 6.01
CA GLY B 194 20.45 50.59 7.38
C GLY B 194 19.90 49.17 7.49
N GLY B 195 19.80 48.71 8.75
CA GLY B 195 19.10 47.49 9.08
C GLY B 195 20.03 46.28 9.26
N ILE B 196 19.42 45.18 9.71
CA ILE B 196 20.13 43.92 9.89
C ILE B 196 20.44 43.33 8.51
N THR B 197 21.60 43.68 7.97
CA THR B 197 21.92 43.38 6.58
C THR B 197 22.57 42.03 6.39
N ARG B 198 22.76 41.27 7.46
CA ARG B 198 23.44 40.00 7.35
C ARG B 198 22.79 38.97 8.26
N PRO B 199 22.95 37.68 7.96
CA PRO B 199 22.22 36.62 8.69
C PRO B 199 22.38 36.69 10.22
N VAL B 200 21.25 36.50 10.90
CA VAL B 200 21.21 36.36 12.35
C VAL B 200 21.17 34.86 12.67
N THR B 201 22.35 34.28 12.87
CA THR B 201 22.48 32.87 13.20
C THR B 201 22.35 32.62 14.71
N LEU B 202 22.20 31.35 15.06
CA LEU B 202 22.29 30.88 16.44
C LEU B 202 23.36 29.78 16.49
N ILE B 203 24.10 29.74 17.59
CA ILE B 203 25.19 28.78 17.75
C ILE B 203 25.06 28.11 19.12
N GLU B 204 24.97 26.78 19.12
CA GLU B 204 25.03 26.01 20.35
C GLU B 204 26.44 25.48 20.53
N MET B 205 26.91 25.47 21.78
CA MET B 205 28.27 25.08 22.12
C MET B 205 28.28 24.31 23.42
N PRO B 206 29.29 23.45 23.62
CA PRO B 206 29.49 22.84 24.93
C PRO B 206 29.93 23.89 25.95
N ALA B 207 29.93 23.49 27.22
CA ALA B 207 30.38 24.39 28.29
C ALA B 207 31.86 24.75 28.17
N THR B 208 32.54 24.16 27.18
CA THR B 208 33.92 24.50 26.88
C THR B 208 34.16 24.09 25.43
N TYR B 209 34.31 25.06 24.55
CA TYR B 209 34.31 24.85 23.11
C TYR B 209 35.59 25.40 22.48
N ILE B 210 35.76 25.11 21.20
CA ILE B 210 36.79 25.75 20.39
C ILE B 210 36.27 27.11 19.94
N ARG B 211 37.10 28.16 20.10
CA ARG B 211 36.66 29.50 19.75
C ARG B 211 37.51 30.20 18.69
N ASP B 212 38.69 29.70 18.36
CA ASP B 212 39.45 30.33 17.28
C ASP B 212 40.63 29.44 16.93
N TYR B 213 41.25 29.75 15.80
CA TYR B 213 42.39 28.99 15.31
C TYR B 213 42.98 29.73 14.12
N TYR B 214 43.97 29.12 13.49
CA TYR B 214 44.71 29.75 12.41
C TYR B 214 45.64 28.71 11.80
N VAL B 215 45.63 28.56 10.48
CA VAL B 215 46.46 27.59 9.79
C VAL B 215 46.95 28.24 8.52
N GLN B 216 48.26 28.49 8.42
CA GLN B 216 48.77 29.18 7.25
C GLN B 216 50.23 28.82 7.01
N LEU B 217 50.62 28.87 5.75
CA LEU B 217 52.00 28.69 5.35
C LEU B 217 52.93 29.50 6.25
N ALA B 218 54.18 29.07 6.33
CA ALA B 218 55.24 29.87 6.92
C ALA B 218 55.57 31.04 5.99
N LYS B 219 55.86 32.19 6.60
CA LYS B 219 56.19 33.36 5.81
C LYS B 219 57.20 33.03 4.72
N ASP B 220 56.77 33.10 3.46
CA ASP B 220 57.65 32.99 2.29
C ASP B 220 58.17 31.58 2.02
N ASP B 221 58.03 30.67 2.98
CA ASP B 221 58.50 29.30 2.83
C ASP B 221 57.32 28.40 2.51
N LYS B 222 57.34 27.81 1.32
CA LYS B 222 56.28 26.93 0.85
C LYS B 222 56.42 25.51 1.40
N ASN B 223 57.07 25.36 2.56
CA ASN B 223 57.32 24.02 3.11
C ASN B 223 57.11 23.92 4.62
N MET B 224 56.84 25.01 5.33
CA MET B 224 56.46 24.97 6.74
C MET B 224 55.04 25.50 6.88
N ILE B 225 54.37 25.08 7.94
CA ILE B 225 53.03 25.55 8.29
C ILE B 225 53.10 26.18 9.67
N GLU B 226 52.71 27.46 9.78
CA GLU B 226 52.47 28.00 11.10
C GLU B 226 51.07 27.62 11.57
N GLY B 227 50.78 27.87 12.85
CA GLY B 227 49.45 27.58 13.35
C GLY B 227 49.31 28.06 14.78
N TRP B 228 48.08 27.93 15.29
CA TRP B 228 47.76 28.22 16.69
C TRP B 228 46.26 28.05 16.88
N VAL B 229 45.80 28.13 18.13
CA VAL B 229 44.39 27.86 18.41
C VAL B 229 44.00 28.32 19.81
N GLN B 230 42.78 28.82 19.98
CA GLN B 230 42.30 29.25 21.26
C GLN B 230 41.19 28.31 21.75
N LEU B 231 40.69 28.60 22.94
CA LEU B 231 39.62 27.82 23.56
C LEU B 231 39.02 28.67 24.66
N GLU B 232 37.78 28.34 25.02
CA GLU B 232 37.07 29.11 26.04
C GLU B 232 36.13 28.17 26.77
N GLY B 233 36.03 28.35 28.09
CA GLY B 233 35.22 27.48 28.94
C GLY B 233 36.02 26.91 30.11
N SER B 234 35.32 26.61 31.20
CA SER B 234 35.93 26.12 32.43
C SER B 234 37.09 25.16 32.16
N ASP B 235 36.84 24.07 31.43
CA ASP B 235 37.87 23.08 31.14
C ASP B 235 38.73 23.51 29.94
N LYS B 236 39.44 24.63 30.13
CA LYS B 236 40.32 25.14 29.08
C LYS B 236 41.51 24.24 28.79
N GLU B 237 41.71 23.19 29.59
CA GLU B 237 42.86 22.30 29.46
C GLU B 237 42.39 20.99 28.84
N GLN B 238 42.89 20.69 27.64
CA GLN B 238 42.40 19.56 26.86
C GLN B 238 43.47 19.14 25.84
N LYS B 239 43.24 17.99 25.22
CA LYS B 239 44.05 17.50 24.11
C LYS B 239 43.34 17.78 22.79
N ILE B 240 44.11 18.09 21.75
CA ILE B 240 43.54 18.54 20.48
C ILE B 240 44.38 18.01 19.32
N THR B 241 43.71 17.35 18.37
CA THR B 241 44.33 16.82 17.17
C THR B 241 44.06 17.77 16.00
N LEU B 242 44.88 17.64 14.96
CA LEU B 242 44.72 18.47 13.76
C LEU B 242 44.88 17.59 12.53
N ASP B 243 43.75 17.14 11.97
CA ASP B 243 43.75 16.30 10.80
C ASP B 243 43.80 17.15 9.53
N ILE B 244 44.73 16.82 8.64
CA ILE B 244 44.79 17.38 7.28
C ILE B 244 44.90 16.21 6.32
N PRO B 245 43.87 15.35 6.26
CA PRO B 245 44.00 14.06 5.57
C PRO B 245 44.69 14.12 4.22
N GLU B 246 44.18 14.95 3.31
CA GLU B 246 44.73 14.95 1.95
C GLU B 246 46.23 15.22 1.96
N LEU B 247 46.76 15.62 3.13
CA LEU B 247 48.20 15.75 3.34
C LEU B 247 48.73 14.70 4.31
N LYS B 248 47.90 13.73 4.71
CA LYS B 248 48.29 12.66 5.62
C LYS B 248 48.82 13.22 6.94
N VAL B 249 48.26 14.32 7.38
CA VAL B 249 48.73 15.05 8.56
C VAL B 249 47.80 14.79 9.72
N LYS B 250 48.37 14.45 10.87
CA LYS B 250 47.60 14.24 12.10
C LYS B 250 48.51 14.65 13.26
N LYS B 251 48.31 15.86 13.77
CA LYS B 251 49.13 16.40 14.84
C LYS B 251 48.29 16.72 16.05
N GLU B 252 48.82 16.38 17.21
CA GLU B 252 48.12 16.53 18.48
C GLU B 252 48.97 17.38 19.40
N VAL B 253 48.29 18.09 20.32
CA VAL B 253 48.92 19.10 21.14
C VAL B 253 48.03 19.35 22.36
N THR B 254 48.44 20.23 23.27
CA THR B 254 47.71 20.40 24.52
C THR B 254 47.70 21.87 24.92
N THR B 255 46.78 22.19 25.85
CA THR B 255 46.45 23.56 26.22
C THR B 255 46.80 23.82 27.69
N ASP B 256 47.08 25.10 27.98
CA ASP B 256 47.46 25.58 29.30
C ASP B 256 46.25 26.14 30.04
N ALA B 257 46.49 26.86 31.14
CA ALA B 257 45.39 27.46 31.87
C ALA B 257 44.67 28.52 31.05
N ASN B 258 45.30 29.05 30.01
CA ASN B 258 44.64 29.99 29.11
C ASN B 258 43.55 29.31 28.30
N GLY B 259 43.77 28.06 27.92
CA GLY B 259 43.11 27.47 26.79
C GLY B 259 43.86 27.64 25.49
N TYR B 260 45.10 28.14 25.54
CA TYR B 260 45.89 28.38 24.33
C TYR B 260 46.76 27.15 24.02
N ALA B 261 47.28 27.13 22.80
CA ALA B 261 48.16 26.05 22.36
C ALA B 261 48.65 26.31 20.94
N SER B 262 49.92 26.59 20.77
CA SER B 262 50.48 26.76 19.44
C SER B 262 51.04 25.43 18.95
N PHE B 263 51.54 25.44 17.72
CA PHE B 263 52.07 24.22 17.13
C PHE B 263 52.50 24.51 15.70
N LEU B 264 53.45 23.72 15.22
CA LEU B 264 53.96 23.87 13.88
C LEU B 264 54.06 22.51 13.20
N ILE B 265 53.95 22.53 11.87
CA ILE B 265 54.04 21.35 11.03
C ILE B 265 54.95 21.68 9.86
N LYS B 266 55.27 20.68 9.06
CA LYS B 266 56.08 20.87 7.87
C LYS B 266 55.52 19.97 6.77
N SER B 267 55.18 20.59 5.63
CA SER B 267 54.58 19.85 4.53
C SER B 267 55.03 20.49 3.23
N LYS B 268 54.47 20.01 2.12
CA LYS B 268 54.60 20.71 0.83
C LYS B 268 53.21 20.87 0.19
N PRO B 269 52.15 21.15 0.99
CA PRO B 269 50.78 21.12 0.44
C PRO B 269 50.64 21.86 -0.87
N ILE B 270 49.57 21.57 -1.61
CA ILE B 270 49.34 22.25 -2.88
C ILE B 270 48.93 23.70 -2.59
N LEU B 271 49.59 24.64 -3.26
CA LEU B 271 49.48 26.06 -2.94
C LEU B 271 48.27 26.68 -3.61
N TRP B 272 47.40 27.32 -2.81
CA TRP B 272 46.23 28.03 -3.32
C TRP B 272 46.63 28.95 -4.47
N THR B 273 45.72 29.10 -5.44
CA THR B 273 46.11 29.88 -6.60
C THR B 273 44.96 30.21 -7.53
N PRO B 274 44.89 31.45 -8.04
CA PRO B 274 43.78 31.79 -8.93
C PRO B 274 43.69 30.93 -10.19
N GLU B 275 44.81 30.34 -10.64
CA GLU B 275 44.73 29.42 -11.78
C GLU B 275 44.17 28.06 -11.39
N ASN B 276 44.25 27.68 -10.11
CA ASN B 276 43.39 26.66 -9.54
C ASN B 276 43.49 26.73 -8.02
N PRO B 277 42.50 27.33 -7.38
CA PRO B 277 42.60 27.58 -5.93
C PRO B 277 42.38 26.32 -5.13
N LYS B 278 43.47 25.61 -4.80
CA LYS B 278 43.33 24.36 -4.09
C LYS B 278 43.12 24.63 -2.60
N LEU B 279 42.05 24.11 -2.06
CA LEU B 279 41.82 24.11 -0.62
C LEU B 279 42.20 22.75 -0.06
N TYR B 280 41.94 22.55 1.24
CA TYR B 280 42.24 21.31 1.92
C TYR B 280 41.20 21.12 3.00
N ALA B 281 40.49 20.01 2.95
CA ALA B 281 39.64 19.66 4.08
C ALA B 281 40.51 19.56 5.32
N VAL B 282 40.25 20.43 6.30
CA VAL B 282 41.04 20.50 7.51
C VAL B 282 40.14 20.23 8.70
N ASN B 283 40.65 19.45 9.65
CA ASN B 283 39.85 18.96 10.76
C ASN B 283 40.52 19.33 12.07
N LEU B 284 39.72 19.77 13.03
CA LEU B 284 40.21 20.21 14.33
C LEU B 284 39.29 19.63 15.39
N ALA B 285 39.86 18.89 16.34
CA ALA B 285 39.08 18.20 17.34
C ALA B 285 39.75 18.32 18.70
N SER B 286 38.94 18.53 19.73
CA SER B 286 39.43 18.64 21.09
C SER B 286 38.80 17.54 21.96
N GLU B 287 39.00 17.66 23.27
CA GLU B 287 38.32 16.75 24.17
C GLU B 287 36.81 16.84 24.03
N THR B 288 36.28 18.07 23.94
CA THR B 288 34.83 18.28 23.97
C THR B 288 34.34 19.12 22.78
N ASP B 289 35.07 19.12 21.66
CA ASP B 289 34.63 19.92 20.52
C ASP B 289 35.48 19.63 19.29
N LYS B 290 34.91 19.89 18.12
CA LYS B 290 35.64 19.87 16.86
C LYS B 290 34.91 20.76 15.85
N VAL B 291 35.60 21.03 14.74
CA VAL B 291 35.09 21.78 13.60
C VAL B 291 35.94 21.40 12.39
N SER B 292 35.48 21.75 11.18
CA SER B 292 36.25 21.51 9.97
C SER B 292 36.24 22.77 9.10
N ASP B 293 37.05 22.76 8.04
CA ASP B 293 37.19 23.90 7.14
C ASP B 293 38.04 23.51 5.94
N GLU B 294 38.16 24.44 4.99
CA GLU B 294 38.87 24.23 3.72
C GLU B 294 39.84 25.38 3.50
N ILE B 295 41.10 25.18 3.90
CA ILE B 295 42.11 26.22 3.80
C ILE B 295 43.07 25.87 2.69
N GLY B 296 43.61 26.91 2.05
CA GLY B 296 44.69 26.78 1.11
C GLY B 296 45.93 27.47 1.64
N PHE B 297 47.01 27.37 0.87
CA PHE B 297 48.31 27.84 1.35
C PHE B 297 49.07 28.51 0.22
N ARG B 298 49.61 29.69 0.51
CA ARG B 298 50.35 30.44 -0.49
C ARG B 298 51.45 31.25 0.18
N THR B 299 52.44 31.62 -0.64
CA THR B 299 53.48 32.54 -0.22
C THR B 299 53.21 33.88 -0.88
N ILE B 300 53.08 34.92 -0.07
CA ILE B 300 52.85 36.28 -0.56
C ILE B 300 53.86 37.19 0.11
N ARG B 301 54.77 37.75 -0.69
CA ARG B 301 55.72 38.75 -0.23
C ARG B 301 55.97 39.70 -1.38
N THR B 302 56.69 40.78 -1.09
CA THR B 302 57.04 41.78 -2.09
C THR B 302 58.55 41.88 -2.22
N GLU B 303 59.05 41.88 -3.47
CA GLU B 303 60.48 42.04 -3.78
C GLU B 303 60.60 43.09 -4.87
N GLY B 304 60.50 44.35 -4.47
CA GLY B 304 60.71 45.45 -5.40
C GLY B 304 59.47 45.71 -6.22
N ILE B 305 59.68 45.87 -7.53
CA ILE B 305 58.63 46.28 -8.46
C ILE B 305 57.65 45.13 -8.72
N LYS B 306 57.89 43.99 -8.09
CA LYS B 306 57.17 42.77 -8.41
C LYS B 306 56.46 42.21 -7.18
N ILE B 307 55.31 41.60 -7.42
CA ILE B 307 54.54 40.91 -6.39
C ILE B 307 54.79 39.43 -6.54
N LEU B 308 54.97 38.76 -5.39
CA LEU B 308 55.37 37.36 -5.35
C LEU B 308 54.31 36.54 -4.62
N LEU B 309 53.44 35.91 -5.40
CA LEU B 309 52.58 34.86 -4.90
C LEU B 309 53.27 33.53 -5.18
N ASN B 310 53.33 32.68 -4.16
CA ASN B 310 53.98 31.38 -4.30
C ASN B 310 55.28 31.50 -5.06
N ASP B 311 56.10 32.50 -4.71
CA ASP B 311 57.37 32.74 -5.39
C ASP B 311 57.19 33.03 -6.88
N LYS B 312 56.01 33.49 -7.29
CA LYS B 312 55.71 33.75 -8.68
C LYS B 312 55.39 35.22 -8.91
N GLU B 313 55.77 35.73 -10.09
CA GLU B 313 55.63 37.13 -10.48
C GLU B 313 54.24 37.38 -11.01
N ILE B 314 53.31 37.68 -10.12
CA ILE B 314 51.92 37.84 -10.48
C ILE B 314 51.62 39.31 -10.75
N PHE B 315 50.57 39.55 -11.54
CA PHE B 315 50.00 40.87 -11.77
C PHE B 315 48.55 40.85 -11.29
N CYS B 316 48.22 41.69 -10.32
CA CYS B 316 46.84 41.78 -9.85
C CYS B 316 45.96 42.42 -10.93
N ARG B 317 45.26 41.58 -11.71
CA ARG B 317 44.26 42.03 -12.68
C ARG B 317 42.92 42.06 -11.98
N GLY B 318 42.57 43.22 -11.43
CA GLY B 318 41.49 43.33 -10.48
C GLY B 318 40.30 44.15 -10.97
N ILE B 319 39.30 44.20 -10.10
CA ILE B 319 38.12 45.03 -10.28
C ILE B 319 37.52 45.26 -8.91
N SER B 320 37.11 46.49 -8.64
CA SER B 320 36.52 46.77 -7.34
C SER B 320 35.03 46.39 -7.35
N ILE B 321 34.47 46.17 -6.17
CA ILE B 321 33.11 45.66 -6.04
C ILE B 321 32.53 46.11 -4.70
N HIS B 322 31.31 46.66 -4.75
CA HIS B 322 30.56 47.00 -3.56
C HIS B 322 29.71 45.81 -3.12
N GLU B 323 29.34 45.81 -1.84
CA GLU B 323 28.49 44.75 -1.29
C GLU B 323 27.03 44.99 -1.66
N GLU B 324 26.76 44.93 -2.98
CA GLU B 324 25.42 45.25 -3.48
C GLU B 324 24.99 44.27 -4.57
N THR B 325 23.72 43.86 -4.52
CA THR B 325 23.24 42.76 -5.36
C THR B 325 23.07 43.20 -6.81
N PRO B 326 23.20 42.26 -7.76
CA PRO B 326 22.81 42.55 -9.13
C PRO B 326 21.30 42.71 -9.27
N TYR B 327 20.91 43.42 -10.32
CA TYR B 327 19.50 43.55 -10.67
C TYR B 327 18.72 44.46 -9.72
N TYR B 328 18.69 44.16 -8.42
CA TYR B 328 17.86 44.97 -7.54
C TYR B 328 18.64 45.81 -6.55
N SER B 329 19.97 45.66 -6.50
CA SER B 329 20.86 46.59 -5.81
C SER B 329 20.48 46.81 -4.34
N GLY B 330 20.26 45.70 -3.62
CA GLY B 330 20.29 45.70 -2.18
C GLY B 330 21.63 45.19 -1.63
N ARG B 331 21.75 45.24 -0.32
CA ARG B 331 22.95 44.78 0.38
C ARG B 331 23.19 43.29 0.16
N ALA B 332 24.13 42.94 -0.70
CA ALA B 332 24.46 41.54 -0.94
C ALA B 332 24.79 40.84 0.39
N TYR B 333 24.61 39.52 0.41
CA TYR B 333 24.77 38.76 1.65
C TYR B 333 24.81 37.24 1.44
N SER B 334 24.41 36.76 0.27
CA SER B 334 24.29 35.33 0.06
C SER B 334 25.32 34.84 -0.96
N LYS B 335 25.46 33.53 -1.05
CA LYS B 335 26.40 32.96 -2.01
C LYS B 335 25.92 33.15 -3.43
N ASP B 336 24.61 33.11 -3.65
CA ASP B 336 24.04 33.49 -4.94
C ASP B 336 24.52 34.87 -5.37
N HIS B 337 24.32 35.88 -4.51
CA HIS B 337 24.85 37.21 -4.77
C HIS B 337 26.32 37.15 -5.14
N ALA B 338 27.12 36.45 -4.33
CA ALA B 338 28.55 36.42 -4.57
C ALA B 338 28.87 35.77 -5.90
N HIS B 339 28.24 34.62 -6.19
CA HIS B 339 28.60 33.90 -7.41
C HIS B 339 28.30 34.73 -8.65
N THR B 340 27.18 35.46 -8.65
CA THR B 340 26.82 36.25 -9.82
C THR B 340 27.85 37.34 -10.07
N LEU B 341 28.15 38.15 -9.05
CA LEU B 341 29.17 39.18 -9.17
C LEU B 341 30.51 38.62 -9.63
N LEU B 342 31.06 37.67 -8.87
CA LEU B 342 32.37 37.12 -9.22
C LEU B 342 32.38 36.52 -10.61
N SER B 343 31.23 36.01 -11.08
CA SER B 343 31.18 35.42 -12.40
C SER B 343 31.30 36.48 -13.49
N TRP B 344 30.85 37.71 -13.21
CA TRP B 344 31.18 38.81 -14.10
C TRP B 344 32.69 39.08 -14.08
N ALA B 345 33.25 39.26 -12.88
CA ALA B 345 34.70 39.42 -12.77
C ALA B 345 35.44 38.36 -13.59
N LYS B 346 34.97 37.11 -13.54
CA LYS B 346 35.65 36.05 -14.29
C LYS B 346 35.62 36.30 -15.79
N GLU B 347 34.47 36.64 -16.33
CA GLU B 347 34.38 36.94 -17.76
C GLU B 347 35.18 38.18 -18.10
N LEU B 348 35.37 39.05 -17.12
CA LEU B 348 36.14 40.29 -17.31
C LEU B 348 37.61 39.98 -17.54
N GLY B 349 38.18 39.09 -16.71
CA GLY B 349 39.55 38.65 -16.85
C GLY B 349 40.28 38.70 -15.53
N CYS B 350 39.51 38.74 -14.44
CA CYS B 350 40.02 39.16 -13.15
C CYS B 350 40.52 37.99 -12.32
N ASN B 351 41.74 38.14 -11.80
CA ASN B 351 42.29 37.25 -10.79
C ASN B 351 42.31 37.90 -9.41
N PHE B 352 41.88 39.16 -9.33
CA PHE B 352 41.85 39.91 -8.08
C PHE B 352 40.56 40.72 -8.07
N VAL B 353 39.93 40.79 -6.90
CA VAL B 353 38.74 41.61 -6.71
C VAL B 353 38.93 42.44 -5.46
N ARG B 354 38.68 43.75 -5.56
CA ARG B 354 38.76 44.62 -4.42
C ARG B 354 37.37 44.77 -3.81
N LEU B 355 37.27 44.50 -2.50
CA LEU B 355 36.00 44.55 -1.78
C LEU B 355 35.95 45.85 -0.97
N ALA B 356 35.50 46.91 -1.62
CA ALA B 356 35.33 48.20 -0.99
C ALA B 356 33.93 48.35 -0.43
N HIS B 357 33.78 49.20 0.58
CA HIS B 357 34.88 49.93 1.23
C HIS B 357 34.92 49.46 2.67
N TYR B 358 34.69 48.17 2.87
CA TYR B 358 34.52 47.66 4.22
C TYR B 358 34.60 46.14 4.22
N PRO B 359 34.33 45.50 5.35
CA PRO B 359 34.20 44.04 5.35
C PRO B 359 32.95 43.61 4.59
N HIS B 360 33.15 42.86 3.50
CA HIS B 360 32.06 42.13 2.88
C HIS B 360 31.71 40.90 3.73
N ASN B 361 30.47 40.44 3.61
CA ASN B 361 30.03 39.24 4.30
C ASN B 361 30.94 38.06 3.93
N GLU B 362 30.98 37.04 4.79
CA GLU B 362 31.93 35.94 4.58
C GLU B 362 31.69 35.19 3.28
N GLU B 363 30.42 35.06 2.86
CA GLU B 363 30.07 34.32 1.65
C GLU B 363 30.83 34.84 0.44
N MET B 364 30.90 36.17 0.30
CA MET B 364 31.65 36.76 -0.80
C MET B 364 33.07 36.21 -0.84
N VAL B 365 33.74 36.15 0.33
CA VAL B 365 35.16 35.84 0.36
C VAL B 365 35.40 34.36 0.07
N ARG B 366 34.62 33.48 0.71
CA ARG B 366 34.73 32.07 0.42
C ARG B 366 34.49 31.79 -1.05
N GLU B 367 33.48 32.46 -1.62
CA GLU B 367 33.17 32.24 -3.03
C GLU B 367 34.32 32.66 -3.92
N ALA B 368 34.99 33.76 -3.58
CA ALA B 368 36.21 34.12 -4.31
C ALA B 368 37.37 33.21 -3.92
N GLU B 369 37.38 32.74 -2.67
CA GLU B 369 38.33 31.73 -2.28
C GLU B 369 38.28 30.55 -3.23
N ARG B 370 37.08 30.02 -3.49
CA ARG B 370 36.97 28.80 -4.29
C ARG B 370 37.00 29.08 -5.78
N MET B 371 36.58 30.26 -6.21
CA MET B 371 36.57 30.52 -7.64
C MET B 371 37.96 30.83 -8.16
N GLY B 372 38.81 31.44 -7.35
CA GLY B 372 40.15 31.77 -7.78
C GLY B 372 40.37 33.27 -7.91
N PHE B 373 40.06 34.00 -6.84
CA PHE B 373 40.13 35.47 -6.84
C PHE B 373 40.91 35.94 -5.62
N LEU B 374 42.05 36.58 -5.86
CA LEU B 374 42.73 37.30 -4.80
C LEU B 374 41.85 38.46 -4.31
N VAL B 375 41.78 38.63 -3.00
CA VAL B 375 40.84 39.54 -2.37
C VAL B 375 41.59 40.69 -1.72
N TRP B 376 41.02 41.89 -1.81
CA TRP B 376 41.53 43.10 -1.16
C TRP B 376 40.54 43.44 -0.06
N SER B 377 40.83 43.04 1.18
CA SER B 377 39.94 43.40 2.26
C SER B 377 40.17 44.85 2.65
N GLU B 378 39.28 45.42 3.48
CA GLU B 378 39.30 46.87 3.66
C GLU B 378 38.31 47.34 4.71
N ILE B 379 38.61 48.47 5.36
CA ILE B 379 37.69 49.05 6.34
C ILE B 379 37.24 50.44 5.86
N PRO B 380 36.04 50.94 6.31
CA PRO B 380 35.52 52.23 5.84
C PRO B 380 36.12 53.44 6.56
N VAL B 381 37.45 53.51 6.59
CA VAL B 381 38.14 54.73 6.99
C VAL B 381 38.24 55.57 5.73
N TYR B 382 37.53 56.70 5.72
CA TYR B 382 37.04 57.30 4.48
C TYR B 382 36.84 58.80 4.68
N TRP B 383 37.55 59.62 3.91
CA TRP B 383 37.36 61.08 3.89
C TRP B 383 37.54 61.68 5.28
N THR B 384 36.61 62.48 5.78
CA THR B 384 36.85 63.39 6.89
C THR B 384 36.69 62.71 8.25
N ILE B 385 37.32 61.55 8.44
CA ILE B 385 37.30 60.94 9.76
C ILE B 385 37.83 61.95 10.79
N HIS B 386 37.35 61.83 12.02
CA HIS B 386 37.76 62.73 13.11
C HIS B 386 39.08 62.24 13.70
N TRP B 387 40.18 62.51 12.97
CA TRP B 387 41.47 61.93 13.32
C TRP B 387 41.83 62.14 14.79
N GLU B 388 41.37 63.23 15.40
CA GLU B 388 41.72 63.58 16.77
C GLU B 388 40.73 63.07 17.80
N ASN B 389 39.60 62.49 17.38
CA ASN B 389 38.70 61.83 18.32
C ASN B 389 39.33 60.49 18.69
N LYS B 390 39.61 60.28 19.98
CA LYS B 390 40.26 59.03 20.37
C LYS B 390 39.31 57.86 20.25
N ASP B 391 38.07 58.02 20.73
CA ASP B 391 37.02 57.03 20.48
C ASP B 391 36.96 56.63 19.00
N THR B 392 36.95 57.63 18.11
CA THR B 392 36.99 57.32 16.68
C THR B 392 38.20 56.46 16.33
N TYR B 393 39.23 56.44 17.19
CA TYR B 393 40.34 55.54 16.88
C TYR B 393 40.02 54.10 17.24
N GLN B 394 39.48 53.86 18.44
CA GLN B 394 39.18 52.49 18.81
C GLN B 394 38.23 51.86 17.83
N ASN B 395 37.05 52.47 17.66
CA ASN B 395 36.13 52.10 16.60
C ASN B 395 36.90 51.62 15.38
N ALA B 396 37.69 52.51 14.79
CA ALA B 396 38.43 52.14 13.59
C ALA B 396 39.38 50.98 13.84
N GLU B 397 39.88 50.84 15.07
CA GLU B 397 40.86 49.79 15.35
C GLU B 397 40.19 48.43 15.46
N GLN B 398 39.14 48.35 16.28
CA GLN B 398 38.28 47.17 16.31
C GLN B 398 38.02 46.70 14.89
N GLN B 399 37.24 47.45 14.13
CA GLN B 399 36.91 47.09 12.76
C GLN B 399 38.14 46.59 12.03
N LEU B 400 39.30 47.20 12.27
CA LEU B 400 40.54 46.64 11.74
C LEU B 400 40.83 45.27 12.35
N CYS B 401 40.61 45.12 13.65
CA CYS B 401 40.85 43.84 14.30
C CYS B 401 39.71 42.86 14.06
N ASP B 402 38.51 43.18 14.56
CA ASP B 402 37.30 42.40 14.29
C ASP B 402 37.32 41.85 12.87
N MET B 403 37.76 42.66 11.92
CA MET B 403 37.87 42.19 10.53
C MET B 403 38.76 40.95 10.46
N ILE B 404 40.05 41.10 10.80
CA ILE B 404 41.03 40.04 10.53
C ILE B 404 40.77 38.79 11.39
N ALA B 405 40.23 38.96 12.60
CA ALA B 405 39.83 37.85 13.45
C ALA B 405 38.91 36.85 12.74
N ARG B 406 38.53 37.14 11.49
CA ARG B 406 37.61 36.31 10.76
C ARG B 406 38.17 35.74 9.46
N ASP B 407 39.05 36.46 8.78
CA ASP B 407 39.56 36.03 7.50
C ASP B 407 41.05 35.73 7.52
N LYS B 408 41.68 35.64 8.69
CA LYS B 408 43.11 35.31 8.72
C LYS B 408 43.38 34.07 7.88
N ASN B 409 42.50 33.07 7.96
CA ASN B 409 42.70 31.83 7.24
C ASN B 409 42.37 31.95 5.75
N ARG B 410 41.47 32.86 5.36
CA ARG B 410 41.18 33.02 3.95
C ARG B 410 42.43 33.39 3.18
N CYS B 411 42.98 32.43 2.43
CA CYS B 411 44.31 32.53 1.85
C CYS B 411 44.35 33.32 0.56
N ASN B 412 43.20 33.82 0.09
CA ASN B 412 43.18 34.67 -1.08
C ASN B 412 43.31 36.16 -0.74
N ILE B 413 43.08 36.53 0.52
CA ILE B 413 43.31 37.89 0.99
C ILE B 413 44.81 38.14 1.02
N ILE B 414 45.31 38.99 0.12
CA ILE B 414 46.72 39.32 0.09
C ILE B 414 46.95 40.82 0.22
N ILE B 415 45.97 41.53 0.79
CA ILE B 415 46.12 42.95 1.13
C ILE B 415 45.12 43.29 2.22
N TRP B 416 45.54 44.12 3.16
CA TRP B 416 44.62 44.82 4.04
C TRP B 416 44.87 46.32 3.87
N SER B 417 43.80 47.07 3.59
CA SER B 417 43.90 48.51 3.39
C SER B 417 43.28 49.20 4.60
N ILE B 418 44.04 50.09 5.24
CA ILE B 418 43.55 50.73 6.46
C ILE B 418 42.86 52.05 6.18
N ALA B 419 42.90 52.55 4.95
CA ALA B 419 42.18 53.77 4.67
C ALA B 419 42.02 53.95 3.18
N ASN B 420 40.92 54.63 2.82
CA ASN B 420 40.64 55.09 1.47
C ASN B 420 41.21 56.50 1.29
N GLU B 421 40.87 57.16 0.20
CA GLU B 421 41.32 58.53 0.00
C GLU B 421 40.97 59.38 1.21
N THR B 422 41.98 60.02 1.79
CA THR B 422 41.84 60.84 2.97
C THR B 422 42.51 62.19 2.77
N PRO B 423 42.17 63.17 3.61
CA PRO B 423 42.84 64.47 3.52
C PRO B 423 44.21 64.39 4.17
N HIS B 424 45.25 64.78 3.43
CA HIS B 424 46.60 64.61 3.96
C HIS B 424 46.94 65.75 4.93
N SER B 425 46.70 65.49 6.21
CA SER B 425 47.17 66.31 7.31
C SER B 425 47.99 65.41 8.25
N LYS B 426 48.41 65.99 9.38
CA LYS B 426 49.25 65.27 10.33
C LYS B 426 48.42 64.43 11.31
N THR B 427 47.38 65.02 11.91
CA THR B 427 46.45 64.22 12.70
C THR B 427 46.03 62.96 11.94
N ARG B 428 45.94 63.06 10.62
CA ARG B 428 45.59 61.91 9.81
C ARG B 428 46.71 60.89 9.83
N LEU B 429 47.95 61.35 9.64
CA LEU B 429 49.09 60.44 9.62
C LEU B 429 49.26 59.71 10.95
N THR B 430 49.17 60.44 12.06
CA THR B 430 49.23 59.78 13.36
C THR B 430 48.19 58.69 13.47
N PHE B 431 46.91 59.07 13.37
CA PHE B 431 45.81 58.12 13.26
C PHE B 431 46.12 56.98 12.29
N LEU B 432 46.47 57.31 11.05
CA LEU B 432 46.62 56.30 10.02
C LEU B 432 47.93 55.54 10.09
N SER B 433 48.84 55.93 10.99
CA SER B 433 50.01 55.13 11.25
C SER B 433 49.81 54.20 12.43
N ASN B 434 49.21 54.69 13.50
CA ASN B 434 48.78 53.80 14.58
C ASN B 434 48.04 52.59 14.01
N LEU B 435 47.11 52.80 13.07
CA LEU B 435 46.32 51.72 12.49
C LEU B 435 47.21 50.73 11.73
N ALA B 436 47.96 51.22 10.74
CA ALA B 436 48.85 50.34 9.99
C ALA B 436 49.83 49.62 10.91
N ASN B 437 50.05 50.13 12.13
CA ASN B 437 50.83 49.43 13.13
C ASN B 437 50.03 48.28 13.71
N LYS B 438 48.96 48.61 14.43
CA LYS B 438 48.10 47.60 15.05
C LYS B 438 47.72 46.55 14.03
N ALA B 439 47.79 46.91 12.74
CA ALA B 439 47.56 45.92 11.69
C ALA B 439 48.71 44.92 11.63
N ARG B 440 49.91 45.41 11.33
CA ARG B 440 51.04 44.51 11.14
C ARG B 440 51.19 43.54 12.29
N SER B 441 51.02 44.03 13.52
CA SER B 441 51.14 43.14 14.69
C SER B 441 50.24 41.92 14.55
N LEU B 442 49.13 42.05 13.83
CA LEU B 442 48.15 40.99 13.76
C LEU B 442 48.41 40.01 12.63
N ASP B 443 49.13 40.42 11.60
CA ASP B 443 49.47 39.53 10.50
C ASP B 443 50.76 40.02 9.87
N SER B 444 51.61 39.06 9.49
CA SER B 444 52.96 39.34 9.07
C SER B 444 53.27 38.88 7.65
N VAL B 445 52.35 38.16 7.02
CA VAL B 445 52.58 37.69 5.65
C VAL B 445 52.04 38.68 4.64
N ARG B 446 50.79 39.14 4.83
CA ARG B 446 50.07 39.88 3.81
C ARG B 446 50.54 41.33 3.72
N LEU B 447 50.39 41.91 2.54
CA LEU B 447 50.72 43.31 2.33
C LEU B 447 49.74 44.24 3.05
N ILE B 448 50.21 45.45 3.38
CA ILE B 448 49.37 46.48 3.98
C ILE B 448 49.26 47.64 2.98
N GLY B 449 48.07 48.27 2.95
CA GLY B 449 47.75 49.24 1.92
C GLY B 449 46.95 50.41 2.45
N ALA B 450 46.91 51.45 1.63
CA ALA B 450 46.18 52.67 1.98
C ALA B 450 46.27 53.69 0.84
N ALA B 451 45.20 54.46 0.64
CA ALA B 451 45.17 55.48 -0.41
C ALA B 451 46.11 56.62 -0.03
N MET B 452 47.09 56.89 -0.90
CA MET B 452 48.19 57.79 -0.60
C MET B 452 48.03 59.11 -1.33
N GLU B 453 48.27 60.21 -0.61
CA GLU B 453 48.23 61.51 -1.27
C GLU B 453 49.20 61.52 -2.43
N LYS B 454 48.79 62.15 -3.54
CA LYS B 454 49.62 62.24 -4.71
C LYS B 454 50.14 63.68 -4.85
N GLU B 455 50.61 64.03 -6.05
CA GLU B 455 51.30 65.30 -6.26
C GLU B 455 51.84 65.41 -7.68
N GLU B 456 52.04 66.63 -8.16
CA GLU B 456 52.48 66.87 -9.54
C GLU B 456 53.93 67.36 -9.51
N VAL B 457 54.86 66.47 -9.83
CA VAL B 457 56.27 66.84 -9.88
C VAL B 457 56.49 67.96 -10.90
N GLN B 458 55.85 67.84 -12.04
CA GLN B 458 55.96 68.83 -13.11
C GLN B 458 54.74 68.66 -14.00
N PRO B 459 54.57 69.50 -15.02
CA PRO B 459 53.45 69.29 -15.94
C PRO B 459 53.49 67.87 -16.50
N GLY B 460 52.30 67.30 -16.68
CA GLY B 460 52.18 65.95 -17.23
C GLY B 460 52.83 64.85 -16.42
N VAL B 461 53.14 65.09 -15.15
CA VAL B 461 53.96 64.15 -14.41
C VAL B 461 53.56 64.19 -12.95
N LEU B 462 53.21 63.03 -12.39
CA LEU B 462 52.71 62.94 -11.03
C LEU B 462 53.33 61.74 -10.31
N THR B 463 53.11 61.71 -9.01
CA THR B 463 53.64 60.69 -8.12
C THR B 463 52.84 60.76 -6.84
N VAL B 464 53.12 59.86 -5.91
CA VAL B 464 52.58 59.95 -4.56
C VAL B 464 53.65 60.54 -3.66
N ASN B 465 53.24 61.43 -2.77
CA ASN B 465 54.17 62.03 -1.82
C ASN B 465 53.52 61.99 -0.44
N ASP B 466 53.33 60.78 0.04
CA ASP B 466 52.65 60.55 1.31
C ASP B 466 53.65 59.88 2.25
N PRO B 467 53.90 60.46 3.42
CA PRO B 467 54.76 59.78 4.39
C PRO B 467 54.21 58.45 4.86
N LEU B 468 52.90 58.21 4.74
CA LEU B 468 52.37 56.92 5.17
C LEU B 468 52.91 55.78 4.32
N GLY B 469 53.42 56.06 3.13
CA GLY B 469 53.94 55.04 2.26
C GLY B 469 55.18 54.34 2.75
N GLU B 470 55.59 54.64 3.98
CA GLU B 470 56.65 53.88 4.63
C GLU B 470 56.11 52.58 5.19
N LEU B 471 55.02 52.67 5.96
CA LEU B 471 54.44 51.52 6.65
C LEU B 471 53.57 50.66 5.75
N LEU B 472 53.62 50.87 4.43
CA LEU B 472 52.75 50.18 3.49
C LEU B 472 53.59 49.52 2.42
N ASP B 473 53.34 48.22 2.18
CA ASP B 473 54.19 47.41 1.30
C ASP B 473 53.96 47.68 -0.17
N ILE B 474 52.99 48.51 -0.55
CA ILE B 474 52.76 48.86 -1.93
C ILE B 474 52.51 50.36 -2.02
N ILE B 475 52.61 50.87 -3.25
CA ILE B 475 52.26 52.24 -3.58
C ILE B 475 50.81 52.27 -4.06
N SER B 476 49.87 52.27 -3.12
CA SER B 476 48.45 52.12 -3.42
C SER B 476 47.76 53.48 -3.39
N PHE B 477 47.11 53.85 -4.49
CA PHE B 477 46.45 55.15 -4.55
C PHE B 477 45.38 55.14 -5.65
N ASN B 478 44.47 56.13 -5.54
CA ASN B 478 43.35 56.30 -6.46
C ASN B 478 43.61 57.47 -7.40
N GLU B 479 43.24 57.30 -8.67
CA GLU B 479 43.31 58.38 -9.64
C GLU B 479 42.21 58.21 -10.67
N TYR B 480 41.58 59.33 -11.06
CA TYR B 480 40.48 59.35 -12.03
C TYR B 480 40.80 60.28 -13.18
N VAL B 481 42.04 60.24 -13.66
CA VAL B 481 42.36 60.98 -14.87
C VAL B 481 41.38 60.58 -15.95
N GLY B 482 40.94 61.57 -16.72
CA GLY B 482 39.99 61.35 -17.81
C GLY B 482 38.52 61.51 -17.43
N TRP B 483 38.18 61.44 -16.15
CA TRP B 483 36.81 61.64 -15.70
C TRP B 483 36.71 62.88 -14.81
N TYR B 484 37.29 62.82 -13.62
CA TYR B 484 37.36 64.00 -12.77
C TYR B 484 38.52 64.93 -13.16
N ASP B 485 39.58 64.39 -13.76
CA ASP B 485 40.77 65.17 -14.06
C ASP B 485 40.90 65.26 -15.59
N GLY B 486 40.22 66.24 -16.17
CA GLY B 486 40.26 66.43 -17.60
C GLY B 486 39.32 65.50 -18.35
N ASP B 487 39.38 65.62 -19.67
CA ASP B 487 38.60 64.81 -20.59
C ASP B 487 39.28 63.47 -20.81
N SER B 488 38.81 62.72 -21.81
CA SER B 488 39.43 61.43 -22.14
C SER B 488 40.88 61.62 -22.57
N GLU B 489 41.12 62.60 -23.45
CA GLU B 489 42.46 62.81 -24.02
C GLU B 489 43.54 63.02 -22.97
N LYS B 490 43.20 63.59 -21.81
CA LYS B 490 44.23 63.91 -20.82
C LYS B 490 44.97 62.68 -20.33
N CYS B 491 44.34 61.51 -20.40
CA CYS B 491 45.06 60.28 -20.07
C CYS B 491 46.30 60.12 -20.96
N ASP B 492 46.22 60.59 -22.20
CA ASP B 492 47.37 60.49 -23.10
C ASP B 492 48.54 61.32 -22.59
N ARG B 493 48.26 62.53 -22.14
CA ARG B 493 49.30 63.48 -21.73
C ARG B 493 49.47 63.53 -20.22
N VAL B 494 49.59 62.36 -19.59
CA VAL B 494 49.97 62.28 -18.17
C VAL B 494 50.92 61.10 -18.02
N ASN B 495 51.86 61.23 -17.08
CA ASN B 495 52.83 60.18 -16.86
C ASN B 495 53.22 60.14 -15.41
N TRP B 496 53.72 58.98 -14.98
CA TRP B 496 53.95 58.74 -13.57
C TRP B 496 55.39 58.31 -13.32
N THR B 497 55.91 58.74 -12.18
CA THR B 497 57.26 58.44 -11.74
C THR B 497 57.27 58.45 -10.23
N PHE B 498 58.04 57.55 -9.63
CA PHE B 498 58.08 57.41 -8.19
C PHE B 498 59.53 57.45 -7.73
N ASP B 499 59.71 57.53 -6.42
CA ASP B 499 61.04 57.39 -5.85
C ASP B 499 61.34 55.93 -5.54
N THR B 500 60.58 55.34 -4.61
CA THR B 500 60.78 53.94 -4.24
C THR B 500 60.45 53.02 -5.40
N GLN B 501 61.14 51.87 -5.42
CA GLN B 501 60.83 50.78 -6.34
C GLN B 501 59.89 49.75 -5.73
N LYS B 502 58.98 50.18 -4.84
CA LYS B 502 57.96 49.31 -4.28
C LYS B 502 56.89 49.02 -5.33
N PRO B 503 55.97 48.10 -5.05
CA PRO B 503 54.93 47.75 -6.04
C PRO B 503 53.81 48.79 -6.03
N VAL B 504 53.44 49.26 -7.23
CA VAL B 504 52.48 50.34 -7.38
C VAL B 504 51.14 49.78 -7.82
N PHE B 505 50.09 50.05 -7.02
CA PHE B 505 48.75 49.46 -7.20
C PHE B 505 47.71 50.57 -7.28
N ILE B 506 47.22 50.83 -8.48
CA ILE B 506 46.11 51.76 -8.69
C ILE B 506 44.82 51.04 -8.30
N SER B 507 44.25 51.43 -7.16
CA SER B 507 43.11 50.73 -6.58
C SER B 507 41.74 51.36 -6.94
N GLU B 508 41.71 52.41 -7.77
CA GLU B 508 40.45 52.98 -8.23
C GLU B 508 40.73 53.81 -9.46
N LEU B 509 39.81 53.77 -10.41
CA LEU B 509 39.90 54.57 -11.62
C LEU B 509 38.63 54.27 -12.42
N GLY B 510 38.40 55.05 -13.48
CA GLY B 510 37.26 54.83 -14.35
C GLY B 510 36.43 56.06 -14.71
N GLY B 511 35.16 55.84 -15.02
CA GLY B 511 34.24 56.93 -15.28
C GLY B 511 32.86 56.41 -15.61
N GLY B 512 31.88 57.32 -15.55
CA GLY B 512 30.48 56.93 -15.58
C GLY B 512 29.95 56.74 -16.99
N ALA B 513 29.00 55.81 -17.11
CA ALA B 513 28.25 55.62 -18.34
C ALA B 513 26.91 54.99 -17.98
N LEU B 514 25.92 55.16 -18.87
CA LEU B 514 24.63 54.50 -18.72
C LEU B 514 24.49 53.49 -19.83
N TYR B 515 24.18 52.24 -19.47
CA TYR B 515 24.03 51.22 -20.48
C TYR B 515 22.84 51.54 -21.39
N GLY B 516 23.03 51.36 -22.69
CA GLY B 516 22.00 51.61 -23.68
C GLY B 516 21.89 53.05 -24.14
N HIS B 517 22.73 53.93 -23.59
CA HIS B 517 22.75 55.35 -23.92
C HIS B 517 23.96 55.62 -24.80
N HIS B 518 23.71 55.87 -26.09
CA HIS B 518 24.77 55.97 -27.08
C HIS B 518 24.92 57.40 -27.63
N GLY B 519 26.12 57.71 -28.08
CA GLY B 519 26.39 58.98 -28.69
C GLY B 519 27.87 59.13 -29.01
N SER B 520 28.26 60.36 -29.30
CA SER B 520 29.64 60.64 -29.64
C SER B 520 30.55 60.22 -28.50
N PRO B 521 31.78 59.77 -28.81
CA PRO B 521 32.76 59.54 -27.75
C PRO B 521 33.08 60.78 -26.93
N LYS B 522 32.67 61.97 -27.38
CA LYS B 522 32.87 63.16 -26.57
C LYS B 522 31.78 63.36 -25.52
N GLU B 523 30.58 62.82 -25.72
CA GLU B 523 29.47 63.05 -24.81
C GLU B 523 29.64 62.19 -23.56
N ARG B 524 29.84 62.83 -22.42
CA ARG B 524 29.98 62.09 -21.17
C ARG B 524 28.71 61.30 -20.86
N PHE B 525 28.88 60.23 -20.07
CA PHE B 525 27.83 59.31 -19.65
C PHE B 525 27.31 58.45 -20.80
N THR B 526 27.74 58.71 -22.02
CA THR B 526 27.48 57.72 -23.06
C THR B 526 28.44 56.54 -22.91
N GLU B 527 28.02 55.40 -23.48
CA GLU B 527 28.90 54.24 -23.50
C GLU B 527 30.18 54.52 -24.29
N GLU B 528 30.09 55.32 -25.36
CA GLU B 528 31.26 55.62 -26.18
C GLU B 528 32.28 56.45 -25.41
N TYR B 529 31.84 57.48 -24.70
CA TYR B 529 32.80 58.23 -23.89
C TYR B 529 33.52 57.29 -22.93
N GLN B 530 32.79 56.37 -22.31
CA GLN B 530 33.44 55.49 -21.35
C GLN B 530 34.36 54.52 -22.07
N GLU B 531 34.06 54.20 -23.33
CA GLU B 531 34.93 53.35 -24.12
C GLU B 531 36.28 54.06 -24.30
N ASP B 532 36.27 55.16 -25.06
CA ASP B 532 37.45 55.99 -25.24
C ASP B 532 38.24 56.13 -23.95
N LEU B 533 37.57 56.65 -22.91
CA LEU B 533 38.24 56.79 -21.63
C LEU B 533 39.08 55.55 -21.33
N TYR B 534 38.51 54.37 -21.48
CA TYR B 534 39.24 53.18 -21.08
C TYR B 534 40.35 52.85 -22.08
N ILE B 535 40.13 53.12 -23.38
CA ILE B 535 41.15 52.90 -24.39
C ILE B 535 42.36 53.80 -24.14
N ARG B 536 42.18 55.12 -24.26
CA ARG B 536 43.26 56.04 -23.96
C ARG B 536 43.84 55.80 -22.57
N HIS B 537 43.01 55.44 -21.59
CA HIS B 537 43.49 55.35 -20.21
C HIS B 537 44.31 54.09 -19.98
N VAL B 538 43.92 52.97 -20.59
CA VAL B 538 44.72 51.75 -20.48
C VAL B 538 46.13 52.01 -20.99
N ASN B 539 46.24 52.56 -22.20
CA ASN B 539 47.51 53.02 -22.73
C ASN B 539 48.29 53.81 -21.68
N MET B 540 47.68 54.85 -21.12
CA MET B 540 48.35 55.57 -20.06
C MET B 540 48.90 54.63 -19.01
N LEU B 541 48.19 53.54 -18.71
CA LEU B 541 48.71 52.59 -17.74
C LEU B 541 49.81 51.70 -18.32
N LYS B 542 49.94 51.65 -19.65
CA LYS B 542 51.04 50.96 -20.32
C LYS B 542 52.30 51.85 -20.31
N ARG B 543 52.37 52.79 -19.37
CA ARG B 543 53.48 53.71 -19.26
C ARG B 543 53.82 53.97 -17.80
N ILE B 544 53.51 53.02 -16.92
CA ILE B 544 53.74 53.20 -15.50
C ILE B 544 54.98 52.44 -15.06
N PRO B 545 55.77 52.99 -14.14
CA PRO B 545 56.96 52.28 -13.63
C PRO B 545 56.55 51.21 -12.63
N GLY B 546 56.60 49.97 -13.07
CA GLY B 546 56.25 48.88 -12.18
C GLY B 546 54.78 48.90 -11.80
N LEU B 547 53.94 49.14 -12.80
CA LEU B 547 52.51 49.00 -12.61
C LEU B 547 52.22 47.55 -12.25
N ALA B 548 52.04 47.28 -10.96
CA ALA B 548 51.78 45.91 -10.52
C ALA B 548 50.37 45.45 -10.91
N GLY B 549 49.35 46.11 -10.36
CA GLY B 549 47.98 45.70 -10.59
C GLY B 549 47.04 46.88 -10.69
N THR B 550 45.75 46.57 -10.90
CA THR B 550 44.70 47.57 -11.11
C THR B 550 43.37 47.00 -10.69
N THR B 551 42.60 47.75 -9.88
CA THR B 551 41.24 47.38 -9.50
C THR B 551 40.27 48.50 -9.83
N PRO B 552 39.94 48.68 -11.11
CA PRO B 552 39.08 49.80 -11.51
C PRO B 552 37.78 49.95 -10.74
N TRP B 553 37.20 51.14 -10.91
CA TRP B 553 35.96 51.53 -10.25
C TRP B 553 34.93 51.66 -11.37
N ILE B 554 34.03 50.68 -11.48
CA ILE B 554 33.82 49.59 -10.53
C ILE B 554 33.13 48.47 -11.34
N LEU B 555 32.68 47.39 -10.69
CA LEU B 555 32.16 46.27 -11.48
C LEU B 555 30.73 46.53 -11.95
N LYS B 556 29.85 46.89 -11.02
CA LYS B 556 28.42 47.06 -11.25
C LYS B 556 28.00 48.43 -10.77
N ASP B 557 27.24 49.15 -11.59
CA ASP B 557 26.59 50.38 -11.12
C ASP B 557 26.02 50.16 -9.74
N PHE B 558 26.25 51.12 -8.84
CA PHE B 558 25.84 50.97 -7.45
C PHE B 558 25.21 52.26 -6.97
N ARG B 559 24.53 52.18 -5.82
CA ARG B 559 23.70 53.28 -5.34
C ARG B 559 24.53 54.29 -4.57
N SER B 560 24.37 55.58 -4.92
CA SER B 560 24.97 56.69 -4.20
C SER B 560 24.03 57.88 -4.09
N PRO B 561 23.87 58.43 -2.91
CA PRO B 561 23.08 59.66 -2.74
C PRO B 561 23.74 60.92 -3.29
N ARG B 562 24.74 60.75 -4.15
CA ARG B 562 25.51 61.87 -4.66
C ARG B 562 25.54 61.88 -6.18
N ARG B 563 24.61 61.16 -6.81
CA ARG B 563 24.57 61.03 -8.27
C ARG B 563 23.17 61.41 -8.73
N HIS B 564 22.99 62.69 -9.04
CA HIS B 564 21.67 63.27 -9.16
C HIS B 564 21.29 63.64 -10.59
N VAL B 565 22.07 63.22 -11.58
CA VAL B 565 21.67 63.48 -12.96
C VAL B 565 20.47 62.60 -13.27
N PRO B 566 19.33 63.19 -13.59
CA PRO B 566 18.12 62.40 -13.85
C PRO B 566 18.25 61.61 -15.14
N GLU B 567 17.62 60.44 -15.15
CA GLU B 567 17.60 59.59 -16.34
C GLU B 567 18.97 59.06 -16.71
N ILE B 568 20.03 59.57 -16.09
CA ILE B 568 21.39 59.08 -16.30
C ILE B 568 21.91 58.38 -15.06
N GLN B 569 21.84 59.05 -13.93
CA GLN B 569 22.34 58.52 -12.67
C GLN B 569 21.22 57.99 -11.78
N ASP B 570 20.20 58.82 -11.51
CA ASP B 570 19.09 58.46 -10.63
C ASP B 570 19.56 57.72 -9.37
N ASP B 571 20.43 58.39 -8.63
CA ASP B 571 20.89 57.87 -7.35
C ASP B 571 21.74 56.61 -7.52
N PHE B 572 22.41 56.50 -8.68
CA PHE B 572 23.36 55.43 -8.97
C PHE B 572 24.68 56.03 -9.45
N ASN B 573 25.77 55.64 -8.79
CA ASN B 573 27.07 55.77 -9.40
C ASN B 573 27.14 54.89 -10.64
N ARG B 574 27.51 55.49 -11.77
CA ARG B 574 27.45 54.83 -13.07
C ARG B 574 28.82 54.44 -13.58
N LYS B 575 29.81 54.40 -12.69
CA LYS B 575 31.16 54.05 -13.10
C LYS B 575 31.36 52.55 -13.31
N GLY B 576 30.36 51.72 -13.02
CA GLY B 576 30.50 50.30 -13.24
C GLY B 576 30.78 49.97 -14.69
N LEU B 577 31.46 48.85 -14.91
CA LEU B 577 31.62 48.32 -16.25
C LEU B 577 30.48 47.41 -16.64
N VAL B 578 29.65 47.03 -15.66
CA VAL B 578 28.43 46.28 -15.89
C VAL B 578 27.29 47.08 -15.30
N SER B 579 26.21 47.23 -16.07
CA SER B 579 25.03 47.90 -15.54
C SER B 579 24.56 47.23 -14.26
N ASP B 580 23.77 47.96 -13.49
CA ASP B 580 23.13 47.36 -12.32
C ASP B 580 22.20 46.22 -12.71
N LYS B 581 21.87 46.11 -13.99
CA LYS B 581 21.06 45.02 -14.53
C LYS B 581 21.90 43.98 -15.27
N GLY B 582 23.20 43.88 -14.94
CA GLY B 582 24.06 42.88 -15.54
C GLY B 582 24.39 43.08 -17.00
N GLN B 583 24.04 44.21 -17.60
CA GLN B 583 24.48 44.47 -18.96
C GLN B 583 25.92 44.96 -18.94
N LYS B 584 26.67 44.59 -19.98
CA LYS B 584 28.07 44.94 -20.09
C LYS B 584 28.25 46.07 -21.10
N LYS B 585 28.72 47.21 -20.60
CA LYS B 585 28.92 48.38 -21.44
C LYS B 585 30.15 48.18 -22.34
N LYS B 586 30.25 49.01 -23.38
CA LYS B 586 31.36 48.85 -24.33
C LYS B 586 32.73 48.88 -23.66
N ALA B 587 32.87 49.57 -22.53
CA ALA B 587 34.17 49.64 -21.87
C ALA B 587 34.53 48.37 -21.11
N PHE B 588 33.56 47.50 -20.84
CA PHE B 588 33.86 46.21 -20.23
C PHE B 588 34.83 45.41 -21.11
N PHE B 589 34.67 45.53 -22.42
CA PHE B 589 35.48 44.80 -23.39
C PHE B 589 36.78 45.50 -23.75
N VAL B 590 37.11 46.62 -23.12
CA VAL B 590 38.44 47.17 -23.24
C VAL B 590 39.30 46.75 -22.07
N LEU B 591 38.73 46.77 -20.87
CA LEU B 591 39.38 46.13 -19.74
C LEU B 591 39.54 44.63 -19.97
N GLN B 592 38.87 44.07 -20.98
CA GLN B 592 38.99 42.67 -21.34
C GLN B 592 40.15 42.43 -22.30
N LYS B 593 40.19 43.15 -23.42
CA LYS B 593 41.27 42.97 -24.38
C LYS B 593 42.62 43.12 -23.71
N TRP B 594 42.72 44.04 -22.74
CA TRP B 594 43.99 44.29 -22.07
C TRP B 594 44.28 43.20 -21.04
N TYR B 595 43.27 42.75 -20.29
CA TYR B 595 43.50 41.65 -19.37
C TYR B 595 43.85 40.36 -20.11
N LYS B 596 43.34 40.18 -21.33
CA LYS B 596 43.80 39.08 -22.17
C LYS B 596 45.28 39.26 -22.46
N GLU B 597 45.61 40.23 -23.31
CA GLU B 597 46.97 40.65 -23.62
C GLU B 597 47.90 40.44 -22.43
N LEU B 598 47.45 40.88 -21.25
CA LEU B 598 48.25 40.75 -20.04
C LEU B 598 48.51 39.28 -19.70
N THR B 599 47.44 38.53 -19.46
CA THR B 599 47.59 37.17 -18.95
C THR B 599 48.64 36.39 -19.74
N GLU B 600 48.61 36.51 -21.06
CA GLU B 600 49.69 35.95 -21.87
C GLU B 600 51.06 36.35 -21.32
N ALA B 601 51.37 37.64 -21.38
CA ALA B 601 52.71 38.12 -21.05
C ALA B 601 53.12 37.85 -19.61
N TYR B 602 52.29 37.15 -18.82
CA TYR B 602 52.59 36.95 -17.41
C TYR B 602 52.52 35.49 -16.97
N LYS B 603 52.48 34.54 -17.89
CA LYS B 603 52.21 33.15 -17.53
C LYS B 603 53.35 32.51 -16.73
N ALA C 25 -12.58 -27.54 -13.42
CA ALA C 25 -13.00 -27.99 -14.75
C ALA C 25 -12.14 -27.49 -15.94
N PRO C 26 -11.28 -26.49 -15.75
CA PRO C 26 -10.33 -26.13 -16.80
C PRO C 26 -9.02 -26.89 -16.63
N GLN C 27 -8.33 -27.08 -17.75
CA GLN C 27 -7.06 -27.78 -17.77
C GLN C 27 -6.06 -27.17 -16.78
N ILE C 28 -5.27 -28.03 -16.17
CA ILE C 28 -4.21 -27.63 -15.25
C ILE C 28 -2.87 -28.01 -15.88
N MET C 29 -2.00 -27.02 -16.08
CA MET C 29 -0.69 -27.23 -16.68
C MET C 29 0.25 -27.93 -15.70
N ASN C 30 0.89 -29.00 -16.16
CA ASN C 30 1.97 -29.62 -15.39
C ASN C 30 1.46 -30.22 -14.09
N VAL C 31 0.43 -31.07 -14.17
CA VAL C 31 -0.17 -31.69 -12.98
C VAL C 31 0.89 -32.38 -12.12
N SER C 32 1.86 -33.03 -12.74
CA SER C 32 2.83 -33.83 -11.97
C SER C 32 3.65 -32.98 -10.99
N ALA C 33 3.81 -31.70 -11.28
CA ALA C 33 4.57 -30.85 -10.38
C ALA C 33 3.72 -30.29 -9.23
N ARG C 34 2.43 -30.64 -9.16
CA ARG C 34 1.56 -30.02 -8.18
C ARG C 34 1.55 -30.85 -6.89
N GLN C 35 0.67 -30.47 -5.96
CA GLN C 35 0.47 -31.23 -4.72
C GLN C 35 -0.51 -32.36 -5.02
N THR C 36 0.03 -33.52 -5.36
CA THR C 36 -0.75 -34.63 -5.88
C THR C 36 -0.80 -35.80 -4.90
N THR C 37 -1.91 -36.54 -4.99
CA THR C 37 -2.15 -37.78 -4.28
C THR C 37 -2.78 -38.73 -5.29
N SER C 38 -2.15 -39.87 -5.52
CA SER C 38 -2.68 -40.84 -6.48
C SER C 38 -3.92 -41.54 -5.93
N LEU C 39 -4.86 -41.87 -6.82
CA LEU C 39 -5.98 -42.75 -6.48
C LEU C 39 -5.90 -44.08 -7.19
N ASP C 40 -4.73 -44.42 -7.74
CA ASP C 40 -4.62 -45.60 -8.59
C ASP C 40 -4.60 -46.86 -7.73
N GLY C 41 -4.59 -48.00 -8.39
CA GLY C 41 -4.57 -49.28 -7.72
C GLY C 41 -5.59 -50.22 -8.31
N GLN C 42 -6.45 -50.77 -7.46
CA GLN C 42 -7.53 -51.64 -7.92
C GLN C 42 -8.83 -51.13 -7.34
N TRP C 43 -9.84 -51.01 -8.21
CA TRP C 43 -11.14 -50.46 -7.88
C TRP C 43 -12.21 -51.52 -8.09
N LYS C 44 -13.32 -51.38 -7.36
CA LYS C 44 -14.47 -52.22 -7.61
C LYS C 44 -15.15 -51.82 -8.92
N THR C 45 -15.70 -52.81 -9.62
CA THR C 45 -16.19 -52.63 -10.99
C THR C 45 -17.49 -53.40 -11.18
N ILE C 46 -18.32 -52.90 -12.09
CA ILE C 46 -19.54 -53.58 -12.52
C ILE C 46 -19.64 -53.47 -14.04
N VAL C 47 -19.62 -54.61 -14.72
CA VAL C 47 -19.85 -54.64 -16.16
C VAL C 47 -21.36 -54.55 -16.40
N ASP C 48 -21.78 -53.59 -17.22
CA ASP C 48 -23.20 -53.22 -17.33
C ASP C 48 -23.57 -53.03 -18.80
N PRO C 49 -23.73 -54.13 -19.54
CA PRO C 49 -23.90 -54.04 -21.01
C PRO C 49 -25.13 -53.26 -21.43
N PHE C 50 -26.26 -53.45 -20.77
CA PHE C 50 -27.49 -52.73 -21.09
C PHE C 50 -27.64 -51.45 -20.27
N GLU C 51 -26.61 -51.03 -19.52
CA GLU C 51 -26.70 -49.81 -18.72
C GLU C 51 -27.89 -49.84 -17.75
N ASN C 52 -28.10 -50.99 -17.10
CA ASN C 52 -29.15 -51.08 -16.09
C ASN C 52 -28.92 -50.09 -14.96
N GLY C 53 -27.67 -49.70 -14.74
CA GLY C 53 -27.34 -48.83 -13.62
C GLY C 53 -27.58 -47.37 -13.86
N TYR C 54 -28.07 -47.03 -15.01
CA TYR C 54 -28.32 -45.66 -15.46
C TYR C 54 -29.75 -45.45 -15.90
N TYR C 55 -30.33 -46.38 -16.67
CA TYR C 55 -31.70 -46.29 -17.16
C TYR C 55 -32.56 -47.40 -16.57
N ASP C 56 -33.84 -47.11 -16.36
CA ASP C 56 -34.75 -48.14 -15.90
C ASP C 56 -35.36 -48.83 -17.13
N TYR C 57 -36.39 -49.64 -16.92
CA TYR C 57 -36.96 -50.34 -18.06
C TYR C 57 -37.80 -49.44 -18.96
N ARG C 58 -38.12 -48.21 -18.53
CA ARG C 58 -38.66 -47.21 -19.44
C ARG C 58 -37.58 -46.53 -20.27
N LEU C 59 -36.31 -46.77 -19.97
CA LEU C 59 -35.18 -46.17 -20.66
C LEU C 59 -35.00 -44.74 -20.20
N LYS C 60 -35.33 -44.48 -18.93
CA LYS C 60 -35.19 -43.17 -18.33
C LYS C 60 -34.26 -43.21 -17.11
N PRO C 61 -33.56 -42.11 -16.83
CA PRO C 61 -32.74 -42.05 -15.62
C PRO C 61 -33.57 -42.33 -14.38
N TYR C 62 -32.93 -42.87 -13.35
CA TYR C 62 -33.65 -43.14 -12.11
C TYR C 62 -32.72 -42.97 -10.92
N ASP C 63 -33.27 -42.45 -9.84
CA ASP C 63 -32.53 -42.37 -8.59
C ASP C 63 -32.26 -43.78 -8.10
N GLY C 64 -31.14 -43.96 -7.44
CA GLY C 64 -30.84 -45.32 -7.05
C GLY C 64 -30.15 -46.15 -8.10
N GLY C 65 -29.75 -45.54 -9.22
CA GLY C 65 -28.81 -46.19 -10.10
C GLY C 65 -27.47 -46.38 -9.41
N TYR C 66 -26.53 -46.99 -10.11
CA TYR C 66 -25.25 -47.35 -9.48
C TYR C 66 -24.43 -46.14 -9.05
N ALA C 67 -24.68 -44.95 -9.61
CA ALA C 67 -23.94 -43.78 -9.15
C ALA C 67 -24.01 -43.59 -7.63
N GLN C 68 -25.10 -44.06 -6.99
CA GLN C 68 -25.23 -43.83 -5.55
C GLN C 68 -24.27 -44.68 -4.74
N ASP C 69 -23.74 -45.77 -5.31
CA ASP C 69 -22.69 -46.55 -4.64
C ASP C 69 -23.16 -47.03 -3.26
N LYS C 70 -24.35 -47.64 -3.24
CA LYS C 70 -24.98 -48.06 -1.99
C LYS C 70 -24.58 -49.50 -1.65
N THR C 71 -23.76 -49.64 -0.61
CA THR C 71 -23.37 -50.96 -0.14
C THR C 71 -24.62 -51.73 0.27
N TYR C 72 -24.77 -52.94 -0.25
CA TYR C 72 -26.03 -53.68 -0.12
C TYR C 72 -25.99 -54.51 1.18
N SER C 73 -26.13 -53.80 2.30
CA SER C 73 -26.06 -54.47 3.60
C SER C 73 -27.42 -54.70 4.25
N ASP C 74 -28.43 -53.91 3.93
CA ASP C 74 -29.79 -54.21 4.38
C ASP C 74 -30.51 -55.00 3.31
N LYS C 75 -30.62 -56.31 3.51
CA LYS C 75 -31.25 -57.22 2.56
C LYS C 75 -32.76 -57.35 2.73
N THR C 76 -33.36 -56.57 3.63
CA THR C 76 -34.82 -56.43 3.65
C THR C 76 -35.32 -55.52 2.56
N LYS C 77 -34.43 -54.77 1.92
CA LYS C 77 -34.77 -53.97 0.76
C LYS C 77 -34.20 -54.61 -0.49
N LEU C 78 -34.69 -54.18 -1.63
CA LEU C 78 -34.32 -54.74 -2.92
C LEU C 78 -33.42 -53.78 -3.67
N GLN C 79 -32.27 -54.28 -4.12
CA GLN C 79 -31.47 -53.59 -5.14
C GLN C 79 -30.72 -54.66 -5.94
N GLU C 80 -30.18 -54.25 -7.09
CA GLU C 80 -29.73 -55.16 -8.13
C GLU C 80 -28.22 -55.17 -8.31
N TYR C 81 -27.46 -54.63 -7.37
CA TYR C 81 -26.02 -54.52 -7.53
C TYR C 81 -25.41 -54.29 -6.16
N ASP C 82 -24.08 -54.41 -6.11
CA ASP C 82 -23.33 -54.19 -4.89
C ASP C 82 -21.86 -54.04 -5.22
N PHE C 83 -21.38 -52.80 -5.39
CA PHE C 83 -19.95 -52.61 -5.62
C PHE C 83 -19.12 -53.38 -4.59
N GLU C 84 -19.60 -53.44 -3.35
CA GLU C 84 -18.74 -53.88 -2.26
C GLU C 84 -18.31 -55.33 -2.39
N THR C 85 -19.07 -56.16 -3.09
CA THR C 85 -18.70 -57.57 -3.24
C THR C 85 -18.38 -57.95 -4.68
N ASP C 86 -18.17 -56.98 -5.57
CA ASP C 86 -17.94 -57.28 -6.97
C ASP C 86 -16.43 -57.41 -7.26
N LYS C 87 -16.10 -57.56 -8.53
CA LYS C 87 -14.75 -57.80 -9.00
C LYS C 87 -13.94 -56.50 -9.12
N LEU C 88 -12.63 -56.66 -9.13
CA LEU C 88 -11.68 -55.56 -9.24
C LEU C 88 -11.27 -55.40 -10.69
N LEU C 89 -10.81 -54.19 -11.01
CA LEU C 89 -9.96 -53.94 -12.18
C LEU C 89 -8.83 -53.01 -11.75
N PHE C 90 -7.72 -53.10 -12.47
CA PHE C 90 -6.63 -52.16 -12.24
C PHE C 90 -6.92 -50.80 -12.87
N VAL C 91 -6.56 -49.75 -12.15
CA VAL C 91 -6.58 -48.38 -12.62
C VAL C 91 -5.19 -47.82 -12.36
N PRO C 92 -4.48 -47.32 -13.38
CA PRO C 92 -5.02 -47.21 -14.74
C PRO C 92 -4.86 -48.48 -15.60
N GLY C 93 -5.57 -48.52 -16.72
CA GLY C 93 -5.40 -49.59 -17.68
C GLY C 93 -6.65 -49.75 -18.52
N ASP C 94 -6.46 -50.37 -19.69
CA ASP C 94 -7.59 -50.89 -20.43
C ASP C 94 -8.19 -52.05 -19.64
N TRP C 95 -9.49 -52.27 -19.84
CA TRP C 95 -10.11 -53.48 -19.31
C TRP C 95 -9.92 -54.70 -20.20
N ASN C 96 -9.64 -54.51 -21.50
CA ASN C 96 -9.67 -55.63 -22.43
C ASN C 96 -8.65 -56.69 -22.09
N THR C 97 -7.42 -56.30 -21.71
CA THR C 97 -6.41 -57.32 -21.41
C THR C 97 -6.49 -57.86 -19.98
N GLN C 98 -7.43 -57.37 -19.14
CA GLN C 98 -7.46 -57.84 -17.76
C GLN C 98 -8.34 -59.06 -17.52
N ARG C 99 -9.30 -59.36 -18.40
CA ARG C 99 -10.19 -60.53 -18.30
C ARG C 99 -10.55 -61.02 -19.68
N PRO C 100 -10.52 -62.32 -19.90
CA PRO C 100 -10.99 -62.84 -21.20
C PRO C 100 -12.34 -62.30 -21.60
N GLN C 101 -13.29 -62.23 -20.66
CA GLN C 101 -14.64 -61.75 -20.96
C GLN C 101 -14.65 -60.32 -21.49
N LEU C 102 -13.60 -59.55 -21.25
CA LEU C 102 -13.62 -58.13 -21.58
C LEU C 102 -12.82 -57.80 -22.83
N TYR C 103 -12.08 -58.79 -23.36
CA TYR C 103 -11.32 -58.65 -24.59
C TYR C 103 -12.00 -57.80 -25.66
N TYR C 104 -13.21 -58.21 -26.10
CA TYR C 104 -13.94 -57.48 -27.14
C TYR C 104 -14.95 -56.48 -26.58
N TYR C 105 -15.03 -56.33 -25.27
CA TYR C 105 -16.18 -55.65 -24.68
C TYR C 105 -16.27 -54.22 -25.14
N GLU C 106 -17.45 -53.85 -25.62
CA GLU C 106 -17.74 -52.46 -25.92
C GLU C 106 -19.05 -52.14 -25.23
N GLY C 107 -19.03 -51.14 -24.36
CA GLY C 107 -20.17 -50.87 -23.52
C GLY C 107 -19.70 -50.24 -22.22
N THR C 108 -20.58 -50.32 -21.22
CA THR C 108 -20.34 -49.60 -19.98
C THR C 108 -19.73 -50.52 -18.94
N VAL C 109 -18.70 -50.01 -18.27
CA VAL C 109 -18.19 -50.57 -17.03
C VAL C 109 -18.21 -49.47 -15.97
N TRP C 110 -18.83 -49.76 -14.83
CA TRP C 110 -18.81 -48.87 -13.66
C TRP C 110 -17.56 -49.15 -12.84
N TYR C 111 -16.80 -48.08 -12.56
CA TYR C 111 -15.69 -48.12 -11.62
C TYR C 111 -16.06 -47.33 -10.36
N ARG C 112 -15.72 -47.88 -9.20
CA ARG C 112 -15.94 -47.22 -7.93
C ARG C 112 -14.66 -47.25 -7.09
N LYS C 113 -14.41 -46.13 -6.39
CA LYS C 113 -13.27 -45.96 -5.51
C LYS C 113 -13.70 -45.25 -4.23
N HIS C 114 -13.27 -45.75 -3.08
CA HIS C 114 -13.42 -45.05 -1.80
C HIS C 114 -12.09 -44.47 -1.36
N PHE C 115 -12.14 -43.23 -0.85
CA PHE C 115 -10.93 -42.55 -0.38
C PHE C 115 -11.30 -41.56 0.72
N GLU C 116 -10.28 -41.17 1.50
CA GLU C 116 -10.38 -40.12 2.51
C GLU C 116 -9.41 -38.99 2.17
N TYR C 117 -9.75 -37.77 2.58
CA TYR C 117 -8.89 -36.63 2.31
C TYR C 117 -9.22 -35.52 3.29
N SER C 118 -8.19 -34.87 3.81
CA SER C 118 -8.32 -33.76 4.74
C SER C 118 -7.96 -32.47 4.01
N LEU C 119 -8.94 -31.59 3.85
CA LEU C 119 -8.78 -30.33 3.12
C LEU C 119 -9.06 -29.17 4.07
N GLN C 120 -8.06 -28.35 4.32
CA GLN C 120 -8.25 -27.18 5.18
C GLN C 120 -9.04 -26.11 4.44
N PRO C 121 -9.99 -25.45 5.09
CA PRO C 121 -10.88 -24.53 4.39
C PRO C 121 -10.11 -23.38 3.76
N GLY C 122 -10.48 -23.05 2.53
CA GLY C 122 -9.67 -22.16 1.72
C GLY C 122 -8.86 -22.90 0.69
N LYS C 123 -8.34 -24.08 1.03
CA LYS C 123 -7.65 -24.87 0.03
C LYS C 123 -8.65 -25.51 -0.92
N ARG C 124 -8.19 -25.82 -2.13
CA ARG C 124 -9.03 -26.32 -3.21
C ARG C 124 -8.52 -27.67 -3.69
N LEU C 125 -9.46 -28.53 -4.11
CA LEU C 125 -9.14 -29.90 -4.48
C LEU C 125 -9.74 -30.23 -5.84
N PHE C 126 -8.92 -30.79 -6.71
CA PHE C 126 -9.34 -31.17 -8.06
C PHE C 126 -9.12 -32.65 -8.28
N LEU C 127 -9.97 -33.23 -9.11
CA LEU C 127 -9.86 -34.62 -9.55
C LEU C 127 -9.47 -34.60 -11.02
N ASN C 128 -8.32 -35.18 -11.34
CA ASN C 128 -7.76 -35.16 -12.69
C ASN C 128 -7.73 -36.57 -13.26
N PHE C 129 -8.31 -36.72 -14.43
CA PHE C 129 -8.18 -37.94 -15.21
C PHE C 129 -7.19 -37.68 -16.34
N GLY C 130 -6.13 -38.48 -16.41
CA GLY C 130 -5.24 -38.41 -17.55
C GLY C 130 -5.96 -38.79 -18.84
N ALA C 131 -6.84 -39.79 -18.77
CA ALA C 131 -7.65 -40.20 -19.92
C ALA C 131 -8.67 -41.28 -19.55
N VAL C 132 -9.83 -41.24 -20.21
CA VAL C 132 -10.84 -42.29 -20.12
C VAL C 132 -11.44 -42.47 -21.50
N ASN C 133 -11.39 -43.70 -22.02
CA ASN C 133 -11.99 -44.02 -23.30
C ASN C 133 -13.28 -44.80 -23.05
N TYR C 134 -14.41 -44.26 -23.51
CA TYR C 134 -14.48 -43.10 -24.38
C TYR C 134 -15.31 -41.97 -23.75
N GLU C 135 -16.50 -42.31 -23.25
CA GLU C 135 -17.33 -41.41 -22.46
C GLU C 135 -17.18 -41.75 -20.97
N ALA C 136 -16.91 -40.72 -20.18
CA ALA C 136 -16.88 -40.87 -18.73
C ALA C 136 -17.96 -39.99 -18.15
N ILE C 137 -18.69 -40.51 -17.18
CA ILE C 137 -19.58 -39.73 -16.33
C ILE C 137 -19.17 -39.98 -14.88
N VAL C 138 -19.03 -38.92 -14.10
CA VAL C 138 -18.32 -38.96 -12.83
C VAL C 138 -19.25 -38.46 -11.73
N TRP C 139 -19.30 -39.20 -10.62
CA TRP C 139 -20.04 -38.78 -9.44
C TRP C 139 -19.10 -38.84 -8.25
N LEU C 140 -19.25 -37.86 -7.35
CA LEU C 140 -18.63 -37.89 -6.03
C LEU C 140 -19.73 -37.89 -4.98
N ASN C 141 -19.66 -38.84 -4.05
CA ASN C 141 -20.66 -38.95 -3.01
C ASN C 141 -22.07 -38.82 -3.58
N GLY C 142 -22.33 -39.47 -4.71
CA GLY C 142 -23.68 -39.52 -5.26
C GLY C 142 -24.09 -38.31 -6.04
N LYS C 143 -23.21 -37.35 -6.26
CA LYS C 143 -23.54 -36.10 -6.93
C LYS C 143 -22.76 -36.02 -8.23
N ARG C 144 -23.47 -35.74 -9.33
CA ARG C 144 -22.83 -35.72 -10.64
C ARG C 144 -21.86 -34.56 -10.74
N LEU C 145 -20.63 -34.86 -11.16
CA LEU C 145 -19.61 -33.83 -11.36
C LEU C 145 -19.57 -33.32 -12.80
N GLY C 146 -19.89 -34.16 -13.77
CA GLY C 146 -19.76 -33.76 -15.16
C GLY C 146 -19.53 -34.95 -16.06
N ARG C 147 -19.24 -34.63 -17.32
CA ARG C 147 -19.16 -35.62 -18.38
C ARG C 147 -18.03 -35.27 -19.34
N HIS C 148 -17.37 -36.29 -19.86
CA HIS C 148 -16.29 -36.09 -20.82
C HIS C 148 -16.46 -37.05 -21.99
N ILE C 149 -16.10 -36.58 -23.19
CA ILE C 149 -15.96 -37.43 -24.38
C ILE C 149 -14.58 -37.19 -24.96
N GLY C 150 -14.09 -38.19 -25.69
CA GLY C 150 -12.74 -38.17 -26.23
C GLY C 150 -11.81 -38.94 -25.30
N GLY C 151 -11.25 -40.04 -25.79
CA GLY C 151 -10.63 -41.04 -24.94
C GLY C 151 -9.15 -40.88 -24.68
N PHE C 152 -8.56 -39.73 -25.01
CA PHE C 152 -7.12 -39.61 -24.99
C PHE C 152 -6.67 -38.25 -24.47
N THR C 153 -7.58 -37.46 -23.91
CA THR C 153 -7.25 -36.13 -23.44
C THR C 153 -7.67 -35.97 -21.98
N PRO C 154 -6.89 -35.28 -21.16
CA PRO C 154 -7.22 -35.16 -19.73
C PRO C 154 -8.43 -34.28 -19.47
N PHE C 155 -8.96 -34.39 -18.25
CA PHE C 155 -10.03 -33.50 -17.82
C PHE C 155 -10.09 -33.49 -16.30
N ASN C 156 -10.55 -32.37 -15.74
CA ASN C 156 -10.54 -32.11 -14.30
C ASN C 156 -11.94 -31.80 -13.80
N PHE C 157 -12.20 -32.18 -12.56
CA PHE C 157 -13.34 -31.63 -11.83
C PHE C 157 -12.82 -31.06 -10.52
N GLU C 158 -13.41 -29.97 -10.08
CA GLU C 158 -13.13 -29.41 -8.76
C GLU C 158 -14.10 -30.04 -7.76
N ILE C 159 -13.58 -30.63 -6.69
CA ILE C 159 -14.40 -31.29 -5.70
C ILE C 159 -14.25 -30.64 -4.32
N THR C 160 -13.71 -29.41 -4.31
CA THR C 160 -13.52 -28.64 -3.07
C THR C 160 -14.75 -28.62 -2.17
N ASN C 161 -15.92 -28.36 -2.74
CA ASN C 161 -17.14 -28.17 -1.96
C ASN C 161 -17.91 -29.47 -1.74
N LEU C 162 -17.53 -30.56 -2.40
CA LEU C 162 -18.25 -31.82 -2.33
C LEU C 162 -17.54 -32.85 -1.47
N LEU C 163 -16.32 -32.58 -1.07
CA LEU C 163 -15.59 -33.49 -0.20
C LEU C 163 -16.32 -33.59 1.14
N LYS C 164 -16.45 -34.81 1.66
CA LYS C 164 -16.96 -35.03 3.00
C LYS C 164 -15.89 -35.65 3.89
N GLU C 165 -16.12 -35.57 5.21
CA GLU C 165 -15.25 -36.20 6.19
C GLU C 165 -15.53 -37.69 6.23
N GLY C 166 -14.52 -38.47 6.60
CA GLY C 166 -14.69 -39.91 6.50
C GLY C 166 -14.64 -40.39 5.05
N THR C 167 -15.40 -41.44 4.75
CA THR C 167 -15.36 -42.11 3.46
C THR C 167 -16.00 -41.27 2.36
N ASN C 168 -15.25 -41.04 1.28
CA ASN C 168 -15.79 -40.46 0.06
C ASN C 168 -15.95 -41.53 -1.02
N SER C 169 -17.00 -41.38 -1.82
CA SER C 169 -17.30 -42.34 -2.89
C SER C 169 -17.12 -41.66 -4.24
N LEU C 170 -16.19 -42.19 -5.03
CA LEU C 170 -15.98 -41.78 -6.42
C LEU C 170 -16.48 -42.87 -7.36
N VAL C 171 -17.42 -42.54 -8.23
CA VAL C 171 -18.00 -43.47 -9.19
C VAL C 171 -17.82 -42.92 -10.59
N VAL C 172 -17.33 -43.76 -11.50
CA VAL C 172 -17.09 -43.37 -12.87
C VAL C 172 -17.75 -44.39 -13.76
N LYS C 173 -18.79 -43.96 -14.49
CA LYS C 173 -19.38 -44.74 -15.59
C LYS C 173 -18.53 -44.54 -16.84
N VAL C 174 -17.92 -45.61 -17.32
CA VAL C 174 -17.07 -45.59 -18.50
C VAL C 174 -17.75 -46.37 -19.62
N ASP C 175 -17.85 -45.76 -20.80
CA ASP C 175 -18.43 -46.43 -21.96
C ASP C 175 -17.57 -46.19 -23.20
N ASN C 176 -17.27 -47.26 -23.93
CA ASN C 176 -16.48 -47.16 -25.16
C ASN C 176 -17.24 -47.68 -26.39
N LYS C 177 -18.57 -47.63 -26.37
CA LYS C 177 -19.34 -47.98 -27.55
C LYS C 177 -18.87 -47.12 -28.72
N ARG C 178 -18.74 -47.73 -29.90
CA ARG C 178 -18.44 -46.97 -31.11
C ARG C 178 -19.67 -46.18 -31.55
N LEU C 179 -19.46 -44.92 -31.89
CA LEU C 179 -20.52 -43.97 -32.19
C LEU C 179 -20.25 -43.36 -33.55
N PRO C 180 -21.18 -43.45 -34.49
CA PRO C 180 -20.95 -42.90 -35.83
C PRO C 180 -20.42 -41.47 -35.80
N GLU C 181 -20.94 -40.64 -34.90
CA GLU C 181 -20.59 -39.22 -34.81
C GLU C 181 -19.38 -38.92 -33.91
N ALA C 182 -18.71 -39.94 -33.40
CA ALA C 182 -17.59 -39.73 -32.49
C ALA C 182 -16.30 -39.47 -33.25
N VAL C 183 -15.28 -39.10 -32.47
CA VAL C 183 -13.93 -38.85 -32.93
C VAL C 183 -12.97 -39.71 -32.11
N PRO C 184 -12.58 -40.90 -32.60
CA PRO C 184 -12.84 -41.54 -33.89
C PRO C 184 -14.24 -42.13 -34.04
N THR C 185 -14.57 -42.66 -35.22
CA THR C 185 -15.92 -43.12 -35.55
C THR C 185 -15.97 -44.65 -35.50
N VAL C 186 -16.96 -45.26 -36.16
CA VAL C 186 -17.24 -46.68 -35.96
C VAL C 186 -16.19 -47.59 -36.60
N ASN C 187 -15.18 -47.02 -37.25
CA ASN C 187 -14.20 -47.86 -37.94
C ASN C 187 -12.82 -47.26 -37.78
N ALA C 188 -11.85 -48.12 -37.51
CA ALA C 188 -10.46 -47.75 -37.27
C ALA C 188 -9.63 -49.03 -37.17
N ASP C 189 -8.32 -48.88 -37.32
CA ASP C 189 -7.44 -50.04 -37.39
C ASP C 189 -6.63 -50.26 -36.10
N TRP C 190 -7.27 -50.08 -34.93
CA TRP C 190 -6.61 -50.35 -33.66
C TRP C 190 -7.67 -50.77 -32.65
N TRP C 191 -7.21 -51.41 -31.57
CA TRP C 191 -8.13 -52.02 -30.63
C TRP C 191 -8.95 -50.95 -29.88
N ASN C 192 -10.21 -51.26 -29.63
CA ASN C 192 -11.08 -50.37 -28.86
C ASN C 192 -10.87 -50.68 -27.37
N PHE C 193 -9.84 -50.06 -26.82
CA PHE C 193 -9.46 -50.21 -25.41
C PHE C 193 -10.36 -49.33 -24.54
N GLY C 194 -11.26 -49.95 -23.74
CA GLY C 194 -12.09 -49.18 -22.83
C GLY C 194 -11.45 -49.01 -21.45
N GLY C 195 -11.88 -47.98 -20.73
CA GLY C 195 -11.60 -47.91 -19.30
C GLY C 195 -10.85 -46.66 -18.88
N ILE C 196 -10.43 -46.65 -17.62
CA ILE C 196 -9.67 -45.53 -17.04
C ILE C 196 -8.21 -45.81 -17.37
N THR C 197 -7.78 -45.34 -18.53
CA THR C 197 -6.59 -45.83 -19.16
C THR C 197 -5.33 -45.10 -18.71
N ARG C 198 -5.47 -44.00 -17.99
CA ARG C 198 -4.34 -43.23 -17.49
C ARG C 198 -4.56 -42.90 -16.02
N PRO C 199 -3.49 -42.57 -15.30
CA PRO C 199 -3.60 -42.37 -13.84
C PRO C 199 -4.69 -41.38 -13.46
N VAL C 200 -5.26 -41.60 -12.27
CA VAL C 200 -6.27 -40.72 -11.68
C VAL C 200 -5.65 -40.02 -10.47
N THR C 201 -5.74 -38.68 -10.44
CA THR C 201 -4.89 -37.91 -9.52
C THR C 201 -5.70 -36.83 -8.83
N LEU C 202 -5.55 -36.73 -7.50
CA LEU C 202 -6.03 -35.58 -6.75
C LEU C 202 -4.97 -34.49 -6.74
N ILE C 203 -5.41 -33.23 -6.82
CA ILE C 203 -4.54 -32.07 -6.84
C ILE C 203 -5.07 -31.05 -5.83
N GLU C 204 -4.23 -30.66 -4.87
CA GLU C 204 -4.58 -29.60 -3.94
C GLU C 204 -3.94 -28.29 -4.40
N MET C 205 -4.73 -27.21 -4.37
CA MET C 205 -4.33 -25.89 -4.83
C MET C 205 -4.65 -24.85 -3.75
N PRO C 206 -3.86 -23.78 -3.69
CA PRO C 206 -4.28 -22.61 -2.91
C PRO C 206 -5.49 -21.95 -3.57
N ALA C 207 -6.17 -21.10 -2.79
CA ALA C 207 -7.42 -20.50 -3.24
C ALA C 207 -7.28 -19.78 -4.58
N THR C 208 -6.13 -19.18 -4.83
CA THR C 208 -5.78 -18.64 -6.14
C THR C 208 -4.45 -19.26 -6.56
N TYR C 209 -4.44 -19.93 -7.71
CA TYR C 209 -3.28 -20.72 -8.11
C TYR C 209 -2.86 -20.39 -9.53
N ILE C 210 -1.65 -20.82 -9.86
CA ILE C 210 -1.08 -20.75 -11.20
C ILE C 210 -1.72 -21.86 -12.01
N ARG C 211 -2.72 -21.54 -12.83
CA ARG C 211 -3.38 -22.60 -13.60
C ARG C 211 -2.61 -22.94 -14.86
N ASP C 212 -2.18 -21.93 -15.61
CA ASP C 212 -1.61 -22.18 -16.92
C ASP C 212 -0.42 -21.25 -17.13
N TYR C 213 0.44 -21.60 -18.09
CA TYR C 213 1.60 -20.76 -18.39
C TYR C 213 2.30 -21.27 -19.66
N TYR C 214 3.01 -20.37 -20.34
CA TYR C 214 3.69 -20.68 -21.60
C TYR C 214 5.08 -20.07 -21.53
N VAL C 215 6.11 -20.89 -21.80
CA VAL C 215 7.50 -20.45 -21.78
C VAL C 215 8.26 -21.14 -22.91
N GLN C 216 8.33 -20.47 -24.06
CA GLN C 216 9.04 -20.94 -25.24
C GLN C 216 9.86 -19.79 -25.81
N LEU C 217 10.64 -20.08 -26.84
CA LEU C 217 11.32 -19.05 -27.61
C LEU C 217 10.32 -18.38 -28.54
N ALA C 218 10.47 -17.07 -28.73
CA ALA C 218 9.66 -16.36 -29.71
C ALA C 218 9.89 -16.94 -31.10
N LYS C 219 8.92 -16.78 -31.99
CA LYS C 219 9.06 -17.40 -33.31
C LYS C 219 10.37 -16.99 -33.95
N ASP C 220 11.19 -17.98 -34.28
CA ASP C 220 12.41 -17.82 -35.07
C ASP C 220 13.46 -16.96 -34.40
N ASP C 221 13.32 -16.67 -33.11
CA ASP C 221 14.21 -15.75 -32.41
C ASP C 221 14.96 -16.54 -31.34
N LYS C 222 16.19 -16.93 -31.65
CA LYS C 222 16.98 -17.68 -30.69
C LYS C 222 17.47 -16.85 -29.51
N ASN C 223 17.10 -15.58 -29.43
CA ASN C 223 17.61 -14.71 -28.38
C ASN C 223 16.53 -14.14 -27.50
N MET C 224 15.28 -14.56 -27.70
CA MET C 224 14.15 -13.99 -26.98
C MET C 224 13.34 -15.15 -26.39
N ILE C 225 13.32 -15.25 -25.08
CA ILE C 225 12.33 -16.11 -24.43
C ILE C 225 11.06 -15.31 -24.27
N GLU C 226 9.92 -15.95 -24.49
CA GLU C 226 8.65 -15.27 -24.35
C GLU C 226 7.64 -16.22 -23.74
N GLY C 227 6.71 -15.67 -22.98
CA GLY C 227 5.58 -16.47 -22.57
C GLY C 227 4.52 -15.69 -21.83
N TRP C 228 3.75 -16.39 -21.00
CA TRP C 228 2.70 -15.77 -20.23
C TRP C 228 2.33 -16.70 -19.09
N VAL C 229 1.52 -16.18 -18.17
CA VAL C 229 1.07 -16.93 -17.02
C VAL C 229 -0.37 -16.56 -16.75
N GLN C 230 -1.11 -17.48 -16.12
CA GLN C 230 -2.56 -17.36 -15.95
C GLN C 230 -2.94 -17.86 -14.57
N LEU C 231 -3.29 -16.96 -13.67
CA LEU C 231 -3.81 -17.33 -12.37
C LEU C 231 -5.30 -17.65 -12.44
N GLU C 232 -5.78 -18.32 -11.40
CA GLU C 232 -7.14 -18.78 -11.33
C GLU C 232 -7.63 -18.63 -9.90
N GLY C 233 -8.77 -17.97 -9.72
CA GLY C 233 -9.29 -17.69 -8.41
C GLY C 233 -9.61 -16.23 -8.30
N SER C 234 -9.78 -15.77 -7.06
CA SER C 234 -10.31 -14.44 -6.80
C SER C 234 -9.24 -13.36 -6.69
N ASP C 235 -8.10 -13.65 -6.06
CA ASP C 235 -7.03 -12.67 -5.89
C ASP C 235 -6.17 -12.66 -7.16
N LYS C 236 -6.75 -12.13 -8.23
CA LYS C 236 -6.21 -12.31 -9.56
C LYS C 236 -5.00 -11.44 -9.85
N GLU C 237 -4.75 -10.41 -9.05
CA GLU C 237 -3.66 -9.46 -9.31
C GLU C 237 -2.53 -9.70 -8.31
N GLN C 238 -1.41 -10.24 -8.81
CA GLN C 238 -0.32 -10.67 -7.95
C GLN C 238 1.02 -10.46 -8.63
N LYS C 239 2.05 -10.31 -7.81
CA LYS C 239 3.42 -10.30 -8.30
C LYS C 239 3.83 -11.71 -8.69
N ILE C 240 4.17 -11.89 -9.96
CA ILE C 240 4.67 -13.17 -10.44
C ILE C 240 6.17 -13.05 -10.64
N THR C 241 6.88 -14.15 -10.41
CA THR C 241 8.32 -14.18 -10.59
C THR C 241 8.66 -15.42 -11.38
N LEU C 242 9.35 -15.24 -12.50
CA LEU C 242 9.80 -16.36 -13.33
C LEU C 242 11.30 -16.47 -13.20
N ASP C 243 11.77 -17.63 -12.76
CA ASP C 243 13.18 -17.89 -12.48
C ASP C 243 13.70 -18.96 -13.42
N ILE C 244 14.83 -18.71 -14.04
CA ILE C 244 15.55 -19.76 -14.74
C ILE C 244 16.99 -19.73 -14.24
N PRO C 245 17.26 -20.24 -13.04
CA PRO C 245 18.56 -20.05 -12.39
C PRO C 245 19.77 -20.20 -13.30
N GLU C 246 19.75 -21.16 -14.24
CA GLU C 246 20.93 -21.45 -15.02
C GLU C 246 21.18 -20.41 -16.10
N LEU C 247 20.15 -19.65 -16.47
CA LEU C 247 20.25 -18.55 -17.41
C LEU C 247 20.34 -17.20 -16.72
N LYS C 248 20.63 -17.21 -15.41
CA LYS C 248 20.55 -16.02 -14.59
C LYS C 248 19.36 -15.15 -14.99
N VAL C 249 18.18 -15.75 -15.00
CA VAL C 249 16.94 -15.07 -15.40
C VAL C 249 16.06 -14.94 -14.18
N LYS C 250 15.68 -13.70 -13.84
CA LYS C 250 14.73 -13.41 -12.76
C LYS C 250 13.81 -12.31 -13.27
N LYS C 251 12.68 -12.70 -13.84
CA LYS C 251 11.72 -11.76 -14.40
C LYS C 251 10.50 -11.62 -13.50
N GLU C 252 10.08 -10.38 -13.27
CA GLU C 252 8.92 -10.05 -12.47
C GLU C 252 7.85 -9.41 -13.33
N VAL C 253 6.60 -9.73 -13.04
CA VAL C 253 5.45 -9.11 -13.69
C VAL C 253 4.28 -9.16 -12.70
N THR C 254 3.22 -8.43 -13.03
CA THR C 254 2.01 -8.37 -12.23
C THR C 254 0.83 -8.73 -13.12
N THR C 255 0.07 -9.74 -12.71
CA THR C 255 -1.07 -10.15 -13.53
C THR C 255 -2.13 -9.07 -13.52
N ASP C 256 -2.76 -8.86 -14.66
CA ASP C 256 -3.82 -7.87 -14.76
C ASP C 256 -5.05 -8.33 -13.98
N ALA C 257 -6.19 -7.67 -14.22
CA ALA C 257 -7.40 -7.99 -13.48
C ALA C 257 -8.00 -9.33 -13.90
N ASN C 258 -7.60 -9.85 -15.06
CA ASN C 258 -8.01 -11.18 -15.49
C ASN C 258 -7.06 -12.27 -15.00
N GLY C 259 -6.14 -11.95 -14.09
CA GLY C 259 -5.18 -12.92 -13.65
C GLY C 259 -4.17 -13.30 -14.70
N TYR C 260 -4.02 -12.47 -15.73
CA TYR C 260 -3.13 -12.72 -16.85
C TYR C 260 -1.95 -11.75 -16.82
N ALA C 261 -0.83 -12.20 -17.36
CA ALA C 261 0.35 -11.37 -17.52
C ALA C 261 1.27 -12.04 -18.53
N SER C 262 1.93 -11.24 -19.36
CA SER C 262 2.81 -11.74 -20.42
C SER C 262 4.23 -11.24 -20.15
N PHE C 263 5.16 -11.70 -20.98
CA PHE C 263 6.53 -11.20 -20.79
C PHE C 263 7.40 -11.57 -21.98
N LEU C 264 8.43 -10.76 -22.16
CA LEU C 264 9.55 -11.05 -23.05
C LEU C 264 10.81 -11.00 -22.22
N ILE C 265 11.76 -11.88 -22.52
CA ILE C 265 13.03 -11.93 -21.78
C ILE C 265 14.14 -12.20 -22.77
N LYS C 266 15.20 -11.38 -22.71
CA LYS C 266 16.34 -11.54 -23.58
C LYS C 266 17.27 -12.58 -22.99
N SER C 267 17.64 -13.58 -23.79
CA SER C 267 18.51 -14.64 -23.31
C SER C 267 19.07 -15.42 -24.50
N LYS C 268 20.24 -16.02 -24.29
CA LYS C 268 20.88 -16.91 -25.25
C LYS C 268 21.00 -18.30 -24.65
N PRO C 269 19.89 -19.03 -24.52
CA PRO C 269 19.95 -20.37 -23.93
C PRO C 269 20.56 -21.40 -24.87
N ILE C 270 21.11 -22.46 -24.25
CA ILE C 270 21.58 -23.60 -25.04
C ILE C 270 20.38 -24.30 -25.64
N LEU C 271 20.42 -24.53 -26.95
CA LEU C 271 19.23 -24.94 -27.68
C LEU C 271 19.07 -26.46 -27.65
N TRP C 272 17.86 -26.90 -27.30
CA TRP C 272 17.51 -28.32 -27.35
C TRP C 272 17.69 -28.87 -28.76
N THR C 273 18.29 -30.05 -28.86
CA THR C 273 18.35 -30.83 -30.08
C THR C 273 18.30 -32.30 -29.73
N PRO C 274 17.99 -33.16 -30.69
CA PRO C 274 18.03 -34.62 -30.43
C PRO C 274 19.33 -35.12 -29.84
N GLU C 275 20.45 -34.52 -30.22
CA GLU C 275 21.75 -35.02 -29.76
C GLU C 275 22.12 -34.45 -28.41
N ASN C 276 21.65 -33.25 -28.06
CA ASN C 276 21.75 -32.72 -26.70
C ASN C 276 20.41 -32.18 -26.25
N PRO C 277 19.57 -33.03 -25.65
CA PRO C 277 18.23 -32.60 -25.21
C PRO C 277 18.27 -31.66 -24.02
N LYS C 278 18.90 -30.50 -24.20
CA LYS C 278 19.10 -29.57 -23.09
C LYS C 278 17.76 -29.09 -22.53
N LEU C 279 17.57 -29.26 -21.22
CA LEU C 279 16.37 -28.77 -20.56
C LEU C 279 16.78 -27.86 -19.39
N TYR C 280 15.99 -26.82 -19.17
CA TYR C 280 16.24 -25.85 -18.11
C TYR C 280 15.20 -25.96 -17.01
N ALA C 281 15.67 -25.82 -15.77
CA ALA C 281 14.77 -25.69 -14.63
C ALA C 281 14.11 -24.32 -14.66
N VAL C 282 12.80 -24.28 -14.69
CA VAL C 282 12.04 -23.04 -14.67
C VAL C 282 11.13 -23.07 -13.45
N ASN C 283 11.16 -22.00 -12.67
CA ASN C 283 10.40 -21.90 -11.43
C ASN C 283 9.47 -20.70 -11.53
N LEU C 284 8.18 -20.95 -11.40
CA LEU C 284 7.19 -19.90 -11.39
C LEU C 284 6.67 -19.71 -9.97
N ALA C 285 6.54 -18.45 -9.56
CA ALA C 285 6.12 -18.14 -8.21
C ALA C 285 5.17 -16.96 -8.25
N SER C 286 4.07 -17.07 -7.54
CA SER C 286 3.20 -15.94 -7.30
C SER C 286 3.21 -15.66 -5.80
N GLU C 287 2.32 -14.76 -5.39
CA GLU C 287 2.17 -14.48 -3.96
C GLU C 287 1.64 -15.69 -3.21
N THR C 288 0.78 -16.50 -3.83
CA THR C 288 0.13 -17.60 -3.13
C THR C 288 0.39 -18.99 -3.70
N ASP C 289 1.07 -19.10 -4.83
CA ASP C 289 1.30 -20.41 -5.44
C ASP C 289 2.72 -20.46 -6.01
N LYS C 290 3.14 -21.67 -6.39
CA LYS C 290 4.41 -21.87 -7.07
C LYS C 290 4.41 -23.22 -7.75
N VAL C 291 5.28 -23.35 -8.75
CA VAL C 291 5.35 -24.58 -9.55
C VAL C 291 6.63 -24.55 -10.38
N SER C 292 7.28 -25.70 -10.52
CA SER C 292 8.52 -25.87 -11.27
C SER C 292 8.31 -26.78 -12.47
N ASP C 293 9.21 -26.68 -13.44
CA ASP C 293 9.05 -27.36 -14.71
C ASP C 293 10.43 -27.60 -15.30
N GLU C 294 10.49 -28.44 -16.33
CA GLU C 294 11.67 -28.64 -17.16
C GLU C 294 11.31 -28.22 -18.58
N ILE C 295 12.01 -27.23 -19.12
CA ILE C 295 11.64 -26.65 -20.40
C ILE C 295 12.92 -26.34 -21.19
N GLY C 296 13.01 -26.89 -22.40
CA GLY C 296 14.08 -26.58 -23.32
C GLY C 296 13.62 -25.62 -24.43
N PHE C 297 14.61 -25.10 -25.17
CA PHE C 297 14.41 -24.00 -26.09
C PHE C 297 15.02 -24.32 -27.45
N ARG C 298 14.23 -24.11 -28.51
CA ARG C 298 14.64 -24.39 -29.88
C ARG C 298 13.78 -23.55 -30.81
N THR C 299 14.25 -23.37 -32.04
CA THR C 299 13.46 -22.80 -33.12
C THR C 299 13.24 -23.87 -34.18
N ILE C 300 12.15 -23.74 -34.93
CA ILE C 300 11.77 -24.73 -35.94
C ILE C 300 11.05 -24.02 -37.09
N ARG C 301 11.54 -24.24 -38.31
CA ARG C 301 11.09 -23.46 -39.45
C ARG C 301 11.17 -24.30 -40.72
N THR C 302 10.40 -23.91 -41.74
CA THR C 302 10.55 -24.43 -43.09
C THR C 302 11.24 -23.39 -43.97
N GLU C 303 12.07 -23.87 -44.89
CA GLU C 303 12.72 -23.03 -45.89
C GLU C 303 12.74 -23.83 -47.19
N GLY C 304 11.72 -23.65 -48.02
CA GLY C 304 11.55 -24.46 -49.20
C GLY C 304 11.25 -25.90 -48.85
N ILE C 305 12.13 -26.81 -49.27
CA ILE C 305 11.98 -28.23 -49.00
C ILE C 305 12.76 -28.63 -47.73
N LYS C 306 13.32 -27.66 -47.04
CA LYS C 306 14.18 -27.90 -45.91
C LYS C 306 13.41 -27.75 -44.60
N ILE C 307 13.75 -28.57 -43.62
CA ILE C 307 13.28 -28.41 -42.24
C ILE C 307 14.45 -27.92 -41.42
N LEU C 308 14.23 -26.88 -40.63
CA LEU C 308 15.31 -26.19 -39.91
C LEU C 308 15.05 -26.22 -38.41
N LEU C 309 15.91 -26.91 -37.68
CA LEU C 309 15.89 -26.93 -36.22
C LEU C 309 17.05 -26.08 -35.75
N ASN C 310 16.75 -25.02 -35.00
CA ASN C 310 17.77 -24.08 -34.55
C ASN C 310 18.65 -23.65 -35.73
N ASP C 311 18.00 -23.47 -36.87
CA ASP C 311 18.57 -22.93 -38.10
C ASP C 311 19.40 -23.92 -38.89
N LYS C 312 19.51 -25.18 -38.47
CA LYS C 312 20.23 -26.18 -39.23
C LYS C 312 19.26 -27.08 -39.96
N GLU C 313 19.65 -27.52 -41.14
CA GLU C 313 18.83 -28.46 -41.88
C GLU C 313 18.91 -29.83 -41.24
N ILE C 314 17.75 -30.42 -40.95
CA ILE C 314 17.69 -31.75 -40.35
C ILE C 314 16.82 -32.66 -41.21
N PHE C 315 17.09 -33.95 -41.12
CA PHE C 315 16.19 -34.98 -41.59
C PHE C 315 15.50 -35.61 -40.39
N CYS C 316 14.21 -35.88 -40.53
CA CYS C 316 13.43 -36.51 -39.47
C CYS C 316 13.47 -38.02 -39.65
N ARG C 317 14.42 -38.67 -38.95
CA ARG C 317 14.57 -40.13 -39.02
C ARG C 317 13.64 -40.71 -37.94
N GLY C 318 12.40 -40.95 -38.34
CA GLY C 318 11.35 -41.22 -37.39
C GLY C 318 10.84 -42.66 -37.45
N ILE C 319 9.87 -42.91 -36.58
CA ILE C 319 9.15 -44.17 -36.53
C ILE C 319 7.82 -43.86 -35.86
N SER C 320 6.79 -44.57 -36.27
CA SER C 320 5.47 -44.35 -35.68
C SER C 320 5.26 -45.32 -34.54
N ILE C 321 4.47 -44.89 -33.54
CA ILE C 321 4.26 -45.67 -32.33
C ILE C 321 2.84 -45.46 -31.82
N HIS C 322 2.11 -46.56 -31.64
CA HIS C 322 0.86 -46.55 -30.88
C HIS C 322 1.15 -46.51 -29.38
N GLU C 323 0.13 -46.12 -28.60
CA GLU C 323 0.24 -46.04 -27.14
C GLU C 323 -0.08 -47.41 -26.55
N GLU C 324 0.79 -48.37 -26.86
CA GLU C 324 0.55 -49.77 -26.55
C GLU C 324 1.81 -50.40 -25.99
N THR C 325 1.61 -51.35 -24.94
CA THR C 325 2.82 -51.66 -24.19
C THR C 325 3.58 -52.85 -24.77
N PRO C 326 4.90 -52.85 -24.57
CA PRO C 326 5.70 -54.05 -24.83
C PRO C 326 5.16 -55.28 -24.11
N TYR C 327 5.26 -56.44 -24.79
CA TYR C 327 5.09 -57.77 -24.21
C TYR C 327 3.62 -58.18 -24.09
N TYR C 328 2.80 -57.34 -23.46
CA TYR C 328 1.43 -57.74 -23.19
C TYR C 328 0.43 -56.83 -23.88
N SER C 329 0.89 -55.75 -24.51
CA SER C 329 0.09 -55.04 -25.50
C SER C 329 -1.23 -54.53 -24.89
N GLY C 330 -1.11 -53.87 -23.75
CA GLY C 330 -2.19 -53.09 -23.19
C GLY C 330 -1.98 -51.61 -23.42
N ARG C 331 -2.85 -50.82 -22.80
CA ARG C 331 -2.69 -49.37 -22.93
C ARG C 331 -1.49 -48.88 -22.11
N ALA C 332 -0.54 -48.22 -22.80
CA ALA C 332 0.64 -47.65 -22.16
C ALA C 332 0.29 -46.38 -21.41
N TYR C 333 0.96 -46.16 -20.27
CA TYR C 333 0.68 -44.98 -19.47
C TYR C 333 1.85 -44.52 -18.60
N SER C 334 2.85 -45.37 -18.42
CA SER C 334 3.93 -45.13 -17.46
C SER C 334 5.24 -44.75 -18.14
N LYS C 335 6.12 -44.15 -17.35
CA LYS C 335 7.47 -43.85 -17.79
C LYS C 335 8.21 -45.13 -18.19
N ASP C 336 8.05 -46.22 -17.41
CA ASP C 336 8.62 -47.50 -17.82
C ASP C 336 8.21 -47.85 -19.25
N HIS C 337 6.90 -47.73 -19.55
CA HIS C 337 6.38 -48.03 -20.89
C HIS C 337 7.02 -47.12 -21.92
N ALA C 338 7.02 -45.81 -21.66
CA ALA C 338 7.66 -44.89 -22.57
C ALA C 338 9.12 -45.28 -22.79
N HIS C 339 9.86 -45.52 -21.70
CA HIS C 339 11.30 -45.70 -21.85
C HIS C 339 11.62 -46.91 -22.71
N THR C 340 10.88 -48.02 -22.55
CA THR C 340 11.17 -49.22 -23.32
C THR C 340 10.93 -49.00 -24.80
N LEU C 341 9.81 -48.35 -25.15
CA LEU C 341 9.50 -48.08 -26.55
C LEU C 341 10.54 -47.16 -27.18
N LEU C 342 10.84 -46.04 -26.52
CA LEU C 342 11.83 -45.11 -27.05
C LEU C 342 13.21 -45.75 -27.14
N SER C 343 13.58 -46.62 -26.20
CA SER C 343 14.91 -47.20 -26.30
C SER C 343 15.04 -48.11 -27.53
N TRP C 344 13.93 -48.66 -28.03
CA TRP C 344 13.94 -49.32 -29.34
C TRP C 344 14.10 -48.29 -30.46
N ALA C 345 13.39 -47.16 -30.38
CA ALA C 345 13.52 -46.13 -31.40
C ALA C 345 14.96 -45.67 -31.50
N LYS C 346 15.58 -45.46 -30.32
CA LYS C 346 16.99 -45.12 -30.24
C LYS C 346 17.85 -46.14 -30.96
N GLU C 347 17.68 -47.41 -30.64
CA GLU C 347 18.47 -48.43 -31.32
C GLU C 347 18.21 -48.42 -32.82
N LEU C 348 16.97 -48.17 -33.22
CA LEU C 348 16.66 -48.03 -34.64
C LEU C 348 17.35 -46.83 -35.27
N GLY C 349 17.87 -45.90 -34.48
CA GLY C 349 18.57 -44.74 -35.01
C GLY C 349 17.70 -43.53 -35.24
N CYS C 350 16.50 -43.49 -34.69
CA CYS C 350 15.60 -42.37 -34.88
C CYS C 350 16.03 -41.15 -34.06
N ASN C 351 15.71 -39.97 -34.59
CA ASN C 351 15.73 -38.72 -33.84
C ASN C 351 14.33 -38.13 -33.75
N PHE C 352 13.34 -38.91 -34.13
CA PHE C 352 11.98 -38.42 -34.31
C PHE C 352 11.05 -39.60 -34.04
N VAL C 353 9.92 -39.32 -33.41
CA VAL C 353 8.89 -40.34 -33.25
C VAL C 353 7.56 -39.71 -33.59
N ARG C 354 6.72 -40.46 -34.27
CA ARG C 354 5.34 -40.09 -34.51
C ARG C 354 4.47 -40.89 -33.55
N LEU C 355 3.68 -40.18 -32.73
CA LEU C 355 2.80 -40.80 -31.74
C LEU C 355 1.39 -40.84 -32.30
N ALA C 356 0.97 -42.02 -32.79
CA ALA C 356 -0.30 -42.23 -33.46
C ALA C 356 -1.30 -42.89 -32.51
N HIS C 357 -2.60 -42.75 -32.81
CA HIS C 357 -3.18 -41.82 -33.80
C HIS C 357 -3.95 -40.77 -33.01
N TYR C 358 -3.40 -40.37 -31.87
CA TYR C 358 -4.09 -39.64 -30.83
C TYR C 358 -3.05 -39.11 -29.84
N PRO C 359 -3.40 -38.15 -28.99
CA PRO C 359 -2.45 -37.70 -27.97
C PRO C 359 -2.11 -38.84 -27.00
N HIS C 360 -0.81 -39.11 -26.86
CA HIS C 360 -0.36 -40.12 -25.91
C HIS C 360 -0.30 -39.54 -24.50
N ASN C 361 -0.09 -40.44 -23.54
CA ASN C 361 0.03 -40.02 -22.15
C ASN C 361 1.19 -39.03 -22.02
N GLU C 362 1.11 -38.16 -21.01
CA GLU C 362 2.16 -37.15 -20.82
C GLU C 362 3.54 -37.77 -20.56
N GLU C 363 3.61 -39.03 -20.07
CA GLU C 363 4.92 -39.62 -19.80
C GLU C 363 5.68 -39.98 -21.07
N MET C 364 4.96 -40.34 -22.14
CA MET C 364 5.63 -40.62 -23.40
C MET C 364 6.32 -39.38 -23.95
N VAL C 365 5.61 -38.24 -23.96
CA VAL C 365 6.17 -36.99 -24.47
C VAL C 365 7.34 -36.53 -23.61
N ARG C 366 7.18 -36.59 -22.29
CA ARG C 366 8.27 -36.20 -21.39
C ARG C 366 9.49 -37.08 -21.60
N GLU C 367 9.30 -38.39 -21.76
CA GLU C 367 10.46 -39.24 -21.93
C GLU C 367 11.09 -39.03 -23.29
N ALA C 368 10.27 -38.77 -24.31
CA ALA C 368 10.83 -38.43 -25.63
C ALA C 368 11.65 -37.15 -25.54
N GLU C 369 11.16 -36.17 -24.79
CA GLU C 369 11.87 -34.90 -24.60
C GLU C 369 13.21 -35.10 -23.87
N ARG C 370 13.24 -35.99 -22.87
CA ARG C 370 14.41 -36.21 -22.03
C ARG C 370 15.52 -36.94 -22.80
N MET C 371 15.17 -37.93 -23.62
CA MET C 371 16.13 -38.73 -24.40
C MET C 371 16.52 -38.09 -25.73
N GLY C 372 15.85 -37.04 -26.17
CA GLY C 372 16.21 -36.40 -27.42
C GLY C 372 15.55 -37.02 -28.64
N PHE C 373 14.21 -37.01 -28.65
CA PHE C 373 13.41 -37.41 -29.79
C PHE C 373 12.46 -36.27 -30.16
N LEU C 374 12.51 -35.82 -31.41
CA LEU C 374 11.48 -34.93 -31.91
C LEU C 374 10.17 -35.70 -32.06
N VAL C 375 9.07 -34.96 -32.04
CA VAL C 375 7.77 -35.57 -31.86
C VAL C 375 6.75 -35.00 -32.83
N TRP C 376 5.97 -35.89 -33.40
CA TRP C 376 4.76 -35.58 -34.16
C TRP C 376 3.59 -36.01 -33.27
N SER C 377 2.76 -35.03 -32.87
CA SER C 377 1.59 -35.21 -32.02
C SER C 377 0.31 -34.99 -32.83
N GLU C 378 -0.80 -35.59 -32.40
CA GLU C 378 -1.85 -35.90 -33.37
C GLU C 378 -3.19 -36.22 -32.69
N ILE C 379 -4.29 -35.83 -33.34
CA ILE C 379 -5.63 -36.18 -32.88
C ILE C 379 -6.22 -37.26 -33.77
N PRO C 380 -7.21 -38.05 -33.25
CA PRO C 380 -7.79 -39.19 -34.01
C PRO C 380 -8.95 -38.82 -34.94
N VAL C 381 -8.75 -37.79 -35.75
CA VAL C 381 -9.57 -37.52 -36.94
C VAL C 381 -9.12 -38.49 -38.04
N TYR C 382 -9.96 -39.45 -38.41
CA TYR C 382 -9.47 -40.69 -39.00
C TYR C 382 -10.57 -41.39 -39.80
N TRP C 383 -10.37 -41.53 -41.12
CA TRP C 383 -11.34 -42.14 -42.03
C TRP C 383 -12.66 -41.38 -42.04
N THR C 384 -13.78 -42.08 -41.85
CA THR C 384 -15.12 -41.57 -42.19
C THR C 384 -15.78 -40.79 -41.05
N ILE C 385 -15.04 -39.82 -40.52
CA ILE C 385 -15.60 -38.84 -39.57
C ILE C 385 -16.84 -38.20 -40.18
N HIS C 386 -17.77 -37.74 -39.33
CA HIS C 386 -18.98 -37.06 -39.79
C HIS C 386 -18.69 -35.58 -39.99
N TRP C 387 -18.31 -35.17 -41.22
CA TRP C 387 -17.84 -33.81 -41.41
C TRP C 387 -18.94 -32.77 -41.32
N GLU C 388 -20.21 -33.17 -41.40
CA GLU C 388 -21.29 -32.20 -41.38
C GLU C 388 -21.87 -32.00 -39.99
N ASN C 389 -21.42 -32.77 -39.02
CA ASN C 389 -22.00 -32.76 -37.69
C ASN C 389 -21.34 -31.65 -36.87
N LYS C 390 -22.12 -30.63 -36.51
CA LYS C 390 -21.57 -29.51 -35.75
C LYS C 390 -21.00 -29.98 -34.42
N ASP C 391 -21.56 -31.06 -33.87
CA ASP C 391 -21.05 -31.61 -32.62
C ASP C 391 -19.75 -32.35 -32.86
N THR C 392 -19.71 -33.18 -33.90
CA THR C 392 -18.45 -33.85 -34.22
C THR C 392 -17.33 -32.82 -34.38
N TYR C 393 -17.62 -31.70 -35.04
CA TYR C 393 -16.57 -30.70 -35.18
C TYR C 393 -16.14 -30.15 -33.83
N GLN C 394 -17.10 -29.85 -32.94
CA GLN C 394 -16.72 -29.34 -31.63
C GLN C 394 -15.87 -30.34 -30.88
N ASN C 395 -16.22 -31.61 -30.96
CA ASN C 395 -15.40 -32.65 -30.37
C ASN C 395 -13.96 -32.53 -30.86
N ALA C 396 -13.75 -32.70 -32.17
CA ALA C 396 -12.39 -32.68 -32.72
C ALA C 396 -11.65 -31.40 -32.35
N GLU C 397 -12.30 -30.24 -32.42
CA GLU C 397 -11.56 -29.04 -32.08
C GLU C 397 -11.22 -28.97 -30.59
N GLN C 398 -12.09 -29.52 -29.74
CA GLN C 398 -11.74 -29.61 -28.32
C GLN C 398 -10.51 -30.48 -28.11
N GLN C 399 -10.48 -31.64 -28.77
CA GLN C 399 -9.30 -32.50 -28.65
C GLN C 399 -8.05 -31.76 -29.11
N LEU C 400 -8.12 -31.13 -30.29
CA LEU C 400 -7.02 -30.29 -30.75
C LEU C 400 -6.63 -29.25 -29.70
N CYS C 401 -7.62 -28.53 -29.18
CA CYS C 401 -7.31 -27.52 -28.17
C CYS C 401 -6.63 -28.13 -26.96
N ASP C 402 -7.06 -29.32 -26.55
CA ASP C 402 -6.51 -29.90 -25.34
C ASP C 402 -5.14 -30.50 -25.59
N MET C 403 -4.94 -31.10 -26.76
CA MET C 403 -3.63 -31.60 -27.10
C MET C 403 -2.58 -30.50 -26.99
N ILE C 404 -2.86 -29.34 -27.60
CA ILE C 404 -1.88 -28.27 -27.60
C ILE C 404 -1.77 -27.64 -26.21
N ALA C 405 -2.88 -27.51 -25.51
CA ALA C 405 -2.85 -26.86 -24.20
C ALA C 405 -1.92 -27.60 -23.24
N ARG C 406 -1.97 -28.94 -23.24
CA ARG C 406 -1.16 -29.73 -22.32
C ARG C 406 0.33 -29.67 -22.67
N ASP C 407 0.67 -29.76 -23.96
CA ASP C 407 2.05 -30.00 -24.37
C ASP C 407 2.73 -28.78 -24.97
N LYS C 408 2.14 -27.59 -24.83
CA LYS C 408 2.69 -26.42 -25.53
C LYS C 408 4.11 -26.06 -25.06
N ASN C 409 4.55 -26.53 -23.90
CA ASN C 409 5.89 -26.24 -23.42
C ASN C 409 6.90 -27.33 -23.75
N ARG C 410 6.50 -28.35 -24.52
CA ARG C 410 7.42 -29.45 -24.90
C ARG C 410 8.08 -29.10 -26.23
N CYS C 411 9.36 -28.70 -26.17
CA CYS C 411 10.07 -28.21 -27.35
C CYS C 411 10.39 -29.31 -28.35
N ASN C 412 10.46 -30.58 -27.93
CA ASN C 412 10.71 -31.63 -28.89
C ASN C 412 9.54 -31.82 -29.85
N ILE C 413 8.35 -31.34 -29.50
CA ILE C 413 7.22 -31.37 -30.41
C ILE C 413 7.42 -30.29 -31.47
N ILE C 414 7.53 -30.71 -32.73
CA ILE C 414 7.66 -29.76 -33.83
C ILE C 414 6.53 -29.85 -34.84
N ILE C 415 5.79 -30.95 -34.92
CA ILE C 415 4.66 -31.07 -35.84
C ILE C 415 3.38 -31.32 -35.05
N TRP C 416 2.35 -30.52 -35.31
CA TRP C 416 0.97 -30.84 -34.97
C TRP C 416 0.29 -31.36 -36.23
N SER C 417 -0.48 -32.45 -36.12
CA SER C 417 -1.18 -33.01 -37.28
C SER C 417 -2.67 -33.10 -36.99
N ILE C 418 -3.48 -32.42 -37.79
CA ILE C 418 -4.92 -32.35 -37.50
C ILE C 418 -5.73 -33.43 -38.19
N ALA C 419 -5.12 -34.26 -39.02
CA ALA C 419 -5.94 -35.28 -39.65
C ALA C 419 -5.08 -36.43 -40.14
N ASN C 420 -5.61 -37.64 -40.02
CA ASN C 420 -5.08 -38.85 -40.65
C ASN C 420 -5.74 -39.04 -42.01
N GLU C 421 -5.62 -40.24 -42.59
CA GLU C 421 -6.23 -40.51 -43.89
C GLU C 421 -7.73 -40.23 -43.84
N THR C 422 -8.22 -39.46 -44.81
CA THR C 422 -9.65 -39.12 -44.85
C THR C 422 -10.16 -39.16 -46.28
N PRO C 423 -11.43 -39.53 -46.49
CA PRO C 423 -11.99 -39.43 -47.83
C PRO C 423 -12.18 -37.98 -48.23
N HIS C 424 -11.96 -37.67 -49.51
CA HIS C 424 -12.07 -36.29 -49.93
C HIS C 424 -13.51 -35.92 -50.22
N SER C 425 -13.88 -34.72 -49.80
CA SER C 425 -15.21 -34.17 -49.99
C SER C 425 -15.16 -32.75 -49.48
N LYS C 426 -16.05 -31.89 -49.99
CA LYS C 426 -16.02 -30.49 -49.59
C LYS C 426 -16.25 -30.36 -48.09
N THR C 427 -17.16 -31.18 -47.53
CA THR C 427 -17.40 -31.11 -46.09
C THR C 427 -16.14 -31.46 -45.32
N ARG C 428 -15.46 -32.54 -45.74
CA ARG C 428 -14.17 -32.90 -45.15
C ARG C 428 -13.20 -31.73 -45.25
N LEU C 429 -13.06 -31.15 -46.45
CA LEU C 429 -12.12 -30.06 -46.65
C LEU C 429 -12.39 -28.89 -45.72
N THR C 430 -13.67 -28.49 -45.59
CA THR C 430 -13.99 -27.35 -44.73
C THR C 430 -13.71 -27.68 -43.26
N PHE C 431 -13.99 -28.91 -42.85
CA PHE C 431 -13.75 -29.38 -41.49
C PHE C 431 -12.27 -29.30 -41.13
N LEU C 432 -11.41 -29.92 -41.96
CA LEU C 432 -9.97 -29.94 -41.70
C LEU C 432 -9.34 -28.55 -41.79
N SER C 433 -9.85 -27.71 -42.70
CA SER C 433 -9.34 -26.34 -42.80
C SER C 433 -9.60 -25.56 -41.52
N ASN C 434 -10.78 -25.77 -40.92
CA ASN C 434 -11.05 -25.13 -39.64
C ASN C 434 -10.09 -25.64 -38.55
N LEU C 435 -9.83 -26.95 -38.51
CA LEU C 435 -8.84 -27.47 -37.57
C LEU C 435 -7.46 -26.87 -37.85
N ALA C 436 -7.04 -26.87 -39.13
CA ALA C 436 -5.71 -26.36 -39.46
C ALA C 436 -5.53 -24.93 -39.00
N ASN C 437 -6.50 -24.06 -39.30
CA ASN C 437 -6.44 -22.66 -38.90
C ASN C 437 -6.42 -22.53 -37.38
N LYS C 438 -7.27 -23.31 -36.71
CA LYS C 438 -7.32 -23.26 -35.25
C LYS C 438 -5.98 -23.68 -34.65
N ALA C 439 -5.42 -24.79 -35.13
CA ALA C 439 -4.06 -25.17 -34.76
C ALA C 439 -3.11 -23.99 -34.91
N ARG C 440 -3.17 -23.29 -36.04
CA ARG C 440 -2.24 -22.19 -36.27
C ARG C 440 -2.48 -21.03 -35.29
N SER C 441 -3.73 -20.73 -34.95
CA SER C 441 -3.99 -19.61 -34.05
C SER C 441 -3.63 -19.94 -32.60
N LEU C 442 -3.45 -21.22 -32.28
CA LEU C 442 -3.01 -21.61 -30.95
C LEU C 442 -1.50 -21.66 -30.82
N ASP C 443 -0.81 -22.05 -31.89
CA ASP C 443 0.63 -22.27 -31.85
C ASP C 443 1.21 -21.79 -33.19
N SER C 444 1.65 -20.53 -33.21
CA SER C 444 2.26 -19.92 -34.38
C SER C 444 3.72 -20.29 -34.58
N VAL C 445 4.19 -21.42 -34.03
CA VAL C 445 5.58 -21.81 -34.14
C VAL C 445 5.68 -23.17 -34.81
N ARG C 446 5.13 -24.19 -34.15
CA ARG C 446 5.30 -25.54 -34.66
C ARG C 446 4.69 -25.65 -36.04
N LEU C 447 4.99 -26.75 -36.70
CA LEU C 447 4.50 -26.98 -38.05
C LEU C 447 3.19 -27.74 -37.98
N ILE C 448 2.25 -27.34 -38.83
CA ILE C 448 0.95 -28.01 -38.95
C ILE C 448 1.01 -29.00 -40.10
N GLY C 449 0.51 -30.22 -39.87
CA GLY C 449 0.48 -31.24 -40.89
C GLY C 449 -0.89 -31.90 -40.95
N ALA C 450 -1.05 -32.74 -41.97
CA ALA C 450 -2.22 -33.58 -42.10
C ALA C 450 -2.02 -34.52 -43.29
N ALA C 451 -2.66 -35.69 -43.24
CA ALA C 451 -2.48 -36.70 -44.28
C ALA C 451 -3.15 -36.23 -45.56
N MET C 452 -2.35 -35.94 -46.58
CA MET C 452 -2.87 -35.35 -47.80
C MET C 452 -3.21 -36.44 -48.82
N GLU C 453 -4.12 -36.09 -49.73
CA GLU C 453 -4.62 -37.04 -50.72
C GLU C 453 -3.63 -37.16 -51.89
N LYS C 454 -3.56 -38.37 -52.45
CA LYS C 454 -2.56 -38.71 -53.45
C LYS C 454 -3.20 -38.88 -54.82
N GLU C 455 -2.40 -38.62 -55.87
CA GLU C 455 -2.91 -38.52 -57.23
C GLU C 455 -1.86 -39.01 -58.22
N GLU C 456 -2.30 -39.64 -59.30
CA GLU C 456 -1.41 -40.18 -60.32
C GLU C 456 -1.18 -39.14 -61.40
N VAL C 457 0.06 -38.64 -61.48
CA VAL C 457 0.45 -37.62 -62.45
C VAL C 457 0.62 -38.23 -63.83
N GLN C 458 1.28 -39.37 -63.90
CA GLN C 458 1.27 -40.26 -65.06
C GLN C 458 1.86 -41.59 -64.61
N PRO C 459 1.68 -42.66 -65.39
CA PRO C 459 1.96 -44.00 -64.87
C PRO C 459 3.36 -44.13 -64.29
N GLY C 460 3.48 -44.89 -63.20
CA GLY C 460 4.71 -44.96 -62.45
C GLY C 460 5.13 -43.67 -61.76
N VAL C 461 4.27 -42.64 -61.76
CA VAL C 461 4.61 -41.32 -61.23
C VAL C 461 3.45 -40.81 -60.39
N LEU C 462 3.70 -40.61 -59.10
CA LEU C 462 2.68 -40.22 -58.16
C LEU C 462 3.00 -38.83 -57.59
N THR C 463 1.97 -38.19 -57.04
CA THR C 463 2.14 -36.89 -56.42
C THR C 463 1.02 -36.70 -55.40
N VAL C 464 0.95 -35.50 -54.81
CA VAL C 464 -0.09 -35.13 -53.87
C VAL C 464 -1.05 -34.14 -54.53
N ASN C 465 -2.27 -34.09 -54.01
CA ASN C 465 -3.33 -33.26 -54.58
C ASN C 465 -4.38 -32.92 -53.54
N ASP C 466 -4.07 -31.96 -52.66
CA ASP C 466 -5.00 -31.66 -51.58
C ASP C 466 -5.02 -30.16 -51.33
N PRO C 467 -6.16 -29.51 -51.55
CA PRO C 467 -6.23 -28.05 -51.38
C PRO C 467 -6.07 -27.61 -49.93
N LEU C 468 -5.91 -28.55 -49.00
CA LEU C 468 -5.61 -28.22 -47.62
C LEU C 468 -4.13 -27.97 -47.40
N GLY C 469 -3.28 -28.37 -48.35
CA GLY C 469 -1.85 -28.13 -48.25
C GLY C 469 -1.45 -26.68 -48.16
N GLU C 470 -2.36 -25.77 -48.51
CA GLU C 470 -2.10 -24.34 -48.37
C GLU C 470 -2.14 -23.87 -46.92
N LEU C 471 -2.77 -24.64 -46.04
CA LEU C 471 -2.78 -24.35 -44.61
C LEU C 471 -1.73 -25.14 -43.85
N LEU C 472 -1.02 -26.04 -44.53
CA LEU C 472 -0.01 -26.92 -43.97
C LEU C 472 1.38 -26.39 -44.30
N ASP C 473 2.35 -26.69 -43.42
CA ASP C 473 3.72 -26.28 -43.71
C ASP C 473 4.52 -27.40 -44.34
N ILE C 474 3.98 -28.62 -44.40
CA ILE C 474 4.71 -29.77 -44.93
C ILE C 474 3.81 -30.55 -45.87
N ILE C 475 4.41 -31.41 -46.67
CA ILE C 475 3.69 -32.28 -47.60
C ILE C 475 3.71 -33.67 -46.97
N SER C 476 2.67 -33.98 -46.20
CA SER C 476 2.61 -35.21 -45.43
C SER C 476 1.54 -36.14 -45.97
N PHE C 477 1.88 -37.42 -46.07
CA PHE C 477 0.95 -38.41 -46.63
C PHE C 477 1.44 -39.81 -46.30
N ASN C 478 0.54 -40.78 -46.44
CA ASN C 478 0.82 -42.19 -46.20
C ASN C 478 0.83 -42.94 -47.52
N GLU C 479 1.74 -43.88 -47.65
CA GLU C 479 1.73 -44.72 -48.84
C GLU C 479 2.30 -46.07 -48.46
N TYR C 480 1.78 -47.11 -49.11
CA TYR C 480 2.12 -48.48 -48.81
C TYR C 480 2.47 -49.22 -50.09
N VAL C 481 3.13 -48.51 -51.01
CA VAL C 481 3.73 -49.15 -52.17
C VAL C 481 4.51 -50.37 -51.70
N GLY C 482 4.23 -51.51 -52.31
CA GLY C 482 4.95 -52.72 -52.01
C GLY C 482 4.26 -53.61 -50.99
N TRP C 483 3.24 -53.11 -50.30
CA TRP C 483 2.45 -53.95 -49.42
C TRP C 483 0.99 -53.98 -49.85
N TYR C 484 0.26 -52.86 -49.72
CA TYR C 484 -1.12 -52.81 -50.20
C TYR C 484 -1.22 -52.46 -51.67
N ASP C 485 -0.29 -51.65 -52.17
CA ASP C 485 -0.21 -51.24 -53.57
C ASP C 485 0.97 -51.95 -54.19
N GLY C 486 0.71 -53.15 -54.74
CA GLY C 486 1.73 -53.94 -55.41
C GLY C 486 2.61 -54.74 -54.45
N ASP C 487 3.31 -55.72 -55.04
CA ASP C 487 4.35 -56.47 -54.34
C ASP C 487 5.54 -55.56 -54.05
N SER C 488 6.62 -56.15 -53.54
CA SER C 488 7.81 -55.36 -53.21
C SER C 488 8.42 -54.73 -54.45
N GLU C 489 8.50 -55.48 -55.55
CA GLU C 489 9.20 -54.99 -56.75
C GLU C 489 8.64 -53.65 -57.23
N LYS C 490 7.39 -53.35 -56.90
CA LYS C 490 6.78 -52.13 -57.42
C LYS C 490 7.36 -50.87 -56.80
N CYS C 491 8.03 -50.98 -55.65
CA CYS C 491 8.79 -49.83 -55.14
C CYS C 491 9.88 -49.44 -56.10
N ASP C 492 10.33 -50.38 -56.92
CA ASP C 492 11.38 -50.14 -57.90
C ASP C 492 10.87 -49.35 -59.11
N ARG C 493 9.55 -49.26 -59.33
CA ARG C 493 8.99 -48.58 -60.49
C ARG C 493 7.93 -47.56 -60.14
N VAL C 494 8.06 -46.88 -58.99
CA VAL C 494 7.19 -45.79 -58.62
C VAL C 494 8.07 -44.59 -58.30
N ASN C 495 7.66 -43.40 -58.76
CA ASN C 495 8.42 -42.20 -58.46
C ASN C 495 7.45 -41.07 -58.10
N TRP C 496 8.01 -40.01 -57.53
CA TRP C 496 7.23 -38.97 -56.87
C TRP C 496 7.72 -37.60 -57.32
N THR C 497 6.77 -36.75 -57.69
CA THR C 497 7.02 -35.41 -58.14
C THR C 497 6.07 -34.48 -57.41
N PHE C 498 6.53 -33.25 -57.14
CA PHE C 498 5.70 -32.31 -56.39
C PHE C 498 5.70 -30.93 -57.05
N ASP C 499 4.50 -30.33 -57.13
CA ASP C 499 4.30 -29.01 -57.70
C ASP C 499 4.57 -27.88 -56.72
N THR C 500 4.87 -28.18 -55.47
CA THR C 500 5.19 -27.18 -54.47
C THR C 500 6.47 -27.60 -53.77
N GLN C 501 7.31 -26.62 -53.45
CA GLN C 501 8.59 -26.90 -52.77
C GLN C 501 8.43 -26.70 -51.26
N LYS C 502 7.59 -27.56 -50.68
CA LYS C 502 7.51 -27.69 -49.23
C LYS C 502 8.15 -29.01 -48.82
N PRO C 503 8.67 -29.11 -47.59
CA PRO C 503 9.32 -30.36 -47.19
C PRO C 503 8.34 -31.53 -47.28
N VAL C 504 8.81 -32.64 -47.83
CA VAL C 504 8.00 -33.84 -48.00
C VAL C 504 8.29 -34.82 -46.87
N PHE C 505 7.22 -35.28 -46.21
CA PHE C 505 7.30 -36.08 -44.99
C PHE C 505 6.34 -37.24 -45.17
N ILE C 506 6.86 -38.45 -45.27
CA ILE C 506 6.01 -39.62 -45.41
C ILE C 506 5.75 -40.18 -44.01
N SER C 507 4.47 -40.22 -43.63
CA SER C 507 4.07 -40.49 -42.25
C SER C 507 3.77 -41.97 -42.00
N GLU C 508 3.62 -42.78 -43.06
CA GLU C 508 3.43 -44.20 -42.90
C GLU C 508 3.93 -44.90 -44.15
N LEU C 509 4.51 -46.08 -43.95
CA LEU C 509 4.83 -47.00 -45.02
C LEU C 509 5.20 -48.30 -44.33
N GLY C 510 5.19 -49.39 -45.08
CA GLY C 510 5.67 -50.65 -44.52
C GLY C 510 4.85 -51.87 -44.87
N GLY C 511 4.97 -52.90 -44.05
CA GLY C 511 4.31 -54.16 -44.32
C GLY C 511 4.50 -55.09 -43.14
N GLY C 512 3.83 -56.23 -43.22
CA GLY C 512 3.67 -57.12 -42.09
C GLY C 512 4.60 -58.32 -42.12
N ALA C 513 4.95 -58.80 -40.93
CA ALA C 513 5.68 -60.05 -40.80
C ALA C 513 5.54 -60.53 -39.35
N LEU C 514 5.45 -61.84 -39.18
CA LEU C 514 5.47 -62.48 -37.87
C LEU C 514 6.91 -62.88 -37.53
N TYR C 515 7.46 -62.27 -36.46
CA TYR C 515 8.78 -62.65 -36.03
C TYR C 515 8.87 -64.15 -35.90
N GLY C 516 9.98 -64.73 -36.36
CA GLY C 516 10.19 -66.16 -36.28
C GLY C 516 9.58 -66.97 -37.41
N HIS C 517 8.87 -66.32 -38.33
CA HIS C 517 8.21 -66.98 -39.46
C HIS C 517 9.03 -66.72 -40.73
N HIS C 518 9.75 -67.73 -41.20
CA HIS C 518 10.73 -67.54 -42.26
C HIS C 518 10.32 -68.29 -43.53
N GLY C 519 10.86 -67.82 -44.64
CA GLY C 519 10.58 -68.45 -45.93
C GLY C 519 11.03 -67.54 -47.04
N SER C 520 10.49 -67.79 -48.23
CA SER C 520 10.94 -67.05 -49.39
C SER C 520 10.62 -65.56 -49.26
N PRO C 521 11.51 -64.68 -49.71
CA PRO C 521 11.17 -63.25 -49.78
C PRO C 521 9.96 -62.97 -50.65
N LYS C 522 9.46 -63.94 -51.39
CA LYS C 522 8.20 -63.76 -52.09
C LYS C 522 7.00 -64.09 -51.21
N GLU C 523 7.21 -64.81 -50.10
CA GLU C 523 6.13 -65.27 -49.25
C GLU C 523 5.74 -64.16 -48.28
N ARG C 524 4.53 -63.65 -48.44
CA ARG C 524 4.09 -62.54 -47.61
C ARG C 524 3.92 -62.98 -46.15
N PHE C 525 4.22 -62.04 -45.25
CA PHE C 525 4.23 -62.20 -43.80
C PHE C 525 5.48 -62.92 -43.28
N THR C 526 6.37 -63.39 -44.14
CA THR C 526 7.64 -63.81 -43.58
C THR C 526 8.49 -62.59 -43.27
N GLU C 527 9.47 -62.79 -42.39
CA GLU C 527 10.46 -61.75 -42.17
C GLU C 527 11.18 -61.42 -43.47
N GLU C 528 11.41 -62.45 -44.29
CA GLU C 528 12.12 -62.28 -45.56
C GLU C 528 11.35 -61.37 -46.51
N TYR C 529 10.03 -61.57 -46.64
CA TYR C 529 9.26 -60.64 -47.47
C TYR C 529 9.42 -59.21 -46.96
N GLN C 530 9.25 -59.01 -45.66
CA GLN C 530 9.29 -57.65 -45.14
C GLN C 530 10.66 -57.01 -45.32
N GLU C 531 11.72 -57.82 -45.21
CA GLU C 531 13.08 -57.31 -45.42
C GLU C 531 13.25 -56.83 -46.86
N ASP C 532 12.83 -57.66 -47.82
CA ASP C 532 12.94 -57.31 -49.22
C ASP C 532 12.16 -56.03 -49.53
N LEU C 533 10.97 -55.89 -48.93
CA LEU C 533 10.18 -54.68 -49.12
C LEU C 533 10.95 -53.45 -48.67
N TYR C 534 11.51 -53.50 -47.46
CA TYR C 534 12.16 -52.32 -46.88
C TYR C 534 13.42 -51.94 -47.67
N ILE C 535 14.17 -52.93 -48.15
CA ILE C 535 15.29 -52.64 -49.05
C ILE C 535 14.78 -51.86 -50.27
N ARG C 536 13.86 -52.45 -51.03
CA ARG C 536 13.37 -51.80 -52.24
C ARG C 536 12.64 -50.50 -51.91
N HIS C 537 11.84 -50.50 -50.84
CA HIS C 537 11.10 -49.30 -50.50
C HIS C 537 12.04 -48.16 -50.12
N VAL C 538 13.11 -48.46 -49.37
CA VAL C 538 14.11 -47.44 -49.05
C VAL C 538 14.74 -46.88 -50.32
N ASN C 539 15.01 -47.76 -51.30
CA ASN C 539 15.57 -47.27 -52.56
C ASN C 539 14.62 -46.29 -53.24
N MET C 540 13.32 -46.59 -53.20
CA MET C 540 12.35 -45.65 -53.74
C MET C 540 12.34 -44.35 -52.95
N LEU C 541 12.46 -44.44 -51.62
CA LEU C 541 12.48 -43.22 -50.82
C LEU C 541 13.71 -42.37 -51.13
N LYS C 542 14.83 -43.02 -51.49
CA LYS C 542 16.04 -42.29 -51.84
C LYS C 542 15.91 -41.46 -53.12
N ARG C 543 14.90 -41.74 -53.95
CA ARG C 543 14.65 -41.01 -55.19
C ARG C 543 13.64 -39.86 -55.04
N ILE C 544 13.00 -39.70 -53.89
CA ILE C 544 11.93 -38.72 -53.80
C ILE C 544 12.53 -37.34 -53.59
N PRO C 545 12.25 -36.39 -54.49
CA PRO C 545 12.74 -35.03 -54.28
C PRO C 545 12.03 -34.36 -53.11
N GLY C 546 12.77 -33.56 -52.36
CA GLY C 546 12.21 -32.85 -51.23
C GLY C 546 11.93 -33.68 -49.99
N LEU C 547 12.18 -34.99 -50.01
CA LEU C 547 12.00 -35.83 -48.82
C LEU C 547 12.79 -35.29 -47.64
N ALA C 548 12.09 -35.04 -46.53
CA ALA C 548 12.76 -34.55 -45.33
C ALA C 548 12.35 -35.26 -44.05
N GLY C 549 11.45 -36.25 -44.12
CA GLY C 549 11.03 -36.98 -42.95
C GLY C 549 10.33 -38.26 -43.34
N THR C 550 10.47 -39.27 -42.50
CA THR C 550 9.78 -40.54 -42.65
C THR C 550 9.54 -41.12 -41.26
N THR C 551 8.39 -41.77 -41.09
CA THR C 551 8.04 -42.46 -39.85
C THR C 551 7.29 -43.72 -40.23
N PRO C 552 8.01 -44.75 -40.62
CA PRO C 552 7.35 -45.97 -41.08
C PRO C 552 6.36 -46.52 -40.06
N TRP C 553 5.44 -47.32 -40.58
CA TRP C 553 4.38 -47.98 -39.82
C TRP C 553 4.77 -49.44 -39.72
N ILE C 554 5.28 -49.88 -38.56
CA ILE C 554 5.27 -49.14 -37.30
C ILE C 554 6.36 -49.71 -36.38
N LEU C 555 6.62 -49.08 -35.22
CA LEU C 555 7.66 -49.59 -34.32
C LEU C 555 7.35 -50.99 -33.83
N LYS C 556 6.11 -51.24 -33.39
CA LYS C 556 5.77 -52.46 -32.69
C LYS C 556 4.42 -52.98 -33.16
N ASP C 557 4.36 -54.29 -33.44
CA ASP C 557 3.09 -54.98 -33.63
C ASP C 557 2.08 -54.54 -32.59
N PHE C 558 0.84 -54.31 -33.03
CA PHE C 558 -0.18 -53.78 -32.13
C PHE C 558 -1.52 -54.47 -32.38
N ARG C 559 -2.43 -54.26 -31.44
CA ARG C 559 -3.73 -54.93 -31.49
C ARG C 559 -4.65 -54.20 -32.46
N SER C 560 -5.27 -54.96 -33.37
CA SER C 560 -6.32 -54.49 -34.27
C SER C 560 -7.39 -55.57 -34.45
N PRO C 561 -8.67 -55.20 -34.38
CA PRO C 561 -9.75 -56.13 -34.70
C PRO C 561 -9.98 -56.33 -36.19
N ARG C 562 -9.08 -55.83 -37.05
CA ARG C 562 -9.21 -55.98 -38.49
C ARG C 562 -8.10 -56.86 -39.07
N ARG C 563 -7.53 -57.75 -38.26
CA ARG C 563 -6.39 -58.58 -38.67
C ARG C 563 -6.67 -60.01 -38.23
N HIS C 564 -7.15 -60.86 -39.16
CA HIS C 564 -7.72 -62.15 -38.76
C HIS C 564 -7.02 -63.36 -39.39
N VAL C 565 -5.84 -63.20 -39.94
CA VAL C 565 -5.11 -64.39 -40.39
C VAL C 565 -4.77 -65.22 -39.16
N PRO C 566 -5.27 -66.45 -39.02
CA PRO C 566 -4.86 -67.28 -37.88
C PRO C 566 -3.38 -67.61 -37.91
N GLU C 567 -2.79 -67.69 -36.72
CA GLU C 567 -1.39 -68.00 -36.46
C GLU C 567 -0.42 -66.98 -37.07
N ILE C 568 -0.88 -65.95 -37.77
CA ILE C 568 -0.02 -64.91 -38.31
C ILE C 568 -0.31 -63.55 -37.70
N GLN C 569 -1.57 -63.11 -37.79
CA GLN C 569 -1.94 -61.87 -37.12
C GLN C 569 -2.53 -62.12 -35.73
N ASP C 570 -3.54 -62.99 -35.62
CA ASP C 570 -4.23 -63.28 -34.35
C ASP C 570 -4.66 -61.98 -33.67
N ASP C 571 -5.32 -61.11 -34.42
CA ASP C 571 -5.82 -59.82 -33.94
C ASP C 571 -4.70 -58.82 -33.70
N PHE C 572 -3.57 -59.00 -34.40
CA PHE C 572 -2.45 -58.08 -34.30
C PHE C 572 -2.09 -57.58 -35.70
N ASN C 573 -2.02 -56.27 -35.84
CA ASN C 573 -1.40 -55.70 -37.04
C ASN C 573 0.10 -55.97 -36.96
N ARG C 574 0.65 -56.64 -37.98
CA ARG C 574 2.01 -57.17 -37.93
C ARG C 574 3.05 -56.27 -38.62
N LYS C 575 2.75 -54.98 -38.81
CA LYS C 575 3.68 -54.11 -39.52
C LYS C 575 4.79 -53.56 -38.61
N GLY C 576 4.92 -54.08 -37.40
CA GLY C 576 5.97 -53.65 -36.53
C GLY C 576 7.32 -54.07 -37.06
N LEU C 577 8.30 -53.18 -36.94
CA LEU C 577 9.69 -53.57 -37.11
C LEU C 577 10.17 -54.40 -35.92
N VAL C 578 9.54 -54.21 -34.77
CA VAL C 578 9.77 -55.01 -33.58
C VAL C 578 8.47 -55.74 -33.29
N SER C 579 8.57 -57.04 -32.97
CA SER C 579 7.41 -57.82 -32.57
C SER C 579 6.83 -57.32 -31.25
N ASP C 580 5.56 -57.61 -31.02
CA ASP C 580 4.97 -57.22 -29.74
C ASP C 580 5.75 -57.80 -28.56
N LYS C 581 6.56 -58.84 -28.78
CA LYS C 581 7.40 -59.41 -27.72
C LYS C 581 8.84 -58.90 -27.78
N GLY C 582 9.06 -57.71 -28.32
CA GLY C 582 10.39 -57.10 -28.32
C GLY C 582 11.42 -57.67 -29.27
N GLN C 583 11.07 -58.57 -30.18
CA GLN C 583 12.06 -59.19 -31.03
C GLN C 583 12.24 -58.36 -32.30
N LYS C 584 13.50 -58.02 -32.63
CA LYS C 584 13.76 -57.23 -33.82
C LYS C 584 13.74 -58.12 -35.06
N LYS C 585 12.84 -57.79 -35.99
CA LYS C 585 12.71 -58.51 -37.24
C LYS C 585 13.79 -58.04 -38.22
N LYS C 586 14.05 -58.87 -39.24
CA LYS C 586 15.10 -58.54 -40.20
C LYS C 586 14.94 -57.13 -40.78
N ALA C 587 13.71 -56.70 -41.07
CA ALA C 587 13.55 -55.38 -41.67
C ALA C 587 13.94 -54.25 -40.73
N PHE C 588 13.94 -54.50 -39.40
CA PHE C 588 14.43 -53.50 -38.45
C PHE C 588 15.79 -52.96 -38.89
N PHE C 589 16.69 -53.85 -39.34
CA PHE C 589 18.09 -53.49 -39.61
C PHE C 589 18.29 -52.87 -40.99
N VAL C 590 17.37 -53.10 -41.92
CA VAL C 590 17.39 -52.32 -43.16
C VAL C 590 17.18 -50.85 -42.86
N LEU C 591 16.06 -50.51 -42.21
CA LEU C 591 15.81 -49.13 -41.82
C LEU C 591 16.94 -48.59 -40.95
N GLN C 592 17.49 -49.44 -40.07
CA GLN C 592 18.55 -48.98 -39.18
C GLN C 592 19.78 -48.54 -39.97
N LYS C 593 20.19 -49.36 -40.95
CA LYS C 593 21.32 -49.01 -41.81
C LYS C 593 21.06 -47.71 -42.55
N TRP C 594 19.86 -47.54 -43.14
CA TRP C 594 19.59 -46.29 -43.85
C TRP C 594 19.72 -45.11 -42.91
N TYR C 595 19.12 -45.20 -41.71
CA TYR C 595 19.19 -44.08 -40.79
C TYR C 595 20.63 -43.79 -40.38
N LYS C 596 21.53 -44.77 -40.46
CA LYS C 596 22.94 -44.52 -40.20
C LYS C 596 23.57 -43.69 -41.32
N GLU C 597 23.31 -44.07 -42.57
CA GLU C 597 23.73 -43.22 -43.69
C GLU C 597 23.17 -41.81 -43.54
N LEU C 598 21.88 -41.70 -43.22
CA LEU C 598 21.26 -40.38 -43.09
C LEU C 598 21.89 -39.55 -41.97
N THR C 599 22.21 -40.19 -40.84
CA THR C 599 22.82 -39.47 -39.72
C THR C 599 24.17 -38.88 -40.10
N GLU C 600 24.99 -39.64 -40.84
CA GLU C 600 26.24 -39.08 -41.34
C GLU C 600 25.97 -38.01 -42.39
N ALA C 601 24.98 -38.22 -43.25
CA ALA C 601 24.74 -37.29 -44.35
C ALA C 601 24.43 -35.90 -43.83
N TYR C 602 23.50 -35.79 -42.89
CA TYR C 602 23.08 -34.51 -42.34
C TYR C 602 23.95 -34.04 -41.19
N LYS C 603 25.02 -34.78 -40.86
CA LYS C 603 25.78 -34.50 -39.63
C LYS C 603 26.39 -33.12 -39.63
N ALA D 25 -35.71 -23.25 -21.07
CA ALA D 25 -34.78 -22.24 -20.55
C ALA D 25 -34.68 -20.97 -21.43
N PRO D 26 -34.81 -21.08 -22.76
CA PRO D 26 -34.87 -19.86 -23.60
C PRO D 26 -36.18 -19.12 -23.38
N GLN D 27 -36.17 -17.83 -23.70
CA GLN D 27 -37.41 -17.07 -23.61
C GLN D 27 -38.43 -17.56 -24.63
N ILE D 28 -39.70 -17.24 -24.36
CA ILE D 28 -40.81 -17.61 -25.22
C ILE D 28 -41.61 -16.35 -25.52
N MET D 29 -41.75 -16.03 -26.80
CA MET D 29 -42.56 -14.88 -27.18
C MET D 29 -44.04 -15.14 -26.92
N ASN D 30 -44.72 -14.13 -26.39
CA ASN D 30 -46.18 -14.08 -26.33
C ASN D 30 -46.75 -15.30 -25.60
N VAL D 31 -46.32 -15.44 -24.34
CA VAL D 31 -46.78 -16.54 -23.51
C VAL D 31 -48.31 -16.62 -23.47
N SER D 32 -48.96 -15.46 -23.37
CA SER D 32 -50.41 -15.42 -23.15
C SER D 32 -51.19 -16.18 -24.22
N ALA D 33 -50.69 -16.17 -25.46
CA ALA D 33 -51.40 -16.78 -26.58
C ALA D 33 -51.12 -18.28 -26.74
N ARG D 34 -50.33 -18.89 -25.85
CA ARG D 34 -49.99 -20.29 -26.00
C ARG D 34 -50.99 -21.15 -25.24
N GLN D 35 -50.72 -22.46 -25.17
CA GLN D 35 -51.57 -23.37 -24.43
C GLN D 35 -51.12 -23.35 -22.97
N THR D 36 -51.90 -22.66 -22.13
CA THR D 36 -51.46 -22.25 -20.81
C THR D 36 -52.38 -22.81 -19.72
N THR D 37 -51.76 -23.14 -18.59
CA THR D 37 -52.43 -23.54 -17.36
C THR D 37 -51.87 -22.68 -16.25
N SER D 38 -52.74 -22.09 -15.44
CA SER D 38 -52.30 -21.25 -14.34
C SER D 38 -51.96 -22.11 -13.12
N LEU D 39 -50.86 -21.77 -12.46
CA LEU D 39 -50.51 -22.35 -11.16
C LEU D 39 -50.75 -21.37 -10.01
N ASP D 40 -51.48 -20.29 -10.26
CA ASP D 40 -51.68 -19.26 -9.26
C ASP D 40 -52.73 -19.68 -8.25
N GLY D 41 -52.90 -18.86 -7.22
CA GLY D 41 -53.76 -19.16 -6.10
C GLY D 41 -53.05 -18.93 -4.77
N GLN D 42 -53.23 -19.85 -3.82
CA GLN D 42 -52.55 -19.78 -2.54
C GLN D 42 -51.63 -20.99 -2.41
N TRP D 43 -50.38 -20.74 -2.00
CA TRP D 43 -49.32 -21.74 -1.90
C TRP D 43 -48.83 -21.84 -0.46
N LYS D 44 -48.34 -23.03 -0.10
CA LYS D 44 -47.70 -23.24 1.19
C LYS D 44 -46.34 -22.54 1.22
N THR D 45 -45.97 -22.05 2.40
CA THR D 45 -44.77 -21.22 2.52
C THR D 45 -44.06 -21.43 3.84
N ILE D 46 -42.75 -21.13 3.85
CA ILE D 46 -41.90 -21.19 5.04
C ILE D 46 -40.98 -19.98 5.01
N VAL D 47 -41.17 -19.05 5.95
CA VAL D 47 -40.26 -17.93 6.11
C VAL D 47 -39.00 -18.46 6.79
N ASP D 48 -37.85 -18.26 6.14
CA ASP D 48 -36.62 -18.96 6.51
C ASP D 48 -35.48 -17.95 6.51
N PRO D 49 -35.42 -17.11 7.54
CA PRO D 49 -34.44 -16.00 7.52
C PRO D 49 -32.99 -16.47 7.58
N PHE D 50 -32.66 -17.53 8.30
CA PHE D 50 -31.28 -18.00 8.32
C PHE D 50 -31.01 -19.08 7.26
N GLU D 51 -31.89 -19.21 6.27
CA GLU D 51 -31.75 -20.22 5.20
C GLU D 51 -31.44 -21.63 5.75
N ASN D 52 -32.09 -21.99 6.86
CA ASN D 52 -31.96 -23.33 7.41
C ASN D 52 -32.39 -24.41 6.41
N GLY D 53 -33.38 -24.13 5.56
CA GLY D 53 -33.80 -25.09 4.52
C GLY D 53 -32.78 -25.30 3.42
N TYR D 54 -31.72 -24.52 3.41
CA TYR D 54 -30.70 -24.63 2.40
C TYR D 54 -29.30 -24.94 2.93
N TYR D 55 -28.93 -24.46 4.12
CA TYR D 55 -27.60 -24.74 4.68
C TYR D 55 -27.73 -25.42 6.03
N ASP D 56 -26.79 -26.33 6.30
CA ASP D 56 -26.70 -26.96 7.61
C ASP D 56 -25.87 -26.07 8.54
N TYR D 57 -25.51 -26.55 9.73
CA TYR D 57 -24.76 -25.69 10.63
C TYR D 57 -23.30 -25.55 10.23
N ARG D 58 -22.85 -26.29 9.24
CA ARG D 58 -21.53 -26.06 8.65
C ARG D 58 -21.59 -25.04 7.53
N LEU D 59 -22.74 -24.38 7.36
CA LEU D 59 -22.99 -23.50 6.23
C LEU D 59 -22.76 -24.22 4.90
N LYS D 60 -23.09 -25.50 4.83
CA LYS D 60 -22.99 -26.22 3.57
C LYS D 60 -24.37 -26.72 3.12
N PRO D 61 -24.58 -26.90 1.82
CA PRO D 61 -25.85 -27.50 1.36
C PRO D 61 -25.96 -28.92 1.88
N TYR D 62 -27.19 -29.40 2.04
CA TYR D 62 -27.39 -30.74 2.57
C TYR D 62 -28.62 -31.39 1.93
N ASP D 63 -28.54 -32.70 1.70
CA ASP D 63 -29.73 -33.42 1.26
C ASP D 63 -30.74 -33.43 2.40
N GLY D 64 -32.00 -33.24 2.09
CA GLY D 64 -32.99 -33.16 3.13
C GLY D 64 -33.41 -31.76 3.50
N GLY D 65 -32.84 -30.75 2.84
CA GLY D 65 -33.39 -29.42 2.89
C GLY D 65 -34.80 -29.36 2.34
N TYR D 66 -35.36 -28.15 2.36
CA TYR D 66 -36.77 -27.97 2.07
C TYR D 66 -37.13 -28.25 0.61
N ALA D 67 -36.13 -28.28 -0.29
CA ALA D 67 -36.44 -28.54 -1.70
C ALA D 67 -37.16 -29.87 -1.87
N GLN D 68 -36.94 -30.80 -0.95
CA GLN D 68 -37.51 -32.13 -1.01
C GLN D 68 -39.01 -32.16 -0.71
N ASP D 69 -39.57 -31.10 -0.11
CA ASP D 69 -41.01 -31.01 0.13
C ASP D 69 -41.54 -32.32 0.73
N LYS D 70 -40.92 -32.75 1.81
CA LYS D 70 -41.29 -34.01 2.46
C LYS D 70 -42.37 -33.76 3.52
N THR D 71 -43.55 -34.32 3.30
CA THR D 71 -44.61 -34.20 4.27
C THR D 71 -44.26 -34.96 5.55
N TYR D 72 -44.45 -34.30 6.69
CA TYR D 72 -43.91 -34.77 7.97
C TYR D 72 -44.92 -35.68 8.65
N SER D 73 -45.17 -36.83 8.04
CA SER D 73 -46.20 -37.70 8.59
C SER D 73 -45.66 -38.85 9.42
N ASP D 74 -44.45 -39.33 9.17
CA ASP D 74 -43.78 -40.30 10.04
C ASP D 74 -42.99 -39.54 11.12
N LYS D 75 -43.60 -39.39 12.29
CA LYS D 75 -43.01 -38.67 13.42
C LYS D 75 -41.95 -39.48 14.17
N THR D 76 -41.68 -40.73 13.77
CA THR D 76 -40.55 -41.44 14.34
C THR D 76 -39.24 -40.99 13.73
N LYS D 77 -39.27 -40.12 12.73
CA LYS D 77 -38.07 -39.54 12.16
C LYS D 77 -38.02 -38.06 12.51
N LEU D 78 -36.79 -37.50 12.52
CA LEU D 78 -36.55 -36.12 12.90
C LEU D 78 -36.51 -35.23 11.66
N GLN D 79 -37.37 -34.22 11.65
CA GLN D 79 -37.44 -33.23 10.58
C GLN D 79 -37.74 -31.87 11.22
N GLU D 80 -37.32 -30.79 10.57
CA GLU D 80 -37.48 -29.46 11.15
C GLU D 80 -38.55 -28.61 10.47
N TYR D 81 -39.29 -29.16 9.51
CA TYR D 81 -40.23 -28.35 8.74
C TYR D 81 -41.38 -29.23 8.26
N ASP D 82 -42.47 -28.58 7.80
CA ASP D 82 -43.57 -29.29 7.15
C ASP D 82 -44.40 -28.30 6.34
N PHE D 83 -44.17 -28.26 5.01
CA PHE D 83 -45.00 -27.43 4.15
C PHE D 83 -46.48 -27.74 4.36
N GLU D 84 -46.81 -29.01 4.60
CA GLU D 84 -48.19 -29.44 4.53
C GLU D 84 -49.05 -28.72 5.55
N THR D 85 -48.49 -28.38 6.69
CA THR D 85 -49.26 -27.71 7.73
C THR D 85 -48.78 -26.27 7.96
N ASP D 86 -48.04 -25.68 7.03
CA ASP D 86 -47.59 -24.31 7.22
C ASP D 86 -48.60 -23.32 6.60
N LYS D 87 -48.24 -22.05 6.58
CA LYS D 87 -49.13 -20.96 6.21
C LYS D 87 -49.12 -20.70 4.70
N LEU D 88 -50.15 -20.01 4.23
CA LEU D 88 -50.31 -19.70 2.82
C LEU D 88 -49.82 -18.29 2.49
N LEU D 89 -49.39 -18.11 1.24
CA LEU D 89 -49.32 -16.78 0.62
C LEU D 89 -50.05 -16.81 -0.70
N PHE D 90 -50.57 -15.67 -1.10
CA PHE D 90 -51.11 -15.53 -2.45
C PHE D 90 -49.97 -15.44 -3.45
N VAL D 91 -50.18 -16.06 -4.60
CA VAL D 91 -49.28 -16.02 -5.73
C VAL D 91 -50.18 -15.74 -6.93
N PRO D 92 -49.90 -14.72 -7.73
CA PRO D 92 -48.73 -13.85 -7.56
C PRO D 92 -48.94 -12.79 -6.45
N GLY D 93 -47.85 -12.18 -5.98
CA GLY D 93 -47.97 -11.10 -5.02
C GLY D 93 -46.66 -10.80 -4.32
N ASP D 94 -46.45 -9.54 -3.97
CA ASP D 94 -45.43 -9.24 -2.97
C ASP D 94 -45.82 -9.91 -1.67
N TRP D 95 -44.82 -10.37 -0.90
CA TRP D 95 -45.17 -10.89 0.41
C TRP D 95 -45.37 -9.78 1.43
N ASN D 96 -44.85 -8.57 1.14
CA ASN D 96 -44.77 -7.54 2.17
C ASN D 96 -46.14 -7.09 2.64
N THR D 97 -47.12 -7.00 1.75
CA THR D 97 -48.42 -6.50 2.16
C THR D 97 -49.36 -7.60 2.63
N GLN D 98 -48.96 -8.86 2.55
CA GLN D 98 -49.88 -9.95 2.85
C GLN D 98 -49.92 -10.31 4.32
N ARG D 99 -48.87 -9.96 5.08
CA ARG D 99 -48.65 -10.27 6.51
C ARG D 99 -47.90 -9.13 7.19
N PRO D 100 -48.38 -8.64 8.34
CA PRO D 100 -47.60 -7.61 9.07
C PRO D 100 -46.15 -8.01 9.35
N GLN D 101 -45.91 -9.29 9.66
CA GLN D 101 -44.56 -9.74 9.92
C GLN D 101 -43.64 -9.60 8.73
N LEU D 102 -44.16 -9.51 7.52
CA LEU D 102 -43.32 -9.52 6.34
C LEU D 102 -43.19 -8.13 5.73
N TYR D 103 -43.78 -7.12 6.38
CA TYR D 103 -43.72 -5.75 5.89
C TYR D 103 -42.29 -5.35 5.48
N TYR D 104 -41.33 -5.54 6.38
CA TYR D 104 -39.93 -5.19 6.14
C TYR D 104 -39.09 -6.38 5.67
N TYR D 105 -39.70 -7.52 5.39
CA TYR D 105 -38.92 -8.77 5.39
C TYR D 105 -37.98 -8.83 4.21
N GLU D 106 -36.70 -9.04 4.51
CA GLU D 106 -35.64 -9.23 3.55
C GLU D 106 -34.93 -10.54 3.89
N GLY D 107 -34.97 -11.49 2.98
CA GLY D 107 -34.47 -12.81 3.22
C GLY D 107 -35.21 -13.80 2.35
N THR D 108 -35.18 -15.07 2.79
CA THR D 108 -35.73 -16.19 2.04
C THR D 108 -37.12 -16.55 2.52
N VAL D 109 -38.05 -16.73 1.58
CA VAL D 109 -39.30 -17.43 1.82
C VAL D 109 -39.38 -18.64 0.88
N TRP D 110 -39.77 -19.79 1.43
CA TRP D 110 -40.01 -20.96 0.61
C TRP D 110 -41.47 -21.01 0.15
N TYR D 111 -41.66 -21.28 -1.15
CA TYR D 111 -42.97 -21.47 -1.77
C TYR D 111 -43.10 -22.90 -2.32
N ARG D 112 -44.26 -23.51 -2.10
CA ARG D 112 -44.47 -24.88 -2.53
C ARG D 112 -45.84 -25.04 -3.14
N LYS D 113 -45.92 -25.65 -4.31
CA LYS D 113 -47.17 -25.89 -5.03
C LYS D 113 -47.26 -27.34 -5.50
N HIS D 114 -48.38 -27.99 -5.20
CA HIS D 114 -48.66 -29.33 -5.73
C HIS D 114 -49.59 -29.20 -6.92
N PHE D 115 -49.39 -30.05 -7.93
CA PHE D 115 -50.24 -29.97 -9.09
C PHE D 115 -50.13 -31.26 -9.88
N GLU D 116 -51.14 -31.49 -10.71
CA GLU D 116 -51.14 -32.61 -11.62
C GLU D 116 -51.22 -32.10 -13.05
N TYR D 117 -50.68 -32.88 -13.98
CA TYR D 117 -50.69 -32.49 -15.39
C TYR D 117 -50.48 -33.74 -16.22
N SER D 118 -51.40 -34.00 -17.14
CA SER D 118 -51.26 -35.09 -18.08
C SER D 118 -50.73 -34.51 -19.39
N LEU D 119 -49.58 -35.00 -19.82
CA LEU D 119 -48.95 -34.56 -21.06
C LEU D 119 -48.78 -35.77 -21.94
N GLN D 120 -49.30 -35.71 -23.17
CA GLN D 120 -49.17 -36.82 -24.09
C GLN D 120 -47.71 -37.01 -24.49
N PRO D 121 -47.19 -38.25 -24.44
CA PRO D 121 -45.79 -38.48 -24.79
C PRO D 121 -45.43 -37.85 -26.13
N GLY D 122 -44.52 -36.87 -26.12
CA GLY D 122 -44.14 -36.17 -27.34
C GLY D 122 -44.30 -34.67 -27.22
N LYS D 123 -45.33 -34.23 -26.50
CA LYS D 123 -45.50 -32.82 -26.20
C LYS D 123 -44.47 -32.36 -25.18
N ARG D 124 -44.22 -31.06 -25.16
CA ARG D 124 -43.26 -30.43 -24.26
C ARG D 124 -44.01 -29.54 -23.28
N LEU D 125 -43.46 -29.41 -22.07
CA LEU D 125 -44.12 -28.65 -21.00
C LEU D 125 -43.12 -27.72 -20.37
N PHE D 126 -43.43 -26.43 -20.38
CA PHE D 126 -42.57 -25.38 -19.87
C PHE D 126 -43.23 -24.70 -18.68
N LEU D 127 -42.39 -24.29 -17.73
CA LEU D 127 -42.82 -23.58 -16.55
C LEU D 127 -42.33 -22.16 -16.68
N ASN D 128 -43.24 -21.19 -16.62
CA ASN D 128 -42.93 -19.80 -16.86
C ASN D 128 -43.25 -18.97 -15.63
N PHE D 129 -42.27 -18.21 -15.17
CA PHE D 129 -42.45 -17.23 -14.10
C PHE D 129 -42.45 -15.84 -14.72
N GLY D 130 -43.57 -15.12 -14.55
CA GLY D 130 -43.58 -13.74 -14.98
C GLY D 130 -42.45 -12.95 -14.34
N ALA D 131 -42.14 -13.25 -13.07
CA ALA D 131 -41.17 -12.48 -12.30
C ALA D 131 -41.10 -12.96 -10.86
N VAL D 132 -39.92 -12.80 -10.25
CA VAL D 132 -39.63 -13.20 -8.87
C VAL D 132 -38.51 -12.32 -8.38
N ASN D 133 -38.73 -11.61 -7.27
CA ASN D 133 -37.73 -10.71 -6.70
C ASN D 133 -37.16 -11.26 -5.39
N TYR D 134 -35.84 -11.37 -5.30
CA TYR D 134 -34.90 -11.03 -6.38
C TYR D 134 -34.17 -12.26 -6.94
N GLU D 135 -33.87 -13.24 -6.09
CA GLU D 135 -33.26 -14.49 -6.52
C GLU D 135 -34.21 -15.66 -6.31
N ALA D 136 -34.35 -16.50 -7.33
CA ALA D 136 -35.21 -17.67 -7.28
C ALA D 136 -34.40 -18.91 -7.60
N ILE D 137 -34.58 -19.95 -6.79
CA ILE D 137 -34.11 -21.28 -7.10
C ILE D 137 -35.34 -22.18 -7.10
N VAL D 138 -35.42 -23.08 -8.06
CA VAL D 138 -36.66 -23.79 -8.35
C VAL D 138 -36.38 -25.29 -8.47
N TRP D 139 -37.12 -26.09 -7.71
CA TRP D 139 -37.07 -27.54 -7.81
C TRP D 139 -38.41 -28.09 -8.26
N LEU D 140 -38.38 -29.17 -9.02
CA LEU D 140 -39.59 -29.94 -9.34
C LEU D 140 -39.37 -31.37 -8.89
N ASN D 141 -40.25 -31.86 -8.02
CA ASN D 141 -40.13 -33.21 -7.48
C ASN D 141 -38.70 -33.46 -6.98
N GLY D 142 -38.12 -32.46 -6.32
CA GLY D 142 -36.84 -32.58 -5.67
C GLY D 142 -35.64 -32.37 -6.57
N LYS D 143 -35.86 -32.18 -7.86
CA LYS D 143 -34.79 -31.96 -8.83
C LYS D 143 -34.63 -30.46 -9.08
N ARG D 144 -33.40 -29.97 -8.96
CA ARG D 144 -33.18 -28.54 -9.16
C ARG D 144 -33.35 -28.20 -10.63
N LEU D 145 -34.23 -27.25 -10.92
CA LEU D 145 -34.38 -26.82 -12.30
C LEU D 145 -33.35 -25.75 -12.66
N GLY D 146 -33.05 -24.85 -11.72
CA GLY D 146 -32.10 -23.77 -11.93
C GLY D 146 -32.42 -22.56 -11.05
N ARG D 147 -31.74 -21.46 -11.38
CA ARG D 147 -31.67 -20.26 -10.59
C ARG D 147 -31.81 -19.02 -11.48
N HIS D 148 -32.48 -17.99 -10.98
CA HIS D 148 -32.63 -16.74 -11.70
C HIS D 148 -32.34 -15.59 -10.75
N ILE D 149 -31.70 -14.54 -11.27
CA ILE D 149 -31.56 -13.27 -10.56
C ILE D 149 -32.14 -12.16 -11.44
N GLY D 150 -32.61 -11.11 -10.79
CA GLY D 150 -33.32 -10.05 -11.49
C GLY D 150 -34.80 -10.17 -11.24
N GLY D 151 -35.38 -9.18 -10.59
CA GLY D 151 -36.71 -9.25 -10.03
C GLY D 151 -37.85 -8.88 -10.95
N PHE D 152 -37.58 -8.53 -12.21
CA PHE D 152 -38.63 -7.95 -13.03
C PHE D 152 -38.66 -8.53 -14.45
N THR D 153 -37.99 -9.65 -14.67
CA THR D 153 -37.89 -10.24 -15.99
C THR D 153 -38.31 -11.70 -15.92
N PRO D 154 -39.07 -12.18 -16.90
CA PRO D 154 -39.55 -13.56 -16.87
C PRO D 154 -38.45 -14.56 -17.16
N PHE D 155 -38.68 -15.80 -16.73
CA PHE D 155 -37.78 -16.88 -17.06
C PHE D 155 -38.60 -18.15 -17.11
N ASN D 156 -38.07 -19.14 -17.84
CA ASN D 156 -38.74 -20.40 -18.14
C ASN D 156 -37.86 -21.59 -17.80
N PHE D 157 -38.49 -22.68 -17.37
CA PHE D 157 -37.82 -23.96 -17.26
C PHE D 157 -38.58 -24.99 -18.08
N GLU D 158 -37.87 -25.94 -18.66
CA GLU D 158 -38.51 -27.05 -19.34
C GLU D 158 -38.61 -28.22 -18.38
N ILE D 159 -39.82 -28.72 -18.18
CA ILE D 159 -40.06 -29.82 -17.27
C ILE D 159 -40.61 -31.06 -17.96
N THR D 160 -40.78 -31.03 -19.28
CA THR D 160 -41.15 -32.17 -20.12
C THR D 160 -40.71 -33.50 -19.53
N ASN D 161 -39.42 -33.64 -19.19
CA ASN D 161 -38.87 -34.93 -18.78
C ASN D 161 -38.86 -35.14 -17.28
N LEU D 162 -39.21 -34.13 -16.49
CA LEU D 162 -39.24 -34.30 -15.04
C LEU D 162 -40.65 -34.48 -14.50
N LEU D 163 -41.67 -34.24 -15.33
CA LEU D 163 -43.05 -34.43 -14.91
C LEU D 163 -43.29 -35.89 -14.53
N LYS D 164 -43.97 -36.11 -13.41
CA LYS D 164 -44.47 -37.45 -13.10
C LYS D 164 -45.99 -37.44 -13.15
N GLU D 165 -46.56 -38.63 -13.13
CA GLU D 165 -48.00 -38.72 -12.97
C GLU D 165 -48.35 -38.67 -11.49
N GLY D 166 -49.61 -38.34 -11.21
CA GLY D 166 -49.98 -38.09 -9.84
C GLY D 166 -49.46 -36.74 -9.40
N THR D 167 -49.21 -36.60 -8.10
CA THR D 167 -48.84 -35.29 -7.57
C THR D 167 -47.42 -34.94 -7.97
N ASN D 168 -47.25 -33.71 -8.43
CA ASN D 168 -45.95 -33.08 -8.67
C ASN D 168 -45.71 -32.02 -7.60
N SER D 169 -44.46 -31.88 -7.19
CA SER D 169 -44.07 -30.88 -6.20
C SER D 169 -43.26 -29.81 -6.89
N LEU D 170 -43.70 -28.57 -6.77
CA LEU D 170 -42.96 -27.42 -7.28
C LEU D 170 -42.56 -26.56 -6.09
N VAL D 171 -41.26 -26.40 -5.87
CA VAL D 171 -40.72 -25.64 -4.75
C VAL D 171 -39.89 -24.50 -5.29
N VAL D 172 -40.16 -23.29 -4.82
CA VAL D 172 -39.41 -22.11 -5.21
C VAL D 172 -38.84 -21.46 -3.96
N LYS D 173 -37.51 -21.39 -3.88
CA LYS D 173 -36.86 -20.63 -2.83
C LYS D 173 -36.64 -19.21 -3.33
N VAL D 174 -37.34 -18.26 -2.72
CA VAL D 174 -37.28 -16.85 -3.11
C VAL D 174 -36.51 -16.05 -2.06
N ASP D 175 -35.53 -15.27 -2.51
CA ASP D 175 -34.76 -14.42 -1.62
C ASP D 175 -34.65 -13.01 -2.20
N ASN D 176 -34.90 -12.00 -1.35
CA ASN D 176 -34.83 -10.59 -1.70
C ASN D 176 -33.85 -9.79 -0.83
N LYS D 177 -32.85 -10.43 -0.21
CA LYS D 177 -31.79 -9.65 0.42
C LYS D 177 -31.18 -8.67 -0.58
N ARG D 178 -30.90 -7.46 -0.13
CA ARG D 178 -30.18 -6.50 -0.96
C ARG D 178 -28.71 -6.89 -1.03
N LEU D 179 -28.19 -7.04 -2.26
CA LEU D 179 -26.80 -7.37 -2.51
C LEU D 179 -26.05 -6.18 -3.09
N PRO D 180 -24.86 -5.85 -2.59
CA PRO D 180 -24.08 -4.73 -3.16
C PRO D 180 -23.92 -4.79 -4.68
N GLU D 181 -23.64 -5.97 -5.20
CA GLU D 181 -23.32 -6.16 -6.60
C GLU D 181 -24.54 -6.41 -7.48
N ALA D 182 -25.73 -6.44 -6.88
CA ALA D 182 -26.94 -6.78 -7.60
C ALA D 182 -27.42 -5.59 -8.43
N VAL D 183 -28.48 -5.83 -9.20
CA VAL D 183 -29.10 -4.82 -10.06
C VAL D 183 -30.60 -4.88 -9.80
N PRO D 184 -31.17 -3.97 -8.99
CA PRO D 184 -30.50 -2.84 -8.35
C PRO D 184 -29.63 -3.23 -7.14
N THR D 185 -28.97 -2.24 -6.52
CA THR D 185 -28.02 -2.45 -5.43
C THR D 185 -28.66 -2.13 -4.06
N VAL D 186 -27.83 -1.86 -3.05
CA VAL D 186 -28.31 -1.85 -1.66
C VAL D 186 -29.11 -0.61 -1.30
N ASN D 187 -29.16 0.39 -2.18
CA ASN D 187 -29.93 1.58 -1.93
C ASN D 187 -30.82 1.87 -3.13
N ALA D 188 -32.07 2.21 -2.86
CA ALA D 188 -33.04 2.61 -3.88
C ALA D 188 -34.19 3.28 -3.15
N ASP D 189 -35.02 3.99 -3.90
CA ASP D 189 -36.12 4.72 -3.29
C ASP D 189 -37.47 4.05 -3.51
N TRP D 190 -37.53 2.72 -3.49
CA TRP D 190 -38.82 2.04 -3.56
C TRP D 190 -38.78 0.77 -2.71
N TRP D 191 -39.97 0.28 -2.37
CA TRP D 191 -40.09 -0.81 -1.40
C TRP D 191 -39.50 -2.11 -1.95
N ASN D 192 -38.87 -2.88 -1.07
CA ASN D 192 -38.20 -4.11 -1.48
C ASN D 192 -39.21 -5.27 -1.43
N PHE D 193 -40.10 -5.27 -2.42
CA PHE D 193 -41.14 -6.29 -2.51
C PHE D 193 -40.51 -7.62 -2.88
N GLY D 194 -40.52 -8.58 -1.98
CA GLY D 194 -40.09 -9.92 -2.31
C GLY D 194 -41.27 -10.78 -2.67
N GLY D 195 -41.02 -11.90 -3.35
CA GLY D 195 -42.08 -12.84 -3.62
C GLY D 195 -42.15 -13.24 -5.07
N ILE D 196 -43.09 -14.16 -5.34
CA ILE D 196 -43.49 -14.51 -6.70
C ILE D 196 -44.52 -13.46 -7.11
N THR D 197 -44.04 -12.36 -7.69
CA THR D 197 -44.82 -11.15 -7.86
C THR D 197 -45.68 -11.16 -9.12
N ARG D 198 -45.42 -12.04 -10.08
CA ARG D 198 -46.18 -12.14 -11.30
C ARG D 198 -46.64 -13.58 -11.53
N PRO D 199 -47.66 -13.78 -12.35
CA PRO D 199 -48.29 -15.10 -12.46
C PRO D 199 -47.30 -16.20 -12.85
N VAL D 200 -47.61 -17.42 -12.42
CA VAL D 200 -46.83 -18.62 -12.72
C VAL D 200 -47.64 -19.50 -13.68
N THR D 201 -47.01 -19.93 -14.76
CA THR D 201 -47.77 -20.50 -15.86
C THR D 201 -47.09 -21.73 -16.45
N LEU D 202 -47.87 -22.79 -16.60
CA LEU D 202 -47.48 -23.92 -17.43
C LEU D 202 -47.83 -23.60 -18.88
N ILE D 203 -46.92 -23.94 -19.78
CA ILE D 203 -47.05 -23.73 -21.21
C ILE D 203 -46.77 -25.06 -21.90
N GLU D 204 -47.78 -25.61 -22.59
CA GLU D 204 -47.56 -26.83 -23.37
C GLU D 204 -47.22 -26.46 -24.82
N MET D 205 -46.26 -27.18 -25.39
CA MET D 205 -45.82 -26.92 -26.76
C MET D 205 -45.68 -28.21 -27.53
N PRO D 206 -45.90 -28.17 -28.85
CA PRO D 206 -45.54 -29.31 -29.69
C PRO D 206 -44.03 -29.46 -29.76
N ALA D 207 -43.60 -30.71 -30.01
CA ALA D 207 -42.17 -31.05 -29.92
C ALA D 207 -41.28 -30.05 -30.63
N THR D 208 -41.78 -29.46 -31.71
CA THR D 208 -41.09 -28.37 -32.39
C THR D 208 -42.06 -27.19 -32.41
N TYR D 209 -41.60 -26.03 -31.94
CA TYR D 209 -42.53 -24.94 -31.68
C TYR D 209 -41.91 -23.61 -32.09
N ILE D 210 -42.80 -22.67 -32.39
CA ILE D 210 -42.46 -21.30 -32.74
C ILE D 210 -42.08 -20.58 -31.44
N ARG D 211 -40.78 -20.47 -31.17
CA ARG D 211 -40.35 -19.93 -29.89
C ARG D 211 -40.35 -18.40 -29.89
N ASP D 212 -39.91 -17.77 -30.98
CA ASP D 212 -39.72 -16.33 -30.99
C ASP D 212 -40.02 -15.81 -32.40
N TYR D 213 -40.41 -14.55 -32.48
CA TYR D 213 -40.69 -13.92 -33.76
C TYR D 213 -40.71 -12.42 -33.59
N TYR D 214 -40.54 -11.71 -34.71
CA TYR D 214 -40.49 -10.26 -34.76
C TYR D 214 -41.26 -9.81 -36.00
N VAL D 215 -42.17 -8.86 -35.83
CA VAL D 215 -42.99 -8.35 -36.92
C VAL D 215 -43.25 -6.86 -36.70
N GLN D 216 -42.48 -6.01 -37.36
CA GLN D 216 -42.62 -4.57 -37.19
C GLN D 216 -42.31 -3.88 -38.52
N LEU D 217 -42.75 -2.62 -38.63
CA LEU D 217 -42.32 -1.79 -39.74
C LEU D 217 -40.81 -1.83 -39.85
N ALA D 218 -40.31 -1.87 -41.09
CA ALA D 218 -38.88 -1.67 -41.30
C ALA D 218 -38.51 -0.26 -40.86
N LYS D 219 -37.22 -0.05 -40.56
CA LYS D 219 -36.78 1.22 -39.98
C LYS D 219 -37.23 2.38 -40.85
N ASP D 220 -37.92 3.34 -40.22
CA ASP D 220 -38.34 4.60 -40.83
C ASP D 220 -39.17 4.42 -42.10
N ASP D 221 -39.67 3.21 -42.36
CA ASP D 221 -40.34 2.90 -43.63
C ASP D 221 -41.81 2.63 -43.37
N LYS D 222 -42.65 3.63 -43.61
CA LYS D 222 -44.09 3.53 -43.34
C LYS D 222 -44.79 2.49 -44.21
N ASN D 223 -44.11 1.91 -45.22
CA ASN D 223 -44.77 1.07 -46.20
C ASN D 223 -44.12 -0.31 -46.32
N MET D 224 -43.34 -0.72 -45.32
CA MET D 224 -42.63 -2.00 -45.36
C MET D 224 -42.67 -2.66 -43.99
N ILE D 225 -42.89 -3.97 -43.99
CA ILE D 225 -42.96 -4.78 -42.78
C ILE D 225 -41.83 -5.79 -42.84
N GLU D 226 -40.99 -5.80 -41.83
CA GLU D 226 -39.95 -6.80 -41.73
C GLU D 226 -40.16 -7.60 -40.45
N GLY D 227 -39.36 -8.65 -40.30
CA GLY D 227 -39.46 -9.51 -39.15
C GLY D 227 -38.85 -10.86 -39.46
N TRP D 228 -38.91 -11.74 -38.45
CA TRP D 228 -38.33 -13.07 -38.55
C TRP D 228 -39.08 -13.97 -37.58
N VAL D 229 -38.74 -15.25 -37.64
CA VAL D 229 -39.38 -16.24 -36.78
C VAL D 229 -38.36 -17.31 -36.44
N GLN D 230 -38.44 -17.83 -35.21
CA GLN D 230 -37.43 -18.73 -34.68
C GLN D 230 -38.09 -20.01 -34.18
N LEU D 231 -37.78 -21.13 -34.82
CA LEU D 231 -38.26 -22.42 -34.36
C LEU D 231 -37.36 -22.97 -33.26
N GLU D 232 -37.93 -23.86 -32.46
CA GLU D 232 -37.18 -24.59 -31.45
C GLU D 232 -37.62 -26.04 -31.52
N GLY D 233 -36.66 -26.95 -31.54
CA GLY D 233 -36.93 -28.37 -31.68
C GLY D 233 -36.13 -28.98 -32.81
N SER D 234 -36.29 -30.29 -32.96
CA SER D 234 -35.43 -31.04 -33.88
C SER D 234 -35.84 -30.84 -35.34
N ASP D 235 -37.09 -30.50 -35.60
CA ASP D 235 -37.60 -30.30 -36.97
C ASP D 235 -37.39 -28.85 -37.38
N LYS D 236 -36.11 -28.52 -37.62
CA LYS D 236 -35.68 -27.13 -37.79
C LYS D 236 -36.18 -26.48 -39.07
N GLU D 237 -36.49 -27.25 -40.11
CA GLU D 237 -36.82 -26.70 -41.43
C GLU D 237 -38.28 -27.00 -41.74
N GLN D 238 -39.10 -25.94 -41.85
CA GLN D 238 -40.53 -26.10 -42.06
C GLN D 238 -41.09 -24.93 -42.87
N LYS D 239 -42.21 -25.19 -43.56
CA LYS D 239 -43.00 -24.12 -44.15
C LYS D 239 -43.61 -23.26 -43.04
N ILE D 240 -43.46 -21.94 -43.17
CA ILE D 240 -44.01 -20.98 -42.21
C ILE D 240 -44.91 -20.02 -42.95
N THR D 241 -46.06 -19.70 -42.36
CA THR D 241 -47.04 -18.79 -42.96
C THR D 241 -47.33 -17.66 -41.98
N LEU D 242 -47.37 -16.43 -42.50
CA LEU D 242 -47.73 -15.25 -41.72
C LEU D 242 -48.94 -14.63 -42.39
N ASP D 243 -50.08 -14.71 -41.72
CA ASP D 243 -51.32 -14.13 -42.22
C ASP D 243 -51.63 -12.89 -41.40
N ILE D 244 -51.65 -11.74 -42.05
CA ILE D 244 -52.31 -10.56 -41.50
C ILE D 244 -53.59 -10.37 -42.31
N PRO D 245 -54.73 -10.89 -41.87
CA PRO D 245 -55.92 -10.86 -42.72
C PRO D 245 -56.35 -9.45 -43.11
N GLU D 246 -56.47 -8.53 -42.15
CA GLU D 246 -56.96 -7.21 -42.49
C GLU D 246 -56.12 -6.56 -43.57
N LEU D 247 -54.84 -6.90 -43.65
CA LEU D 247 -53.94 -6.40 -44.68
C LEU D 247 -53.89 -7.31 -45.92
N LYS D 248 -54.76 -8.32 -46.00
CA LYS D 248 -54.73 -9.31 -47.07
C LYS D 248 -53.30 -9.73 -47.35
N VAL D 249 -52.53 -9.91 -46.28
CA VAL D 249 -51.13 -10.33 -46.36
C VAL D 249 -51.05 -11.80 -46.05
N LYS D 250 -50.27 -12.53 -46.85
CA LYS D 250 -50.10 -13.96 -46.61
C LYS D 250 -48.74 -14.36 -47.20
N LYS D 251 -47.71 -14.34 -46.34
CA LYS D 251 -46.35 -14.65 -46.75
C LYS D 251 -46.03 -16.07 -46.33
N GLU D 252 -45.42 -16.82 -47.23
CA GLU D 252 -44.88 -18.13 -46.87
C GLU D 252 -43.35 -18.08 -46.94
N VAL D 253 -42.72 -18.69 -45.94
CA VAL D 253 -41.27 -18.74 -45.82
C VAL D 253 -40.90 -20.15 -45.37
N THR D 254 -39.66 -20.54 -45.67
CA THR D 254 -39.10 -21.77 -45.15
C THR D 254 -37.98 -21.41 -44.19
N THR D 255 -37.86 -22.19 -43.11
CA THR D 255 -36.81 -21.96 -42.13
C THR D 255 -35.55 -22.71 -42.53
N ASP D 256 -34.41 -22.07 -42.31
CA ASP D 256 -33.13 -22.71 -42.52
C ASP D 256 -32.95 -23.84 -41.50
N ALA D 257 -31.77 -24.47 -41.53
CA ALA D 257 -31.44 -25.57 -40.64
C ALA D 257 -31.19 -25.11 -39.21
N ASN D 258 -31.30 -23.82 -38.90
CA ASN D 258 -31.30 -23.33 -37.53
C ASN D 258 -32.70 -23.08 -37.00
N GLY D 259 -33.73 -23.30 -37.82
CA GLY D 259 -35.07 -22.92 -37.46
C GLY D 259 -35.36 -21.46 -37.66
N TYR D 260 -34.53 -20.74 -38.40
CA TYR D 260 -34.70 -19.32 -38.61
C TYR D 260 -35.28 -19.02 -39.98
N ALA D 261 -35.90 -17.85 -40.09
CA ALA D 261 -36.35 -17.34 -41.37
C ALA D 261 -36.75 -15.88 -41.23
N SER D 262 -36.27 -15.03 -42.13
CA SER D 262 -36.63 -13.62 -42.16
C SER D 262 -37.62 -13.39 -43.30
N PHE D 263 -38.07 -12.15 -43.46
CA PHE D 263 -39.00 -11.82 -44.53
C PHE D 263 -39.19 -10.33 -44.62
N LEU D 264 -39.89 -9.91 -45.67
CA LEU D 264 -40.08 -8.49 -46.00
C LEU D 264 -41.35 -8.39 -46.82
N ILE D 265 -42.38 -7.78 -46.25
CA ILE D 265 -43.69 -7.68 -46.87
C ILE D 265 -43.98 -6.22 -47.17
N LYS D 266 -44.30 -5.92 -48.43
CA LYS D 266 -44.78 -4.60 -48.78
C LYS D 266 -46.24 -4.48 -48.39
N SER D 267 -46.55 -3.51 -47.53
CA SER D 267 -47.91 -3.24 -47.12
C SER D 267 -47.96 -1.78 -46.71
N LYS D 268 -49.17 -1.23 -46.65
CA LYS D 268 -49.37 0.16 -46.19
C LYS D 268 -50.38 0.14 -45.05
N PRO D 269 -50.00 -0.40 -43.90
CA PRO D 269 -50.96 -0.54 -42.81
C PRO D 269 -51.30 0.79 -42.18
N ILE D 270 -52.50 0.86 -41.61
CA ILE D 270 -52.82 1.99 -40.74
C ILE D 270 -51.80 2.02 -39.60
N LEU D 271 -51.35 3.22 -39.25
CA LEU D 271 -50.27 3.36 -38.30
C LEU D 271 -50.82 3.64 -36.90
N TRP D 272 -50.31 2.89 -35.93
CA TRP D 272 -50.67 3.09 -34.53
C TRP D 272 -50.34 4.52 -34.11
N THR D 273 -51.29 5.20 -33.46
CA THR D 273 -51.00 6.45 -32.77
C THR D 273 -51.69 6.44 -31.41
N PRO D 274 -51.27 7.33 -30.50
CA PRO D 274 -51.98 7.45 -29.21
C PRO D 274 -53.47 7.70 -29.34
N GLU D 275 -53.87 8.58 -30.26
CA GLU D 275 -55.28 8.85 -30.50
C GLU D 275 -55.99 7.70 -31.20
N ASN D 276 -55.24 6.90 -31.99
CA ASN D 276 -55.78 5.80 -32.79
C ASN D 276 -54.93 4.55 -32.65
N PRO D 277 -55.04 3.85 -31.52
CA PRO D 277 -54.12 2.72 -31.27
C PRO D 277 -54.46 1.47 -32.07
N LYS D 278 -54.49 1.63 -33.40
CA LYS D 278 -54.81 0.51 -34.28
C LYS D 278 -53.85 -0.66 -34.09
N LEU D 279 -54.39 -1.85 -33.92
CA LEU D 279 -53.63 -3.08 -33.80
C LEU D 279 -54.20 -4.11 -34.77
N TYR D 280 -53.32 -4.89 -35.38
CA TYR D 280 -53.67 -5.86 -36.40
C TYR D 280 -53.52 -7.27 -35.86
N ALA D 281 -54.53 -8.11 -36.09
CA ALA D 281 -54.39 -9.54 -35.79
C ALA D 281 -53.34 -10.14 -36.70
N VAL D 282 -52.37 -10.84 -36.11
CA VAL D 282 -51.24 -11.42 -36.82
C VAL D 282 -51.16 -12.90 -36.48
N ASN D 283 -51.21 -13.76 -37.50
CA ASN D 283 -51.24 -15.20 -37.33
C ASN D 283 -50.00 -15.85 -37.92
N LEU D 284 -49.30 -16.64 -37.11
CA LEU D 284 -48.16 -17.43 -37.53
C LEU D 284 -48.51 -18.91 -37.50
N ALA D 285 -47.90 -19.67 -38.41
CA ALA D 285 -48.24 -21.08 -38.56
C ALA D 285 -47.09 -21.81 -39.22
N SER D 286 -46.45 -22.70 -38.46
CA SER D 286 -45.46 -23.60 -39.02
C SER D 286 -46.16 -24.87 -39.45
N GLU D 287 -45.38 -25.89 -39.79
CA GLU D 287 -46.00 -27.18 -40.06
C GLU D 287 -46.55 -27.82 -38.78
N THR D 288 -46.01 -27.48 -37.61
CA THR D 288 -46.33 -28.21 -36.39
C THR D 288 -46.86 -27.35 -35.24
N ASP D 289 -46.97 -26.03 -35.40
CA ASP D 289 -47.41 -25.16 -34.31
C ASP D 289 -47.92 -23.86 -34.91
N LYS D 290 -48.60 -23.07 -34.08
CA LYS D 290 -49.15 -21.80 -34.53
C LYS D 290 -49.46 -20.93 -33.32
N VAL D 291 -49.53 -19.62 -33.56
CA VAL D 291 -49.75 -18.64 -32.51
C VAL D 291 -50.26 -17.37 -33.17
N SER D 292 -51.14 -16.65 -32.47
CA SER D 292 -51.70 -15.38 -32.91
C SER D 292 -51.28 -14.27 -31.96
N ASP D 293 -51.25 -13.04 -32.47
CA ASP D 293 -50.73 -11.90 -31.71
C ASP D 293 -51.52 -10.66 -32.10
N GLU D 294 -51.43 -9.62 -31.26
CA GLU D 294 -51.97 -8.29 -31.56
C GLU D 294 -50.80 -7.33 -31.70
N ILE D 295 -50.56 -6.83 -32.91
CA ILE D 295 -49.38 -6.02 -33.21
C ILE D 295 -49.80 -4.74 -33.92
N GLY D 296 -49.10 -3.65 -33.58
CA GLY D 296 -49.33 -2.37 -34.20
C GLY D 296 -48.14 -1.95 -35.05
N PHE D 297 -48.33 -0.86 -35.80
CA PHE D 297 -47.33 -0.38 -36.73
C PHE D 297 -47.22 1.13 -36.70
N ARG D 298 -45.98 1.60 -36.49
CA ARG D 298 -45.66 3.02 -36.42
C ARG D 298 -44.20 3.21 -36.81
N THR D 299 -43.84 4.45 -37.14
CA THR D 299 -42.46 4.86 -37.31
C THR D 299 -42.09 5.89 -36.26
N ILE D 300 -40.81 5.94 -35.91
CA ILE D 300 -40.36 6.81 -34.84
C ILE D 300 -38.94 7.25 -35.14
N ARG D 301 -38.67 8.54 -35.02
CA ARG D 301 -37.33 9.06 -35.25
C ARG D 301 -37.16 10.40 -34.56
N THR D 302 -35.91 10.80 -34.40
CA THR D 302 -35.56 12.16 -34.05
C THR D 302 -35.27 12.97 -35.31
N GLU D 303 -35.53 14.27 -35.23
CA GLU D 303 -35.15 15.20 -36.28
C GLU D 303 -34.81 16.51 -35.57
N GLY D 304 -33.53 16.80 -35.43
CA GLY D 304 -33.12 17.94 -34.62
C GLY D 304 -33.65 17.77 -33.22
N ILE D 305 -34.38 18.77 -32.76
CA ILE D 305 -34.98 18.74 -31.43
C ILE D 305 -36.42 18.24 -31.48
N LYS D 306 -36.82 17.58 -32.55
CA LYS D 306 -38.19 17.10 -32.74
C LYS D 306 -38.25 15.59 -32.67
N ILE D 307 -39.30 15.08 -32.01
CA ILE D 307 -39.63 13.65 -31.99
C ILE D 307 -40.77 13.46 -32.97
N LEU D 308 -40.57 12.56 -33.92
CA LEU D 308 -41.48 12.36 -35.05
C LEU D 308 -42.11 10.98 -34.96
N LEU D 309 -43.44 10.94 -34.83
CA LEU D 309 -44.19 9.70 -34.79
C LEU D 309 -44.94 9.56 -36.12
N ASN D 310 -44.55 8.56 -36.92
CA ASN D 310 -45.13 8.38 -38.25
C ASN D 310 -44.92 9.64 -39.10
N ASP D 311 -43.72 10.20 -39.04
CA ASP D 311 -43.31 11.39 -39.77
C ASP D 311 -43.92 12.70 -39.23
N LYS D 312 -44.67 12.65 -38.13
CA LYS D 312 -45.33 13.84 -37.59
C LYS D 312 -44.75 14.18 -36.22
N GLU D 313 -44.45 15.46 -36.01
CA GLU D 313 -43.85 15.91 -34.75
C GLU D 313 -44.86 15.82 -33.62
N ILE D 314 -44.42 15.31 -32.47
CA ILE D 314 -45.28 15.14 -31.30
C ILE D 314 -44.53 15.52 -30.03
N PHE D 315 -45.30 15.92 -29.02
CA PHE D 315 -44.81 16.11 -27.65
C PHE D 315 -45.17 14.91 -26.80
N CYS D 316 -44.26 14.50 -25.92
CA CYS D 316 -44.56 13.38 -25.03
C CYS D 316 -45.13 13.93 -23.73
N ARG D 317 -46.46 14.02 -23.67
CA ARG D 317 -47.16 14.44 -22.45
C ARG D 317 -47.32 13.20 -21.58
N GLY D 318 -46.38 13.01 -20.65
CA GLY D 318 -46.25 11.76 -19.93
C GLY D 318 -46.51 11.88 -18.43
N ILE D 319 -46.38 10.74 -17.77
CA ILE D 319 -46.36 10.66 -16.31
C ILE D 319 -45.63 9.36 -15.97
N SER D 320 -45.01 9.34 -14.81
CA SER D 320 -44.23 8.19 -14.37
C SER D 320 -45.10 7.35 -13.45
N ILE D 321 -44.93 6.03 -13.55
CA ILE D 321 -45.75 5.08 -12.81
C ILE D 321 -44.86 3.95 -12.28
N HIS D 322 -44.93 3.72 -10.97
CA HIS D 322 -44.36 2.51 -10.38
C HIS D 322 -45.35 1.36 -10.53
N GLU D 323 -44.83 0.13 -10.49
CA GLU D 323 -45.65 -1.08 -10.63
C GLU D 323 -46.28 -1.41 -9.28
N GLU D 324 -47.18 -0.54 -8.85
CA GLU D 324 -47.77 -0.62 -7.52
C GLU D 324 -49.26 -0.37 -7.64
N THR D 325 -50.06 -1.10 -6.84
CA THR D 325 -51.49 -1.09 -7.07
C THR D 325 -52.16 0.13 -6.44
N PRO D 326 -53.22 0.62 -7.06
CA PRO D 326 -54.15 1.53 -6.38
C PRO D 326 -54.68 0.92 -5.09
N TYR D 327 -54.94 1.80 -4.12
CA TYR D 327 -55.63 1.49 -2.86
C TYR D 327 -54.78 0.73 -1.83
N TYR D 328 -54.23 -0.43 -2.17
CA TYR D 328 -53.50 -1.21 -1.18
C TYR D 328 -52.00 -1.26 -1.45
N SER D 329 -51.56 -0.71 -2.58
CA SER D 329 -50.15 -0.41 -2.79
C SER D 329 -49.29 -1.65 -2.60
N GLY D 330 -49.70 -2.71 -3.30
CA GLY D 330 -48.85 -3.87 -3.49
C GLY D 330 -48.34 -3.92 -4.93
N ARG D 331 -47.60 -5.00 -5.20
CA ARG D 331 -47.05 -5.21 -6.53
C ARG D 331 -48.17 -5.46 -7.54
N ALA D 332 -48.22 -4.60 -8.57
CA ALA D 332 -49.22 -4.71 -9.62
C ALA D 332 -48.85 -5.81 -10.60
N TYR D 333 -49.88 -6.54 -11.07
CA TYR D 333 -49.65 -7.63 -12.03
C TYR D 333 -50.80 -7.82 -13.03
N SER D 334 -51.98 -7.30 -12.73
CA SER D 334 -53.14 -7.68 -13.53
C SER D 334 -53.59 -6.56 -14.45
N LYS D 335 -54.40 -6.95 -15.44
CA LYS D 335 -55.01 -5.98 -16.36
C LYS D 335 -55.89 -4.99 -15.60
N ASP D 336 -56.69 -5.48 -14.66
CA ASP D 336 -57.36 -4.61 -13.70
C ASP D 336 -56.44 -3.50 -13.20
N HIS D 337 -55.27 -3.87 -12.67
CA HIS D 337 -54.34 -2.90 -12.10
C HIS D 337 -53.89 -1.89 -13.15
N ALA D 338 -53.42 -2.41 -14.30
CA ALA D 338 -53.04 -1.59 -15.44
C ALA D 338 -54.11 -0.58 -15.79
N HIS D 339 -55.33 -1.07 -16.02
CA HIS D 339 -56.37 -0.21 -16.55
C HIS D 339 -56.70 0.91 -15.57
N THR D 340 -56.78 0.61 -14.29
CA THR D 340 -57.07 1.65 -13.31
C THR D 340 -55.99 2.73 -13.34
N LEU D 341 -54.72 2.34 -13.20
CA LEU D 341 -53.64 3.32 -13.27
C LEU D 341 -53.71 4.12 -14.56
N LEU D 342 -53.74 3.41 -15.70
CA LEU D 342 -53.82 4.08 -16.98
C LEU D 342 -55.10 4.91 -17.14
N SER D 343 -56.17 4.55 -16.44
CA SER D 343 -57.35 5.40 -16.55
C SER D 343 -57.10 6.76 -15.92
N TRP D 344 -56.23 6.83 -14.93
CA TRP D 344 -55.80 8.11 -14.34
C TRP D 344 -54.89 8.89 -15.28
N ALA D 345 -53.92 8.21 -15.90
CA ALA D 345 -53.08 8.86 -16.91
C ALA D 345 -53.94 9.44 -18.02
N LYS D 346 -54.90 8.67 -18.52
CA LYS D 346 -55.84 9.17 -19.51
C LYS D 346 -56.55 10.43 -19.02
N GLU D 347 -57.13 10.39 -17.81
CA GLU D 347 -57.81 11.59 -17.30
C GLU D 347 -56.83 12.74 -17.08
N LEU D 348 -55.56 12.43 -16.81
CA LEU D 348 -54.56 13.48 -16.64
C LEU D 348 -54.17 14.16 -17.96
N GLY D 349 -54.43 13.53 -19.10
CA GLY D 349 -54.16 14.13 -20.39
C GLY D 349 -52.93 13.60 -21.10
N CYS D 350 -52.37 12.49 -20.65
CA CYS D 350 -51.16 11.96 -21.24
C CYS D 350 -51.46 11.17 -22.50
N ASN D 351 -50.52 11.24 -23.44
CA ASN D 351 -50.40 10.29 -24.54
C ASN D 351 -49.23 9.36 -24.30
N PHE D 352 -48.70 9.34 -23.09
CA PHE D 352 -47.38 8.81 -22.81
C PHE D 352 -47.29 8.45 -21.32
N VAL D 353 -46.60 7.35 -21.03
CA VAL D 353 -46.32 6.95 -19.65
C VAL D 353 -44.92 6.39 -19.59
N ARG D 354 -44.21 6.70 -18.50
CA ARG D 354 -42.93 6.09 -18.20
C ARG D 354 -43.12 5.01 -17.12
N LEU D 355 -42.71 3.80 -17.44
CA LEU D 355 -42.82 2.68 -16.49
C LEU D 355 -41.46 2.55 -15.81
N ALA D 356 -41.37 3.05 -14.58
CA ALA D 356 -40.14 2.99 -13.79
C ALA D 356 -40.28 1.96 -12.68
N HIS D 357 -39.15 1.47 -12.18
CA HIS D 357 -37.80 1.75 -12.67
C HIS D 357 -37.22 0.49 -13.33
N TYR D 358 -38.09 -0.33 -13.90
CA TYR D 358 -37.79 -1.71 -14.23
C TYR D 358 -38.84 -2.19 -15.22
N PRO D 359 -38.56 -3.24 -15.97
CA PRO D 359 -39.58 -3.78 -16.88
C PRO D 359 -40.84 -4.15 -16.10
N HIS D 360 -41.96 -3.51 -16.42
CA HIS D 360 -43.21 -3.84 -15.76
C HIS D 360 -43.75 -5.18 -16.24
N ASN D 361 -44.81 -5.66 -15.58
CA ASN D 361 -45.47 -6.86 -16.08
C ASN D 361 -46.06 -6.60 -17.48
N GLU D 362 -46.27 -7.69 -18.22
CA GLU D 362 -46.76 -7.58 -19.60
C GLU D 362 -48.19 -7.02 -19.67
N GLU D 363 -49.03 -7.29 -18.67
CA GLU D 363 -50.40 -6.75 -18.73
C GLU D 363 -50.39 -5.25 -18.83
N MET D 364 -49.43 -4.60 -18.18
CA MET D 364 -49.35 -3.15 -18.17
C MET D 364 -48.91 -2.61 -19.53
N VAL D 365 -47.91 -3.23 -20.14
CA VAL D 365 -47.52 -2.82 -21.49
C VAL D 365 -48.68 -3.04 -22.46
N ARG D 366 -49.32 -4.21 -22.39
CA ARG D 366 -50.42 -4.49 -23.32
C ARG D 366 -51.57 -3.51 -23.15
N GLU D 367 -51.90 -3.17 -21.91
CA GLU D 367 -53.02 -2.25 -21.72
C GLU D 367 -52.67 -0.87 -22.24
N ALA D 368 -51.45 -0.40 -22.02
CA ALA D 368 -51.05 0.91 -22.55
C ALA D 368 -51.08 0.90 -24.08
N GLU D 369 -50.56 -0.15 -24.70
CA GLU D 369 -50.61 -0.29 -26.16
C GLU D 369 -52.05 -0.24 -26.64
N ARG D 370 -52.96 -0.83 -25.89
CA ARG D 370 -54.35 -0.95 -26.32
C ARG D 370 -55.10 0.37 -26.15
N MET D 371 -54.91 1.06 -25.02
CA MET D 371 -55.62 2.32 -24.75
C MET D 371 -54.99 3.53 -25.43
N GLY D 372 -53.77 3.41 -25.94
CA GLY D 372 -53.13 4.54 -26.60
C GLY D 372 -52.21 5.38 -25.71
N PHE D 373 -51.20 4.73 -25.14
CA PHE D 373 -50.15 5.41 -24.41
C PHE D 373 -48.82 4.96 -24.99
N LEU D 374 -48.00 5.91 -25.39
CA LEU D 374 -46.61 5.61 -25.69
C LEU D 374 -45.89 5.25 -24.39
N VAL D 375 -44.88 4.40 -24.49
CA VAL D 375 -44.22 3.84 -23.32
C VAL D 375 -42.74 4.20 -23.32
N TRP D 376 -42.28 4.66 -22.17
CA TRP D 376 -40.89 4.61 -21.76
C TRP D 376 -40.71 3.38 -20.88
N SER D 377 -39.77 2.50 -21.25
CA SER D 377 -39.46 1.27 -20.52
C SER D 377 -37.97 1.22 -20.17
N GLU D 378 -37.63 0.60 -19.02
CA GLU D 378 -36.26 0.73 -18.50
C GLU D 378 -35.90 -0.38 -17.52
N ILE D 379 -34.59 -0.53 -17.31
CA ILE D 379 -34.03 -1.48 -16.37
C ILE D 379 -33.54 -0.76 -15.12
N PRO D 380 -33.44 -1.41 -13.97
CA PRO D 380 -33.11 -0.72 -12.72
C PRO D 380 -31.61 -0.55 -12.48
N VAL D 381 -30.91 0.00 -13.46
CA VAL D 381 -29.56 0.52 -13.30
C VAL D 381 -29.73 1.90 -12.66
N TYR D 382 -29.33 2.03 -11.40
CA TYR D 382 -29.92 3.04 -10.52
C TYR D 382 -28.94 3.32 -9.39
N TRP D 383 -28.41 4.55 -9.34
CA TRP D 383 -27.48 4.96 -8.28
C TRP D 383 -26.21 4.12 -8.29
N THR D 384 -25.67 3.81 -7.11
CA THR D 384 -24.29 3.32 -6.97
C THR D 384 -24.17 1.84 -7.36
N ILE D 385 -24.57 1.53 -8.59
CA ILE D 385 -24.29 0.22 -9.18
C ILE D 385 -22.78 -0.02 -9.17
N HIS D 386 -22.38 -1.31 -9.08
CA HIS D 386 -20.96 -1.66 -9.07
C HIS D 386 -20.43 -1.72 -10.49
N TRP D 387 -20.04 -0.57 -11.01
CA TRP D 387 -19.66 -0.45 -12.42
C TRP D 387 -18.48 -1.32 -12.80
N GLU D 388 -17.62 -1.68 -11.86
CA GLU D 388 -16.42 -2.46 -12.16
C GLU D 388 -16.62 -3.96 -12.04
N ASN D 389 -17.83 -4.40 -11.70
CA ASN D 389 -18.12 -5.81 -11.49
C ASN D 389 -18.69 -6.40 -12.78
N LYS D 390 -17.98 -7.39 -13.33
CA LYS D 390 -18.34 -7.95 -14.64
C LYS D 390 -19.58 -8.83 -14.57
N ASP D 391 -19.72 -9.61 -13.49
CA ASP D 391 -20.98 -10.30 -13.24
C ASP D 391 -22.13 -9.31 -13.08
N THR D 392 -21.91 -8.23 -12.30
CA THR D 392 -22.90 -7.16 -12.25
C THR D 392 -23.28 -6.75 -13.65
N TYR D 393 -22.26 -6.55 -14.50
CA TYR D 393 -22.54 -6.18 -15.88
C TYR D 393 -23.39 -7.22 -16.58
N GLN D 394 -22.96 -8.48 -16.54
CA GLN D 394 -23.71 -9.56 -17.18
C GLN D 394 -25.17 -9.51 -16.78
N ASN D 395 -25.41 -9.27 -15.50
CA ASN D 395 -26.77 -9.19 -14.99
C ASN D 395 -27.53 -8.03 -15.62
N ALA D 396 -26.94 -6.84 -15.63
CA ALA D 396 -27.64 -5.71 -16.23
C ALA D 396 -27.82 -5.91 -17.74
N GLU D 397 -26.86 -6.53 -18.42
CA GLU D 397 -27.06 -6.73 -19.84
C GLU D 397 -28.15 -7.75 -20.12
N GLN D 398 -28.20 -8.84 -19.33
CA GLN D 398 -29.25 -9.82 -19.51
C GLN D 398 -30.62 -9.20 -19.32
N GLN D 399 -30.76 -8.29 -18.34
CA GLN D 399 -32.07 -7.66 -18.10
C GLN D 399 -32.44 -6.73 -19.25
N LEU D 400 -31.46 -6.15 -19.95
CA LEU D 400 -31.74 -5.41 -21.17
C LEU D 400 -32.25 -6.34 -22.27
N CYS D 401 -31.50 -7.41 -22.55
CA CYS D 401 -31.94 -8.39 -23.53
C CYS D 401 -33.32 -8.93 -23.18
N ASP D 402 -33.53 -9.29 -21.92
CA ASP D 402 -34.83 -9.86 -21.54
C ASP D 402 -35.96 -8.86 -21.72
N MET D 403 -35.73 -7.60 -21.35
CA MET D 403 -36.76 -6.58 -21.51
C MET D 403 -37.14 -6.42 -22.98
N ILE D 404 -36.16 -6.20 -23.86
CA ILE D 404 -36.42 -5.99 -25.28
C ILE D 404 -36.97 -7.26 -25.91
N ALA D 405 -36.41 -8.42 -25.56
CA ALA D 405 -36.85 -9.64 -26.22
C ALA D 405 -38.34 -9.90 -25.96
N ARG D 406 -38.83 -9.58 -24.76
CA ARG D 406 -40.24 -9.78 -24.48
C ARG D 406 -41.11 -8.81 -25.28
N ASP D 407 -40.69 -7.55 -25.43
CA ASP D 407 -41.58 -6.49 -25.85
C ASP D 407 -41.24 -5.90 -27.22
N LYS D 408 -40.46 -6.60 -28.04
CA LYS D 408 -40.02 -6.04 -29.31
C LYS D 408 -41.17 -5.72 -30.25
N ASN D 409 -42.28 -6.47 -30.17
CA ASN D 409 -43.42 -6.28 -31.06
C ASN D 409 -44.50 -5.36 -30.47
N ARG D 410 -44.18 -4.59 -29.42
CA ARG D 410 -45.13 -3.67 -28.82
C ARG D 410 -44.79 -2.28 -29.37
N CYS D 411 -45.61 -1.82 -30.33
CA CYS D 411 -45.24 -0.62 -31.07
C CYS D 411 -45.41 0.66 -30.26
N ASN D 412 -46.15 0.62 -29.16
CA ASN D 412 -46.32 1.83 -28.37
C ASN D 412 -45.05 2.21 -27.62
N ILE D 413 -44.14 1.25 -27.40
CA ILE D 413 -42.85 1.57 -26.80
C ILE D 413 -41.96 2.26 -27.84
N ILE D 414 -41.46 3.44 -27.48
CA ILE D 414 -40.56 4.19 -28.35
C ILE D 414 -39.22 4.50 -27.70
N ILE D 415 -39.09 4.44 -26.37
CA ILE D 415 -37.85 4.77 -25.66
C ILE D 415 -37.45 3.60 -24.77
N TRP D 416 -36.26 3.05 -25.00
CA TRP D 416 -35.59 2.18 -24.06
C TRP D 416 -34.62 3.02 -23.25
N SER D 417 -34.70 2.95 -21.92
CA SER D 417 -33.74 3.63 -21.06
C SER D 417 -32.81 2.62 -20.41
N ILE D 418 -31.51 2.92 -20.39
CA ILE D 418 -30.53 2.00 -19.85
C ILE D 418 -30.00 2.45 -18.48
N ALA D 419 -30.42 3.60 -17.97
CA ALA D 419 -29.95 3.97 -16.63
C ALA D 419 -30.78 5.11 -16.05
N ASN D 420 -30.93 5.12 -14.74
CA ASN D 420 -31.52 6.23 -14.01
C ASN D 420 -30.41 7.15 -13.53
N GLU D 421 -30.66 7.95 -12.50
CA GLU D 421 -29.61 8.77 -11.92
C GLU D 421 -28.44 7.89 -11.47
N THR D 422 -27.31 7.99 -12.18
CA THR D 422 -26.06 7.34 -11.86
C THR D 422 -24.99 8.38 -11.56
N PRO D 423 -24.04 8.10 -10.68
CA PRO D 423 -22.98 9.07 -10.42
C PRO D 423 -21.94 9.05 -11.52
N HIS D 424 -21.37 10.22 -11.77
CA HIS D 424 -20.49 10.50 -12.91
C HIS D 424 -19.14 9.81 -12.71
N SER D 425 -18.82 8.83 -13.56
CA SER D 425 -17.58 8.09 -13.39
C SER D 425 -17.18 7.42 -14.70
N LYS D 426 -15.88 7.10 -14.79
CA LYS D 426 -15.34 6.46 -15.99
C LYS D 426 -15.90 5.06 -16.17
N THR D 427 -15.73 4.20 -15.17
CA THR D 427 -16.30 2.86 -15.24
C THR D 427 -17.80 2.93 -15.47
N ARG D 428 -18.49 3.91 -14.87
CA ARG D 428 -19.92 4.08 -15.11
C ARG D 428 -20.19 4.34 -16.59
N LEU D 429 -19.39 5.22 -17.18
CA LEU D 429 -19.49 5.48 -18.61
C LEU D 429 -19.28 4.19 -19.42
N THR D 430 -18.16 3.50 -19.21
CA THR D 430 -17.95 2.25 -19.94
C THR D 430 -19.13 1.30 -19.76
N PHE D 431 -19.67 1.23 -18.54
CA PHE D 431 -20.81 0.39 -18.25
C PHE D 431 -22.05 0.85 -19.04
N LEU D 432 -22.43 2.11 -18.89
CA LEU D 432 -23.62 2.60 -19.57
C LEU D 432 -23.45 2.61 -21.09
N SER D 433 -22.20 2.68 -21.59
CA SER D 433 -21.96 2.65 -23.04
C SER D 433 -22.14 1.25 -23.60
N ASN D 434 -21.61 0.24 -22.93
CA ASN D 434 -21.76 -1.13 -23.41
C ASN D 434 -23.23 -1.52 -23.51
N LEU D 435 -24.08 -0.99 -22.61
CA LEU D 435 -25.50 -1.26 -22.68
C LEU D 435 -26.15 -0.49 -23.84
N ALA D 436 -25.97 0.83 -23.87
CA ALA D 436 -26.46 1.61 -25.00
C ALA D 436 -26.09 0.99 -26.33
N ASN D 437 -24.87 0.45 -26.43
CA ASN D 437 -24.48 -0.24 -27.66
C ASN D 437 -25.24 -1.55 -27.83
N LYS D 438 -25.39 -2.31 -26.75
CA LYS D 438 -26.17 -3.55 -26.84
C LYS D 438 -27.63 -3.24 -27.15
N ALA D 439 -28.11 -2.08 -26.72
CA ALA D 439 -29.49 -1.69 -27.02
C ALA D 439 -29.68 -1.49 -28.51
N ARG D 440 -28.85 -0.65 -29.14
CA ARG D 440 -29.03 -0.40 -30.56
C ARG D 440 -28.79 -1.64 -31.40
N SER D 441 -27.86 -2.50 -30.97
CA SER D 441 -27.58 -3.71 -31.72
C SER D 441 -28.77 -4.66 -31.75
N LEU D 442 -29.72 -4.51 -30.81
CA LEU D 442 -30.89 -5.37 -30.75
C LEU D 442 -32.16 -4.71 -31.28
N ASP D 443 -32.18 -3.38 -31.40
CA ASP D 443 -33.36 -2.66 -31.89
C ASP D 443 -32.86 -1.39 -32.58
N SER D 444 -32.81 -1.42 -33.91
CA SER D 444 -32.37 -0.27 -34.68
C SER D 444 -33.39 0.86 -34.71
N VAL D 445 -34.62 0.59 -34.30
CA VAL D 445 -35.72 1.53 -34.53
C VAL D 445 -35.92 2.46 -33.35
N ARG D 446 -36.06 1.91 -32.15
CA ARG D 446 -36.46 2.74 -31.02
C ARG D 446 -35.29 3.60 -30.52
N LEU D 447 -35.65 4.68 -29.83
CA LEU D 447 -34.69 5.62 -29.28
C LEU D 447 -34.11 5.09 -27.96
N ILE D 448 -32.87 5.48 -27.66
CA ILE D 448 -32.16 5.08 -26.45
C ILE D 448 -31.96 6.30 -25.55
N GLY D 449 -32.40 6.19 -24.29
CA GLY D 449 -32.27 7.25 -23.31
C GLY D 449 -31.51 6.81 -22.07
N ALA D 450 -31.29 7.77 -21.17
CA ALA D 450 -30.61 7.56 -19.90
C ALA D 450 -30.59 8.87 -19.12
N ALA D 451 -30.51 8.80 -17.79
CA ALA D 451 -30.54 10.00 -16.97
C ALA D 451 -29.17 10.68 -16.98
N MET D 452 -29.12 11.93 -17.44
CA MET D 452 -27.86 12.60 -17.74
C MET D 452 -27.43 13.54 -16.61
N GLU D 453 -26.10 13.66 -16.45
CA GLU D 453 -25.51 14.60 -15.49
C GLU D 453 -25.82 16.04 -15.87
N LYS D 454 -26.18 16.83 -14.87
CA LYS D 454 -26.53 18.23 -15.03
C LYS D 454 -25.35 19.11 -14.61
N GLU D 455 -25.47 20.40 -14.93
CA GLU D 455 -24.41 21.35 -14.60
C GLU D 455 -24.96 22.77 -14.66
N GLU D 456 -24.48 23.62 -13.77
CA GLU D 456 -24.79 25.05 -13.76
C GLU D 456 -23.67 25.78 -14.50
N VAL D 457 -23.96 26.25 -15.72
CA VAL D 457 -22.93 26.92 -16.51
C VAL D 457 -22.88 28.42 -16.29
N GLN D 458 -23.82 28.98 -15.54
CA GLN D 458 -23.77 30.36 -15.10
C GLN D 458 -25.00 30.61 -14.24
N PRO D 459 -24.97 31.57 -13.34
CA PRO D 459 -26.00 31.63 -12.30
C PRO D 459 -27.39 31.55 -12.92
N GLY D 460 -28.21 30.65 -12.39
CA GLY D 460 -29.56 30.45 -12.86
C GLY D 460 -29.72 29.75 -14.20
N VAL D 461 -28.64 29.21 -14.77
CA VAL D 461 -28.68 28.62 -16.12
C VAL D 461 -28.14 27.20 -16.05
N LEU D 462 -28.94 26.23 -16.49
CA LEU D 462 -28.59 24.82 -16.38
C LEU D 462 -28.57 24.13 -17.75
N THR D 463 -27.67 23.17 -17.88
CA THR D 463 -27.59 22.34 -19.06
C THR D 463 -27.32 20.91 -18.63
N VAL D 464 -27.06 20.06 -19.61
CA VAL D 464 -26.59 18.70 -19.40
C VAL D 464 -25.14 18.65 -19.86
N ASN D 465 -24.28 18.00 -19.07
CA ASN D 465 -22.90 17.75 -19.45
C ASN D 465 -22.56 16.30 -19.12
N ASP D 466 -22.67 15.43 -20.12
CA ASP D 466 -22.49 13.99 -19.95
C ASP D 466 -22.08 13.35 -21.27
N PRO D 467 -20.88 12.78 -21.36
CA PRO D 467 -20.46 12.12 -22.60
C PRO D 467 -21.32 10.92 -22.98
N LEU D 468 -22.16 10.43 -22.05
CA LEU D 468 -23.14 9.40 -22.39
C LEU D 468 -24.06 9.85 -23.51
N GLY D 469 -24.41 11.15 -23.53
CA GLY D 469 -25.39 11.67 -24.47
C GLY D 469 -25.08 11.40 -25.92
N GLU D 470 -23.82 11.10 -26.26
CA GLU D 470 -23.47 10.83 -27.66
C GLU D 470 -24.11 9.54 -28.15
N LEU D 471 -24.12 8.51 -27.29
CA LEU D 471 -24.79 7.25 -27.58
C LEU D 471 -26.29 7.29 -27.33
N LEU D 472 -26.85 8.45 -26.99
CA LEU D 472 -28.27 8.59 -26.74
C LEU D 472 -28.92 9.35 -27.88
N ASP D 473 -30.23 9.18 -28.04
CA ASP D 473 -30.97 9.87 -29.07
C ASP D 473 -31.77 11.05 -28.54
N ILE D 474 -31.72 11.31 -27.24
CA ILE D 474 -32.44 12.41 -26.62
C ILE D 474 -31.63 12.89 -25.43
N ILE D 475 -31.91 14.13 -25.02
CA ILE D 475 -31.32 14.69 -23.80
C ILE D 475 -32.31 14.40 -22.67
N SER D 476 -32.14 13.25 -22.02
CA SER D 476 -32.97 12.86 -20.89
C SER D 476 -32.24 13.18 -19.58
N PHE D 477 -32.98 13.75 -18.63
CA PHE D 477 -32.43 14.08 -17.33
C PHE D 477 -33.57 14.33 -16.34
N ASN D 478 -33.26 14.17 -15.06
CA ASN D 478 -34.19 14.39 -13.97
C ASN D 478 -33.82 15.68 -13.25
N GLU D 479 -34.82 16.44 -12.85
CA GLU D 479 -34.58 17.66 -12.09
C GLU D 479 -35.74 17.88 -11.14
N TYR D 480 -35.43 18.39 -9.95
CA TYR D 480 -36.43 18.66 -8.94
C TYR D 480 -36.31 20.08 -8.44
N VAL D 481 -36.06 21.01 -9.37
CA VAL D 481 -36.14 22.43 -9.00
C VAL D 481 -37.47 22.69 -8.34
N GLY D 482 -37.43 23.32 -7.16
CA GLY D 482 -38.61 23.66 -6.42
C GLY D 482 -38.91 22.73 -5.27
N TRP D 483 -38.36 21.51 -5.26
CA TRP D 483 -38.60 20.60 -4.15
C TRP D 483 -37.30 20.24 -3.44
N TYR D 484 -36.38 19.53 -4.09
CA TYR D 484 -35.04 19.33 -3.56
C TYR D 484 -34.13 20.52 -3.81
N ASP D 485 -34.42 21.32 -4.84
CA ASP D 485 -33.55 22.39 -5.35
C ASP D 485 -34.28 23.72 -5.15
N GLY D 486 -34.13 24.31 -3.96
CA GLY D 486 -34.87 25.51 -3.60
C GLY D 486 -36.35 25.27 -3.31
N ASP D 487 -36.99 26.33 -2.80
CA ASP D 487 -38.45 26.44 -2.71
C ASP D 487 -39.05 26.56 -4.10
N SER D 488 -40.38 26.73 -4.17
CA SER D 488 -41.06 26.84 -5.46
C SER D 488 -40.59 28.05 -6.26
N GLU D 489 -40.45 29.21 -5.61
CA GLU D 489 -40.05 30.42 -6.32
C GLU D 489 -38.84 30.20 -7.24
N LYS D 490 -37.91 29.32 -6.87
CA LYS D 490 -36.68 29.19 -7.63
C LYS D 490 -36.92 28.75 -9.06
N CYS D 491 -37.97 27.96 -9.32
CA CYS D 491 -38.35 27.66 -10.69
C CYS D 491 -38.45 28.95 -11.50
N ASP D 492 -38.95 30.01 -10.88
CA ASP D 492 -39.03 31.30 -11.53
C ASP D 492 -37.66 31.90 -11.81
N ARG D 493 -36.57 31.37 -11.24
CA ARG D 493 -35.24 31.92 -11.42
C ARG D 493 -34.32 30.95 -12.15
N VAL D 494 -34.86 30.05 -12.97
CA VAL D 494 -34.07 28.98 -13.58
C VAL D 494 -34.40 28.87 -15.06
N ASN D 495 -33.37 28.69 -15.87
CA ASN D 495 -33.56 28.47 -17.29
C ASN D 495 -32.54 27.44 -17.75
N TRP D 496 -32.70 27.00 -19.01
CA TRP D 496 -32.03 25.81 -19.50
C TRP D 496 -31.52 26.01 -20.92
N THR D 497 -30.29 25.59 -21.15
CA THR D 497 -29.60 25.71 -22.43
C THR D 497 -28.97 24.36 -22.77
N PHE D 498 -28.80 24.10 -24.06
CA PHE D 498 -28.28 22.80 -24.48
C PHE D 498 -27.36 22.97 -25.68
N ASP D 499 -26.20 22.32 -25.61
CA ASP D 499 -25.21 22.39 -26.69
C ASP D 499 -25.76 21.79 -27.98
N THR D 500 -26.15 20.52 -27.94
CA THR D 500 -26.56 19.77 -29.12
C THR D 500 -28.05 19.92 -29.37
N GLN D 501 -28.44 19.71 -30.63
CA GLN D 501 -29.84 19.82 -31.06
C GLN D 501 -30.48 18.44 -31.22
N LYS D 502 -30.68 17.81 -30.07
CA LYS D 502 -31.49 16.60 -29.87
C LYS D 502 -32.71 16.97 -29.03
N PRO D 503 -33.78 16.19 -29.08
CA PRO D 503 -34.97 16.55 -28.30
C PRO D 503 -34.72 16.39 -26.81
N VAL D 504 -35.33 17.26 -26.01
CA VAL D 504 -35.14 17.32 -24.57
C VAL D 504 -36.32 16.64 -23.89
N PHE D 505 -36.02 15.56 -23.14
CA PHE D 505 -37.02 14.80 -22.40
C PHE D 505 -36.66 14.83 -20.92
N ILE D 506 -37.45 15.53 -20.12
CA ILE D 506 -37.27 15.55 -18.67
C ILE D 506 -38.01 14.35 -18.08
N SER D 507 -37.26 13.34 -17.61
CA SER D 507 -37.85 12.09 -17.15
C SER D 507 -38.40 12.14 -15.72
N GLU D 508 -38.15 13.20 -14.96
CA GLU D 508 -38.56 13.24 -13.56
C GLU D 508 -38.59 14.67 -13.06
N LEU D 509 -39.64 15.00 -12.31
CA LEU D 509 -39.82 16.28 -11.63
C LEU D 509 -41.07 16.16 -10.77
N GLY D 510 -41.24 17.11 -9.85
CA GLY D 510 -42.41 17.14 -9.01
C GLY D 510 -42.04 17.42 -7.56
N GLY D 511 -42.97 17.11 -6.67
CA GLY D 511 -42.79 17.34 -5.25
C GLY D 511 -43.92 16.68 -4.47
N GLY D 512 -43.76 16.71 -3.14
CA GLY D 512 -44.54 15.87 -2.25
C GLY D 512 -45.74 16.56 -1.62
N ALA D 513 -46.78 15.77 -1.35
CA ALA D 513 -48.00 16.28 -0.76
C ALA D 513 -48.88 15.13 -0.30
N LEU D 514 -49.55 15.33 0.83
CA LEU D 514 -50.50 14.39 1.39
C LEU D 514 -51.91 14.89 1.10
N TYR D 515 -52.65 14.15 0.26
CA TYR D 515 -54.05 14.50 0.02
C TYR D 515 -54.78 14.74 1.34
N GLY D 516 -55.58 15.81 1.36
CA GLY D 516 -56.38 16.18 2.53
C GLY D 516 -55.63 16.99 3.56
N HIS D 517 -54.34 17.25 3.35
CA HIS D 517 -53.52 18.06 4.23
C HIS D 517 -53.41 19.45 3.60
N HIS D 518 -54.12 20.42 4.15
CA HIS D 518 -54.19 21.74 3.53
C HIS D 518 -53.53 22.80 4.40
N GLY D 519 -52.95 23.80 3.74
CA GLY D 519 -52.40 24.93 4.45
C GLY D 519 -51.88 25.99 3.50
N SER D 520 -50.93 26.78 4.00
CA SER D 520 -50.31 27.81 3.18
C SER D 520 -49.54 27.17 2.02
N PRO D 521 -49.53 27.81 0.83
CA PRO D 521 -48.71 27.30 -0.26
C PRO D 521 -47.21 27.37 0.03
N LYS D 522 -46.82 27.98 1.15
CA LYS D 522 -45.45 27.91 1.62
C LYS D 522 -45.16 26.66 2.46
N GLU D 523 -46.19 26.04 3.05
CA GLU D 523 -46.00 24.91 3.93
C GLU D 523 -45.86 23.62 3.11
N ARG D 524 -44.68 23.00 3.19
CA ARG D 524 -44.41 21.81 2.40
C ARG D 524 -45.28 20.64 2.84
N PHE D 525 -45.61 19.77 1.88
CA PHE D 525 -46.40 18.55 2.02
C PHE D 525 -47.90 18.84 2.07
N THR D 526 -48.32 20.10 2.15
CA THR D 526 -49.71 20.44 1.86
C THR D 526 -49.95 20.35 0.36
N GLU D 527 -51.21 20.13 -0.01
CA GLU D 527 -51.56 20.17 -1.42
C GLU D 527 -51.27 21.54 -2.02
N GLU D 528 -51.47 22.61 -1.22
CA GLU D 528 -51.24 23.96 -1.71
C GLU D 528 -49.80 24.16 -2.14
N TYR D 529 -48.83 23.76 -1.30
CA TYR D 529 -47.45 23.91 -1.73
C TYR D 529 -47.22 23.19 -3.06
N GLN D 530 -47.65 21.93 -3.14
CA GLN D 530 -47.42 21.15 -4.36
C GLN D 530 -48.05 21.83 -5.58
N GLU D 531 -49.26 22.33 -5.44
CA GLU D 531 -49.92 23.05 -6.53
C GLU D 531 -49.07 24.24 -6.97
N ASP D 532 -48.74 25.12 -6.03
CA ASP D 532 -47.90 26.26 -6.35
C ASP D 532 -46.61 25.83 -7.05
N LEU D 533 -46.00 24.74 -6.59
CA LEU D 533 -44.78 24.27 -7.22
C LEU D 533 -45.02 23.89 -8.67
N TYR D 534 -46.13 23.22 -8.95
CA TYR D 534 -46.38 22.80 -10.32
C TYR D 534 -46.69 23.99 -11.22
N ILE D 535 -47.38 25.01 -10.71
CA ILE D 535 -47.64 26.19 -11.54
C ILE D 535 -46.32 26.82 -11.94
N ARG D 536 -45.44 27.06 -10.97
CA ARG D 536 -44.17 27.70 -11.28
C ARG D 536 -43.27 26.78 -12.11
N HIS D 537 -43.27 25.48 -11.81
CA HIS D 537 -42.47 24.56 -12.60
C HIS D 537 -42.98 24.45 -14.03
N VAL D 538 -44.29 24.60 -14.24
CA VAL D 538 -44.81 24.51 -15.61
C VAL D 538 -44.36 25.73 -16.41
N ASN D 539 -44.46 26.92 -15.82
CA ASN D 539 -43.91 28.10 -16.45
C ASN D 539 -42.45 27.90 -16.83
N MET D 540 -41.68 27.25 -15.95
CA MET D 540 -40.27 26.98 -16.25
C MET D 540 -40.14 26.06 -17.47
N LEU D 541 -40.85 24.92 -17.45
CA LEU D 541 -40.81 24.01 -18.59
C LEU D 541 -41.13 24.74 -19.88
N LYS D 542 -42.05 25.70 -19.83
CA LYS D 542 -42.43 26.47 -21.02
C LYS D 542 -41.26 27.27 -21.58
N ARG D 543 -40.30 27.66 -20.73
CA ARG D 543 -39.12 28.39 -21.21
C ARG D 543 -38.06 27.50 -21.81
N ILE D 544 -38.16 26.18 -21.63
CA ILE D 544 -37.04 25.31 -21.98
C ILE D 544 -37.05 25.03 -23.48
N PRO D 545 -35.99 25.40 -24.20
CA PRO D 545 -35.97 25.16 -25.65
C PRO D 545 -35.70 23.69 -25.96
N GLY D 546 -36.31 23.21 -27.03
CA GLY D 546 -36.19 21.82 -27.43
C GLY D 546 -36.97 20.83 -26.59
N LEU D 547 -37.69 21.29 -25.56
CA LEU D 547 -38.52 20.38 -24.75
C LEU D 547 -39.45 19.56 -25.63
N ALA D 548 -39.37 18.23 -25.52
CA ALA D 548 -40.23 17.35 -26.29
C ALA D 548 -40.93 16.28 -25.47
N GLY D 549 -40.69 16.19 -24.16
CA GLY D 549 -41.38 15.23 -23.33
C GLY D 549 -41.24 15.57 -21.86
N THR D 550 -42.23 15.15 -21.07
CA THR D 550 -42.12 15.23 -19.62
C THR D 550 -42.90 14.09 -18.99
N THR D 551 -42.25 13.35 -18.10
CA THR D 551 -42.90 12.29 -17.32
C THR D 551 -42.70 12.63 -15.85
N PRO D 552 -43.49 13.54 -15.30
CA PRO D 552 -43.29 13.98 -13.92
C PRO D 552 -43.41 12.83 -12.93
N TRP D 553 -42.74 13.00 -11.79
CA TRP D 553 -42.74 12.05 -10.68
C TRP D 553 -43.70 12.57 -9.62
N ILE D 554 -44.84 11.91 -9.42
CA ILE D 554 -45.19 10.65 -10.07
C ILE D 554 -46.71 10.51 -10.16
N LEU D 555 -47.21 9.46 -10.80
CA LEU D 555 -48.67 9.31 -10.94
C LEU D 555 -49.32 9.05 -9.59
N LYS D 556 -48.87 8.01 -8.89
CA LYS D 556 -49.48 7.58 -7.64
C LYS D 556 -48.43 7.51 -6.53
N ASP D 557 -48.80 8.01 -5.34
CA ASP D 557 -48.02 7.77 -4.13
C ASP D 557 -47.66 6.29 -4.01
N PHE D 558 -46.42 6.02 -3.60
CA PHE D 558 -45.93 4.65 -3.56
C PHE D 558 -45.03 4.46 -2.37
N ARG D 559 -44.80 3.20 -2.03
CA ARG D 559 -44.10 2.83 -0.82
C ARG D 559 -42.60 2.99 -1.01
N SER D 560 -41.96 3.68 -0.06
CA SER D 560 -40.51 3.78 0.00
C SER D 560 -40.01 3.64 1.43
N PRO D 561 -38.95 2.86 1.66
CA PRO D 561 -38.36 2.79 3.01
C PRO D 561 -37.58 4.03 3.41
N ARG D 562 -37.51 5.06 2.56
CA ARG D 562 -36.73 6.25 2.85
C ARG D 562 -37.59 7.48 3.11
N ARG D 563 -38.78 7.30 3.69
CA ARG D 563 -39.72 8.43 3.87
C ARG D 563 -40.37 8.32 5.24
N HIS D 564 -39.85 9.07 6.20
CA HIS D 564 -40.14 8.76 7.60
C HIS D 564 -40.89 9.85 8.34
N VAL D 565 -41.43 10.86 7.66
CA VAL D 565 -42.17 11.88 8.38
C VAL D 565 -43.48 11.26 8.86
N PRO D 566 -43.71 11.16 10.17
CA PRO D 566 -44.96 10.52 10.63
C PRO D 566 -46.18 11.33 10.21
N GLU D 567 -47.27 10.61 9.92
CA GLU D 567 -48.58 11.15 9.55
C GLU D 567 -48.59 11.96 8.25
N ILE D 568 -47.47 12.04 7.53
CA ILE D 568 -47.38 12.72 6.24
C ILE D 568 -46.91 11.75 5.16
N GLN D 569 -45.76 11.12 5.40
CA GLN D 569 -45.28 10.08 4.51
C GLN D 569 -45.67 8.68 4.98
N ASP D 570 -45.39 8.35 6.23
CA ASP D 570 -45.61 7.01 6.78
C ASP D 570 -45.20 5.94 5.77
N ASP D 571 -43.95 6.02 5.33
CA ASP D 571 -43.36 5.04 4.42
C ASP D 571 -43.89 5.13 2.99
N PHE D 572 -44.45 6.27 2.59
CA PHE D 572 -44.77 6.53 1.19
C PHE D 572 -43.99 7.75 0.71
N ASN D 573 -43.37 7.62 -0.45
CA ASN D 573 -43.01 8.81 -1.22
C ASN D 573 -44.32 9.48 -1.64
N ARG D 574 -44.44 10.77 -1.32
CA ARG D 574 -45.72 11.46 -1.47
C ARG D 574 -45.80 12.34 -2.72
N LYS D 575 -44.92 12.13 -3.68
CA LYS D 575 -44.82 12.97 -4.87
C LYS D 575 -45.90 12.66 -5.92
N GLY D 576 -46.87 11.84 -5.55
CA GLY D 576 -47.90 11.47 -6.50
C GLY D 576 -48.82 12.63 -6.80
N LEU D 577 -49.21 12.76 -8.07
CA LEU D 577 -50.33 13.63 -8.39
C LEU D 577 -51.64 13.01 -7.97
N VAL D 578 -51.66 11.71 -7.74
CA VAL D 578 -52.81 11.00 -7.21
C VAL D 578 -52.37 10.34 -5.91
N SER D 579 -53.26 10.34 -4.92
CA SER D 579 -52.91 9.67 -3.68
C SER D 579 -52.91 8.16 -3.90
N ASP D 580 -52.30 7.45 -2.94
CA ASP D 580 -52.38 5.99 -3.01
C ASP D 580 -53.83 5.51 -2.88
N LYS D 581 -54.73 6.35 -2.40
CA LYS D 581 -56.15 6.02 -2.39
C LYS D 581 -56.90 6.68 -3.54
N GLY D 582 -56.23 6.93 -4.66
CA GLY D 582 -56.92 7.34 -5.86
C GLY D 582 -57.52 8.71 -5.81
N GLN D 583 -57.10 9.55 -4.87
CA GLN D 583 -57.58 10.92 -4.79
C GLN D 583 -56.62 11.83 -5.51
N LYS D 584 -57.12 12.54 -6.54
CA LYS D 584 -56.35 13.52 -7.27
C LYS D 584 -56.14 14.77 -6.42
N LYS D 585 -54.91 15.23 -6.35
CA LYS D 585 -54.59 16.41 -5.56
C LYS D 585 -54.69 17.68 -6.42
N LYS D 586 -54.67 18.84 -5.76
CA LYS D 586 -54.74 20.10 -6.49
C LYS D 586 -53.71 20.16 -7.61
N ALA D 587 -52.50 19.66 -7.35
CA ALA D 587 -51.46 19.75 -8.37
C ALA D 587 -51.83 18.98 -9.63
N PHE D 588 -52.58 17.88 -9.48
CA PHE D 588 -52.99 17.05 -10.62
C PHE D 588 -53.62 17.90 -11.70
N PHE D 589 -54.50 18.83 -11.30
CA PHE D 589 -55.22 19.66 -12.26
C PHE D 589 -54.33 20.72 -12.90
N VAL D 590 -53.24 21.14 -12.25
CA VAL D 590 -52.30 22.04 -12.91
C VAL D 590 -51.61 21.33 -14.09
N LEU D 591 -51.02 20.16 -13.85
CA LEU D 591 -50.40 19.44 -14.97
C LEU D 591 -51.41 19.12 -16.07
N GLN D 592 -52.63 18.73 -15.69
CA GLN D 592 -53.65 18.40 -16.68
C GLN D 592 -54.02 19.61 -17.54
N LYS D 593 -54.12 20.80 -16.93
CA LYS D 593 -54.34 22.01 -17.72
C LYS D 593 -53.25 22.22 -18.78
N TRP D 594 -51.98 22.14 -18.38
CA TRP D 594 -50.90 22.27 -19.36
C TRP D 594 -51.03 21.20 -20.45
N TYR D 595 -51.29 19.95 -20.08
CA TYR D 595 -51.39 18.91 -21.09
C TYR D 595 -52.54 19.15 -22.07
N LYS D 596 -53.61 19.80 -21.62
CA LYS D 596 -54.68 20.13 -22.57
C LYS D 596 -54.19 21.12 -23.61
N GLU D 597 -53.52 22.20 -23.17
CA GLU D 597 -52.91 23.13 -24.11
C GLU D 597 -51.94 22.41 -25.05
N LEU D 598 -51.10 21.54 -24.48
CA LEU D 598 -50.11 20.85 -25.31
C LEU D 598 -50.78 20.03 -26.42
N THR D 599 -51.83 19.27 -26.09
CA THR D 599 -52.53 18.52 -27.13
C THR D 599 -53.00 19.44 -28.24
N GLU D 600 -53.60 20.58 -27.87
CA GLU D 600 -54.06 21.56 -28.87
C GLU D 600 -52.91 22.08 -29.72
N ALA D 601 -51.81 22.49 -29.06
CA ALA D 601 -50.73 23.11 -29.80
C ALA D 601 -50.11 22.16 -30.81
N TYR D 602 -50.23 20.85 -30.58
CA TYR D 602 -49.56 19.84 -31.41
C TYR D 602 -50.51 19.07 -32.30
N LYS D 603 -51.80 19.42 -32.31
CA LYS D 603 -52.74 18.82 -33.24
C LYS D 603 -52.17 18.95 -34.67
N ALA E 25 9.25 38.59 -40.28
CA ALA E 25 8.10 37.85 -39.75
C ALA E 25 8.47 36.42 -39.34
N PRO E 26 9.18 35.68 -40.20
CA PRO E 26 9.50 34.29 -39.87
C PRO E 26 10.34 34.22 -38.61
N GLN E 27 10.25 33.08 -37.94
CA GLN E 27 11.17 32.81 -36.84
C GLN E 27 12.59 32.69 -37.37
N ILE E 28 13.56 32.99 -36.49
CA ILE E 28 14.99 32.92 -36.85
C ILE E 28 15.68 32.02 -35.84
N MET E 29 16.33 30.96 -36.33
CA MET E 29 16.92 29.96 -35.46
C MET E 29 18.24 30.46 -34.86
N ASN E 30 18.43 30.19 -33.57
CA ASN E 30 19.66 30.53 -32.87
C ASN E 30 20.06 31.99 -33.14
N VAL E 31 19.25 32.88 -32.55
CA VAL E 31 19.42 34.30 -32.82
C VAL E 31 20.73 34.80 -32.22
N SER E 32 21.09 34.30 -31.04
CA SER E 32 22.28 34.79 -30.36
C SER E 32 23.55 34.66 -31.19
N ALA E 33 23.60 33.76 -32.17
CA ALA E 33 24.82 33.54 -32.93
C ALA E 33 24.92 34.42 -34.16
N ARG E 34 23.88 35.18 -34.47
CA ARG E 34 23.89 36.05 -35.63
C ARG E 34 24.58 37.38 -35.29
N GLN E 35 24.63 38.27 -36.27
CA GLN E 35 25.15 39.63 -36.10
C GLN E 35 24.06 40.48 -35.44
N THR E 36 24.20 40.70 -34.14
CA THR E 36 23.15 41.26 -33.31
C THR E 36 23.61 42.57 -32.66
N THR E 37 22.63 43.41 -32.34
CA THR E 37 22.84 44.64 -31.60
C THR E 37 21.71 44.79 -30.59
N SER E 38 22.08 45.04 -29.34
CA SER E 38 21.11 45.16 -28.28
C SER E 38 20.40 46.50 -28.32
N LEU E 39 19.08 46.48 -28.08
CA LEU E 39 18.31 47.69 -27.86
C LEU E 39 17.86 47.81 -26.43
N ASP E 40 18.40 47.00 -25.53
CA ASP E 40 17.95 46.98 -24.15
C ASP E 40 18.42 48.23 -23.41
N GLY E 41 17.90 48.41 -22.21
CA GLY E 41 18.28 49.53 -21.38
C GLY E 41 17.12 50.14 -20.65
N GLN E 42 16.96 51.45 -20.76
CA GLN E 42 15.83 52.15 -20.19
C GLN E 42 15.17 52.94 -21.31
N TRP E 43 13.88 52.70 -21.54
CA TRP E 43 13.11 53.36 -22.58
C TRP E 43 12.09 54.31 -21.98
N LYS E 44 11.67 55.29 -22.77
CA LYS E 44 10.59 56.18 -22.35
C LYS E 44 9.24 55.46 -22.44
N THR E 45 8.35 55.80 -21.53
CA THR E 45 7.13 55.03 -21.35
C THR E 45 5.96 55.96 -21.05
N ILE E 46 4.75 55.47 -21.34
CA ILE E 46 3.51 56.14 -20.96
C ILE E 46 2.52 55.07 -20.56
N VAL E 47 2.08 55.11 -19.30
CA VAL E 47 0.96 54.29 -18.83
C VAL E 47 -0.32 54.91 -19.36
N ASP E 48 -1.16 54.12 -20.03
CA ASP E 48 -2.31 54.64 -20.78
C ASP E 48 -3.47 53.67 -20.58
N PRO E 49 -4.06 53.69 -19.38
CA PRO E 49 -5.10 52.67 -19.08
C PRO E 49 -6.33 52.75 -19.98
N PHE E 50 -6.81 53.94 -20.33
CA PHE E 50 -7.95 54.02 -21.24
C PHE E 50 -7.53 54.12 -22.70
N GLU E 51 -6.29 53.70 -23.00
CA GLU E 51 -5.77 53.65 -24.36
C GLU E 51 -6.07 54.93 -25.15
N ASN E 52 -5.86 56.08 -24.51
CA ASN E 52 -6.05 57.35 -25.20
C ASN E 52 -5.11 57.48 -26.39
N GLY E 53 -3.92 56.87 -26.31
CA GLY E 53 -2.92 57.00 -27.36
C GLY E 53 -3.23 56.22 -28.61
N TYR E 54 -4.31 55.47 -28.59
CA TYR E 54 -4.75 54.63 -29.68
C TYR E 54 -6.14 54.99 -30.21
N TYR E 55 -7.11 55.27 -29.33
CA TYR E 55 -8.46 55.63 -29.73
C TYR E 55 -8.79 57.07 -29.35
N ASP E 56 -9.68 57.67 -30.14
CA ASP E 56 -10.24 58.98 -29.80
C ASP E 56 -11.53 58.79 -29.01
N TYR E 57 -12.18 59.90 -28.65
CA TYR E 57 -13.38 59.77 -27.83
C TYR E 57 -14.50 59.04 -28.56
N ARG E 58 -14.43 58.96 -29.90
CA ARG E 58 -15.35 58.12 -30.66
C ARG E 58 -14.93 56.65 -30.66
N LEU E 59 -13.83 56.33 -29.96
CA LEU E 59 -13.31 54.96 -29.89
C LEU E 59 -12.89 54.43 -31.25
N LYS E 60 -12.42 55.32 -32.11
CA LYS E 60 -11.88 54.91 -33.40
C LYS E 60 -10.40 55.30 -33.44
N PRO E 61 -9.58 54.53 -34.15
CA PRO E 61 -8.17 54.91 -34.26
C PRO E 61 -8.05 56.27 -34.91
N TYR E 62 -7.10 57.07 -34.45
CA TYR E 62 -6.88 58.41 -34.96
C TYR E 62 -5.42 58.57 -35.36
N ASP E 63 -5.19 59.43 -36.35
CA ASP E 63 -3.82 59.72 -36.72
C ASP E 63 -3.13 60.43 -35.57
N GLY E 64 -1.82 60.31 -35.52
CA GLY E 64 -1.17 61.06 -34.46
C GLY E 64 -1.51 60.59 -33.06
N GLY E 65 -1.88 59.32 -32.92
CA GLY E 65 -1.77 58.65 -31.65
C GLY E 65 -0.31 58.62 -31.24
N TYR E 66 -0.06 57.96 -30.10
CA TYR E 66 1.28 57.92 -29.52
C TYR E 66 2.27 57.18 -30.39
N ALA E 67 1.79 56.40 -31.35
CA ALA E 67 2.69 55.70 -32.23
C ALA E 67 3.56 56.65 -33.06
N GLN E 68 3.19 57.93 -33.15
CA GLN E 68 4.00 58.86 -33.93
C GLN E 68 5.20 59.41 -33.17
N ASP E 69 5.27 59.21 -31.85
CA ASP E 69 6.44 59.58 -31.05
C ASP E 69 6.90 61.00 -31.37
N LYS E 70 5.94 61.94 -31.31
CA LYS E 70 6.21 63.32 -31.68
C LYS E 70 6.62 64.10 -30.43
N THR E 71 7.88 64.52 -30.38
CA THR E 71 8.32 65.35 -29.26
C THR E 71 7.50 66.63 -29.23
N TYR E 72 7.01 66.98 -28.03
CA TYR E 72 6.08 68.09 -27.86
C TYR E 72 6.89 69.37 -27.59
N SER E 73 7.54 69.85 -28.65
CA SER E 73 8.39 71.03 -28.53
C SER E 73 7.72 72.31 -29.03
N ASP E 74 6.72 72.21 -29.89
CA ASP E 74 5.99 73.40 -30.37
C ASP E 74 4.69 73.49 -29.60
N LYS E 75 4.72 74.25 -28.51
CA LYS E 75 3.54 74.35 -27.66
C LYS E 75 2.47 75.29 -28.20
N THR E 76 2.64 75.85 -29.41
CA THR E 76 1.50 76.55 -30.01
C THR E 76 0.48 75.57 -30.55
N LYS E 77 0.84 74.30 -30.71
CA LYS E 77 -0.12 73.27 -31.09
C LYS E 77 -0.47 72.42 -29.88
N LEU E 78 -1.60 71.73 -29.99
CA LEU E 78 -2.17 70.98 -28.88
C LEU E 78 -1.83 69.50 -29.00
N GLN E 79 -1.24 68.94 -27.94
CA GLN E 79 -0.90 67.53 -27.87
C GLN E 79 -1.10 67.08 -26.43
N GLU E 80 -1.43 65.80 -26.25
CA GLU E 80 -1.81 65.28 -24.94
C GLU E 80 -0.72 64.41 -24.31
N TYR E 81 0.51 64.46 -24.83
CA TYR E 81 1.54 63.51 -24.42
C TYR E 81 2.90 64.05 -24.83
N ASP E 82 3.95 63.33 -24.42
CA ASP E 82 5.34 63.68 -24.75
C ASP E 82 6.30 62.63 -24.20
N PHE E 83 6.62 61.61 -25.01
CA PHE E 83 7.60 60.62 -24.58
C PHE E 83 8.87 61.26 -24.08
N GLU E 84 9.23 62.41 -24.65
CA GLU E 84 10.55 62.95 -24.42
C GLU E 84 10.76 63.34 -22.96
N THR E 85 9.70 63.78 -22.30
CA THR E 85 9.80 64.22 -20.91
C THR E 85 9.10 63.28 -19.95
N ASP E 86 8.71 62.07 -20.39
CA ASP E 86 8.02 61.13 -19.52
C ASP E 86 9.00 60.20 -18.81
N LYS E 87 8.48 59.16 -18.16
CA LYS E 87 9.25 58.35 -17.23
C LYS E 87 9.88 57.14 -17.94
N LEU E 88 10.84 56.52 -17.26
CA LEU E 88 11.58 55.39 -17.79
C LEU E 88 11.07 54.07 -17.25
N LEU E 89 11.28 53.00 -18.04
CA LEU E 89 11.24 51.63 -17.56
C LEU E 89 12.47 50.89 -18.06
N PHE E 90 12.93 49.94 -17.25
CA PHE E 90 13.94 48.99 -17.70
C PHE E 90 13.35 48.02 -18.72
N VAL E 91 14.11 47.76 -19.79
CA VAL E 91 13.78 46.76 -20.80
C VAL E 91 15.01 45.89 -20.95
N PRO E 92 14.94 44.58 -20.72
CA PRO E 92 13.73 43.78 -20.53
C PRO E 92 13.21 43.89 -19.11
N GLY E 93 11.96 43.52 -18.89
CA GLY E 93 11.44 43.45 -17.54
C GLY E 93 9.94 43.55 -17.45
N ASP E 94 9.36 42.82 -16.52
CA ASP E 94 8.02 43.16 -16.12
C ASP E 94 8.03 44.61 -15.66
N TRP E 95 6.89 45.28 -15.81
CA TRP E 95 6.73 46.60 -15.22
C TRP E 95 6.24 46.52 -13.79
N ASN E 96 5.69 45.37 -13.38
CA ASN E 96 4.98 45.28 -12.12
C ASN E 96 5.90 45.60 -10.94
N THR E 97 7.10 45.01 -10.92
CA THR E 97 8.03 45.24 -9.82
C THR E 97 8.83 46.53 -9.96
N GLN E 98 8.64 47.31 -11.02
CA GLN E 98 9.42 48.52 -11.22
C GLN E 98 8.86 49.74 -10.51
N ARG E 99 7.54 49.81 -10.29
CA ARG E 99 6.88 50.95 -9.61
C ARG E 99 5.70 50.41 -8.81
N PRO E 100 5.43 50.98 -7.64
CA PRO E 100 4.23 50.55 -6.90
C PRO E 100 2.93 50.72 -7.70
N GLN E 101 2.70 51.90 -8.30
CA GLN E 101 1.53 52.11 -9.15
C GLN E 101 1.32 50.99 -10.16
N LEU E 102 2.38 50.31 -10.61
CA LEU E 102 2.24 49.31 -11.65
C LEU E 102 2.17 47.87 -11.11
N TYR E 103 2.17 47.71 -9.78
CA TYR E 103 2.20 46.38 -9.17
C TYR E 103 1.08 45.50 -9.73
N TYR E 104 -0.15 46.03 -9.69
CA TYR E 104 -1.35 45.32 -10.14
C TYR E 104 -1.73 45.63 -11.59
N TYR E 105 -0.95 46.44 -12.31
CA TYR E 105 -1.46 47.08 -13.53
C TYR E 105 -1.81 46.06 -14.61
N GLU E 106 -2.97 46.25 -15.21
CA GLU E 106 -3.42 45.45 -16.33
C GLU E 106 -3.97 46.41 -17.37
N GLY E 107 -3.36 46.44 -18.53
CA GLY E 107 -3.66 47.52 -19.45
C GLY E 107 -2.47 47.81 -20.33
N THR E 108 -2.44 49.04 -20.82
CA THR E 108 -1.52 49.42 -21.88
C THR E 108 -0.43 50.33 -21.32
N VAL E 109 0.82 49.99 -21.66
CA VAL E 109 1.97 50.86 -21.46
C VAL E 109 2.65 51.07 -22.80
N TRP E 110 2.90 52.32 -23.17
CA TRP E 110 3.62 52.63 -24.39
C TRP E 110 5.11 52.67 -24.09
N TYR E 111 5.92 51.97 -24.89
CA TYR E 111 7.38 52.02 -24.83
C TYR E 111 7.92 52.73 -26.07
N ARG E 112 9.00 53.50 -25.89
CA ARG E 112 9.59 54.23 -27.00
C ARG E 112 11.11 54.20 -26.92
N LYS E 113 11.75 53.87 -28.04
CA LYS E 113 13.20 53.80 -28.13
C LYS E 113 13.68 54.57 -29.36
N HIS E 114 14.68 55.42 -29.15
CA HIS E 114 15.40 56.06 -30.24
C HIS E 114 16.70 55.28 -30.50
N PHE E 115 17.05 55.16 -31.77
CA PHE E 115 18.29 54.47 -32.09
C PHE E 115 18.72 54.81 -33.50
N GLU E 116 20.01 54.61 -33.75
CA GLU E 116 20.60 54.77 -35.07
C GLU E 116 21.19 53.43 -35.49
N TYR E 117 21.23 53.20 -36.80
CA TYR E 117 21.86 51.99 -37.30
C TYR E 117 22.20 52.21 -38.77
N SER E 118 23.45 51.95 -39.12
CA SER E 118 23.92 52.03 -40.50
C SER E 118 23.79 50.67 -41.16
N LEU E 119 22.88 50.56 -42.11
CA LEU E 119 22.68 49.32 -42.85
C LEU E 119 23.18 49.55 -44.27
N GLN E 120 24.19 48.80 -44.66
CA GLN E 120 24.66 48.85 -46.03
C GLN E 120 23.59 48.24 -46.93
N PRO E 121 23.18 48.93 -48.00
CA PRO E 121 22.06 48.43 -48.80
C PRO E 121 22.34 47.03 -49.34
N GLY E 122 21.29 46.21 -49.38
CA GLY E 122 21.44 44.82 -49.74
C GLY E 122 21.39 43.92 -48.52
N LYS E 123 22.09 44.32 -47.46
CA LYS E 123 21.94 43.68 -46.16
C LYS E 123 20.54 43.90 -45.59
N ARG E 124 20.06 42.92 -44.84
CA ARG E 124 18.73 42.98 -44.25
C ARG E 124 18.83 43.12 -42.73
N LEU E 125 17.84 43.79 -42.14
CA LEU E 125 17.81 44.04 -40.71
C LEU E 125 16.46 43.62 -40.14
N PHE E 126 16.51 42.89 -39.03
CA PHE E 126 15.33 42.35 -38.39
C PHE E 126 15.28 42.81 -36.94
N LEU E 127 14.07 43.04 -36.46
CA LEU E 127 13.83 43.40 -35.07
C LEU E 127 13.28 42.17 -34.35
N ASN E 128 13.88 41.83 -33.22
CA ASN E 128 13.53 40.61 -32.50
C ASN E 128 13.12 40.92 -31.07
N PHE E 129 11.90 40.52 -30.71
CA PHE E 129 11.45 40.51 -29.33
C PHE E 129 11.51 39.06 -28.82
N GLY E 130 12.29 38.85 -27.77
CA GLY E 130 12.28 37.54 -27.15
C GLY E 130 10.94 37.21 -26.56
N ALA E 131 10.19 38.23 -26.10
CA ALA E 131 8.85 38.05 -25.55
C ALA E 131 8.27 39.37 -25.07
N VAL E 132 6.96 39.51 -25.18
CA VAL E 132 6.17 40.65 -24.72
C VAL E 132 4.81 40.11 -24.28
N ASN E 133 4.32 40.58 -23.13
CA ASN E 133 3.07 40.08 -22.56
C ASN E 133 2.15 41.26 -22.29
N TYR E 134 0.95 41.26 -22.89
CA TYR E 134 0.43 40.17 -23.72
C TYR E 134 0.22 40.52 -25.19
N GLU E 135 -0.29 41.72 -25.48
CA GLU E 135 -0.51 42.18 -26.84
C GLU E 135 0.58 43.16 -27.22
N ALA E 136 1.18 42.97 -28.38
CA ALA E 136 2.28 43.81 -28.85
C ALA E 136 1.92 44.42 -30.19
N ILE E 137 1.93 45.74 -30.27
CA ILE E 137 1.79 46.45 -31.53
C ILE E 137 3.01 47.35 -31.66
N VAL E 138 3.70 47.23 -32.79
CA VAL E 138 5.03 47.81 -32.97
C VAL E 138 4.99 48.75 -34.17
N TRP E 139 5.59 49.92 -34.02
CA TRP E 139 5.73 50.89 -35.10
C TRP E 139 7.20 51.29 -35.20
N LEU E 140 7.67 51.54 -36.41
CA LEU E 140 8.99 52.11 -36.63
C LEU E 140 8.82 53.37 -37.44
N ASN E 141 9.35 54.49 -36.94
CA ASN E 141 9.24 55.78 -37.61
C ASN E 141 7.81 56.04 -38.07
N GLY E 142 6.84 55.71 -37.20
CA GLY E 142 5.45 55.97 -37.46
C GLY E 142 4.70 54.88 -38.20
N LYS E 143 5.38 53.96 -38.86
CA LYS E 143 4.68 52.96 -39.66
C LYS E 143 4.44 51.70 -38.85
N ARG E 144 3.26 51.10 -39.00
CA ARG E 144 2.93 49.94 -38.20
C ARG E 144 3.68 48.74 -38.75
N LEU E 145 4.48 48.09 -37.89
CA LEU E 145 5.14 46.87 -38.33
C LEU E 145 4.22 45.66 -38.25
N GLY E 146 3.47 45.52 -37.15
CA GLY E 146 2.65 44.32 -37.00
C GLY E 146 2.17 44.17 -35.58
N ARG E 147 1.83 42.93 -35.23
CA ARG E 147 1.07 42.68 -34.01
C ARG E 147 1.31 41.24 -33.56
N HIS E 148 1.56 41.05 -32.27
CA HIS E 148 1.82 39.72 -31.76
C HIS E 148 0.95 39.43 -30.56
N ILE E 149 0.53 38.17 -30.48
CA ILE E 149 -0.33 37.65 -29.42
C ILE E 149 0.42 36.51 -28.75
N GLY E 150 0.29 36.41 -27.43
CA GLY E 150 1.04 35.40 -26.69
C GLY E 150 2.25 35.97 -25.98
N GLY E 151 2.33 35.74 -24.66
CA GLY E 151 3.26 36.45 -23.82
C GLY E 151 4.63 35.85 -23.62
N PHE E 152 4.92 34.69 -24.22
CA PHE E 152 6.18 34.02 -23.91
C PHE E 152 6.83 33.40 -25.14
N THR E 153 6.44 33.83 -26.34
CA THR E 153 7.16 33.38 -27.51
C THR E 153 7.71 34.58 -28.28
N PRO E 154 8.84 34.42 -28.97
CA PRO E 154 9.47 35.54 -29.65
C PRO E 154 8.84 35.83 -31.00
N PHE E 155 9.13 37.03 -31.52
CA PHE E 155 8.60 37.42 -32.82
C PHE E 155 9.50 38.46 -33.46
N ASN E 156 9.52 38.45 -34.80
CA ASN E 156 10.45 39.25 -35.59
C ASN E 156 9.71 40.13 -36.58
N PHE E 157 10.29 41.30 -36.85
CA PHE E 157 9.89 42.14 -37.96
C PHE E 157 11.13 42.47 -38.78
N GLU E 158 10.97 42.48 -40.10
CA GLU E 158 12.05 42.96 -40.97
C GLU E 158 11.85 44.45 -41.16
N ILE E 159 12.87 45.23 -40.82
CA ILE E 159 12.78 46.68 -40.95
C ILE E 159 13.80 47.18 -41.96
N THR E 160 14.22 46.30 -42.88
CA THR E 160 15.27 46.64 -43.82
C THR E 160 14.91 47.88 -44.64
N ASN E 161 13.67 47.97 -45.09
CA ASN E 161 13.26 49.04 -46.00
C ASN E 161 12.65 50.23 -45.29
N LEU E 162 12.45 50.17 -43.98
CA LEU E 162 11.89 51.29 -43.26
C LEU E 162 12.92 52.10 -42.51
N LEU E 163 14.07 51.49 -42.20
CA LEU E 163 15.15 52.20 -41.53
C LEU E 163 15.49 53.49 -42.28
N LYS E 164 15.88 54.50 -41.53
CA LYS E 164 16.26 55.77 -42.13
C LYS E 164 17.50 56.28 -41.40
N GLU E 165 18.39 56.94 -42.15
CA GLU E 165 19.58 57.47 -41.48
C GLU E 165 19.16 58.57 -40.52
N GLY E 166 20.00 58.80 -39.54
CA GLY E 166 19.58 59.65 -38.46
C GLY E 166 18.80 58.85 -37.42
N THR E 167 17.99 59.58 -36.66
CA THR E 167 17.29 58.99 -35.54
C THR E 167 16.13 58.13 -36.03
N ASN E 168 16.03 56.93 -35.49
CA ASN E 168 14.91 56.03 -35.72
C ASN E 168 14.10 55.87 -34.44
N SER E 169 12.78 55.80 -34.61
CA SER E 169 11.83 55.79 -33.51
C SER E 169 11.12 54.44 -33.48
N LEU E 170 11.31 53.69 -32.39
CA LEU E 170 10.64 52.41 -32.18
C LEU E 170 9.62 52.57 -31.05
N VAL E 171 8.36 52.26 -31.34
CA VAL E 171 7.27 52.38 -30.37
C VAL E 171 6.56 51.04 -30.27
N VAL E 172 6.44 50.52 -29.05
CA VAL E 172 5.70 49.28 -28.77
C VAL E 172 4.56 49.61 -27.80
N LYS E 173 3.34 49.35 -28.23
CA LYS E 173 2.18 49.43 -27.34
C LYS E 173 2.02 48.06 -26.72
N VAL E 174 2.18 47.97 -25.42
CA VAL E 174 2.15 46.71 -24.71
C VAL E 174 0.89 46.67 -23.87
N ASP E 175 0.16 45.56 -23.94
CA ASP E 175 -1.09 45.44 -23.21
C ASP E 175 -1.20 44.05 -22.62
N ASN E 176 -1.56 43.97 -21.34
CA ASN E 176 -1.70 42.67 -20.70
C ASN E 176 -3.07 42.49 -20.04
N LYS E 177 -4.07 43.27 -20.42
CA LYS E 177 -5.47 42.98 -20.05
C LYS E 177 -5.76 41.49 -20.19
N ARG E 178 -6.32 40.89 -19.15
CA ARG E 178 -6.79 39.52 -19.32
C ARG E 178 -8.01 39.50 -20.22
N LEU E 179 -8.05 38.51 -21.12
CA LEU E 179 -9.10 38.38 -22.13
C LEU E 179 -9.65 36.97 -22.03
N PRO E 180 -10.97 36.82 -21.90
CA PRO E 180 -11.58 35.47 -21.87
C PRO E 180 -11.04 34.49 -22.90
N GLU E 181 -10.95 34.95 -24.16
CA GLU E 181 -10.50 34.08 -25.25
C GLU E 181 -9.00 33.85 -25.26
N ALA E 182 -8.25 34.61 -24.47
CA ALA E 182 -6.80 34.54 -24.57
C ALA E 182 -6.28 33.21 -24.04
N VAL E 183 -4.99 33.00 -24.25
CA VAL E 183 -4.26 31.84 -23.72
C VAL E 183 -3.01 32.31 -23.00
N PRO E 184 -2.98 32.34 -21.65
CA PRO E 184 -3.95 31.77 -20.72
C PRO E 184 -5.20 32.60 -20.73
N THR E 185 -6.29 32.13 -20.13
CA THR E 185 -7.52 32.92 -20.14
C THR E 185 -7.56 33.82 -18.90
N VAL E 186 -8.76 34.17 -18.41
CA VAL E 186 -8.87 35.23 -17.42
C VAL E 186 -8.51 34.80 -16.01
N ASN E 187 -7.88 33.64 -15.83
CA ASN E 187 -7.68 33.16 -14.47
C ASN E 187 -6.57 32.12 -14.46
N ALA E 188 -5.61 32.29 -13.55
CA ALA E 188 -4.48 31.38 -13.38
C ALA E 188 -3.78 31.74 -12.07
N ASP E 189 -2.83 30.91 -11.66
CA ASP E 189 -2.19 31.05 -10.36
C ASP E 189 -0.74 31.49 -10.54
N TRP E 190 -0.57 32.72 -11.01
CA TRP E 190 0.71 33.40 -11.07
C TRP E 190 0.46 34.83 -11.52
N TRP E 191 1.44 35.70 -11.24
CA TRP E 191 1.25 37.13 -11.41
C TRP E 191 1.15 37.52 -12.89
N ASN E 192 0.35 38.54 -13.17
CA ASN E 192 0.16 39.02 -14.54
C ASN E 192 1.26 40.05 -14.84
N PHE E 193 2.41 39.54 -15.26
CA PHE E 193 3.59 40.35 -15.54
C PHE E 193 3.50 40.90 -16.95
N GLY E 194 3.12 42.18 -17.07
CA GLY E 194 3.16 42.85 -18.36
C GLY E 194 4.55 43.36 -18.75
N GLY E 195 4.65 43.80 -19.99
CA GLY E 195 5.79 44.55 -20.47
C GLY E 195 6.63 43.75 -21.46
N ILE E 196 7.71 44.40 -21.89
CA ILE E 196 8.74 43.79 -22.73
C ILE E 196 9.67 42.98 -21.85
N THR E 197 9.32 41.72 -21.62
CA THR E 197 9.92 40.92 -20.58
C THR E 197 11.17 40.17 -21.02
N ARG E 198 11.64 40.36 -22.24
CA ARG E 198 12.85 39.69 -22.71
C ARG E 198 13.61 40.63 -23.64
N PRO E 199 14.92 40.42 -23.78
CA PRO E 199 15.74 41.36 -24.57
C PRO E 199 15.16 41.63 -25.94
N VAL E 200 15.40 42.84 -26.43
CA VAL E 200 15.04 43.26 -27.77
C VAL E 200 16.32 43.44 -28.56
N THR E 201 16.38 42.87 -29.75
CA THR E 201 17.63 42.69 -30.44
C THR E 201 17.47 43.08 -31.90
N LEU E 202 18.43 43.85 -32.40
CA LEU E 202 18.56 44.07 -33.83
C LEU E 202 19.46 42.98 -34.41
N ILE E 203 19.14 42.55 -35.63
CA ILE E 203 19.81 41.41 -36.25
C ILE E 203 20.05 41.71 -37.73
N GLU E 204 21.31 41.74 -38.15
CA GLU E 204 21.66 41.96 -39.55
C GLU E 204 21.90 40.64 -40.25
N MET E 205 21.40 40.54 -41.48
CA MET E 205 21.47 39.34 -42.29
C MET E 205 21.87 39.71 -43.70
N PRO E 206 22.59 38.82 -44.39
CA PRO E 206 22.81 39.01 -45.83
C PRO E 206 21.52 38.83 -46.59
N ALA E 207 21.51 39.33 -47.83
CA ALA E 207 20.27 39.35 -48.61
C ALA E 207 19.61 37.98 -48.69
N THR E 208 20.39 36.90 -48.67
CA THR E 208 19.86 35.54 -48.61
C THR E 208 20.58 34.83 -47.46
N TYR E 209 19.84 34.49 -46.40
CA TYR E 209 20.45 34.02 -45.17
C TYR E 209 19.87 32.67 -44.76
N ILE E 210 20.68 31.94 -43.99
CA ILE E 210 20.28 30.69 -43.34
C ILE E 210 19.29 31.01 -42.24
N ARG E 211 18.00 30.78 -42.50
CA ARG E 211 16.96 31.13 -41.53
C ARG E 211 16.74 30.06 -40.46
N ASP E 212 16.79 28.78 -40.82
CA ASP E 212 16.35 27.77 -39.88
C ASP E 212 17.00 26.44 -40.24
N TYR E 213 17.35 25.64 -39.23
CA TYR E 213 17.99 24.35 -39.43
C TYR E 213 17.67 23.43 -38.26
N TYR E 214 17.80 22.13 -38.51
CA TYR E 214 17.53 21.08 -37.52
C TYR E 214 18.68 20.09 -37.54
N VAL E 215 19.17 19.70 -36.37
CA VAL E 215 20.33 18.82 -36.25
C VAL E 215 20.25 17.98 -34.98
N GLN E 216 19.87 16.71 -35.13
CA GLN E 216 19.63 15.83 -34.00
C GLN E 216 19.87 14.40 -34.43
N LEU E 217 19.73 13.48 -33.48
CA LEU E 217 19.72 12.06 -33.81
C LEU E 217 18.44 11.69 -34.55
N ALA E 218 18.53 10.66 -35.38
CA ALA E 218 17.33 10.01 -35.89
C ALA E 218 16.63 9.27 -34.75
N LYS E 219 15.31 9.16 -34.85
CA LYS E 219 14.54 8.54 -33.76
C LYS E 219 15.10 7.17 -33.41
N ASP E 220 15.47 7.00 -32.14
CA ASP E 220 15.89 5.74 -31.55
C ASP E 220 17.12 5.15 -32.23
N ASP E 221 17.82 5.93 -33.04
CA ASP E 221 19.06 5.51 -33.69
C ASP E 221 20.23 6.22 -33.02
N LYS E 222 21.13 5.44 -32.42
CA LYS E 222 22.30 5.99 -31.74
C LYS E 222 23.49 6.16 -32.67
N ASN E 223 23.27 6.17 -34.00
CA ASN E 223 24.40 6.27 -34.91
C ASN E 223 24.08 7.04 -36.19
N MET E 224 22.92 7.66 -36.32
CA MET E 224 22.57 8.40 -37.53
C MET E 224 22.17 9.82 -37.16
N ILE E 225 22.94 10.80 -37.63
CA ILE E 225 22.57 12.21 -37.50
C ILE E 225 21.80 12.62 -38.75
N GLU E 226 20.58 13.12 -38.54
CA GLU E 226 19.71 13.62 -39.59
C GLU E 226 19.30 15.05 -39.28
N GLY E 227 19.01 15.81 -40.32
CA GLY E 227 18.60 17.19 -40.14
C GLY E 227 18.18 17.81 -41.45
N TRP E 228 18.00 19.13 -41.41
CA TRP E 228 17.64 19.88 -42.61
C TRP E 228 17.91 21.36 -42.37
N VAL E 229 18.01 22.12 -43.46
CA VAL E 229 18.36 23.54 -43.41
C VAL E 229 17.50 24.34 -44.38
N GLN E 230 16.93 25.44 -43.91
CA GLN E 230 16.01 26.25 -44.69
C GLN E 230 16.63 27.63 -44.94
N LEU E 231 16.91 27.94 -46.20
CA LEU E 231 17.41 29.26 -46.56
C LEU E 231 16.26 30.26 -46.61
N GLU E 232 16.59 31.50 -46.98
CA GLU E 232 15.58 32.56 -47.08
C GLU E 232 16.20 33.66 -47.93
N GLY E 233 15.54 34.03 -49.00
CA GLY E 233 16.03 35.06 -49.88
C GLY E 233 15.85 34.67 -51.33
N SER E 234 16.43 35.48 -52.22
CA SER E 234 16.27 35.24 -53.65
C SER E 234 17.16 34.10 -54.13
N ASP E 235 18.44 34.18 -53.79
CA ASP E 235 19.38 33.13 -54.15
C ASP E 235 19.10 31.89 -53.32
N LYS E 236 17.99 31.20 -53.64
CA LYS E 236 17.51 30.10 -52.80
C LYS E 236 18.31 28.81 -53.00
N GLU E 237 18.84 28.59 -54.20
CA GLU E 237 19.63 27.40 -54.50
C GLU E 237 21.10 27.70 -54.23
N GLN E 238 21.62 27.13 -53.14
CA GLN E 238 23.00 27.38 -52.76
C GLN E 238 23.61 26.10 -52.21
N LYS E 239 24.94 26.02 -52.30
CA LYS E 239 25.66 24.92 -51.68
C LYS E 239 25.87 25.22 -50.21
N ILE E 240 25.71 24.18 -49.39
CA ILE E 240 25.85 24.32 -47.94
C ILE E 240 27.03 23.47 -47.48
N THR E 241 27.51 23.76 -46.28
CA THR E 241 28.55 22.94 -45.65
C THR E 241 28.23 22.88 -44.16
N LEU E 242 27.72 21.74 -43.72
CA LEU E 242 27.70 21.42 -42.30
C LEU E 242 29.07 20.88 -41.91
N ASP E 243 29.44 21.11 -40.66
CA ASP E 243 30.76 20.70 -40.18
C ASP E 243 30.65 20.51 -38.68
N ILE E 244 31.15 19.39 -38.19
CA ILE E 244 31.16 19.10 -36.75
C ILE E 244 32.54 18.59 -36.40
N PRO E 245 33.57 19.45 -36.39
CA PRO E 245 34.95 18.94 -36.43
C PRO E 245 35.28 17.88 -35.39
N GLU E 246 34.76 17.99 -34.16
CA GLU E 246 35.04 16.95 -33.17
C GLU E 246 34.60 15.57 -33.65
N LEU E 247 33.68 15.52 -34.61
CA LEU E 247 33.33 14.28 -35.30
C LEU E 247 33.94 14.22 -36.69
N LYS E 248 34.85 15.15 -36.99
CA LYS E 248 35.53 15.22 -38.30
C LYS E 248 34.55 15.05 -39.45
N VAL E 249 33.31 15.54 -39.25
CA VAL E 249 32.23 15.45 -40.22
C VAL E 249 32.21 16.73 -41.05
N LYS E 250 32.01 16.57 -42.35
CA LYS E 250 32.05 17.69 -43.29
C LYS E 250 31.21 17.29 -44.50
N LYS E 251 30.12 18.01 -44.74
CA LYS E 251 29.14 17.59 -45.73
C LYS E 251 28.64 18.79 -46.52
N GLU E 252 28.56 18.64 -47.85
CA GLU E 252 28.11 19.72 -48.72
C GLU E 252 26.86 19.26 -49.45
N VAL E 253 25.78 20.01 -49.27
CA VAL E 253 24.52 19.78 -49.98
C VAL E 253 24.15 21.05 -50.73
N THR E 254 23.10 20.94 -51.53
CA THR E 254 22.59 22.08 -52.30
C THR E 254 21.08 22.11 -52.16
N THR E 255 20.55 23.29 -51.83
CA THR E 255 19.13 23.43 -51.51
C THR E 255 18.30 23.57 -52.78
N ASP E 256 17.10 23.02 -52.75
CA ASP E 256 16.23 23.01 -53.92
C ASP E 256 15.75 24.44 -54.21
N ALA E 257 14.83 24.55 -55.17
CA ALA E 257 14.29 25.85 -55.58
C ALA E 257 13.46 26.51 -54.49
N ASN E 258 13.07 25.77 -53.45
CA ASN E 258 12.50 26.35 -52.25
C ASN E 258 13.57 26.64 -51.20
N GLY E 259 14.84 26.56 -51.58
CA GLY E 259 15.92 26.83 -50.64
C GLY E 259 15.99 25.85 -49.48
N TYR E 260 15.33 24.72 -49.58
CA TYR E 260 15.36 23.71 -48.53
C TYR E 260 16.30 22.57 -48.91
N ALA E 261 16.90 21.96 -47.90
CA ALA E 261 17.80 20.83 -48.10
C ALA E 261 17.86 20.01 -46.83
N SER E 262 17.88 18.68 -46.97
CA SER E 262 17.98 17.73 -45.86
C SER E 262 19.21 16.84 -46.06
N PHE E 263 19.42 15.92 -45.12
CA PHE E 263 20.66 15.14 -45.14
C PHE E 263 20.61 14.07 -44.06
N LEU E 264 21.47 13.06 -44.24
CA LEU E 264 21.70 12.02 -43.25
C LEU E 264 23.19 11.71 -43.21
N ILE E 265 23.72 11.50 -42.00
CA ILE E 265 25.14 11.23 -41.83
C ILE E 265 25.31 10.16 -40.76
N LYS E 266 26.04 9.10 -41.10
CA LYS E 266 26.39 8.07 -40.14
C LYS E 266 27.48 8.58 -39.21
N SER E 267 27.32 8.31 -37.91
CA SER E 267 28.25 8.78 -36.89
C SER E 267 27.75 8.25 -35.55
N LYS E 268 28.67 8.14 -34.59
CA LYS E 268 28.35 7.63 -33.26
C LYS E 268 28.89 8.57 -32.18
N PRO E 269 28.48 9.83 -32.19
CA PRO E 269 28.96 10.78 -31.18
C PRO E 269 28.52 10.37 -29.78
N ILE E 270 29.12 11.02 -28.79
CA ILE E 270 28.80 10.76 -27.41
C ILE E 270 27.38 11.24 -27.10
N LEU E 271 26.62 10.42 -26.39
CA LEU E 271 25.27 10.82 -26.02
C LEU E 271 25.32 11.84 -24.88
N TRP E 272 24.51 12.89 -25.02
CA TRP E 272 24.33 13.87 -23.97
C TRP E 272 23.93 13.15 -22.68
N THR E 273 24.03 13.81 -21.53
CA THR E 273 23.70 13.15 -20.27
C THR E 273 23.67 14.14 -19.10
N PRO E 274 22.67 14.07 -18.22
CA PRO E 274 22.70 14.90 -17.01
C PRO E 274 23.99 14.75 -16.22
N GLU E 275 24.63 13.58 -16.30
CA GLU E 275 25.84 13.30 -15.53
C GLU E 275 27.05 13.95 -16.18
N ASN E 276 27.11 13.94 -17.51
CA ASN E 276 28.05 14.77 -18.26
C ASN E 276 27.33 15.25 -19.51
N PRO E 277 26.85 16.49 -19.51
CA PRO E 277 26.13 17.05 -20.67
C PRO E 277 27.02 17.47 -21.84
N LYS E 278 27.38 16.50 -22.67
CA LYS E 278 28.27 16.75 -23.79
C LYS E 278 27.56 17.52 -24.90
N LEU E 279 28.33 18.37 -25.59
CA LEU E 279 27.82 19.18 -26.69
C LEU E 279 28.93 19.40 -27.71
N TYR E 280 28.55 19.52 -28.97
CA TYR E 280 29.50 19.62 -30.08
C TYR E 280 29.30 20.94 -30.81
N ALA E 281 30.40 21.46 -31.34
CA ALA E 281 30.35 22.67 -32.17
C ALA E 281 29.90 22.32 -33.57
N VAL E 282 28.79 22.90 -34.01
CA VAL E 282 28.22 22.64 -35.32
C VAL E 282 28.25 23.92 -36.13
N ASN E 283 28.95 23.89 -37.26
CA ASN E 283 29.07 25.04 -38.14
C ASN E 283 28.29 24.80 -39.42
N LEU E 284 27.70 25.86 -39.96
CA LEU E 284 26.91 25.80 -41.18
C LEU E 284 27.25 26.99 -42.06
N ALA E 285 27.33 26.75 -43.37
CA ALA E 285 27.69 27.82 -44.29
C ALA E 285 27.04 27.58 -45.64
N SER E 286 26.66 28.67 -46.28
CA SER E 286 26.19 28.63 -47.65
C SER E 286 27.03 29.60 -48.48
N GLU E 287 26.62 29.82 -49.72
CA GLU E 287 27.34 30.73 -50.60
C GLU E 287 27.37 32.17 -50.08
N THR E 288 26.52 32.54 -49.09
CA THR E 288 26.54 33.92 -48.60
C THR E 288 26.25 34.11 -47.12
N ASP E 289 26.10 33.07 -46.30
CA ASP E 289 25.78 33.29 -44.90
C ASP E 289 26.30 32.13 -44.07
N LYS E 290 26.59 32.42 -42.79
CA LYS E 290 27.19 31.48 -41.87
C LYS E 290 26.49 31.59 -40.52
N VAL E 291 26.74 30.59 -39.66
CA VAL E 291 26.21 30.60 -38.30
C VAL E 291 26.70 29.34 -37.58
N SER E 292 26.81 29.41 -36.26
CA SER E 292 27.34 28.32 -35.44
C SER E 292 26.39 28.03 -34.30
N ASP E 293 26.61 26.88 -33.66
CA ASP E 293 25.74 26.39 -32.60
C ASP E 293 26.52 25.42 -31.72
N GLU E 294 26.02 25.20 -30.52
CA GLU E 294 26.45 24.11 -29.65
C GLU E 294 25.28 23.14 -29.53
N ILE E 295 25.50 21.89 -29.94
CA ILE E 295 24.44 20.88 -29.93
C ILE E 295 24.93 19.60 -29.26
N GLY E 296 23.96 18.80 -28.80
CA GLY E 296 24.25 17.49 -28.29
C GLY E 296 23.27 16.48 -28.89
N PHE E 297 23.65 15.21 -28.81
CA PHE E 297 22.85 14.14 -29.38
C PHE E 297 22.48 13.13 -28.31
N ARG E 298 21.29 12.55 -28.46
CA ARG E 298 20.77 11.61 -27.48
C ARG E 298 19.70 10.76 -28.14
N THR E 299 19.17 9.80 -27.38
CA THR E 299 18.06 8.98 -27.81
C THR E 299 17.07 8.85 -26.65
N ILE E 300 15.79 8.90 -26.98
CA ILE E 300 14.74 8.85 -25.97
C ILE E 300 13.65 7.91 -26.47
N ARG E 301 12.86 7.39 -25.54
CA ARG E 301 11.72 6.54 -25.87
C ARG E 301 11.05 6.02 -24.61
N THR E 302 9.76 5.70 -24.70
CA THR E 302 9.03 5.06 -23.60
C THR E 302 9.00 3.55 -23.83
N GLU E 303 9.19 2.80 -22.75
CA GLU E 303 9.23 1.33 -22.77
C GLU E 303 8.31 0.81 -21.67
N GLY E 304 7.03 0.69 -22.00
CA GLY E 304 6.03 0.33 -21.00
C GLY E 304 5.95 1.37 -19.91
N ILE E 305 6.26 0.98 -18.67
CA ILE E 305 6.35 1.94 -17.58
C ILE E 305 7.74 2.54 -17.48
N LYS E 306 8.66 2.15 -18.36
CA LYS E 306 10.05 2.56 -18.34
C LYS E 306 10.27 3.88 -19.10
N ILE E 307 11.48 4.43 -18.96
CA ILE E 307 11.96 5.60 -19.68
C ILE E 307 13.42 5.38 -20.05
N LEU E 308 13.75 5.53 -21.33
CA LEU E 308 15.03 5.08 -21.87
C LEU E 308 15.78 6.24 -22.48
N LEU E 309 16.87 6.63 -21.82
CA LEU E 309 17.78 7.64 -22.36
C LEU E 309 19.04 6.91 -22.84
N ASN E 310 19.27 6.94 -24.15
CA ASN E 310 20.44 6.29 -24.75
C ASN E 310 20.46 4.79 -24.47
N ASP E 311 19.27 4.23 -24.26
CA ASP E 311 19.02 2.81 -24.02
C ASP E 311 19.02 2.48 -22.53
N LYS E 312 19.15 3.47 -21.64
CA LYS E 312 19.19 3.21 -20.21
C LYS E 312 17.93 3.73 -19.55
N GLU E 313 17.52 3.06 -18.48
CA GLU E 313 16.44 3.54 -17.64
C GLU E 313 16.93 4.69 -16.77
N ILE E 314 16.01 5.58 -16.40
CA ILE E 314 16.34 6.74 -15.58
C ILE E 314 15.07 7.17 -14.86
N PHE E 315 15.23 7.77 -13.69
CA PHE E 315 14.12 8.40 -13.00
C PHE E 315 14.26 9.92 -13.05
N CYS E 316 13.12 10.62 -12.96
CA CYS E 316 13.08 12.06 -13.19
C CYS E 316 13.11 12.81 -11.86
N ARG E 317 14.30 12.83 -11.26
CA ARG E 317 14.54 13.71 -10.12
C ARG E 317 14.38 15.14 -10.59
N GLY E 318 13.19 15.71 -10.43
CA GLY E 318 12.85 16.97 -11.07
C GLY E 318 12.20 17.94 -10.10
N ILE E 319 12.01 19.16 -10.60
CA ILE E 319 11.49 20.25 -9.78
C ILE E 319 10.84 21.27 -10.70
N SER E 320 9.73 21.83 -10.25
CA SER E 320 9.00 22.82 -11.02
C SER E 320 9.54 24.21 -10.76
N ILE E 321 9.62 25.01 -11.84
CA ILE E 321 10.25 26.32 -11.78
C ILE E 321 9.45 27.30 -12.64
N HIS E 322 8.92 28.34 -12.00
CA HIS E 322 8.39 29.49 -12.73
C HIS E 322 9.53 30.38 -13.22
N GLU E 323 9.28 31.12 -14.31
CA GLU E 323 10.28 32.03 -14.87
C GLU E 323 10.32 33.34 -14.06
N GLU E 324 10.59 33.17 -12.77
CA GLU E 324 10.67 34.27 -11.80
C GLU E 324 12.08 34.35 -11.24
N THR E 325 12.47 35.57 -10.75
CA THR E 325 13.87 35.71 -10.34
C THR E 325 14.02 35.52 -8.83
N PRO E 326 15.17 34.98 -8.42
CA PRO E 326 15.54 35.01 -6.99
C PRO E 326 15.44 36.41 -6.39
N TYR E 327 15.06 36.46 -5.12
CA TYR E 327 15.20 37.65 -4.28
C TYR E 327 14.18 38.72 -4.58
N TYR E 328 14.10 39.21 -5.82
CA TYR E 328 13.17 40.31 -6.07
C TYR E 328 11.94 39.88 -6.86
N SER E 329 12.01 38.73 -7.54
CA SER E 329 10.81 38.04 -8.02
C SER E 329 10.15 38.82 -9.14
N GLY E 330 10.97 39.25 -10.10
CA GLY E 330 10.51 39.75 -11.36
C GLY E 330 10.65 38.70 -12.44
N ARG E 331 10.36 39.11 -13.65
CA ARG E 331 10.46 38.20 -14.79
C ARG E 331 11.91 37.93 -15.11
N ALA E 332 12.26 36.65 -15.19
CA ALA E 332 13.64 36.24 -15.40
C ALA E 332 13.95 36.16 -16.90
N TYR E 333 15.21 36.44 -17.23
CA TYR E 333 15.56 36.51 -18.65
C TYR E 333 17.05 36.27 -18.92
N SER E 334 17.91 36.38 -17.91
CA SER E 334 19.35 36.35 -18.16
C SER E 334 19.97 35.01 -17.77
N LYS E 335 21.20 34.82 -18.22
CA LYS E 335 21.99 33.65 -17.83
C LYS E 335 22.21 33.64 -16.32
N ASP E 336 22.41 34.80 -15.72
CA ASP E 336 22.57 34.86 -14.27
C ASP E 336 21.34 34.30 -13.57
N HIS E 337 20.16 34.72 -14.02
CA HIS E 337 18.92 34.24 -13.40
C HIS E 337 18.80 32.73 -13.53
N ALA E 338 19.13 32.20 -14.71
CA ALA E 338 19.06 30.76 -14.96
C ALA E 338 20.01 30.00 -14.06
N HIS E 339 21.26 30.46 -13.93
CA HIS E 339 22.25 29.71 -13.16
C HIS E 339 21.92 29.71 -11.67
N THR E 340 21.46 30.84 -11.12
CA THR E 340 21.08 30.81 -9.71
C THR E 340 20.00 29.78 -9.45
N LEU E 341 19.03 29.67 -10.36
CA LEU E 341 17.96 28.71 -10.17
C LEU E 341 18.46 27.29 -10.37
N LEU E 342 19.18 27.04 -11.47
CA LEU E 342 19.65 25.69 -11.78
C LEU E 342 20.73 25.21 -10.82
N SER E 343 21.29 26.08 -9.98
CA SER E 343 22.16 25.60 -8.92
C SER E 343 21.38 25.24 -7.67
N TRP E 344 20.28 25.94 -7.38
CA TRP E 344 19.33 25.40 -6.42
C TRP E 344 18.83 24.04 -6.87
N ALA E 345 18.78 23.81 -8.20
CA ALA E 345 18.30 22.54 -8.73
C ALA E 345 19.40 21.49 -8.77
N LYS E 346 20.63 21.88 -9.10
CA LYS E 346 21.75 20.95 -9.02
C LYS E 346 22.10 20.60 -7.57
N GLU E 347 21.66 21.42 -6.62
CA GLU E 347 21.87 21.19 -5.19
C GLU E 347 20.72 20.41 -4.57
N LEU E 348 19.53 20.50 -5.13
CA LEU E 348 18.47 19.59 -4.75
C LEU E 348 18.70 18.19 -5.31
N GLY E 349 19.81 17.97 -6.00
CA GLY E 349 20.15 16.72 -6.62
C GLY E 349 19.45 16.42 -7.92
N CYS E 350 18.64 17.35 -8.43
CA CYS E 350 17.80 17.08 -9.59
C CYS E 350 18.63 16.81 -10.84
N ASN E 351 18.04 16.05 -11.76
CA ASN E 351 18.53 15.85 -13.12
C ASN E 351 17.53 16.33 -14.15
N PHE E 352 16.41 16.91 -13.71
CA PHE E 352 15.28 17.23 -14.56
C PHE E 352 14.56 18.42 -13.95
N VAL E 353 14.17 19.38 -14.80
CA VAL E 353 13.43 20.56 -14.37
C VAL E 353 12.20 20.73 -15.24
N ARG E 354 11.07 21.03 -14.61
CA ARG E 354 9.85 21.38 -15.31
C ARG E 354 9.74 22.90 -15.36
N LEU E 355 9.71 23.45 -16.57
CA LEU E 355 9.63 24.89 -16.77
C LEU E 355 8.17 25.23 -17.08
N ALA E 356 7.44 25.68 -16.06
CA ALA E 356 6.04 26.02 -16.14
C ALA E 356 5.85 27.53 -16.17
N HIS E 357 4.66 27.98 -16.58
CA HIS E 357 3.60 27.20 -17.24
C HIS E 357 3.57 27.63 -18.69
N TYR E 358 4.75 27.81 -19.28
CA TYR E 358 4.89 28.48 -20.57
C TYR E 358 6.31 28.20 -21.08
N PRO E 359 6.64 28.58 -22.30
CA PRO E 359 8.04 28.54 -22.72
C PRO E 359 8.82 29.63 -21.98
N HIS E 360 10.00 29.25 -21.48
CA HIS E 360 10.89 30.16 -20.79
C HIS E 360 11.85 30.82 -21.78
N ASN E 361 12.52 31.87 -21.30
CA ASN E 361 13.54 32.50 -22.13
C ASN E 361 14.57 31.46 -22.55
N GLU E 362 15.18 31.69 -23.72
CA GLU E 362 16.14 30.73 -24.23
C GLU E 362 17.39 30.64 -23.35
N GLU E 363 17.65 31.67 -22.52
CA GLU E 363 18.80 31.61 -21.63
C GLU E 363 18.62 30.55 -20.57
N MET E 364 17.40 30.43 -20.04
CA MET E 364 17.12 29.40 -19.06
C MET E 364 17.34 28.01 -19.63
N VAL E 365 17.11 27.86 -20.95
CA VAL E 365 17.14 26.54 -21.57
C VAL E 365 18.56 26.14 -21.97
N ARG E 366 19.26 27.02 -22.70
CA ARG E 366 20.65 26.73 -23.04
C ARG E 366 21.54 26.58 -21.82
N GLU E 367 21.07 26.99 -20.65
CA GLU E 367 21.79 26.82 -19.39
C GLU E 367 21.40 25.53 -18.66
N ALA E 368 20.23 24.95 -18.96
CA ALA E 368 19.97 23.58 -18.55
C ALA E 368 20.67 22.60 -19.49
N GLU E 369 20.60 22.88 -20.79
CA GLU E 369 21.43 22.15 -21.76
C GLU E 369 22.87 22.06 -21.28
N ARG E 370 23.37 23.10 -20.63
CA ARG E 370 24.79 23.20 -20.28
C ARG E 370 25.11 22.52 -18.97
N MET E 371 24.26 22.68 -17.96
CA MET E 371 24.47 22.15 -16.62
C MET E 371 23.94 20.72 -16.44
N GLY E 372 23.56 20.04 -17.53
CA GLY E 372 23.03 18.68 -17.43
C GLY E 372 21.66 18.57 -16.77
N PHE E 373 20.62 19.03 -17.46
CA PHE E 373 19.26 18.94 -16.93
C PHE E 373 18.32 18.46 -18.02
N LEU E 374 17.36 17.63 -17.63
CA LEU E 374 16.28 17.27 -18.52
C LEU E 374 15.20 18.33 -18.40
N VAL E 375 14.57 18.65 -19.53
CA VAL E 375 13.70 19.80 -19.63
C VAL E 375 12.31 19.36 -20.07
N TRP E 376 11.30 19.85 -19.35
CA TRP E 376 9.89 19.69 -19.73
C TRP E 376 9.38 21.08 -20.15
N SER E 377 9.11 21.23 -21.45
CA SER E 377 8.69 22.50 -22.04
C SER E 377 7.19 22.48 -22.32
N GLU E 378 6.58 23.66 -22.26
CA GLU E 378 5.16 23.74 -21.97
C GLU E 378 4.57 25.04 -22.49
N ILE E 379 3.25 25.07 -22.61
CA ILE E 379 2.50 26.26 -23.04
C ILE E 379 1.38 26.54 -22.05
N PRO E 380 0.96 27.79 -21.96
CA PRO E 380 -0.07 28.16 -20.96
C PRO E 380 -1.49 27.79 -21.36
N VAL E 381 -1.69 26.60 -21.94
CA VAL E 381 -3.02 26.01 -22.05
C VAL E 381 -3.38 25.50 -20.66
N TYR E 382 -4.31 26.19 -20.00
CA TYR E 382 -4.37 26.17 -18.55
C TYR E 382 -5.76 26.61 -18.10
N TRP E 383 -6.42 25.77 -17.33
CA TRP E 383 -7.74 26.02 -16.74
C TRP E 383 -8.75 26.22 -17.87
N THR E 384 -9.58 27.25 -17.83
CA THR E 384 -10.83 27.26 -18.57
C THR E 384 -10.69 28.05 -19.88
N ILE E 385 -9.92 27.47 -20.79
CA ILE E 385 -9.79 28.05 -22.12
C ILE E 385 -11.17 28.11 -22.77
N HIS E 386 -11.28 28.85 -23.87
CA HIS E 386 -12.49 28.81 -24.71
C HIS E 386 -12.24 27.83 -25.85
N TRP E 387 -12.58 26.55 -25.60
CA TRP E 387 -12.24 25.45 -26.50
C TRP E 387 -12.98 25.54 -27.83
N GLU E 388 -14.14 26.18 -27.86
CA GLU E 388 -14.91 26.32 -29.08
C GLU E 388 -14.53 27.57 -29.85
N ASN E 389 -13.53 28.31 -29.40
CA ASN E 389 -13.09 29.50 -30.11
C ASN E 389 -11.99 29.09 -31.08
N LYS E 390 -12.24 29.29 -32.38
CA LYS E 390 -11.28 28.87 -33.40
C LYS E 390 -10.04 29.73 -33.38
N ASP E 391 -10.16 31.00 -32.99
CA ASP E 391 -8.97 31.82 -32.83
C ASP E 391 -8.17 31.39 -31.60
N THR E 392 -8.85 31.15 -30.48
CA THR E 392 -8.15 30.64 -29.31
C THR E 392 -7.32 29.41 -29.67
N TYR E 393 -7.82 28.55 -30.55
CA TYR E 393 -7.03 27.38 -30.93
C TYR E 393 -5.79 27.79 -31.71
N GLN E 394 -5.98 28.49 -32.83
CA GLN E 394 -4.85 29.01 -33.62
C GLN E 394 -3.77 29.61 -32.74
N ASN E 395 -4.18 30.48 -31.81
CA ASN E 395 -3.25 31.02 -30.83
C ASN E 395 -2.44 29.91 -30.16
N ALA E 396 -3.12 28.87 -29.66
CA ALA E 396 -2.40 27.82 -28.93
C ALA E 396 -1.51 27.02 -29.87
N GLU E 397 -2.02 26.64 -31.03
CA GLU E 397 -1.17 25.90 -31.95
C GLU E 397 -0.01 26.77 -32.41
N GLN E 398 -0.25 28.07 -32.56
CA GLN E 398 0.85 28.97 -32.89
C GLN E 398 1.93 28.90 -31.83
N GLN E 399 1.53 29.05 -30.56
CA GLN E 399 2.50 28.93 -29.47
C GLN E 399 3.18 27.56 -29.45
N LEU E 400 2.43 26.50 -29.73
CA LEU E 400 3.02 25.18 -29.79
C LEU E 400 4.08 25.09 -30.89
N CYS E 401 3.71 25.52 -32.10
CA CYS E 401 4.70 25.60 -33.18
C CYS E 401 5.89 26.47 -32.80
N ASP E 402 5.62 27.67 -32.28
CA ASP E 402 6.70 28.59 -31.94
C ASP E 402 7.63 27.95 -30.91
N MET E 403 7.06 27.30 -29.90
CA MET E 403 7.89 26.70 -28.85
C MET E 403 8.82 25.64 -29.41
N ILE E 404 8.28 24.75 -30.25
CA ILE E 404 9.08 23.65 -30.77
C ILE E 404 10.06 24.17 -31.80
N ALA E 405 9.64 25.11 -32.65
CA ALA E 405 10.51 25.60 -33.70
C ALA E 405 11.80 26.18 -33.16
N ARG E 406 11.77 26.75 -31.95
CA ARG E 406 12.90 27.48 -31.40
C ARG E 406 13.92 26.57 -30.72
N ASP E 407 13.45 25.59 -29.95
CA ASP E 407 14.31 24.72 -29.16
C ASP E 407 14.34 23.30 -29.71
N LYS E 408 13.86 23.09 -30.93
CA LYS E 408 13.90 21.74 -31.48
C LYS E 408 15.29 21.14 -31.40
N ASN E 409 16.33 21.95 -31.53
CA ASN E 409 17.70 21.46 -31.46
C ASN E 409 18.24 21.36 -30.03
N ARG E 410 17.45 21.65 -29.01
CA ARG E 410 17.94 21.62 -27.63
C ARG E 410 17.87 20.17 -27.12
N CYS E 411 18.98 19.45 -27.26
CA CYS E 411 18.99 18.00 -27.06
C CYS E 411 18.71 17.58 -25.62
N ASN E 412 18.49 18.50 -24.71
CA ASN E 412 18.15 18.15 -23.34
C ASN E 412 16.65 18.20 -23.08
N ILE E 413 15.86 18.78 -23.99
CA ILE E 413 14.42 18.73 -23.86
C ILE E 413 13.94 17.36 -24.30
N ILE E 414 12.96 16.81 -23.60
CA ILE E 414 12.50 15.47 -23.93
C ILE E 414 10.99 15.33 -23.74
N ILE E 415 10.35 16.35 -23.18
CA ILE E 415 8.90 16.33 -23.02
C ILE E 415 8.32 17.67 -23.46
N TRP E 416 7.37 17.63 -24.38
CA TRP E 416 6.49 18.75 -24.66
C TRP E 416 5.17 18.47 -23.96
N SER E 417 4.73 19.37 -23.10
CA SER E 417 3.41 19.29 -22.50
C SER E 417 2.49 20.25 -23.24
N ILE E 418 1.29 19.78 -23.60
CA ILE E 418 0.36 20.64 -24.32
C ILE E 418 -0.78 21.13 -23.45
N ALA E 419 -0.99 20.56 -22.26
CA ALA E 419 -2.06 21.04 -21.40
C ALA E 419 -1.67 20.90 -19.93
N ASN E 420 -2.20 21.80 -19.11
CA ASN E 420 -2.28 21.69 -17.66
C ASN E 420 -3.73 21.43 -17.28
N GLU E 421 -3.99 21.37 -15.97
CA GLU E 421 -5.33 21.07 -15.48
C GLU E 421 -6.40 21.75 -16.32
N THR E 422 -7.27 20.93 -16.91
CA THR E 422 -8.29 21.38 -17.85
C THR E 422 -9.65 20.83 -17.43
N PRO E 423 -10.66 21.68 -17.30
CA PRO E 423 -12.00 21.15 -17.07
C PRO E 423 -12.42 20.29 -18.25
N HIS E 424 -12.93 19.09 -17.97
CA HIS E 424 -13.18 18.12 -19.02
C HIS E 424 -14.51 18.38 -19.72
N SER E 425 -14.47 18.34 -21.05
CA SER E 425 -15.66 18.43 -21.88
C SER E 425 -15.29 17.91 -23.26
N LYS E 426 -16.32 17.73 -24.10
CA LYS E 426 -16.09 17.20 -25.45
C LYS E 426 -15.21 18.15 -26.26
N THR E 427 -15.57 19.44 -26.30
CA THR E 427 -14.73 20.42 -26.98
C THR E 427 -13.32 20.40 -26.43
N ARG E 428 -13.19 20.54 -25.10
CA ARG E 428 -11.90 20.46 -24.45
C ARG E 428 -11.10 19.29 -24.99
N LEU E 429 -11.76 18.15 -25.22
CA LEU E 429 -11.04 16.97 -25.71
C LEU E 429 -10.65 17.14 -27.17
N THR E 430 -11.50 17.81 -27.96
CA THR E 430 -11.17 18.04 -29.35
C THR E 430 -10.06 19.09 -29.50
N PHE E 431 -10.04 20.07 -28.60
CA PHE E 431 -9.00 21.09 -28.59
C PHE E 431 -7.62 20.48 -28.28
N LEU E 432 -7.53 19.69 -27.20
CA LEU E 432 -6.24 19.15 -26.79
C LEU E 432 -5.76 18.05 -27.72
N SER E 433 -6.69 17.35 -28.38
CA SER E 433 -6.29 16.27 -29.27
C SER E 433 -5.55 16.81 -30.48
N ASN E 434 -6.08 17.87 -31.09
CA ASN E 434 -5.40 18.50 -32.21
C ASN E 434 -3.98 18.91 -31.82
N LEU E 435 -3.85 19.66 -30.72
CA LEU E 435 -2.52 20.04 -30.23
C LEU E 435 -1.63 18.82 -30.08
N ALA E 436 -2.13 17.78 -29.40
CA ALA E 436 -1.33 16.58 -29.20
C ALA E 436 -0.84 16.03 -30.54
N ASN E 437 -1.76 15.89 -31.50
CA ASN E 437 -1.35 15.39 -32.82
C ASN E 437 -0.42 16.37 -33.52
N LYS E 438 -0.65 17.68 -33.36
CA LYS E 438 0.21 18.66 -33.99
C LYS E 438 1.63 18.58 -33.43
N ALA E 439 1.75 18.63 -32.09
CA ALA E 439 3.06 18.43 -31.48
C ALA E 439 3.73 17.21 -32.08
N ARG E 440 2.97 16.11 -32.20
CA ARG E 440 3.56 14.88 -32.68
C ARG E 440 4.04 15.02 -34.12
N SER E 441 3.21 15.59 -34.99
CA SER E 441 3.61 15.77 -36.38
C SER E 441 4.82 16.69 -36.51
N LEU E 442 4.99 17.61 -35.55
CA LEU E 442 6.14 18.51 -35.59
C LEU E 442 7.42 17.79 -35.21
N ASP E 443 7.40 17.05 -34.10
CA ASP E 443 8.57 16.33 -33.64
C ASP E 443 8.20 14.89 -33.34
N SER E 444 8.88 13.95 -34.02
CA SER E 444 8.62 12.53 -33.86
C SER E 444 9.29 11.96 -32.61
N VAL E 445 10.52 12.38 -32.35
CA VAL E 445 11.35 11.83 -31.28
C VAL E 445 10.75 12.10 -29.90
N ARG E 446 10.79 13.36 -29.47
CA ARG E 446 10.43 13.71 -28.09
C ARG E 446 9.08 13.14 -27.67
N LEU E 447 8.81 13.18 -26.36
CA LEU E 447 7.57 12.67 -25.79
C LEU E 447 6.52 13.78 -25.69
N ILE E 448 5.26 13.37 -25.46
CA ILE E 448 4.13 14.28 -25.37
C ILE E 448 3.35 14.00 -24.09
N GLY E 449 2.87 15.06 -23.43
CA GLY E 449 2.26 14.89 -22.13
C GLY E 449 1.13 15.87 -21.88
N ALA E 450 0.54 15.76 -20.69
CA ALA E 450 -0.56 16.66 -20.35
C ALA E 450 -1.16 16.33 -18.99
N ALA E 451 -1.91 17.27 -18.43
CA ALA E 451 -2.48 17.13 -17.09
C ALA E 451 -3.78 16.35 -17.18
N MET E 452 -3.73 15.07 -16.81
CA MET E 452 -4.88 14.18 -16.93
C MET E 452 -5.72 14.16 -15.66
N GLU E 453 -6.97 13.74 -15.81
CA GLU E 453 -7.92 13.75 -14.71
C GLU E 453 -7.62 12.65 -13.72
N LYS E 454 -8.11 12.84 -12.49
CA LYS E 454 -7.90 11.91 -11.40
C LYS E 454 -9.24 11.37 -10.95
N GLU E 455 -9.31 10.06 -10.71
CA GLU E 455 -10.57 9.43 -10.32
C GLU E 455 -10.33 8.43 -9.20
N GLU E 456 -11.38 8.20 -8.41
CA GLU E 456 -11.31 7.39 -7.20
C GLU E 456 -11.95 6.03 -7.48
N VAL E 457 -11.13 5.08 -7.93
CA VAL E 457 -11.63 3.74 -8.23
C VAL E 457 -12.44 3.20 -7.06
N GLN E 458 -11.98 3.43 -5.83
CA GLN E 458 -12.76 3.13 -4.64
C GLN E 458 -12.16 3.93 -3.49
N PRO E 459 -12.88 4.02 -2.36
CA PRO E 459 -12.34 4.75 -1.22
C PRO E 459 -10.94 4.28 -0.86
N GLY E 460 -9.99 5.22 -0.84
CA GLY E 460 -8.63 4.90 -0.49
C GLY E 460 -7.71 4.56 -1.64
N VAL E 461 -8.14 4.77 -2.89
CA VAL E 461 -7.28 4.52 -4.04
C VAL E 461 -7.83 5.31 -5.24
N LEU E 462 -6.93 5.76 -6.10
CA LEU E 462 -7.26 6.67 -7.20
C LEU E 462 -6.48 6.29 -8.45
N THR E 463 -7.03 6.68 -9.60
CA THR E 463 -6.40 6.50 -10.89
C THR E 463 -6.59 7.76 -11.73
N VAL E 464 -5.91 7.80 -12.88
CA VAL E 464 -6.08 8.88 -13.84
C VAL E 464 -6.79 8.33 -15.06
N ASN E 465 -7.94 8.93 -15.39
CA ASN E 465 -8.81 8.51 -16.48
C ASN E 465 -8.99 9.69 -17.43
N ASP E 466 -8.33 9.65 -18.57
CA ASP E 466 -8.49 10.71 -19.54
C ASP E 466 -8.50 10.11 -20.94
N PRO E 467 -9.55 10.35 -21.73
CA PRO E 467 -9.48 9.95 -23.15
C PRO E 467 -8.23 10.48 -23.81
N LEU E 468 -7.87 11.72 -23.51
CA LEU E 468 -6.68 12.34 -24.05
C LEU E 468 -5.47 11.42 -23.91
N GLY E 469 -5.34 10.75 -22.77
CA GLY E 469 -4.14 9.98 -22.45
C GLY E 469 -3.62 9.15 -23.60
N GLU E 470 -4.52 8.70 -24.46
CA GLU E 470 -4.15 7.84 -25.58
C GLU E 470 -3.15 8.52 -26.51
N LEU E 471 -3.32 9.83 -26.73
CA LEU E 471 -2.41 10.61 -27.56
C LEU E 471 -1.14 11.02 -26.81
N LEU E 472 -1.03 10.70 -25.53
CA LEU E 472 0.12 11.04 -24.70
C LEU E 472 0.99 9.80 -24.48
N ASP E 473 2.31 9.99 -24.44
CA ASP E 473 3.25 8.88 -24.26
C ASP E 473 3.58 8.61 -22.81
N ILE E 474 2.95 9.30 -21.87
CA ILE E 474 3.21 9.10 -20.44
C ILE E 474 1.96 9.52 -19.68
N ILE E 475 1.85 9.06 -18.43
CA ILE E 475 0.69 9.34 -17.59
C ILE E 475 1.05 10.50 -16.69
N SER E 476 0.55 11.70 -17.02
CA SER E 476 0.99 12.95 -16.41
C SER E 476 -0.15 13.58 -15.64
N PHE E 477 0.04 13.82 -14.35
CA PHE E 477 -1.02 14.47 -13.59
C PHE E 477 -0.44 15.15 -12.37
N ASN E 478 -1.19 16.12 -11.84
CA ASN E 478 -0.85 16.82 -10.61
C ASN E 478 -1.86 16.46 -9.53
N GLU E 479 -1.35 16.01 -8.39
CA GLU E 479 -2.15 15.74 -7.19
C GLU E 479 -1.56 16.52 -6.03
N TYR E 480 -2.41 17.22 -5.29
CA TYR E 480 -1.98 17.89 -4.07
C TYR E 480 -2.53 17.17 -2.86
N VAL E 481 -2.20 15.89 -2.74
CA VAL E 481 -2.66 15.09 -1.61
C VAL E 481 -1.92 15.53 -0.35
N GLY E 482 -2.68 15.76 0.72
CA GLY E 482 -2.16 16.23 1.97
C GLY E 482 -2.29 17.73 2.17
N TRP E 483 -2.26 18.50 1.09
CA TRP E 483 -2.43 19.94 1.22
C TRP E 483 -3.85 20.37 0.86
N TYR E 484 -4.21 20.27 -0.41
CA TYR E 484 -5.51 20.74 -0.85
C TYR E 484 -6.61 19.75 -0.54
N ASP E 485 -6.30 18.45 -0.58
CA ASP E 485 -7.23 17.38 -0.30
C ASP E 485 -6.76 16.67 0.97
N GLY E 486 -7.35 17.07 2.10
CA GLY E 486 -7.07 16.45 3.38
C GLY E 486 -5.72 16.83 3.96
N ASP E 487 -5.54 16.48 5.23
CA ASP E 487 -4.34 16.81 5.97
C ASP E 487 -3.16 16.02 5.42
N SER E 488 -2.01 16.16 6.07
CA SER E 488 -0.80 15.46 5.65
C SER E 488 -0.85 13.97 5.98
N GLU E 489 -1.71 13.57 6.93
CA GLU E 489 -1.85 12.16 7.24
C GLU E 489 -2.50 11.38 6.10
N LYS E 490 -3.36 12.04 5.32
CA LYS E 490 -4.01 11.36 4.20
C LYS E 490 -3.02 10.84 3.17
N CYS E 491 -1.75 11.26 3.24
CA CYS E 491 -0.73 10.82 2.30
C CYS E 491 -0.25 9.41 2.58
N ASP E 492 -0.83 8.76 3.58
CA ASP E 492 -0.52 7.38 3.92
C ASP E 492 -1.67 6.43 3.64
N ARG E 493 -2.91 6.92 3.70
CA ARG E 493 -4.11 6.15 3.37
C ARG E 493 -4.56 6.39 1.93
N VAL E 494 -3.62 6.32 0.98
CA VAL E 494 -3.92 6.53 -0.43
C VAL E 494 -2.93 5.72 -1.26
N ASN E 495 -3.42 5.13 -2.35
CA ASN E 495 -2.56 4.44 -3.30
C ASN E 495 -3.10 4.67 -4.71
N TRP E 496 -2.26 4.37 -5.69
CA TRP E 496 -2.50 4.80 -7.05
C TRP E 496 -2.41 3.62 -8.00
N THR E 497 -3.42 3.50 -8.85
CA THR E 497 -3.55 2.41 -9.81
C THR E 497 -3.78 3.00 -11.19
N PHE E 498 -3.32 2.28 -12.21
CA PHE E 498 -3.35 2.79 -13.58
C PHE E 498 -3.75 1.69 -14.55
N ASP E 499 -4.81 1.95 -15.32
CA ASP E 499 -5.30 0.99 -16.30
C ASP E 499 -4.20 0.57 -17.27
N THR E 500 -3.57 1.54 -17.92
CA THR E 500 -2.58 1.26 -18.95
C THR E 500 -1.20 1.07 -18.34
N GLN E 501 -0.26 0.60 -19.17
CA GLN E 501 1.12 0.42 -18.74
C GLN E 501 2.03 1.48 -19.35
N LYS E 502 1.67 2.75 -19.19
CA LYS E 502 2.48 3.88 -19.60
C LYS E 502 3.21 4.48 -18.41
N PRO E 503 4.35 5.16 -18.62
CA PRO E 503 5.12 5.67 -17.48
C PRO E 503 4.39 6.80 -16.76
N VAL E 504 4.34 6.70 -15.43
CA VAL E 504 3.63 7.66 -14.61
C VAL E 504 4.58 8.80 -14.24
N PHE E 505 4.04 10.02 -14.23
CA PHE E 505 4.84 11.23 -14.04
C PHE E 505 3.98 12.21 -13.27
N ILE E 506 4.27 12.42 -12.00
CA ILE E 506 3.60 13.48 -11.28
C ILE E 506 4.29 14.79 -11.63
N SER E 507 3.51 15.86 -11.74
CA SER E 507 4.00 17.12 -12.24
C SER E 507 3.67 18.28 -11.32
N GLU E 508 2.97 18.04 -10.21
CA GLU E 508 2.69 19.04 -9.19
C GLU E 508 2.25 18.37 -7.88
N LEU E 509 3.02 18.59 -6.81
CA LEU E 509 2.73 18.02 -5.51
C LEU E 509 3.49 18.82 -4.45
N GLY E 510 2.82 19.16 -3.36
CA GLY E 510 3.47 19.79 -2.24
C GLY E 510 2.51 20.68 -1.48
N GLY E 511 3.10 21.63 -0.76
CA GLY E 511 2.32 22.53 0.08
C GLY E 511 3.18 23.69 0.53
N GLY E 512 2.50 24.76 0.94
CA GLY E 512 3.15 26.03 1.19
C GLY E 512 3.43 26.28 2.66
N ALA E 513 4.55 26.96 2.92
CA ALA E 513 4.93 27.36 4.26
C ALA E 513 5.96 28.49 4.17
N LEU E 514 5.89 29.40 5.13
CA LEU E 514 6.75 30.58 5.17
C LEU E 514 8.05 30.25 5.88
N TYR E 515 9.16 30.31 5.15
CA TYR E 515 10.48 30.18 5.76
C TYR E 515 10.60 31.06 7.00
N GLY E 516 10.81 30.42 8.15
CA GLY E 516 10.94 31.16 9.40
C GLY E 516 9.66 31.34 10.18
N HIS E 517 8.62 30.61 9.83
CA HIS E 517 7.41 30.52 10.63
C HIS E 517 7.35 29.10 11.20
N HIS E 518 7.02 28.99 12.48
CA HIS E 518 7.22 27.75 13.20
C HIS E 518 6.03 27.44 14.11
N GLY E 519 5.57 26.21 14.06
CA GLY E 519 4.52 25.73 14.93
C GLY E 519 4.66 24.22 15.01
N SER E 520 3.54 23.54 15.24
CA SER E 520 3.61 22.09 15.16
C SER E 520 3.59 21.64 13.70
N PRO E 521 4.05 20.42 13.41
CA PRO E 521 3.86 19.86 12.06
C PRO E 521 2.38 19.71 11.74
N LYS E 522 1.54 20.05 12.71
CA LYS E 522 0.10 20.11 12.53
C LYS E 522 -0.40 21.54 12.33
N GLU E 523 0.46 22.55 12.46
CA GLU E 523 0.10 23.92 12.10
C GLU E 523 0.45 24.12 10.63
N ARG E 524 -0.55 24.47 9.83
CA ARG E 524 -0.33 24.66 8.40
C ARG E 524 0.57 25.86 8.15
N PHE E 525 1.40 25.76 7.12
CA PHE E 525 2.24 26.84 6.63
C PHE E 525 3.50 27.01 7.46
N THR E 526 3.70 26.23 8.51
CA THR E 526 4.99 26.22 9.18
C THR E 526 5.95 25.40 8.34
N GLU E 527 7.25 25.70 8.46
CA GLU E 527 8.25 24.84 7.86
C GLU E 527 8.09 23.40 8.32
N GLU E 528 7.38 23.18 9.43
CA GLU E 528 7.11 21.86 10.01
C GLU E 528 6.06 21.12 9.21
N TYR E 529 4.80 21.58 9.30
CA TYR E 529 3.72 20.96 8.56
C TYR E 529 4.17 20.61 7.16
N GLN E 530 4.76 21.60 6.47
CA GLN E 530 5.24 21.32 5.12
C GLN E 530 6.30 20.23 5.13
N GLU E 531 7.10 20.16 6.20
CA GLU E 531 8.16 19.14 6.25
C GLU E 531 7.58 17.76 6.48
N ASP E 532 6.56 17.66 7.33
CA ASP E 532 5.85 16.40 7.53
C ASP E 532 5.27 15.90 6.21
N LEU E 533 4.38 16.71 5.61
CA LEU E 533 3.77 16.40 4.33
C LEU E 533 4.73 15.72 3.37
N TYR E 534 5.93 16.29 3.21
CA TYR E 534 6.91 15.71 2.29
C TYR E 534 7.47 14.39 2.80
N ILE E 535 7.29 14.10 4.09
CA ILE E 535 7.66 12.79 4.62
C ILE E 535 6.68 11.77 4.06
N ARG E 536 5.40 11.89 4.45
CA ARG E 536 4.35 11.03 3.91
C ARG E 536 4.43 10.94 2.39
N HIS E 537 4.31 12.08 1.72
CA HIS E 537 4.18 12.08 0.26
C HIS E 537 5.28 11.26 -0.40
N VAL E 538 6.52 11.41 0.05
CA VAL E 538 7.57 10.58 -0.51
C VAL E 538 7.29 9.11 -0.21
N ASN E 539 6.55 8.84 0.87
CA ASN E 539 6.07 7.49 1.14
C ASN E 539 5.05 7.11 0.08
N MET E 540 3.88 7.77 0.13
CA MET E 540 2.81 7.53 -0.85
C MET E 540 3.32 7.53 -2.29
N LEU E 541 4.44 8.20 -2.55
CA LEU E 541 5.04 8.12 -3.87
C LEU E 541 5.65 6.75 -4.12
N LYS E 542 6.20 6.12 -3.08
CA LYS E 542 6.83 4.83 -3.29
C LYS E 542 5.81 3.75 -3.59
N ARG E 543 4.61 3.87 -3.04
CA ARG E 543 3.53 2.91 -3.26
C ARG E 543 2.80 3.17 -4.57
N ILE E 544 3.51 3.68 -5.58
CA ILE E 544 2.94 3.94 -6.90
C ILE E 544 3.68 3.11 -7.91
N PRO E 545 2.99 2.29 -8.71
CA PRO E 545 3.69 1.38 -9.62
C PRO E 545 4.16 2.10 -10.87
N GLY E 546 5.35 1.70 -11.34
CA GLY E 546 5.91 2.33 -12.53
C GLY E 546 5.91 3.85 -12.48
N LEU E 547 6.14 4.44 -11.30
CA LEU E 547 6.29 5.89 -11.21
C LEU E 547 7.59 6.30 -11.89
N ALA E 548 7.50 7.28 -12.78
CA ALA E 548 8.59 7.57 -13.70
C ALA E 548 9.31 8.87 -13.43
N GLY E 549 8.66 9.85 -12.82
CA GLY E 549 9.30 11.13 -12.63
C GLY E 549 8.53 12.02 -11.68
N THR E 550 9.24 13.00 -11.14
CA THR E 550 8.66 13.98 -10.24
C THR E 550 9.12 15.38 -10.62
N THR E 551 8.20 16.33 -10.44
CA THR E 551 8.50 17.75 -10.63
C THR E 551 7.67 18.51 -9.62
N PRO E 552 7.99 18.36 -8.34
CA PRO E 552 7.15 18.94 -7.29
C PRO E 552 6.96 20.45 -7.47
N TRP E 553 5.84 20.93 -6.93
CA TRP E 553 5.50 22.34 -6.89
C TRP E 553 5.90 22.84 -5.51
N ILE E 554 6.99 23.59 -5.43
CA ILE E 554 7.73 24.13 -6.57
C ILE E 554 9.10 24.64 -6.09
N LEU E 555 10.05 24.85 -6.99
CA LEU E 555 11.42 25.18 -6.57
C LEU E 555 11.45 26.42 -5.68
N LYS E 556 10.88 27.53 -6.14
CA LYS E 556 10.98 28.81 -5.45
C LYS E 556 9.60 29.44 -5.31
N ASP E 557 9.33 30.01 -4.13
CA ASP E 557 8.13 30.81 -3.95
C ASP E 557 8.02 31.85 -5.07
N PHE E 558 6.78 32.10 -5.51
CA PHE E 558 6.53 33.03 -6.61
C PHE E 558 5.29 33.85 -6.31
N ARG E 559 5.10 34.90 -7.10
CA ARG E 559 3.94 35.76 -6.96
C ARG E 559 2.72 35.14 -7.61
N SER E 560 1.56 35.26 -6.94
CA SER E 560 0.24 34.91 -7.45
C SER E 560 -0.74 35.88 -6.82
N PRO E 561 -1.69 36.38 -7.62
CA PRO E 561 -2.71 37.27 -7.06
C PRO E 561 -3.79 36.53 -6.29
N ARG E 562 -3.62 35.22 -6.12
CA ARG E 562 -4.64 34.37 -5.50
C ARG E 562 -4.26 33.88 -4.12
N ARG E 563 -3.06 34.16 -3.64
CA ARG E 563 -2.59 33.70 -2.34
C ARG E 563 -2.58 34.89 -1.39
N HIS E 564 -3.58 34.96 -0.52
CA HIS E 564 -3.86 36.18 0.23
C HIS E 564 -3.77 36.00 1.75
N VAL E 565 -3.05 35.01 2.25
CA VAL E 565 -2.91 34.89 3.70
C VAL E 565 -1.91 35.95 4.18
N PRO E 566 -2.34 36.93 5.00
CA PRO E 566 -1.44 37.97 5.44
C PRO E 566 -0.24 37.43 6.21
N GLU E 567 0.87 38.16 6.12
CA GLU E 567 2.09 37.83 6.87
C GLU E 567 2.64 36.47 6.48
N ILE E 568 1.84 35.63 5.82
CA ILE E 568 2.26 34.29 5.41
C ILE E 568 2.47 34.20 3.91
N GLN E 569 1.48 34.62 3.13
CA GLN E 569 1.55 34.54 1.67
C GLN E 569 1.94 35.89 1.06
N ASP E 570 1.22 36.94 1.41
CA ASP E 570 1.47 38.28 0.88
C ASP E 570 1.69 38.23 -0.62
N ASP E 571 0.60 37.93 -1.35
CA ASP E 571 0.62 37.77 -2.81
C ASP E 571 1.72 36.84 -3.30
N PHE E 572 2.06 35.84 -2.51
CA PHE E 572 3.02 34.82 -2.95
C PHE E 572 2.40 33.44 -2.78
N ASN E 573 2.68 32.57 -3.75
CA ASN E 573 2.50 31.14 -3.56
C ASN E 573 3.72 30.63 -2.81
N ARG E 574 3.50 29.85 -1.75
CA ARG E 574 4.57 29.45 -0.83
C ARG E 574 5.01 28.01 -1.01
N LYS E 575 4.52 27.32 -2.04
CA LYS E 575 4.85 25.91 -2.23
C LYS E 575 6.28 25.72 -2.69
N GLY E 576 7.14 26.72 -2.53
CA GLY E 576 8.51 26.58 -2.94
C GLY E 576 9.31 25.82 -1.90
N LEU E 577 10.30 25.06 -2.38
CA LEU E 577 11.28 24.44 -1.50
C LEU E 577 12.21 25.51 -0.94
N VAL E 578 12.85 26.27 -1.83
CA VAL E 578 13.57 27.48 -1.48
C VAL E 578 12.59 28.63 -1.41
N SER E 579 12.79 29.54 -0.46
CA SER E 579 11.97 30.75 -0.43
C SER E 579 12.41 31.69 -1.55
N ASP E 580 11.60 32.74 -1.77
CA ASP E 580 11.97 33.73 -2.78
C ASP E 580 13.31 34.39 -2.46
N LYS E 581 13.71 34.43 -1.18
CA LYS E 581 15.05 34.89 -0.80
C LYS E 581 16.09 33.77 -0.79
N GLY E 582 16.00 32.80 -1.68
CA GLY E 582 17.00 31.74 -1.75
C GLY E 582 17.22 30.92 -0.49
N GLN E 583 16.25 30.90 0.43
CA GLN E 583 16.39 30.23 1.73
C GLN E 583 15.84 28.81 1.64
N LYS E 584 16.74 27.80 1.71
CA LYS E 584 16.37 26.40 1.53
C LYS E 584 15.57 25.89 2.72
N LYS E 585 14.26 25.73 2.54
CA LYS E 585 13.36 25.34 3.61
C LYS E 585 13.64 23.92 4.10
N LYS E 586 12.92 23.53 5.16
CA LYS E 586 13.10 22.21 5.75
C LYS E 586 12.86 21.11 4.73
N ALA E 587 11.63 21.04 4.20
CA ALA E 587 11.28 20.03 3.22
C ALA E 587 12.29 19.94 2.08
N PHE E 588 13.15 20.94 1.89
CA PHE E 588 14.12 20.88 0.81
C PHE E 588 14.93 19.60 0.88
N PHE E 589 15.35 19.21 2.09
CA PHE E 589 16.25 18.07 2.20
C PHE E 589 15.50 16.73 2.28
N VAL E 590 14.30 16.73 2.86
CA VAL E 590 13.39 15.59 2.75
C VAL E 590 13.39 15.11 1.30
N LEU E 591 13.08 16.01 0.37
CA LEU E 591 13.08 15.66 -1.04
C LEU E 591 14.48 15.50 -1.58
N GLN E 592 15.47 16.15 -0.96
CA GLN E 592 16.83 16.01 -1.47
C GLN E 592 17.40 14.64 -1.17
N LYS E 593 17.01 14.04 -0.04
CA LYS E 593 17.50 12.70 0.30
C LYS E 593 16.90 11.66 -0.64
N TRP E 594 15.58 11.71 -0.84
CA TRP E 594 14.93 10.84 -1.81
C TRP E 594 15.69 10.83 -3.13
N TYR E 595 15.99 12.02 -3.67
CA TYR E 595 16.76 12.08 -4.91
C TYR E 595 18.17 11.56 -4.72
N LYS E 596 18.69 11.62 -3.49
CA LYS E 596 19.94 10.93 -3.19
C LYS E 596 19.75 9.42 -3.33
N GLU E 597 18.75 8.87 -2.65
CA GLU E 597 18.43 7.45 -2.76
C GLU E 597 18.13 7.08 -4.22
N LEU E 598 17.10 7.71 -4.80
CA LEU E 598 16.69 7.37 -6.16
C LEU E 598 17.87 7.45 -7.14
N THR E 599 18.72 8.47 -6.98
CA THR E 599 19.95 8.52 -7.75
C THR E 599 20.71 7.21 -7.65
N GLU E 600 20.62 6.56 -6.49
CA GLU E 600 21.37 5.35 -6.21
C GLU E 600 20.97 4.24 -7.16
N ALA E 601 19.75 3.72 -6.99
CA ALA E 601 19.27 2.62 -7.81
C ALA E 601 19.55 2.86 -9.29
N TYR E 602 18.92 3.90 -9.85
CA TYR E 602 18.90 4.08 -11.30
C TYR E 602 20.28 4.29 -11.88
N LYS E 603 21.33 4.18 -11.07
CA LYS E 603 22.67 4.21 -11.59
C LYS E 603 22.88 2.99 -12.50
N ALA F 25 19.63 1.77 41.27
CA ALA F 25 19.23 0.47 41.81
C ALA F 25 18.44 -0.33 40.76
N PRO F 26 17.53 0.32 40.02
CA PRO F 26 16.90 -0.35 38.88
C PRO F 26 17.92 -0.85 37.87
N GLN F 27 17.53 -1.88 37.13
CA GLN F 27 18.40 -2.43 36.10
C GLN F 27 18.64 -1.40 35.01
N ILE F 28 19.80 -1.50 34.38
CA ILE F 28 20.20 -0.60 33.31
C ILE F 28 20.42 -1.46 32.07
N MET F 29 19.73 -1.13 30.98
CA MET F 29 19.82 -1.90 29.74
C MET F 29 21.09 -1.54 28.97
N ASN F 30 21.72 -2.55 28.37
CA ASN F 30 22.87 -2.37 27.49
C ASN F 30 24.00 -1.59 28.16
N VAL F 31 24.46 -2.10 29.31
CA VAL F 31 25.49 -1.41 30.09
C VAL F 31 26.74 -1.16 29.26
N SER F 32 27.16 -2.14 28.45
CA SER F 32 28.38 -1.99 27.67
C SER F 32 28.36 -0.77 26.75
N ALA F 33 27.17 -0.27 26.41
CA ALA F 33 27.06 0.85 25.49
C ALA F 33 27.08 2.20 26.18
N ARG F 34 27.05 2.24 27.52
CA ARG F 34 27.00 3.49 28.25
C ARG F 34 28.41 4.05 28.46
N GLN F 35 28.45 5.19 29.14
CA GLN F 35 29.69 5.83 29.54
C GLN F 35 30.23 5.05 30.74
N THR F 36 31.20 4.19 30.49
CA THR F 36 31.65 3.20 31.46
C THR F 36 33.12 3.40 31.82
N THR F 37 33.42 3.16 33.09
CA THR F 37 34.77 3.13 33.61
C THR F 37 34.93 1.85 34.42
N SER F 38 35.99 1.10 34.13
CA SER F 38 36.21 -0.21 34.76
C SER F 38 36.83 -0.04 36.15
N LEU F 39 36.28 -0.74 37.14
CA LEU F 39 36.93 -0.87 38.44
C LEU F 39 37.65 -2.22 38.59
N ASP F 40 37.92 -2.91 37.48
CA ASP F 40 38.53 -4.24 37.51
C ASP F 40 40.02 -4.18 37.79
N GLY F 41 40.56 -5.31 38.26
CA GLY F 41 41.99 -5.46 38.48
C GLY F 41 42.31 -6.37 39.64
N GLN F 42 43.08 -5.88 40.60
CA GLN F 42 43.33 -6.60 41.84
C GLN F 42 42.89 -5.72 43.00
N TRP F 43 42.09 -6.28 43.91
CA TRP F 43 41.60 -5.57 45.07
C TRP F 43 42.17 -6.18 46.34
N LYS F 44 42.24 -5.38 47.39
CA LYS F 44 42.67 -5.92 48.66
C LYS F 44 41.52 -6.74 49.25
N THR F 45 41.86 -7.72 50.08
CA THR F 45 40.87 -8.69 50.53
C THR F 45 41.18 -9.17 51.93
N ILE F 46 40.14 -9.68 52.59
CA ILE F 46 40.22 -10.26 53.93
C ILE F 46 39.29 -11.47 53.97
N VAL F 47 39.86 -12.66 54.18
CA VAL F 47 39.06 -13.86 54.40
C VAL F 47 38.60 -13.85 55.85
N ASP F 48 37.28 -14.03 56.06
CA ASP F 48 36.65 -13.76 57.35
C ASP F 48 35.64 -14.85 57.66
N PRO F 49 36.11 -16.06 57.98
CA PRO F 49 35.19 -17.20 58.04
C PRO F 49 34.17 -17.11 59.15
N PHE F 50 34.49 -16.51 60.30
CA PHE F 50 33.50 -16.34 61.36
C PHE F 50 32.78 -15.00 61.28
N GLU F 51 33.11 -14.19 60.28
CA GLU F 51 32.48 -12.90 60.05
C GLU F 51 32.79 -11.93 61.19
N ASN F 52 34.05 -11.93 61.60
CA ASN F 52 34.51 -11.00 62.63
C ASN F 52 34.29 -9.56 62.21
N GLY F 53 34.42 -9.27 60.90
CA GLY F 53 34.32 -7.91 60.41
C GLY F 53 32.90 -7.34 60.38
N TYR F 54 31.92 -8.12 60.80
CA TYR F 54 30.52 -7.73 60.70
C TYR F 54 29.79 -7.92 62.02
N TYR F 55 30.11 -8.97 62.76
CA TYR F 55 29.54 -9.27 64.06
C TYR F 55 30.60 -9.17 65.16
N ASP F 56 30.15 -8.93 66.39
CA ASP F 56 31.00 -8.96 67.57
C ASP F 56 30.71 -10.21 68.38
N TYR F 57 31.43 -10.37 69.50
CA TYR F 57 31.32 -11.64 70.20
C TYR F 57 29.92 -11.86 70.77
N ARG F 58 29.10 -10.84 70.79
CA ARG F 58 27.68 -11.00 71.11
C ARG F 58 26.87 -11.37 69.87
N LEU F 59 27.54 -11.61 68.74
CA LEU F 59 26.88 -11.88 67.47
C LEU F 59 25.91 -10.74 67.10
N LYS F 60 26.34 -9.50 67.36
CA LYS F 60 25.58 -8.33 67.01
C LYS F 60 26.39 -7.46 66.06
N PRO F 61 25.76 -6.83 65.08
CA PRO F 61 26.49 -5.88 64.24
C PRO F 61 27.12 -4.81 65.12
N TYR F 62 28.22 -4.23 64.62
CA TYR F 62 28.92 -3.22 65.39
C TYR F 62 29.51 -2.19 64.44
N ASP F 63 29.47 -0.92 64.85
CA ASP F 63 30.14 0.12 64.09
C ASP F 63 31.65 -0.03 64.28
N GLY F 64 32.40 0.18 63.22
CA GLY F 64 33.82 -0.06 63.26
C GLY F 64 34.26 -1.37 62.66
N GLY F 65 33.35 -2.14 62.05
CA GLY F 65 33.70 -3.32 61.28
C GLY F 65 34.48 -2.97 60.02
N TYR F 66 34.76 -3.96 59.19
CA TYR F 66 35.71 -3.74 58.09
C TYR F 66 35.13 -2.85 57.00
N ALA F 67 33.80 -2.69 56.96
CA ALA F 67 33.19 -1.79 55.97
C ALA F 67 33.76 -0.38 56.06
N GLN F 68 34.24 0.04 57.24
CA GLN F 68 34.83 1.36 57.39
C GLN F 68 36.16 1.53 56.64
N ASP F 69 36.79 0.46 56.14
CA ASP F 69 38.02 0.58 55.35
C ASP F 69 39.06 1.50 56.03
N LYS F 70 39.23 1.32 57.34
CA LYS F 70 40.10 2.18 58.15
C LYS F 70 41.54 1.67 58.08
N THR F 71 42.39 2.35 57.32
CA THR F 71 43.82 2.00 57.25
C THR F 71 44.45 2.08 58.64
N TYR F 72 45.18 1.03 59.03
CA TYR F 72 45.66 0.88 60.41
C TYR F 72 46.99 1.60 60.59
N SER F 73 46.92 2.93 60.57
CA SER F 73 48.12 3.75 60.58
C SER F 73 48.52 4.25 61.96
N ASP F 74 47.59 4.32 62.90
CA ASP F 74 47.91 4.79 64.23
C ASP F 74 47.84 3.59 65.17
N LYS F 75 49.00 3.03 65.49
CA LYS F 75 49.10 1.82 66.30
C LYS F 75 48.98 2.08 67.78
N THR F 76 48.69 3.31 68.18
CA THR F 76 48.38 3.53 69.59
C THR F 76 46.98 3.03 69.94
N LYS F 77 46.08 2.91 68.96
CA LYS F 77 44.73 2.39 69.14
C LYS F 77 44.63 0.94 68.65
N LEU F 78 43.66 0.21 69.21
CA LEU F 78 43.48 -1.21 68.91
C LEU F 78 42.50 -1.43 67.75
N GLN F 79 42.92 -2.23 66.77
CA GLN F 79 42.12 -2.61 65.61
C GLN F 79 42.52 -4.02 65.19
N GLU F 80 41.57 -4.77 64.61
CA GLU F 80 41.83 -6.18 64.30
C GLU F 80 42.04 -6.45 62.81
N TYR F 81 42.26 -5.44 61.98
CA TYR F 81 42.39 -5.69 60.55
C TYR F 81 43.12 -4.53 59.90
N ASP F 82 43.45 -4.70 58.63
CA ASP F 82 44.06 -3.65 57.84
C ASP F 82 44.08 -4.00 56.36
N PHE F 83 43.07 -3.54 55.60
CA PHE F 83 43.07 -3.79 54.15
C PHE F 83 44.37 -3.35 53.50
N GLU F 84 44.97 -2.26 54.02
CA GLU F 84 46.08 -1.63 53.33
C GLU F 84 47.24 -2.60 53.13
N THR F 85 47.50 -3.49 54.10
CA THR F 85 48.63 -4.45 54.02
C THR F 85 48.20 -5.90 53.78
N ASP F 86 46.95 -6.15 53.36
CA ASP F 86 46.48 -7.52 53.23
C ASP F 86 46.66 -8.01 51.79
N LYS F 87 46.12 -9.18 51.49
CA LYS F 87 46.34 -9.85 50.22
C LYS F 87 45.36 -9.39 49.15
N LEU F 88 45.76 -9.57 47.90
CA LEU F 88 45.00 -9.22 46.70
C LEU F 88 44.22 -10.42 46.15
N LEU F 89 43.14 -10.12 45.43
CA LEU F 89 42.48 -11.09 44.58
C LEU F 89 42.15 -10.40 43.26
N PHE F 90 42.16 -11.17 42.19
CA PHE F 90 41.70 -10.65 40.91
C PHE F 90 40.19 -10.40 40.92
N VAL F 91 39.78 -9.29 40.31
CA VAL F 91 38.38 -8.99 40.06
C VAL F 91 38.27 -8.62 38.59
N PRO F 92 37.39 -9.26 37.80
CA PRO F 92 36.47 -10.33 38.19
C PRO F 92 37.19 -11.67 38.36
N GLY F 93 36.53 -12.60 39.05
CA GLY F 93 37.04 -13.94 39.23
C GLY F 93 36.35 -14.68 40.37
N ASP F 94 36.22 -15.98 40.24
CA ASP F 94 35.99 -16.79 41.43
C ASP F 94 37.22 -16.68 42.34
N TRP F 95 37.02 -16.83 43.65
CA TRP F 95 38.22 -16.89 44.47
C TRP F 95 38.84 -18.27 44.49
N ASN F 96 38.06 -19.31 44.18
CA ASN F 96 38.49 -20.69 44.46
C ASN F 96 39.73 -21.10 43.69
N THR F 97 39.92 -20.59 42.47
CA THR F 97 41.07 -20.98 41.68
C THR F 97 42.26 -20.08 41.93
N GLN F 98 42.10 -19.06 42.77
CA GLN F 98 43.17 -18.09 42.96
C GLN F 98 44.15 -18.45 44.07
N ARG F 99 43.72 -19.23 45.07
CA ARG F 99 44.59 -19.66 46.19
C ARG F 99 44.18 -21.06 46.60
N PRO F 100 45.15 -21.95 46.81
CA PRO F 100 44.80 -23.28 47.35
C PRO F 100 43.91 -23.19 48.57
N GLN F 101 44.24 -22.30 49.53
CA GLN F 101 43.41 -22.17 50.72
C GLN F 101 41.94 -21.85 50.43
N LEU F 102 41.63 -21.26 49.27
CA LEU F 102 40.27 -20.85 48.99
C LEU F 102 39.54 -21.85 48.09
N TYR F 103 40.25 -22.89 47.63
CA TYR F 103 39.67 -23.90 46.76
C TYR F 103 38.28 -24.34 47.23
N TYR F 104 38.12 -24.67 48.52
CA TYR F 104 36.85 -25.14 49.07
C TYR F 104 36.07 -24.07 49.81
N TYR F 105 36.56 -22.84 49.84
CA TYR F 105 36.08 -21.90 50.84
C TYR F 105 34.62 -21.53 50.61
N GLU F 106 33.83 -21.63 51.66
CA GLU F 106 32.45 -21.19 51.69
C GLU F 106 32.30 -20.25 52.89
N GLY F 107 31.98 -19.00 52.62
CA GLY F 107 31.90 -18.03 53.69
C GLY F 107 32.29 -16.66 53.19
N THR F 108 32.61 -15.77 54.11
CA THR F 108 32.75 -14.36 53.80
C THR F 108 34.19 -14.03 53.40
N VAL F 109 34.35 -13.35 52.29
CA VAL F 109 35.57 -12.69 51.89
C VAL F 109 35.24 -11.23 51.62
N TRP F 110 35.96 -10.32 52.29
CA TRP F 110 35.80 -8.88 52.06
C TRP F 110 36.69 -8.43 50.90
N TYR F 111 36.13 -7.60 50.02
CA TYR F 111 36.91 -6.97 48.96
C TYR F 111 36.94 -5.45 49.18
N ARG F 112 38.04 -4.81 48.79
CA ARG F 112 38.18 -3.37 48.97
C ARG F 112 38.89 -2.76 47.78
N LYS F 113 38.24 -1.78 47.14
CA LYS F 113 38.82 -0.99 46.06
C LYS F 113 38.82 0.49 46.43
N HIS F 114 39.90 1.19 46.07
CA HIS F 114 39.98 2.65 46.14
C HIS F 114 39.97 3.24 44.73
N PHE F 115 39.24 4.33 44.54
CA PHE F 115 39.14 4.92 43.22
C PHE F 115 38.85 6.40 43.35
N GLU F 116 39.14 7.12 42.29
CA GLU F 116 38.76 8.53 42.17
C GLU F 116 37.81 8.69 40.99
N TYR F 117 36.97 9.73 41.06
CA TYR F 117 36.07 9.99 39.95
C TYR F 117 35.56 11.42 40.00
N SER F 118 35.69 12.13 38.88
CA SER F 118 35.20 13.50 38.74
C SER F 118 33.81 13.49 38.10
N LEU F 119 32.81 13.88 38.86
CA LEU F 119 31.42 13.92 38.39
C LEU F 119 31.01 15.37 38.19
N GLN F 120 30.79 15.76 36.94
CA GLN F 120 30.22 17.08 36.66
C GLN F 120 28.83 17.17 37.29
N PRO F 121 28.57 18.17 38.13
CA PRO F 121 27.26 18.27 38.79
C PRO F 121 26.11 18.29 37.80
N GLY F 122 25.00 17.69 38.22
CA GLY F 122 23.89 17.34 37.36
C GLY F 122 24.03 15.93 36.81
N LYS F 123 25.25 15.52 36.48
CA LYS F 123 25.49 14.15 36.05
C LYS F 123 25.27 13.19 37.22
N ARG F 124 24.83 11.97 36.89
CA ARG F 124 24.59 10.91 37.86
C ARG F 124 25.58 9.77 37.62
N LEU F 125 25.81 8.96 38.65
CA LEU F 125 26.83 7.93 38.57
C LEU F 125 26.31 6.65 39.21
N PHE F 126 26.42 5.55 38.48
CA PHE F 126 25.92 4.27 38.96
C PHE F 126 27.05 3.26 39.07
N LEU F 127 26.90 2.34 40.03
CA LEU F 127 27.87 1.28 40.31
C LEU F 127 27.21 -0.04 39.95
N ASN F 128 27.76 -0.70 38.94
CA ASN F 128 27.17 -1.91 38.35
C ASN F 128 28.08 -3.11 38.64
N PHE F 129 27.52 -4.13 39.29
CA PHE F 129 28.15 -5.44 39.42
C PHE F 129 27.50 -6.39 38.43
N GLY F 130 28.31 -7.01 37.58
CA GLY F 130 27.76 -8.00 36.66
C GLY F 130 27.21 -9.23 37.38
N ALA F 131 27.86 -9.63 38.48
CA ALA F 131 27.45 -10.76 39.32
C ALA F 131 28.39 -10.92 40.51
N VAL F 132 27.81 -11.34 41.64
CA VAL F 132 28.54 -11.63 42.87
C VAL F 132 27.87 -12.84 43.51
N ASN F 133 28.62 -13.93 43.72
CA ASN F 133 28.05 -15.13 44.35
C ASN F 133 28.57 -15.27 45.78
N TYR F 134 27.67 -15.32 46.76
CA TYR F 134 26.22 -15.38 46.59
C TYR F 134 25.49 -14.17 47.17
N GLU F 135 25.86 -13.76 48.39
CA GLU F 135 25.36 -12.55 49.01
C GLU F 135 26.43 -11.48 48.99
N ALA F 136 26.09 -10.31 48.43
CA ALA F 136 26.94 -9.13 48.46
C ALA F 136 26.30 -8.06 49.34
N ILE F 137 27.09 -7.53 50.29
CA ILE F 137 26.76 -6.27 50.96
C ILE F 137 27.79 -5.22 50.57
N VAL F 138 27.33 -4.07 50.10
CA VAL F 138 28.20 -3.08 49.48
C VAL F 138 28.20 -1.81 50.31
N TRP F 139 29.37 -1.18 50.40
CA TRP F 139 29.52 0.11 51.05
C TRP F 139 30.40 1.01 50.20
N LEU F 140 30.07 2.29 50.20
CA LEU F 140 30.91 3.35 49.65
C LEU F 140 31.20 4.31 50.79
N ASN F 141 32.49 4.59 51.00
CA ASN F 141 32.92 5.53 52.03
C ASN F 141 32.22 5.27 53.37
N GLY F 142 32.15 3.99 53.76
CA GLY F 142 31.59 3.64 55.05
C GLY F 142 30.09 3.64 55.13
N LYS F 143 29.40 3.94 54.04
CA LYS F 143 27.95 3.97 54.01
C LYS F 143 27.43 2.77 53.23
N ARG F 144 26.46 2.06 53.79
CA ARG F 144 25.93 0.89 53.09
C ARG F 144 25.09 1.32 51.90
N LEU F 145 25.40 0.80 50.72
CA LEU F 145 24.56 1.03 49.54
C LEU F 145 23.40 0.06 49.44
N GLY F 146 23.50 -1.12 50.04
CA GLY F 146 22.46 -2.12 49.94
C GLY F 146 23.04 -3.53 49.98
N ARG F 147 22.24 -4.47 49.47
CA ARG F 147 22.51 -5.90 49.64
C ARG F 147 21.84 -6.66 48.52
N HIS F 148 22.51 -7.74 48.06
CA HIS F 148 21.98 -8.55 46.97
C HIS F 148 22.18 -10.03 47.28
N ILE F 149 21.19 -10.85 46.87
CA ILE F 149 21.30 -12.30 46.87
C ILE F 149 21.05 -12.79 45.45
N GLY F 150 21.63 -13.95 45.11
CA GLY F 150 21.60 -14.44 43.75
C GLY F 150 22.92 -14.17 43.03
N GLY F 151 23.68 -15.22 42.76
CA GLY F 151 25.04 -15.08 42.29
C GLY F 151 25.22 -14.95 40.80
N PHE F 152 24.16 -14.85 39.99
CA PHE F 152 24.36 -14.80 38.55
C PHE F 152 23.58 -13.69 37.85
N THR F 153 22.98 -12.76 38.61
CA THR F 153 22.22 -11.66 38.03
C THR F 153 22.81 -10.31 38.46
N PRO F 154 22.87 -9.33 37.56
CA PRO F 154 23.54 -8.06 37.88
C PRO F 154 22.72 -7.19 38.80
N PHE F 155 23.37 -6.15 39.33
CA PHE F 155 22.70 -5.21 40.22
C PHE F 155 23.47 -3.89 40.31
N ASN F 156 22.73 -2.80 40.59
CA ASN F 156 23.25 -1.44 40.52
C ASN F 156 22.95 -0.68 41.79
N PHE F 157 23.81 0.29 42.07
CA PHE F 157 23.54 1.31 43.08
C PHE F 157 23.86 2.67 42.48
N GLU F 158 23.06 3.67 42.83
CA GLU F 158 23.38 5.03 42.46
C GLU F 158 24.27 5.62 43.55
N ILE F 159 25.42 6.16 43.15
CA ILE F 159 26.36 6.71 44.11
C ILE F 159 26.64 8.17 43.76
N THR F 160 25.63 8.83 43.17
CA THR F 160 25.77 10.22 42.75
C THR F 160 26.10 11.13 43.93
N ASN F 161 25.37 10.97 45.04
CA ASN F 161 25.48 11.86 46.18
C ASN F 161 26.43 11.36 47.27
N LEU F 162 27.12 10.24 47.04
CA LEU F 162 28.02 9.67 48.02
C LEU F 162 29.47 9.77 47.60
N LEU F 163 29.70 10.21 46.37
CA LEU F 163 31.05 10.37 45.85
C LEU F 163 31.75 11.53 46.54
N LYS F 164 32.92 11.28 47.11
CA LYS F 164 33.73 12.37 47.65
C LYS F 164 34.89 12.68 46.72
N GLU F 165 35.53 13.81 46.97
CA GLU F 165 36.71 14.17 46.18
C GLU F 165 37.92 13.40 46.71
N GLY F 166 38.92 13.26 45.85
CA GLY F 166 40.03 12.42 46.21
C GLY F 166 39.58 10.97 46.29
N THR F 167 40.11 10.27 47.29
CA THR F 167 39.99 8.83 47.36
C THR F 167 38.61 8.40 47.83
N ASN F 168 37.96 7.52 47.05
CA ASN F 168 36.74 6.84 47.45
C ASN F 168 37.03 5.38 47.77
N SER F 169 36.32 4.87 48.80
CA SER F 169 36.50 3.54 49.36
C SER F 169 35.27 2.69 49.06
N LEU F 170 35.43 1.72 48.16
CA LEU F 170 34.40 0.72 47.90
C LEU F 170 34.74 -0.57 48.65
N VAL F 171 33.89 -0.97 49.59
CA VAL F 171 34.00 -2.24 50.31
C VAL F 171 32.83 -3.13 49.91
N VAL F 172 33.12 -4.38 49.54
CA VAL F 172 32.09 -5.37 49.23
C VAL F 172 32.34 -6.59 50.11
N LYS F 173 31.34 -6.95 50.91
CA LYS F 173 31.36 -8.19 51.70
C LYS F 173 30.63 -9.28 50.91
N VAL F 174 31.41 -10.27 50.42
CA VAL F 174 30.90 -11.39 49.64
C VAL F 174 30.86 -12.63 50.52
N ASP F 175 29.71 -13.32 50.52
CA ASP F 175 29.53 -14.58 51.23
C ASP F 175 28.89 -15.60 50.29
N ASN F 176 29.43 -16.83 50.26
CA ASN F 176 28.87 -17.88 49.43
C ASN F 176 28.48 -19.14 50.22
N LYS F 177 28.29 -19.03 51.54
CA LYS F 177 27.75 -20.15 52.30
C LYS F 177 26.49 -20.68 51.62
N ARG F 178 26.33 -22.00 51.60
CA ARG F 178 25.13 -22.59 51.04
C ARG F 178 23.96 -22.45 52.03
N LEU F 179 22.84 -21.90 51.56
CA LEU F 179 21.74 -21.79 52.51
C LEU F 179 20.59 -22.73 52.12
N PRO F 180 19.94 -23.38 53.08
CA PRO F 180 18.85 -24.31 52.72
C PRO F 180 17.73 -23.63 51.96
N GLU F 181 17.39 -22.41 52.34
CA GLU F 181 16.33 -21.66 51.70
C GLU F 181 16.77 -20.95 50.42
N ALA F 182 18.04 -21.00 50.06
CA ALA F 182 18.53 -20.15 48.99
C ALA F 182 18.15 -20.72 47.61
N VAL F 183 18.49 -19.97 46.56
CA VAL F 183 18.31 -20.43 45.19
C VAL F 183 19.62 -20.22 44.43
N PRO F 184 20.40 -21.28 44.16
CA PRO F 184 20.11 -22.68 44.50
C PRO F 184 20.32 -22.96 45.98
N THR F 185 20.09 -24.22 46.39
CA THR F 185 20.04 -24.65 47.77
C THR F 185 21.32 -25.43 48.12
N VAL F 186 21.25 -26.31 49.13
CA VAL F 186 22.47 -26.82 49.73
C VAL F 186 23.11 -27.97 48.96
N ASN F 187 22.55 -28.35 47.82
CA ASN F 187 23.07 -29.45 47.03
C ASN F 187 22.94 -29.11 45.55
N ALA F 188 23.97 -29.46 44.79
CA ALA F 188 24.00 -29.15 43.37
C ALA F 188 25.30 -29.72 42.85
N ASP F 189 25.34 -30.00 41.55
CA ASP F 189 26.49 -30.68 40.97
C ASP F 189 27.44 -29.72 40.26
N TRP F 190 27.71 -28.55 40.85
CA TRP F 190 28.74 -27.69 40.30
C TRP F 190 29.46 -26.97 41.44
N TRP F 191 30.65 -26.45 41.14
CA TRP F 191 31.51 -25.88 42.17
C TRP F 191 30.88 -24.61 42.76
N ASN F 192 30.99 -24.46 44.08
CA ASN F 192 30.51 -23.27 44.77
C ASN F 192 31.59 -22.20 44.67
N PHE F 193 31.64 -21.58 43.49
CA PHE F 193 32.56 -20.49 43.16
C PHE F 193 32.11 -19.23 43.88
N GLY F 194 32.86 -18.78 44.84
CA GLY F 194 32.55 -17.54 45.50
C GLY F 194 33.24 -16.34 44.86
N GLY F 195 32.69 -15.16 45.12
CA GLY F 195 33.43 -13.95 44.85
C GLY F 195 32.73 -13.02 43.88
N ILE F 196 33.50 -12.01 43.45
CA ILE F 196 33.01 -11.01 42.49
C ILE F 196 33.33 -11.57 41.11
N THR F 197 32.40 -12.36 40.59
CA THR F 197 32.68 -13.24 39.47
C THR F 197 32.62 -12.56 38.11
N ARG F 198 32.06 -11.36 38.00
CA ARG F 198 31.99 -10.63 36.73
C ARG F 198 32.43 -9.18 36.90
N PRO F 199 32.72 -8.48 35.80
CA PRO F 199 33.26 -7.12 35.90
C PRO F 199 32.43 -6.18 36.76
N VAL F 200 33.12 -5.20 37.36
CA VAL F 200 32.49 -4.11 38.11
C VAL F 200 32.70 -2.83 37.30
N THR F 201 31.63 -2.05 37.13
CA THR F 201 31.63 -0.94 36.17
C THR F 201 31.02 0.31 36.78
N LEU F 202 31.65 1.46 36.50
CA LEU F 202 31.03 2.75 36.81
C LEU F 202 30.35 3.27 35.56
N ILE F 203 29.07 3.61 35.69
CA ILE F 203 28.27 4.14 34.60
C ILE F 203 27.85 5.56 34.96
N GLU F 204 28.18 6.49 34.08
CA GLU F 204 27.70 7.87 34.19
C GLU F 204 26.50 8.08 33.27
N MET F 205 25.42 8.65 33.83
CA MET F 205 24.18 8.96 33.10
C MET F 205 23.86 10.44 33.16
N PRO F 206 23.20 10.98 32.14
CA PRO F 206 22.60 12.31 32.28
C PRO F 206 21.50 12.29 33.34
N ALA F 207 21.24 13.46 33.94
CA ALA F 207 20.26 13.58 35.02
C ALA F 207 18.99 12.80 34.74
N THR F 208 18.57 12.82 33.47
CA THR F 208 17.45 12.03 32.98
C THR F 208 18.00 11.19 31.84
N TYR F 209 17.84 9.88 31.95
CA TYR F 209 18.52 8.98 31.03
C TYR F 209 17.55 7.91 30.55
N ILE F 210 17.93 7.27 29.44
CA ILE F 210 17.25 6.11 28.88
C ILE F 210 17.67 4.90 29.72
N ARG F 211 16.79 4.45 30.62
CA ARG F 211 17.11 3.34 31.51
C ARG F 211 16.95 1.98 30.82
N ASP F 212 15.87 1.81 30.06
CA ASP F 212 15.46 0.49 29.59
C ASP F 212 14.69 0.66 28.30
N TYR F 213 14.81 -0.33 27.42
CA TYR F 213 14.10 -0.30 26.16
C TYR F 213 13.99 -1.71 25.61
N TYR F 214 13.12 -1.87 24.60
CA TYR F 214 12.78 -3.17 24.02
C TYR F 214 12.48 -2.98 22.55
N VAL F 215 13.15 -3.75 21.71
CA VAL F 215 13.00 -3.61 20.27
C VAL F 215 13.16 -4.98 19.62
N GLN F 216 12.04 -5.56 19.23
CA GLN F 216 11.98 -6.92 18.71
C GLN F 216 10.87 -6.99 17.68
N LEU F 217 10.81 -8.10 16.95
CA LEU F 217 9.66 -8.37 16.10
C LEU F 217 8.41 -8.54 16.94
N ALA F 218 7.26 -8.24 16.33
CA ALA F 218 6.00 -8.59 16.95
C ALA F 218 5.79 -10.09 16.82
N LYS F 219 5.03 -10.65 17.76
CA LYS F 219 4.80 -12.10 17.77
C LYS F 219 4.39 -12.59 16.40
N ASP F 220 5.14 -13.56 15.89
CA ASP F 220 4.87 -14.21 14.59
C ASP F 220 4.60 -13.20 13.47
N ASP F 221 5.19 -12.00 13.55
CA ASP F 221 5.04 -10.99 12.52
C ASP F 221 6.41 -10.57 12.01
N LYS F 222 6.81 -11.08 10.85
CA LYS F 222 8.10 -10.72 10.28
C LYS F 222 8.09 -9.35 9.61
N ASN F 223 6.99 -8.61 9.69
CA ASN F 223 6.85 -7.29 9.06
C ASN F 223 6.51 -6.18 10.04
N MET F 224 6.46 -6.46 11.36
CA MET F 224 6.15 -5.44 12.36
C MET F 224 7.22 -5.46 13.45
N ILE F 225 7.96 -4.37 13.58
CA ILE F 225 8.86 -4.17 14.71
C ILE F 225 8.11 -3.44 15.81
N GLU F 226 8.04 -4.04 17.00
CA GLU F 226 7.42 -3.42 18.14
C GLU F 226 8.45 -3.19 19.24
N GLY F 227 8.11 -2.34 20.20
CA GLY F 227 9.03 -2.02 21.27
C GLY F 227 8.52 -0.90 22.15
N TRP F 228 9.37 -0.50 23.10
CA TRP F 228 9.06 0.57 24.03
C TRP F 228 10.36 1.14 24.58
N VAL F 229 10.26 2.30 25.22
CA VAL F 229 11.41 2.96 25.81
C VAL F 229 11.02 3.51 27.16
N GLN F 230 11.95 3.48 28.11
CA GLN F 230 11.65 3.90 29.48
C GLN F 230 12.77 4.80 29.98
N LEU F 231 12.39 6.00 30.37
CA LEU F 231 13.28 6.99 30.94
C LEU F 231 13.34 6.85 32.46
N GLU F 232 14.32 7.54 33.04
CA GLU F 232 14.50 7.56 34.48
C GLU F 232 14.99 8.97 34.85
N GLY F 233 14.30 9.61 35.79
CA GLY F 233 14.64 10.97 36.17
C GLY F 233 13.49 11.95 36.03
N SER F 234 13.84 13.24 36.06
CA SER F 234 12.84 14.29 36.18
C SER F 234 12.27 14.70 34.82
N ASP F 235 13.11 14.87 33.80
CA ASP F 235 12.61 15.29 32.49
C ASP F 235 11.84 14.14 31.87
N LYS F 236 10.69 13.80 32.45
CA LYS F 236 10.04 12.52 32.13
C LYS F 236 9.38 12.53 30.76
N GLU F 237 9.00 13.68 30.22
CA GLU F 237 8.36 13.75 28.92
C GLU F 237 9.32 14.37 27.92
N GLN F 238 9.82 13.55 26.99
CA GLN F 238 10.83 13.96 26.03
C GLN F 238 10.50 13.40 24.66
N LYS F 239 11.00 14.08 23.63
CA LYS F 239 10.95 13.52 22.28
C LYS F 239 12.01 12.43 22.17
N ILE F 240 11.60 11.28 21.63
CA ILE F 240 12.47 10.13 21.49
C ILE F 240 12.52 9.75 20.02
N THR F 241 13.72 9.41 19.54
CA THR F 241 13.91 9.02 18.15
C THR F 241 14.55 7.64 18.10
N LEU F 242 14.01 6.78 17.23
CA LEU F 242 14.52 5.42 17.05
C LEU F 242 15.00 5.27 15.62
N ASP F 243 16.30 5.05 15.45
CA ASP F 243 16.93 5.02 14.14
C ASP F 243 17.48 3.64 13.84
N ILE F 244 16.94 3.01 12.80
CA ILE F 244 17.52 1.78 12.28
C ILE F 244 18.04 2.09 10.87
N PRO F 245 19.21 2.71 10.75
CA PRO F 245 19.59 3.31 9.46
C PRO F 245 19.54 2.34 8.28
N GLU F 246 20.14 1.16 8.42
CA GLU F 246 20.16 0.23 7.30
C GLU F 246 18.75 -0.13 6.84
N LEU F 247 17.77 -0.03 7.72
CA LEU F 247 16.38 -0.27 7.36
C LEU F 247 15.68 0.99 6.85
N LYS F 248 16.37 2.12 6.84
CA LYS F 248 15.78 3.44 6.55
C LYS F 248 14.56 3.69 7.44
N VAL F 249 14.78 3.51 8.74
CA VAL F 249 13.76 3.61 9.77
C VAL F 249 14.10 4.78 10.69
N LYS F 250 13.09 5.61 10.98
CA LYS F 250 13.22 6.63 12.01
C LYS F 250 11.81 6.95 12.51
N LYS F 251 11.48 6.43 13.68
CA LYS F 251 10.21 6.73 14.32
C LYS F 251 10.49 7.67 15.47
N GLU F 252 9.62 8.66 15.63
CA GLU F 252 9.82 9.73 16.61
C GLU F 252 8.59 9.79 17.50
N VAL F 253 8.70 9.26 18.71
CA VAL F 253 7.60 9.25 19.66
C VAL F 253 7.90 10.21 20.80
N THR F 254 7.01 10.27 21.78
CA THR F 254 7.13 11.17 22.93
C THR F 254 6.64 10.44 24.16
N THR F 255 7.31 10.63 25.28
CA THR F 255 7.04 9.80 26.45
C THR F 255 5.94 10.40 27.32
N ASP F 256 5.22 9.53 28.03
CA ASP F 256 4.14 9.93 28.90
C ASP F 256 4.70 10.57 30.18
N ALA F 257 3.83 10.85 31.15
CA ALA F 257 4.25 11.41 32.43
C ALA F 257 5.01 10.40 33.29
N ASN F 258 5.10 9.14 32.86
CA ASN F 258 5.91 8.13 33.53
C ASN F 258 7.27 7.92 32.87
N GLY F 259 7.56 8.62 31.78
CA GLY F 259 8.76 8.36 31.03
C GLY F 259 8.65 7.24 30.03
N TYR F 260 7.44 6.74 29.79
CA TYR F 260 7.21 5.52 29.01
C TYR F 260 6.66 5.87 27.64
N ALA F 261 7.11 5.16 26.62
CA ALA F 261 6.58 5.28 25.27
C ALA F 261 6.75 3.95 24.55
N SER F 262 5.76 3.60 23.74
CA SER F 262 5.78 2.38 22.94
C SER F 262 5.70 2.77 21.46
N PHE F 263 5.90 1.79 20.59
CA PHE F 263 5.83 2.06 19.16
C PHE F 263 5.57 0.78 18.39
N LEU F 264 5.10 0.98 17.17
CA LEU F 264 4.94 -0.08 16.18
C LEU F 264 5.46 0.48 14.88
N ILE F 265 6.35 -0.27 14.22
CA ILE F 265 7.09 0.21 13.06
C ILE F 265 7.00 -0.88 12.00
N LYS F 266 6.17 -0.66 10.98
CA LYS F 266 6.16 -1.59 9.86
C LYS F 266 7.51 -1.58 9.17
N SER F 267 8.16 -2.75 9.11
CA SER F 267 9.46 -2.89 8.47
C SER F 267 9.64 -4.33 8.01
N LYS F 268 10.48 -4.53 6.99
CA LYS F 268 10.76 -5.85 6.43
C LYS F 268 12.22 -6.25 6.66
N PRO F 269 12.64 -6.41 7.91
CA PRO F 269 14.06 -6.69 8.18
C PRO F 269 14.49 -8.06 7.69
N ILE F 270 15.79 -8.19 7.44
CA ILE F 270 16.39 -9.50 7.21
C ILE F 270 16.47 -10.24 8.54
N LEU F 271 15.89 -11.43 8.58
CA LEU F 271 15.74 -12.15 9.85
C LEU F 271 17.00 -12.92 10.21
N TRP F 272 17.39 -12.80 11.48
CA TRP F 272 18.49 -13.56 12.04
C TRP F 272 18.29 -15.06 11.84
N THR F 273 19.34 -15.75 11.42
CA THR F 273 19.37 -17.20 11.50
C THR F 273 20.74 -17.64 12.00
N PRO F 274 20.85 -18.88 12.52
CA PRO F 274 22.18 -19.40 12.86
C PRO F 274 23.17 -19.31 11.71
N GLU F 275 22.74 -19.65 10.50
CA GLU F 275 23.64 -19.63 9.34
C GLU F 275 23.97 -18.20 8.90
N ASN F 276 23.07 -17.23 9.11
CA ASN F 276 23.29 -15.83 8.76
C ASN F 276 22.79 -14.95 9.89
N PRO F 277 23.58 -14.81 10.95
CA PRO F 277 23.12 -14.09 12.16
C PRO F 277 23.10 -12.58 11.97
N LYS F 278 22.22 -12.10 11.10
CA LYS F 278 22.12 -10.68 10.79
C LYS F 278 21.69 -9.88 12.00
N LEU F 279 22.42 -8.81 12.27
CA LEU F 279 22.07 -7.87 13.33
C LEU F 279 22.08 -6.45 12.77
N TYR F 280 21.27 -5.59 13.36
CA TYR F 280 21.12 -4.22 12.90
C TYR F 280 21.66 -3.25 13.93
N ALA F 281 22.37 -2.23 13.44
CA ALA F 281 22.69 -1.08 14.27
C ALA F 281 21.38 -0.36 14.61
N VAL F 282 21.11 -0.22 15.90
CA VAL F 282 19.92 0.43 16.42
C VAL F 282 20.36 1.60 17.29
N ASN F 283 19.75 2.76 17.10
CA ASN F 283 20.13 3.99 17.78
C ASN F 283 18.88 4.58 18.43
N LEU F 284 18.93 4.78 19.75
CA LEU F 284 17.88 5.51 20.46
C LEU F 284 18.44 6.82 20.96
N ALA F 285 17.63 7.88 20.88
CA ALA F 285 18.06 9.19 21.35
C ALA F 285 16.86 9.95 21.88
N SER F 286 16.92 10.32 23.16
CA SER F 286 15.92 11.19 23.77
C SER F 286 16.44 12.64 23.68
N GLU F 287 15.79 13.55 24.40
CA GLU F 287 16.30 14.91 24.41
C GLU F 287 17.65 14.98 25.11
N THR F 288 17.87 14.12 26.10
CA THR F 288 18.99 14.28 27.00
C THR F 288 19.91 13.07 27.06
N ASP F 289 19.80 12.14 26.12
CA ASP F 289 20.59 10.92 26.17
C ASP F 289 20.46 10.21 24.83
N LYS F 290 21.48 9.43 24.50
CA LYS F 290 21.40 8.51 23.37
C LYS F 290 22.13 7.22 23.76
N VAL F 291 21.92 6.18 22.96
CA VAL F 291 22.51 4.88 23.25
C VAL F 291 22.25 3.96 22.07
N SER F 292 23.28 3.25 21.60
CA SER F 292 23.17 2.35 20.46
C SER F 292 23.21 0.90 20.93
N ASP F 293 22.89 0.00 20.00
CA ASP F 293 22.74 -1.43 20.27
C ASP F 293 22.89 -2.19 18.96
N GLU F 294 23.12 -3.50 19.09
CA GLU F 294 23.06 -4.43 17.95
C GLU F 294 21.94 -5.42 18.26
N ILE F 295 20.83 -5.29 17.53
CA ILE F 295 19.66 -6.15 17.72
C ILE F 295 19.32 -6.83 16.40
N GLY F 296 18.86 -8.07 16.49
CA GLY F 296 18.43 -8.82 15.34
C GLY F 296 16.94 -9.15 15.46
N PHE F 297 16.37 -9.60 14.35
CA PHE F 297 14.94 -9.87 14.31
C PHE F 297 14.67 -11.26 13.77
N ARG F 298 13.71 -11.94 14.38
CA ARG F 298 13.37 -13.30 13.99
C ARG F 298 12.03 -13.64 14.59
N THR F 299 11.34 -14.59 13.97
CA THR F 299 10.11 -15.13 14.51
C THR F 299 10.35 -16.54 15.02
N ILE F 300 9.67 -16.91 16.11
CA ILE F 300 9.83 -18.22 16.73
C ILE F 300 8.48 -18.68 17.25
N ARG F 301 8.11 -19.93 16.94
CA ARG F 301 6.86 -20.50 17.42
C ARG F 301 6.93 -22.03 17.28
N THR F 302 6.03 -22.71 17.99
CA THR F 302 5.81 -24.13 17.84
C THR F 302 4.57 -24.38 17.01
N GLU F 303 4.66 -25.36 16.10
CA GLU F 303 3.53 -25.81 15.28
C GLU F 303 3.45 -27.33 15.45
N GLY F 304 2.58 -27.80 16.33
CA GLY F 304 2.55 -29.22 16.61
C GLY F 304 3.87 -29.63 17.24
N ILE F 305 4.45 -30.73 16.73
CA ILE F 305 5.75 -31.19 17.21
C ILE F 305 6.90 -30.46 16.55
N LYS F 306 6.64 -29.44 15.73
CA LYS F 306 7.68 -28.72 15.01
C LYS F 306 8.05 -27.42 15.72
N ILE F 307 9.32 -27.06 15.60
CA ILE F 307 9.82 -25.76 16.04
C ILE F 307 10.10 -24.96 14.79
N LEU F 308 9.52 -23.76 14.71
CA LEU F 308 9.56 -22.95 13.51
C LEU F 308 10.26 -21.63 13.80
N LEU F 309 11.36 -21.40 13.10
CA LEU F 309 12.15 -20.19 13.20
C LEU F 309 12.04 -19.46 11.88
N ASN F 310 11.52 -18.24 11.91
CA ASN F 310 11.21 -17.52 10.67
C ASN F 310 10.39 -18.40 9.73
N ASP F 311 9.38 -19.07 10.29
CA ASP F 311 8.46 -19.93 9.55
C ASP F 311 9.08 -21.23 9.03
N LYS F 312 10.37 -21.46 9.22
CA LYS F 312 11.02 -22.67 8.72
C LYS F 312 11.29 -23.64 9.87
N GLU F 313 10.95 -24.92 9.66
CA GLU F 313 11.14 -25.93 10.69
C GLU F 313 12.62 -26.20 10.89
N ILE F 314 13.05 -26.17 12.15
CA ILE F 314 14.45 -26.35 12.46
C ILE F 314 14.55 -27.47 13.49
N PHE F 315 15.75 -28.01 13.61
CA PHE F 315 16.14 -28.84 14.74
C PHE F 315 17.20 -28.10 15.54
N CYS F 316 17.04 -28.10 16.86
CA CYS F 316 18.05 -27.54 17.76
C CYS F 316 19.18 -28.55 17.95
N ARG F 317 20.20 -28.42 17.11
CA ARG F 317 21.46 -29.19 17.19
C ARG F 317 22.33 -28.51 18.24
N GLY F 318 22.19 -28.96 19.49
CA GLY F 318 22.64 -28.21 20.63
C GLY F 318 23.71 -28.90 21.47
N ILE F 319 24.13 -28.18 22.49
CA ILE F 319 25.06 -28.68 23.50
C ILE F 319 24.94 -27.76 24.70
N SER F 320 25.00 -28.34 25.88
CA SER F 320 24.99 -27.62 27.15
C SER F 320 26.41 -27.12 27.49
N ILE F 321 26.46 -26.04 28.28
CA ILE F 321 27.70 -25.34 28.60
C ILE F 321 27.55 -24.70 29.97
N HIS F 322 28.45 -25.05 30.90
CA HIS F 322 28.59 -24.32 32.15
C HIS F 322 29.41 -23.05 31.92
N GLU F 323 29.20 -22.05 32.78
CA GLU F 323 29.91 -20.77 32.69
C GLU F 323 31.30 -20.92 33.33
N GLU F 324 32.15 -21.70 32.67
CA GLU F 324 33.43 -22.11 33.22
C GLU F 324 34.48 -22.13 32.11
N THR F 325 35.71 -21.67 32.43
CA THR F 325 36.65 -21.35 31.35
C THR F 325 37.39 -22.58 30.83
N PRO F 326 37.82 -22.52 29.57
CA PRO F 326 38.78 -23.50 29.06
C PRO F 326 40.09 -23.46 29.83
N TYR F 327 40.69 -24.64 30.00
CA TYR F 327 42.07 -24.83 30.46
C TYR F 327 42.26 -24.66 31.97
N TYR F 328 41.82 -23.54 32.56
CA TYR F 328 42.03 -23.36 33.98
C TYR F 328 40.74 -23.51 34.79
N SER F 329 39.58 -23.48 34.13
CA SER F 329 38.32 -23.87 34.74
C SER F 329 37.95 -22.96 35.92
N GLY F 330 38.07 -21.65 35.69
CA GLY F 330 37.48 -20.66 36.58
C GLY F 330 36.15 -20.18 36.02
N ARG F 331 35.50 -19.28 36.76
CA ARG F 331 34.26 -18.71 36.26
C ARG F 331 34.53 -17.87 35.02
N ALA F 332 33.79 -18.13 33.96
CA ALA F 332 33.95 -17.38 32.72
C ALA F 332 33.26 -16.03 32.86
N TYR F 333 33.79 -15.03 32.14
CA TYR F 333 33.22 -13.68 32.17
C TYR F 333 33.53 -12.86 30.93
N SER F 334 34.52 -13.25 30.13
CA SER F 334 34.99 -12.37 29.07
C SER F 334 34.60 -12.90 27.70
N LYS F 335 34.75 -12.01 26.71
CA LYS F 335 34.51 -12.36 25.33
C LYS F 335 35.46 -13.45 24.87
N ASP F 336 36.70 -13.44 25.33
CA ASP F 336 37.66 -14.50 25.00
C ASP F 336 37.13 -15.86 25.47
N HIS F 337 36.69 -15.93 26.73
CA HIS F 337 36.15 -17.19 27.24
C HIS F 337 35.02 -17.68 26.34
N ALA F 338 34.04 -16.80 26.08
CA ALA F 338 32.90 -17.18 25.25
C ALA F 338 33.36 -17.68 23.90
N HIS F 339 34.33 -17.00 23.29
CA HIS F 339 34.67 -17.35 21.93
C HIS F 339 35.22 -18.77 21.86
N THR F 340 36.16 -19.09 22.76
CA THR F 340 36.75 -20.42 22.73
C THR F 340 35.66 -21.48 22.87
N LEU F 341 34.82 -21.33 23.88
CA LEU F 341 33.74 -22.30 24.08
C LEU F 341 32.87 -22.42 22.83
N LEU F 342 32.40 -21.29 22.30
CA LEU F 342 31.51 -21.31 21.14
C LEU F 342 32.21 -21.84 19.91
N SER F 343 33.50 -21.59 19.74
CA SER F 343 34.12 -22.17 18.57
C SER F 343 34.28 -23.68 18.71
N TRP F 344 34.24 -24.21 19.93
CA TRP F 344 34.10 -25.66 20.07
C TRP F 344 32.71 -26.10 19.66
N ALA F 345 31.68 -25.38 20.11
CA ALA F 345 30.32 -25.70 19.69
C ALA F 345 30.17 -25.59 18.18
N LYS F 346 30.83 -24.60 17.55
CA LYS F 346 30.78 -24.48 16.10
C LYS F 346 31.33 -25.73 15.43
N GLU F 347 32.51 -26.16 15.88
CA GLU F 347 33.14 -27.34 15.29
C GLU F 347 32.32 -28.60 15.52
N LEU F 348 31.50 -28.62 16.57
CA LEU F 348 30.67 -29.77 16.87
C LEU F 348 29.50 -29.89 15.89
N GLY F 349 29.17 -28.83 15.17
CA GLY F 349 28.02 -28.78 14.30
C GLY F 349 26.81 -28.15 14.90
N CYS F 350 26.95 -27.44 16.02
CA CYS F 350 25.81 -26.91 16.74
C CYS F 350 25.24 -25.69 16.04
N ASN F 351 23.93 -25.51 16.19
CA ASN F 351 23.27 -24.24 15.90
C ASN F 351 22.58 -23.71 17.14
N PHE F 352 22.88 -24.31 18.30
CA PHE F 352 22.14 -24.09 19.54
C PHE F 352 23.08 -24.42 20.70
N VAL F 353 23.01 -23.63 21.76
CA VAL F 353 23.74 -23.90 22.99
C VAL F 353 22.82 -23.64 24.17
N ARG F 354 22.83 -24.55 25.14
CA ARG F 354 22.09 -24.41 26.38
C ARG F 354 23.05 -23.88 27.42
N LEU F 355 22.73 -22.75 28.02
CA LEU F 355 23.57 -22.13 29.05
C LEU F 355 22.99 -22.53 30.40
N ALA F 356 23.69 -23.43 31.09
CA ALA F 356 23.30 -24.00 32.37
C ALA F 356 24.21 -23.47 33.48
N HIS F 357 23.70 -23.44 34.72
CA HIS F 357 22.31 -23.68 35.13
C HIS F 357 21.72 -22.37 35.65
N TYR F 358 22.11 -21.26 35.03
CA TYR F 358 21.88 -19.94 35.58
C TYR F 358 22.13 -18.94 34.46
N PRO F 359 21.76 -17.68 34.63
CA PRO F 359 22.07 -16.71 33.58
C PRO F 359 23.57 -16.54 33.50
N HIS F 360 24.13 -16.77 32.32
CA HIS F 360 25.55 -16.55 32.11
C HIS F 360 25.84 -15.04 31.99
N ASN F 361 27.12 -14.71 31.84
CA ASN F 361 27.51 -13.33 31.63
C ASN F 361 27.06 -12.86 30.24
N GLU F 362 26.86 -11.55 30.12
CA GLU F 362 26.36 -10.99 28.87
C GLU F 362 27.30 -11.27 27.70
N GLU F 363 28.62 -11.20 27.92
CA GLU F 363 29.55 -11.49 26.85
C GLU F 363 29.22 -12.80 26.15
N MET F 364 28.85 -13.80 26.94
CA MET F 364 28.55 -15.12 26.38
C MET F 364 27.32 -15.06 25.49
N VAL F 365 26.26 -14.39 25.95
CA VAL F 365 25.05 -14.27 25.13
C VAL F 365 25.35 -13.52 23.84
N ARG F 366 26.00 -12.37 23.94
CA ARG F 366 26.35 -11.55 22.77
C ARG F 366 27.19 -12.34 21.77
N GLU F 367 28.21 -13.03 22.25
CA GLU F 367 29.06 -13.80 21.35
C GLU F 367 28.24 -14.88 20.62
N ALA F 368 27.32 -15.53 21.35
CA ALA F 368 26.47 -16.55 20.73
C ALA F 368 25.55 -15.93 19.68
N GLU F 369 25.00 -14.75 19.98
CA GLU F 369 24.13 -14.06 19.02
C GLU F 369 24.89 -13.69 17.76
N ARG F 370 26.16 -13.29 17.90
CA ARG F 370 26.93 -12.81 16.76
C ARG F 370 27.47 -13.97 15.92
N MET F 371 27.82 -15.09 16.55
CA MET F 371 28.33 -16.20 15.76
C MET F 371 27.21 -17.01 15.14
N GLY F 372 26.07 -17.11 15.83
CA GLY F 372 24.93 -17.79 15.25
C GLY F 372 24.61 -19.07 15.99
N PHE F 373 24.35 -18.94 17.28
CA PHE F 373 23.82 -20.03 18.08
C PHE F 373 22.55 -19.55 18.75
N LEU F 374 21.45 -20.22 18.46
CA LEU F 374 20.27 -20.08 19.28
C LEU F 374 20.64 -20.46 20.72
N VAL F 375 19.92 -19.89 21.69
CA VAL F 375 20.30 -20.05 23.09
C VAL F 375 19.10 -20.45 23.94
N TRP F 376 19.38 -21.31 24.92
CA TRP F 376 18.48 -21.67 26.01
C TRP F 376 19.06 -21.05 27.26
N SER F 377 18.25 -20.26 27.98
CA SER F 377 18.69 -19.50 29.15
C SER F 377 17.80 -19.86 30.34
N GLU F 378 18.38 -19.99 31.53
CA GLU F 378 17.62 -20.59 32.63
C GLU F 378 18.08 -20.05 33.98
N ILE F 379 17.30 -20.35 35.02
CA ILE F 379 17.63 -19.92 36.36
C ILE F 379 17.89 -21.14 37.24
N PRO F 380 18.70 -21.01 38.36
CA PRO F 380 19.12 -22.18 39.17
C PRO F 380 18.07 -22.70 40.16
N VAL F 381 16.83 -22.84 39.70
CA VAL F 381 15.82 -23.59 40.45
C VAL F 381 16.12 -25.07 40.20
N TYR F 382 16.59 -25.77 41.25
CA TYR F 382 17.40 -26.99 41.07
C TYR F 382 17.29 -27.90 42.29
N TRP F 383 16.83 -29.12 42.08
CA TRP F 383 16.67 -30.19 43.10
C TRP F 383 15.84 -29.62 44.25
N THR F 384 16.28 -29.76 45.50
CA THR F 384 15.40 -29.58 46.65
C THR F 384 15.18 -28.13 47.05
N ILE F 385 14.76 -27.30 46.09
CA ILE F 385 14.34 -25.94 46.40
C ILE F 385 13.26 -25.97 47.48
N HIS F 386 13.17 -24.90 48.29
CA HIS F 386 12.25 -24.88 49.42
C HIS F 386 10.89 -24.38 48.94
N TRP F 387 10.13 -25.31 48.36
CA TRP F 387 8.96 -24.93 47.58
C TRP F 387 7.95 -24.13 48.39
N GLU F 388 7.87 -24.35 49.70
CA GLU F 388 6.90 -23.68 50.55
C GLU F 388 7.39 -22.36 51.11
N ASN F 389 8.61 -21.95 50.79
CA ASN F 389 9.20 -20.75 51.39
C ASN F 389 8.94 -19.55 50.48
N LYS F 390 8.19 -18.58 50.99
CA LYS F 390 7.80 -17.47 50.12
C LYS F 390 8.97 -16.57 49.78
N ASP F 391 9.97 -16.43 50.66
CA ASP F 391 11.14 -15.68 50.24
C ASP F 391 11.91 -16.42 49.15
N THR F 392 11.96 -17.75 49.28
CA THR F 392 12.54 -18.56 48.21
C THR F 392 11.87 -18.27 46.89
N TYR F 393 10.53 -18.24 46.86
CA TYR F 393 9.87 -17.94 45.59
C TYR F 393 10.24 -16.53 45.11
N GLN F 394 10.17 -15.54 46.02
CA GLN F 394 10.52 -14.17 45.64
C GLN F 394 11.93 -14.10 45.05
N ASN F 395 12.86 -14.83 45.64
CA ASN F 395 14.21 -14.89 45.09
C ASN F 395 14.20 -15.46 43.68
N ALA F 396 13.59 -16.65 43.50
CA ALA F 396 13.56 -17.26 42.17
C ALA F 396 12.86 -16.36 41.16
N GLU F 397 11.74 -15.74 41.54
CA GLU F 397 11.05 -14.88 40.58
C GLU F 397 11.88 -13.64 40.24
N GLN F 398 12.50 -13.03 41.24
CA GLN F 398 13.42 -11.94 40.97
C GLN F 398 14.50 -12.37 39.98
N GLN F 399 15.08 -13.56 40.17
CA GLN F 399 16.09 -14.02 39.23
C GLN F 399 15.49 -14.21 37.85
N LEU F 400 14.28 -14.76 37.79
CA LEU F 400 13.57 -14.84 36.52
C LEU F 400 13.45 -13.47 35.87
N CYS F 401 12.95 -12.49 36.62
CA CYS F 401 12.77 -11.15 36.07
C CYS F 401 14.08 -10.55 35.59
N ASP F 402 15.14 -10.66 36.41
CA ASP F 402 16.42 -10.08 36.03
C ASP F 402 16.97 -10.75 34.78
N MET F 403 16.86 -12.09 34.70
CA MET F 403 17.27 -12.79 33.49
C MET F 403 16.60 -12.21 32.25
N ILE F 404 15.28 -12.14 32.26
CA ILE F 404 14.58 -11.73 31.04
C ILE F 404 14.81 -10.25 30.78
N ALA F 405 14.85 -9.42 31.83
CA ALA F 405 15.02 -7.98 31.65
C ALA F 405 16.33 -7.67 30.95
N ARG F 406 17.41 -8.37 31.31
CA ARG F 406 18.71 -8.07 30.72
C ARG F 406 18.76 -8.41 29.23
N ASP F 407 18.19 -9.55 28.84
CA ASP F 407 18.45 -10.13 27.52
C ASP F 407 17.27 -10.08 26.57
N LYS F 408 16.17 -9.40 26.95
CA LYS F 408 14.96 -9.44 26.13
C LYS F 408 15.16 -8.97 24.69
N ASN F 409 16.21 -8.19 24.39
CA ASN F 409 16.47 -7.82 23.00
C ASN F 409 17.42 -8.78 22.28
N ARG F 410 17.74 -9.93 22.89
CA ARG F 410 18.70 -10.86 22.30
C ARG F 410 17.95 -11.87 21.44
N CYS F 411 17.87 -11.60 20.13
CA CYS F 411 16.97 -12.38 19.30
C CYS F 411 17.35 -13.86 19.26
N ASN F 412 18.61 -14.17 19.60
CA ASN F 412 19.09 -15.55 19.48
C ASN F 412 18.56 -16.45 20.59
N ILE F 413 18.19 -15.91 21.75
CA ILE F 413 17.54 -16.71 22.79
C ILE F 413 16.12 -17.04 22.34
N ILE F 414 15.79 -18.32 22.30
CA ILE F 414 14.43 -18.76 21.96
C ILE F 414 13.77 -19.57 23.07
N ILE F 415 14.47 -19.92 24.14
CA ILE F 415 13.87 -20.69 25.22
C ILE F 415 14.31 -20.09 26.55
N TRP F 416 13.34 -19.84 27.42
CA TRP F 416 13.59 -19.61 28.84
C TRP F 416 13.13 -20.86 29.59
N SER F 417 13.97 -21.34 30.51
CA SER F 417 13.60 -22.47 31.36
C SER F 417 13.55 -22.02 32.80
N ILE F 418 12.41 -22.29 33.45
CA ILE F 418 12.19 -21.95 34.85
C ILE F 418 12.62 -23.05 35.81
N ALA F 419 13.05 -24.21 35.32
CA ALA F 419 13.36 -25.23 36.30
C ALA F 419 14.19 -26.32 35.66
N ASN F 420 15.14 -26.85 36.43
CA ASN F 420 15.90 -28.05 36.16
C ASN F 420 15.24 -29.24 36.85
N GLU F 421 15.93 -30.37 36.89
CA GLU F 421 15.36 -31.56 37.51
C GLU F 421 14.87 -31.23 38.92
N THR F 422 13.64 -31.57 39.21
CA THR F 422 13.11 -31.36 40.56
C THR F 422 12.28 -32.56 41.00
N PRO F 423 12.06 -32.70 42.29
CA PRO F 423 11.22 -33.77 42.80
C PRO F 423 9.76 -33.54 42.46
N HIS F 424 8.98 -34.61 42.53
CA HIS F 424 7.55 -34.53 42.25
C HIS F 424 6.81 -34.20 43.54
N SER F 425 6.00 -33.15 43.49
CA SER F 425 5.19 -32.82 44.65
C SER F 425 4.29 -31.65 44.28
N LYS F 426 3.25 -31.47 45.08
CA LYS F 426 2.27 -30.41 44.84
C LYS F 426 2.92 -29.03 44.98
N THR F 427 3.56 -28.76 46.12
CA THR F 427 4.22 -27.48 46.31
C THR F 427 5.21 -27.16 45.18
N ARG F 428 5.94 -28.17 44.71
CA ARG F 428 6.86 -27.91 43.62
C ARG F 428 6.11 -27.50 42.36
N LEU F 429 4.95 -28.13 42.09
CA LEU F 429 4.15 -27.79 40.91
C LEU F 429 3.55 -26.40 41.01
N THR F 430 3.07 -26.01 42.20
CA THR F 430 2.53 -24.67 42.39
C THR F 430 3.60 -23.62 42.16
N PHE F 431 4.69 -23.75 42.92
CA PHE F 431 5.88 -22.93 42.76
C PHE F 431 6.29 -22.81 41.29
N LEU F 432 6.46 -23.94 40.60
CA LEU F 432 6.96 -23.86 39.23
C LEU F 432 5.93 -23.31 38.24
N SER F 433 4.63 -23.46 38.53
CA SER F 433 3.62 -22.87 37.67
C SER F 433 3.59 -21.35 37.80
N ASN F 434 3.82 -20.85 39.01
CA ASN F 434 3.87 -19.41 39.19
C ASN F 434 5.02 -18.81 38.40
N LEU F 435 6.20 -19.43 38.43
CA LEU F 435 7.28 -18.97 37.58
C LEU F 435 6.90 -19.06 36.12
N ALA F 436 6.32 -20.19 35.70
CA ALA F 436 6.01 -20.34 34.29
C ALA F 436 5.02 -19.28 33.82
N ASN F 437 4.03 -18.94 34.64
CA ASN F 437 3.14 -17.86 34.27
C ASN F 437 3.88 -16.53 34.21
N LYS F 438 4.73 -16.26 35.21
CA LYS F 438 5.46 -15.00 35.24
C LYS F 438 6.29 -14.84 34.00
N ALA F 439 7.04 -15.89 33.63
CA ALA F 439 7.83 -15.83 32.40
C ALA F 439 6.94 -15.39 31.24
N ARG F 440 5.77 -16.03 31.12
CA ARG F 440 4.90 -15.74 29.98
C ARG F 440 4.37 -14.31 30.04
N SER F 441 3.94 -13.86 31.24
CA SER F 441 3.55 -12.47 31.41
C SER F 441 4.68 -11.48 31.10
N LEU F 442 5.95 -11.90 31.17
CA LEU F 442 7.05 -11.00 30.86
C LEU F 442 7.46 -11.04 29.39
N ASP F 443 7.26 -12.14 28.70
CA ASP F 443 7.70 -12.29 27.32
C ASP F 443 6.68 -13.16 26.62
N SER F 444 6.01 -12.59 25.62
CA SER F 444 4.97 -13.34 24.92
C SER F 444 5.51 -14.14 23.72
N VAL F 445 6.77 -13.94 23.35
CA VAL F 445 7.31 -14.49 22.10
C VAL F 445 8.03 -15.83 22.32
N ARG F 446 8.98 -15.85 23.25
CA ARG F 446 9.87 -17.00 23.42
C ARG F 446 9.14 -18.20 24.03
N LEU F 447 9.72 -19.38 23.82
CA LEU F 447 9.19 -20.61 24.41
C LEU F 447 9.62 -20.77 25.87
N ILE F 448 8.75 -21.39 26.66
CA ILE F 448 8.97 -21.62 28.08
C ILE F 448 9.17 -23.11 28.31
N GLY F 449 10.29 -23.46 28.97
CA GLY F 449 10.64 -24.85 29.22
C GLY F 449 10.93 -25.11 30.68
N ALA F 450 11.19 -26.38 30.98
CA ALA F 450 11.47 -26.85 32.33
C ALA F 450 11.64 -28.37 32.31
N ALA F 451 12.46 -28.92 33.21
CA ALA F 451 12.78 -30.35 33.21
C ALA F 451 11.62 -31.14 33.81
N MET F 452 10.91 -31.88 32.99
CA MET F 452 9.65 -32.47 33.41
C MET F 452 9.85 -33.87 34.00
N GLU F 453 8.91 -34.28 34.85
CA GLU F 453 8.95 -35.61 35.41
C GLU F 453 8.65 -36.66 34.33
N LYS F 454 9.34 -37.78 34.43
CA LYS F 454 9.21 -38.89 33.51
C LYS F 454 8.49 -40.05 34.18
N GLU F 455 8.09 -41.03 33.38
CA GLU F 455 7.34 -42.18 33.87
C GLU F 455 7.44 -43.32 32.86
N GLU F 456 7.43 -44.55 33.36
CA GLU F 456 7.54 -45.73 32.51
C GLU F 456 6.16 -46.31 32.24
N VAL F 457 5.61 -45.95 31.08
CA VAL F 457 4.38 -46.50 30.53
C VAL F 457 4.34 -48.02 30.59
N GLN F 458 5.25 -48.66 29.86
CA GLN F 458 5.46 -50.10 29.91
C GLN F 458 6.96 -50.37 29.97
N PRO F 459 7.36 -51.61 30.25
CA PRO F 459 8.79 -51.92 30.30
C PRO F 459 9.46 -51.57 28.98
N GLY F 460 10.63 -50.97 29.08
CA GLY F 460 11.29 -50.50 27.89
C GLY F 460 10.70 -49.26 27.23
N VAL F 461 9.59 -48.73 27.73
CA VAL F 461 8.98 -47.57 27.08
C VAL F 461 8.67 -46.51 28.14
N LEU F 462 9.20 -45.30 27.93
CA LEU F 462 9.09 -44.19 28.87
C LEU F 462 8.37 -43.02 28.22
N THR F 463 7.90 -42.11 29.07
CA THR F 463 7.20 -40.92 28.61
C THR F 463 7.35 -39.83 29.67
N VAL F 464 6.78 -38.68 29.36
CA VAL F 464 6.68 -37.59 30.32
C VAL F 464 5.28 -37.62 30.91
N ASN F 465 5.20 -37.40 32.22
CA ASN F 465 3.92 -37.26 32.90
C ASN F 465 4.08 -36.20 33.99
N ASP F 466 3.64 -34.98 33.69
CA ASP F 466 3.95 -33.84 34.55
C ASP F 466 2.99 -32.71 34.21
N PRO F 467 2.04 -32.42 35.10
CA PRO F 467 1.04 -31.39 34.78
C PRO F 467 1.66 -30.02 34.53
N LEU F 468 2.94 -29.80 34.90
CA LEU F 468 3.61 -28.56 34.53
C LEU F 468 3.69 -28.37 33.01
N GLY F 469 3.73 -29.46 32.23
CA GLY F 469 3.83 -29.32 30.78
C GLY F 469 2.70 -28.50 30.17
N GLU F 470 1.53 -28.51 30.81
CA GLU F 470 0.42 -27.72 30.33
C GLU F 470 0.80 -26.24 30.21
N LEU F 471 1.77 -25.79 31.00
CA LEU F 471 2.21 -24.40 30.97
C LEU F 471 3.50 -24.21 30.17
N LEU F 472 3.92 -25.21 29.41
CA LEU F 472 5.18 -25.16 28.67
C LEU F 472 4.94 -25.36 27.18
N ASP F 473 5.80 -24.75 26.34
CA ASP F 473 5.68 -24.89 24.90
C ASP F 473 6.37 -26.14 24.35
N ILE F 474 7.12 -26.88 25.16
CA ILE F 474 7.84 -28.05 24.71
C ILE F 474 7.76 -29.13 25.77
N ILE F 475 8.07 -30.36 25.37
CA ILE F 475 8.28 -31.47 26.30
C ILE F 475 9.79 -31.57 26.47
N SER F 476 10.28 -30.96 27.54
CA SER F 476 11.72 -30.88 27.79
C SER F 476 12.04 -31.73 29.01
N PHE F 477 13.08 -32.54 28.92
CA PHE F 477 13.45 -33.37 30.06
C PHE F 477 14.90 -33.83 29.92
N ASN F 478 15.42 -34.32 31.05
CA ASN F 478 16.75 -34.88 31.14
C ASN F 478 16.65 -36.39 31.24
N GLU F 479 17.53 -37.09 30.53
CA GLU F 479 17.58 -38.53 30.69
C GLU F 479 19.01 -39.01 30.48
N TYR F 480 19.44 -39.91 31.33
CA TYR F 480 20.80 -40.41 31.22
C TYR F 480 20.84 -41.92 31.03
N VAL F 481 20.00 -42.42 30.10
CA VAL F 481 20.05 -43.83 29.73
C VAL F 481 21.46 -44.18 29.31
N GLY F 482 21.94 -45.33 29.77
CA GLY F 482 23.26 -45.80 29.39
C GLY F 482 24.39 -45.31 30.25
N TRP F 483 24.14 -44.35 31.15
CA TRP F 483 25.12 -43.94 32.15
C TRP F 483 24.58 -44.13 33.57
N TYR F 484 23.55 -43.37 33.96
CA TYR F 484 22.88 -43.60 35.24
C TYR F 484 21.78 -44.64 35.16
N ASP F 485 21.03 -44.72 34.07
CA ASP F 485 20.03 -45.77 33.89
C ASP F 485 20.60 -46.83 32.96
N GLY F 486 21.26 -47.83 33.55
CA GLY F 486 21.85 -48.92 32.81
C GLY F 486 23.21 -48.62 32.14
N ASP F 487 23.82 -49.68 31.64
CA ASP F 487 25.00 -49.60 30.80
C ASP F 487 24.61 -49.16 29.39
N SER F 488 25.61 -49.00 28.53
CA SER F 488 25.35 -48.52 27.18
C SER F 488 24.27 -49.35 26.47
N GLU F 489 24.27 -50.67 26.67
CA GLU F 489 23.33 -51.54 25.94
C GLU F 489 21.88 -51.15 26.18
N LYS F 490 21.57 -50.60 27.36
CA LYS F 490 20.17 -50.28 27.62
C LYS F 490 19.62 -49.23 26.65
N CYS F 491 20.46 -48.43 26.01
CA CYS F 491 19.93 -47.50 25.02
C CYS F 491 19.24 -48.23 23.88
N ASP F 492 19.62 -49.47 23.62
CA ASP F 492 19.02 -50.20 22.52
C ASP F 492 17.64 -50.74 22.87
N ARG F 493 17.18 -50.61 24.10
CA ARG F 493 15.89 -51.17 24.47
C ARG F 493 15.10 -50.18 25.30
N VAL F 494 15.21 -48.91 24.96
CA VAL F 494 14.33 -47.91 25.54
C VAL F 494 13.71 -47.11 24.41
N ASN F 495 12.43 -46.88 24.53
CA ASN F 495 11.68 -46.09 23.57
C ASN F 495 10.72 -45.18 24.32
N TRP F 496 10.27 -44.15 23.62
CA TRP F 496 9.48 -43.09 24.19
C TRP F 496 8.19 -42.94 23.40
N THR F 497 7.17 -42.42 24.07
CA THR F 497 5.93 -42.00 23.42
C THR F 497 5.35 -40.83 24.21
N PHE F 498 4.47 -40.08 23.57
CA PHE F 498 3.93 -38.89 24.20
C PHE F 498 2.45 -38.74 23.83
N ASP F 499 1.63 -38.50 24.86
CA ASP F 499 0.25 -38.10 24.66
C ASP F 499 0.16 -36.76 23.90
N THR F 500 0.67 -35.70 24.52
CA THR F 500 0.68 -34.36 23.92
C THR F 500 1.62 -34.29 22.72
N GLN F 501 1.26 -33.46 21.75
CA GLN F 501 2.03 -33.36 20.51
C GLN F 501 2.84 -32.07 20.40
N LYS F 502 3.60 -31.74 21.44
CA LYS F 502 4.53 -30.61 21.38
C LYS F 502 5.90 -31.08 20.94
N PRO F 503 6.76 -30.17 20.53
CA PRO F 503 8.13 -30.57 20.20
C PRO F 503 8.80 -31.14 21.45
N VAL F 504 9.51 -32.25 21.28
CA VAL F 504 10.21 -32.91 22.37
C VAL F 504 11.67 -32.46 22.38
N PHE F 505 12.16 -32.08 23.56
CA PHE F 505 13.48 -31.47 23.69
C PHE F 505 14.21 -32.14 24.86
N ILE F 506 15.35 -32.77 24.59
CA ILE F 506 16.13 -33.43 25.62
C ILE F 506 17.27 -32.49 26.01
N SER F 507 17.19 -31.95 27.22
CA SER F 507 18.12 -30.90 27.64
C SER F 507 19.39 -31.45 28.27
N GLU F 508 19.42 -32.72 28.65
CA GLU F 508 20.65 -33.34 29.14
C GLU F 508 20.64 -34.82 28.83
N LEU F 509 21.83 -35.34 28.52
CA LEU F 509 22.09 -36.75 28.28
C LEU F 509 23.61 -36.91 28.19
N GLY F 510 24.09 -38.14 28.43
CA GLY F 510 25.48 -38.43 28.18
C GLY F 510 26.11 -39.27 29.28
N GLY F 511 27.43 -39.09 29.45
CA GLY F 511 28.20 -39.93 30.37
C GLY F 511 29.65 -39.53 30.33
N GLY F 512 30.43 -40.13 31.21
CA GLY F 512 31.74 -39.61 31.54
C GLY F 512 32.92 -40.34 30.91
N ALA F 513 33.98 -39.58 30.63
CA ALA F 513 35.23 -40.12 30.13
C ALA F 513 36.36 -39.16 30.45
N LEU F 514 37.53 -39.70 30.77
CA LEU F 514 38.73 -38.91 30.90
C LEU F 514 39.51 -38.99 29.58
N TYR F 515 39.81 -37.83 28.99
CA TYR F 515 40.57 -37.82 27.75
C TYR F 515 41.94 -38.45 27.97
N GLY F 516 42.36 -39.31 27.03
CA GLY F 516 43.61 -40.05 27.15
C GLY F 516 43.52 -41.34 27.94
N HIS F 517 42.37 -41.67 28.49
CA HIS F 517 42.14 -42.92 29.19
C HIS F 517 41.38 -43.86 28.26
N HIS F 518 42.04 -44.97 27.88
CA HIS F 518 41.57 -45.89 26.86
C HIS F 518 41.46 -47.29 27.41
N GLY F 519 40.51 -48.04 26.85
CA GLY F 519 40.33 -49.44 27.20
C GLY F 519 39.18 -50.06 26.43
N SER F 520 38.63 -51.13 26.99
CA SER F 520 37.49 -51.76 26.37
C SER F 520 36.28 -50.82 26.37
N PRO F 521 35.43 -50.90 25.35
CA PRO F 521 34.21 -50.08 25.34
C PRO F 521 33.27 -50.46 26.47
N LYS F 522 33.59 -51.52 27.19
CA LYS F 522 32.85 -51.93 28.38
C LYS F 522 33.30 -51.21 29.65
N GLU F 523 34.46 -50.56 29.63
CA GLU F 523 35.05 -49.99 30.85
C GLU F 523 34.57 -48.55 31.02
N ARG F 524 33.84 -48.29 32.10
CA ARG F 524 33.33 -46.95 32.36
C ARG F 524 34.49 -45.96 32.54
N PHE F 525 34.36 -44.79 31.93
CA PHE F 525 35.21 -43.61 32.02
C PHE F 525 36.33 -43.64 30.99
N THR F 526 36.49 -44.72 30.23
CA THR F 526 37.35 -44.64 29.05
C THR F 526 36.64 -43.84 27.95
N GLU F 527 37.43 -43.40 26.98
CA GLU F 527 36.88 -42.79 25.78
C GLU F 527 36.05 -43.80 24.98
N GLU F 528 36.41 -45.08 25.02
CA GLU F 528 35.69 -46.07 24.22
C GLU F 528 34.30 -46.31 24.78
N TYR F 529 34.14 -46.28 26.10
CA TYR F 529 32.81 -46.41 26.65
C TYR F 529 31.94 -45.23 26.26
N GLN F 530 32.47 -44.01 26.39
CA GLN F 530 31.67 -42.86 26.10
C GLN F 530 31.30 -42.82 24.61
N GLU F 531 32.20 -43.28 23.75
CA GLU F 531 31.91 -43.37 22.33
C GLU F 531 30.79 -44.36 22.07
N ASP F 532 30.95 -45.57 22.59
CA ASP F 532 29.89 -46.57 22.48
C ASP F 532 28.57 -46.03 23.01
N LEU F 533 28.60 -45.39 24.18
CA LEU F 533 27.39 -44.78 24.72
C LEU F 533 26.72 -43.88 23.67
N TYR F 534 27.48 -42.93 23.13
CA TYR F 534 26.89 -41.92 22.26
C TYR F 534 26.35 -42.54 20.97
N ILE F 535 27.04 -43.56 20.45
CA ILE F 535 26.58 -44.26 19.26
C ILE F 535 25.23 -44.93 19.51
N ARG F 536 25.08 -45.61 20.65
CA ARG F 536 23.81 -46.23 20.95
C ARG F 536 22.77 -45.16 21.32
N HIS F 537 23.17 -44.18 22.11
CA HIS F 537 22.23 -43.14 22.52
C HIS F 537 21.69 -42.38 21.30
N VAL F 538 22.50 -42.19 20.26
CA VAL F 538 22.03 -41.48 19.08
C VAL F 538 20.98 -42.29 18.34
N ASN F 539 21.23 -43.59 18.15
CA ASN F 539 20.17 -44.43 17.58
C ASN F 539 18.90 -44.38 18.43
N MET F 540 19.04 -44.24 19.74
CA MET F 540 17.84 -44.13 20.56
C MET F 540 17.13 -42.82 20.31
N LEU F 541 17.90 -41.73 20.15
CA LEU F 541 17.29 -40.44 19.91
C LEU F 541 16.50 -40.46 18.60
N LYS F 542 17.03 -41.15 17.60
CA LYS F 542 16.43 -41.24 16.28
C LYS F 542 15.15 -42.04 16.26
N ARG F 543 14.80 -42.75 17.33
CA ARG F 543 13.51 -43.42 17.43
C ARG F 543 12.49 -42.62 18.22
N ILE F 544 12.80 -41.40 18.63
CA ILE F 544 11.94 -40.63 19.52
C ILE F 544 10.94 -39.86 18.66
N PRO F 545 9.64 -40.12 18.79
CA PRO F 545 8.65 -39.35 18.03
C PRO F 545 8.60 -37.88 18.45
N GLY F 546 8.73 -36.99 17.48
CA GLY F 546 8.60 -35.57 17.71
C GLY F 546 9.86 -34.88 18.21
N LEU F 547 10.97 -35.60 18.34
CA LEU F 547 12.23 -35.01 18.78
C LEU F 547 12.55 -33.78 17.96
N ALA F 548 12.74 -32.66 18.64
CA ALA F 548 13.09 -31.42 17.97
C ALA F 548 14.37 -30.76 18.48
N GLY F 549 14.98 -31.30 19.54
CA GLY F 549 16.09 -30.61 20.16
C GLY F 549 16.86 -31.46 21.14
N THR F 550 18.19 -31.33 21.15
CA THR F 550 19.04 -32.05 22.07
C THR F 550 20.22 -31.16 22.47
N THR F 551 20.40 -30.98 23.78
CA THR F 551 21.57 -30.28 24.33
C THR F 551 22.32 -31.23 25.25
N PRO F 552 23.15 -32.12 24.69
CA PRO F 552 23.78 -33.14 25.53
C PRO F 552 24.65 -32.54 26.63
N TRP F 553 24.81 -33.32 27.68
CA TRP F 553 25.57 -32.93 28.86
C TRP F 553 26.91 -33.66 28.82
N ILE F 554 28.00 -32.92 28.55
CA ILE F 554 28.05 -31.48 28.45
C ILE F 554 29.16 -31.15 27.43
N LEU F 555 29.43 -29.86 27.18
CA LEU F 555 30.47 -29.53 26.21
C LEU F 555 31.87 -29.76 26.79
N LYS F 556 32.16 -29.17 27.96
CA LYS F 556 33.48 -29.22 28.58
C LYS F 556 33.39 -29.73 30.01
N ASP F 557 34.26 -30.68 30.36
CA ASP F 557 34.39 -31.10 31.76
C ASP F 557 34.45 -29.87 32.66
N PHE F 558 33.83 -29.98 33.83
CA PHE F 558 33.68 -28.84 34.71
C PHE F 558 33.84 -29.29 36.16
N ARG F 559 34.18 -28.34 37.03
CA ARG F 559 34.41 -28.64 38.43
C ARG F 559 33.09 -28.97 39.11
N SER F 560 33.09 -30.08 39.85
CA SER F 560 32.00 -30.45 40.71
C SER F 560 32.57 -31.07 41.98
N PRO F 561 32.02 -30.73 43.15
CA PRO F 561 32.46 -31.35 44.40
C PRO F 561 31.82 -32.70 44.69
N ARG F 562 31.11 -33.28 43.72
CA ARG F 562 30.49 -34.59 43.88
C ARG F 562 31.14 -35.64 42.97
N ARG F 563 32.40 -35.43 42.60
CA ARG F 563 33.06 -36.30 41.63
C ARG F 563 34.43 -36.67 42.20
N HIS F 564 34.50 -37.81 42.89
CA HIS F 564 35.64 -38.15 43.74
C HIS F 564 36.44 -39.36 43.28
N VAL F 565 36.25 -39.85 42.07
CA VAL F 565 37.15 -40.91 41.65
C VAL F 565 38.53 -40.31 41.45
N PRO F 566 39.56 -40.83 42.12
CA PRO F 566 40.91 -40.28 41.94
C PRO F 566 41.46 -40.60 40.56
N GLU F 567 42.15 -39.63 39.97
CA GLU F 567 42.83 -39.80 38.68
C GLU F 567 41.88 -39.86 37.49
N ILE F 568 40.57 -40.02 37.74
CA ILE F 568 39.57 -40.05 36.69
C ILE F 568 38.71 -38.79 36.74
N GLN F 569 38.06 -38.54 37.87
CA GLN F 569 37.31 -37.30 38.10
C GLN F 569 38.22 -36.22 38.68
N ASP F 570 38.69 -36.40 39.92
CA ASP F 570 39.49 -35.40 40.63
C ASP F 570 38.72 -34.08 40.79
N ASP F 571 37.49 -34.18 41.27
CA ASP F 571 36.59 -33.05 41.43
C ASP F 571 36.17 -32.42 40.11
N PHE F 572 36.18 -33.16 39.02
CA PHE F 572 35.63 -32.71 37.75
C PHE F 572 34.53 -33.68 37.33
N ASN F 573 33.38 -33.14 36.97
CA ASN F 573 32.41 -33.89 36.19
C ASN F 573 33.02 -34.17 34.82
N ARG F 574 33.12 -35.45 34.46
CA ARG F 574 33.83 -35.82 33.24
C ARG F 574 32.91 -36.09 32.05
N LYS F 575 31.67 -35.62 32.10
CA LYS F 575 30.77 -35.89 30.98
C LYS F 575 30.96 -34.92 29.80
N GLY F 576 32.01 -34.09 29.79
CA GLY F 576 32.29 -33.30 28.61
C GLY F 576 32.59 -34.16 27.40
N LEU F 577 32.19 -33.66 26.23
CA LEU F 577 32.68 -34.16 24.96
C LEU F 577 34.06 -33.60 24.62
N VAL F 578 34.47 -32.55 25.34
CA VAL F 578 35.78 -31.92 25.25
C VAL F 578 36.35 -31.91 26.66
N SER F 579 37.62 -32.32 26.78
CA SER F 579 38.25 -32.25 28.09
C SER F 579 38.27 -30.82 28.59
N ASP F 580 38.49 -30.66 29.90
CA ASP F 580 38.77 -29.32 30.41
C ASP F 580 40.00 -28.71 29.77
N LYS F 581 40.84 -29.47 29.06
CA LYS F 581 42.00 -28.93 28.38
C LYS F 581 41.80 -28.80 26.88
N GLY F 582 40.54 -28.78 26.43
CA GLY F 582 40.25 -28.54 25.03
C GLY F 582 40.48 -29.74 24.14
N GLN F 583 40.58 -30.94 24.69
CA GLN F 583 40.83 -32.11 23.87
C GLN F 583 39.50 -32.78 23.53
N LYS F 584 39.25 -32.95 22.24
CA LYS F 584 38.04 -33.62 21.75
C LYS F 584 38.15 -35.12 22.01
N LYS F 585 37.27 -35.63 22.86
CA LYS F 585 37.19 -37.07 23.11
C LYS F 585 36.46 -37.76 21.95
N LYS F 586 36.62 -39.09 21.87
CA LYS F 586 36.05 -39.81 20.75
C LYS F 586 34.55 -39.57 20.61
N ALA F 587 33.82 -39.50 21.72
CA ALA F 587 32.37 -39.28 21.64
C ALA F 587 32.03 -37.97 20.94
N PHE F 588 32.91 -36.98 21.01
CA PHE F 588 32.68 -35.71 20.32
C PHE F 588 32.33 -35.94 18.84
N PHE F 589 33.02 -36.88 18.19
CA PHE F 589 32.83 -37.03 16.75
C PHE F 589 31.57 -37.83 16.43
N VAL F 590 31.14 -38.70 17.33
CA VAL F 590 29.84 -39.32 17.16
C VAL F 590 28.76 -38.24 17.05
N LEU F 591 28.69 -37.37 18.06
CA LEU F 591 27.63 -36.35 18.02
C LEU F 591 27.80 -35.44 16.81
N GLN F 592 29.06 -35.15 16.44
CA GLN F 592 29.29 -34.29 15.30
C GLN F 592 28.78 -34.92 14.00
N LYS F 593 28.86 -36.25 13.88
CA LYS F 593 28.41 -36.91 12.67
C LYS F 593 26.89 -36.86 12.55
N TRP F 594 26.18 -37.14 13.63
CA TRP F 594 24.73 -36.95 13.65
C TRP F 594 24.36 -35.51 13.32
N TYR F 595 25.05 -34.54 13.93
CA TYR F 595 24.67 -33.16 13.67
C TYR F 595 24.90 -32.78 12.21
N LYS F 596 25.88 -33.40 11.54
CA LYS F 596 26.05 -33.19 10.11
C LYS F 596 24.82 -33.68 9.35
N GLU F 597 24.36 -34.90 9.64
CA GLU F 597 23.18 -35.44 8.98
C GLU F 597 21.94 -34.61 9.30
N LEU F 598 21.76 -34.23 10.56
CA LEU F 598 20.64 -33.35 10.88
C LEU F 598 20.71 -32.07 10.07
N THR F 599 21.93 -31.56 9.81
CA THR F 599 22.07 -30.40 8.95
C THR F 599 21.59 -30.70 7.54
N GLU F 600 21.86 -31.92 7.06
CA GLU F 600 21.38 -32.31 5.74
C GLU F 600 19.86 -32.46 5.73
N ALA F 601 19.32 -33.24 6.67
CA ALA F 601 17.89 -33.55 6.64
C ALA F 601 17.02 -32.33 6.85
N TYR F 602 17.53 -31.29 7.52
CA TYR F 602 16.70 -30.13 7.81
C TYR F 602 16.99 -28.95 6.91
N LYS F 603 17.85 -29.11 5.89
CA LYS F 603 18.15 -27.97 5.03
C LYS F 603 16.92 -27.59 4.19
#